data_8BBL
#
_entry.id   8BBL
#
_cell.length_a   132.950
_cell.length_b   133.420
_cell.length_c   225.370
_cell.angle_alpha   90.000
_cell.angle_beta   90.000
_cell.angle_gamma   90.000
#
_symmetry.space_group_name_H-M   'P 1'
#
loop_
_entity.id
_entity.type
_entity.pdbx_description
1 polymer Beta-N-acetylhexosaminidase
2 water water
#
_entity_poly.entity_id   1
_entity_poly.type   'polypeptide(L)'
_entity_poly.pdbx_seq_one_letter_code
;MKKLCFALVMLLSCVCSYAQTITTYSLSEAPITKEELLKGNLKVALRVWTTSKDLYLSNANNSNAFDANGSTVFAVEAVK
GGVKLKNVKSNEYFGGEGAALARTADAAKAKVFSPVKIGSKVANTHADADETRSFWITCQAGGTKYLNTNTSNNATVQYA
GGNGNWSTFYIYKVSEEQIAVPYPTCIIPAPRGAELNGEGRLALSAMDNISFTTDPALAEEAYVLNITADGISVASSTEK
GKFYALQSLAQLAEGNAEGLPLVRIADKPRFGYRGFMLDVSRHFFSVAEVKKMIDIMARYKMNVFHWHLTDDQGWRAEIK
RYPKLTTVGATRSDNYDTPITKIEENGQVYWTGNGAKTGKPYGPYFYTQDEMREVVAYAKERHIEVLPEVDMPGHFVAAM
AAYPEYSCNPSRAPQVWTGGGISSDVLNVANPQAVEFAKNILDELCDIFPYPYIHVGGDECPTTQWEHNDLCQQKYKELG
LTSYRQLQAHFIKDLADFVATKNKHLVCWNEAITAGGADLDLMKQTQSTIMSWNPCQEGVAKAVKKLGLPAIVTEYHKGD
GGYYICRKQSNDYGEPSGAGYGNDGVEGCYNYVPVQGMYTQEQMALVKGVQGTFWTEHVGTNEYLEYLALPRLICVAEAG
WTPQVFKNWDNFRTRLANQTQWLDDHGYVYARHWMPGYVPRTQPMPENEKVAATPELSSLKSPKWYRIKFTAGGTYLQMN
GSNLSTNALFQNDKSQYYAIIPTSTKKPSLSSVKLYSANGYWVTTKEGTATNGQSGTFVCGTESEAKALYLNLQKHTADT
QKWVITKIADKTTGFNTWGGDNPGANIGFWNVNSNSDKVEFTTDDYNAGVDTAIGTIKADDAHNNLTAAVYNAQGMRLNG
MQQGLNVVLFADGTAQKVFMK
;
_entity_poly.pdbx_strand_id   A,B,C,D,E,F,H,G
#
# COMPACT_ATOMS: atom_id res chain seq x y z
N ALA A 129 109.61 -2.32 16.87
CA ALA A 129 108.39 -1.70 17.44
C ALA A 129 107.22 -1.90 16.48
N ASP A 130 106.65 -3.12 16.51
CA ASP A 130 105.48 -3.44 15.72
C ASP A 130 104.22 -2.91 16.41
N GLU A 131 103.05 -3.22 15.83
CA GLU A 131 101.97 -2.26 15.80
C GLU A 131 100.61 -2.83 16.19
N THR A 132 99.96 -1.95 16.99
CA THR A 132 98.90 -2.34 17.88
C THR A 132 99.81 -3.09 18.81
N ARG A 133 100.40 -2.36 19.77
CA ARG A 133 101.39 -2.93 20.64
C ARG A 133 101.00 -4.35 20.96
N SER A 134 101.97 -5.25 20.72
CA SER A 134 101.87 -6.65 21.11
C SER A 134 101.58 -6.78 22.61
N PHE A 135 100.57 -7.55 23.04
CA PHE A 135 100.57 -8.22 24.34
C PHE A 135 101.97 -8.25 24.96
N TRP A 136 102.85 -9.16 24.50
CA TRP A 136 104.10 -9.50 25.17
C TRP A 136 105.17 -9.63 24.10
N ILE A 137 106.41 -9.27 24.41
CA ILE A 137 107.47 -9.15 23.41
C ILE A 137 108.82 -9.42 24.07
N THR A 138 109.85 -9.78 23.27
CA THR A 138 111.23 -9.81 23.76
C THR A 138 112.19 -9.34 22.66
N CYS A 139 113.36 -8.87 23.06
CA CYS A 139 114.48 -8.66 22.15
C CYS A 139 115.57 -9.69 22.42
N GLN A 140 116.49 -9.79 21.44
CA GLN A 140 117.63 -10.67 21.47
C GLN A 140 118.71 -10.05 20.56
N ALA A 141 119.90 -10.67 20.55
CA ALA A 141 121.15 -10.03 20.23
C ALA A 141 121.49 -10.09 18.74
N GLY A 142 121.78 -8.92 18.16
CA GLY A 142 122.30 -8.84 16.80
C GLY A 142 121.39 -9.58 15.83
N GLY A 143 121.33 -9.16 14.55
CA GLY A 143 120.16 -9.36 13.71
C GLY A 143 120.37 -10.39 12.60
N THR A 144 119.27 -11.01 12.15
CA THR A 144 119.26 -11.83 10.94
C THR A 144 119.27 -10.90 9.73
N LYS A 145 119.48 -11.49 8.55
CA LYS A 145 119.16 -10.83 7.29
C LYS A 145 118.48 -11.82 6.37
N TYR A 146 117.34 -11.44 5.80
CA TYR A 146 116.46 -12.38 5.11
C TYR A 146 117.32 -13.29 4.23
N LEU A 147 118.16 -12.67 3.38
CA LEU A 147 118.85 -13.34 2.29
C LEU A 147 117.77 -13.79 1.29
N ASN A 148 117.76 -13.18 0.09
CA ASN A 148 116.77 -13.49 -0.95
C ASN A 148 117.43 -13.56 -2.32
N THR A 149 118.60 -12.89 -2.44
CA THR A 149 119.69 -13.45 -3.20
C THR A 149 119.99 -14.88 -2.74
N ASN A 150 119.02 -15.81 -2.94
CA ASN A 150 119.27 -17.24 -2.79
C ASN A 150 118.07 -17.78 -2.00
N THR A 151 117.88 -17.26 -0.78
CA THR A 151 116.55 -17.08 -0.20
C THR A 151 116.60 -17.14 1.32
N SER A 152 115.39 -17.01 1.91
CA SER A 152 115.07 -17.29 3.31
C SER A 152 113.75 -18.09 3.40
N ASN A 153 113.84 -19.42 3.52
CA ASN A 153 112.88 -20.31 2.85
C ASN A 153 111.57 -20.45 3.63
N ASN A 154 110.67 -21.29 3.08
CA ASN A 154 109.35 -21.60 3.63
C ASN A 154 109.43 -22.93 4.36
N ALA A 155 108.31 -23.31 5.01
CA ALA A 155 108.16 -24.59 5.71
C ALA A 155 106.78 -24.67 6.35
N THR A 156 105.71 -24.50 5.55
CA THR A 156 104.36 -24.62 6.08
C THR A 156 104.08 -26.11 6.29
N VAL A 157 103.23 -26.42 7.28
CA VAL A 157 103.17 -27.78 7.81
C VAL A 157 101.77 -28.37 7.67
N GLN A 158 101.09 -28.07 6.57
CA GLN A 158 100.05 -28.96 6.05
C GLN A 158 98.95 -29.05 7.11
N TYR A 159 98.33 -30.22 7.31
CA TYR A 159 97.12 -30.41 8.08
C TYR A 159 96.03 -29.41 7.69
N ALA A 160 95.00 -29.24 8.52
CA ALA A 160 93.93 -28.33 8.17
C ALA A 160 93.97 -28.13 6.65
N GLY A 161 93.91 -29.25 5.92
CA GLY A 161 94.23 -29.28 4.51
C GLY A 161 94.32 -27.89 3.89
N GLY A 162 95.56 -27.41 3.67
CA GLY A 162 95.82 -26.27 2.80
C GLY A 162 95.40 -24.95 3.43
N ASN A 163 94.08 -24.73 3.46
CA ASN A 163 93.52 -23.70 4.30
C ASN A 163 94.62 -22.63 4.48
N GLY A 164 95.11 -22.50 5.72
CA GLY A 164 96.08 -21.47 6.09
C GLY A 164 97.47 -22.01 6.45
N ASN A 165 98.17 -22.34 5.37
CA ASN A 165 99.54 -22.83 5.42
C ASN A 165 100.18 -22.27 4.17
N TRP A 166 100.93 -23.07 3.36
CA TRP A 166 101.26 -22.71 1.97
C TRP A 166 100.26 -21.72 1.29
N SER A 167 98.98 -22.10 1.24
CA SER A 167 97.92 -21.35 0.59
C SER A 167 98.01 -19.86 0.94
N THR A 168 97.54 -19.46 2.14
CA THR A 168 97.55 -18.06 2.52
C THR A 168 98.97 -17.55 2.71
N PHE A 169 99.95 -18.44 2.48
CA PHE A 169 101.33 -18.03 2.23
C PHE A 169 101.53 -17.75 0.75
N TYR A 170 101.00 -18.58 -0.14
CA TYR A 170 101.25 -18.41 -1.57
C TYR A 170 101.00 -16.95 -1.97
N ILE A 171 100.12 -16.23 -1.24
CA ILE A 171 99.86 -14.83 -1.55
C ILE A 171 100.88 -13.96 -0.85
N TYR A 172 101.46 -14.54 0.20
CA TYR A 172 102.84 -14.32 0.62
C TYR A 172 103.78 -15.04 -0.34
N LYS A 173 105.08 -15.00 -0.05
CA LYS A 173 106.11 -15.18 -1.04
C LYS A 173 106.00 -14.09 -2.11
N VAL A 174 104.88 -14.11 -2.82
CA VAL A 174 104.78 -13.45 -4.11
C VAL A 174 105.62 -12.16 -4.08
N ILE A 187 102.87 -11.26 -0.05
CA ILE A 187 103.64 -10.24 0.72
C ILE A 187 103.84 -9.11 -0.27
N ILE A 188 104.92 -9.21 -1.03
CA ILE A 188 104.92 -8.88 -2.44
C ILE A 188 106.23 -9.39 -3.03
N PRO A 189 106.44 -9.24 -4.36
CA PRO A 189 107.77 -9.40 -4.93
C PRO A 189 108.44 -8.02 -4.92
N ALA A 190 107.79 -7.03 -5.54
CA ALA A 190 108.30 -5.67 -5.73
C ALA A 190 109.06 -5.10 -4.52
N PRO A 191 109.05 -5.68 -3.29
CA PRO A 191 110.04 -5.29 -2.28
C PRO A 191 111.10 -6.40 -2.14
N ARG A 192 112.29 -6.17 -2.74
CA ARG A 192 113.38 -7.14 -2.76
C ARG A 192 113.13 -8.07 -3.93
N GLY A 193 112.47 -9.20 -3.67
CA GLY A 193 111.83 -10.01 -4.69
C GLY A 193 111.45 -11.33 -4.06
N ALA A 194 110.75 -11.26 -2.91
CA ALA A 194 110.75 -12.40 -2.00
C ALA A 194 111.84 -13.34 -2.44
N GLU A 195 111.55 -14.25 -3.39
CA GLU A 195 112.45 -15.22 -3.97
C GLU A 195 112.39 -16.57 -3.24
N LEU A 196 111.33 -16.84 -2.48
CA LEU A 196 111.35 -17.96 -1.56
C LEU A 196 111.18 -19.30 -2.28
N ASN A 197 110.05 -19.51 -2.97
CA ASN A 197 109.82 -20.82 -3.56
C ASN A 197 110.54 -21.81 -2.65
N GLY A 198 111.53 -22.54 -3.18
CA GLY A 198 112.11 -23.67 -2.50
C GLY A 198 113.63 -23.74 -2.64
N GLU A 199 114.18 -23.26 -3.76
CA GLU A 199 115.59 -23.40 -4.04
C GLU A 199 116.29 -24.14 -2.90
N GLY A 200 116.15 -25.48 -2.85
CA GLY A 200 116.84 -26.29 -1.87
C GLY A 200 115.95 -27.39 -1.28
N ARG A 201 115.16 -26.97 -0.27
CA ARG A 201 114.23 -27.84 0.40
C ARG A 201 113.48 -27.01 1.44
N LEU A 202 112.54 -26.18 0.96
CA LEU A 202 111.69 -25.39 1.84
C LEU A 202 111.21 -26.23 3.03
N ALA A 203 110.84 -27.50 2.76
CA ALA A 203 110.03 -28.30 3.66
C ALA A 203 110.86 -29.28 4.48
N LEU A 204 112.12 -28.95 4.80
CA LEU A 204 112.82 -29.69 5.86
C LEU A 204 113.11 -28.71 6.99
N SER A 205 112.56 -28.99 8.19
CA SER A 205 112.77 -28.12 9.35
C SER A 205 114.21 -28.17 9.84
N ALA A 206 115.14 -28.71 9.01
CA ALA A 206 116.47 -29.03 9.54
C ALA A 206 117.56 -28.12 8.99
N MET A 207 117.32 -27.56 7.80
CA MET A 207 117.99 -26.35 7.36
C MET A 207 116.93 -25.35 6.92
N ASP A 208 115.83 -25.32 7.68
CA ASP A 208 114.65 -24.53 7.34
C ASP A 208 114.62 -23.32 8.27
N ASN A 209 114.45 -22.13 7.65
CA ASN A 209 114.83 -20.88 8.28
C ASN A 209 113.59 -20.13 8.78
N ILE A 210 112.52 -20.18 7.96
CA ILE A 210 111.22 -19.63 8.29
C ILE A 210 110.16 -20.72 8.27
N SER A 211 109.90 -21.28 9.46
CA SER A 211 109.13 -22.48 9.62
C SER A 211 107.73 -22.13 10.10
N PHE A 212 106.75 -22.82 9.52
CA PHE A 212 105.35 -22.47 9.67
C PHE A 212 104.73 -23.72 10.30
N THR A 213 105.07 -23.89 11.59
CA THR A 213 104.62 -25.03 12.38
C THR A 213 103.23 -24.70 12.91
N THR A 214 102.48 -25.76 13.26
CA THR A 214 101.22 -25.65 13.97
C THR A 214 101.33 -26.32 15.33
N ASP A 215 100.90 -25.61 16.37
CA ASP A 215 100.79 -26.17 17.71
C ASP A 215 99.36 -25.99 18.21
N PRO A 216 98.36 -26.71 17.65
CA PRO A 216 96.95 -26.28 17.75
C PRO A 216 96.35 -26.15 19.14
N ALA A 217 97.19 -25.77 20.13
CA ALA A 217 96.71 -25.30 21.43
C ALA A 217 96.81 -23.77 21.53
N LEU A 218 97.40 -23.17 20.49
CA LEU A 218 97.35 -21.74 20.25
C LEU A 218 95.91 -21.31 20.06
N ALA A 219 95.52 -20.16 20.63
CA ALA A 219 94.19 -19.64 20.31
C ALA A 219 94.18 -19.19 18.85
N GLU A 220 92.98 -18.91 18.32
CA GLU A 220 92.82 -18.70 16.88
C GLU A 220 93.65 -17.49 16.44
N GLU A 221 93.28 -16.28 16.88
CA GLU A 221 93.88 -15.07 16.32
C GLU A 221 95.28 -14.81 16.88
N ALA A 222 95.87 -15.83 17.52
CA ALA A 222 97.05 -15.65 18.34
C ALA A 222 98.24 -16.24 17.63
N TYR A 223 99.37 -15.51 17.70
CA TYR A 223 100.57 -15.89 16.96
C TYR A 223 101.78 -15.80 17.86
N VAL A 224 102.83 -16.55 17.49
CA VAL A 224 104.02 -16.71 18.33
C VAL A 224 105.24 -16.71 17.39
N LEU A 225 105.77 -15.52 17.23
CA LEU A 225 106.68 -15.12 16.19
C LEU A 225 108.09 -14.99 16.79
N ASN A 226 108.85 -16.08 16.75
CA ASN A 226 110.25 -16.03 17.14
C ASN A 226 111.06 -15.49 15.96
N ILE A 227 111.99 -14.57 16.24
CA ILE A 227 112.89 -14.01 15.25
C ILE A 227 114.32 -14.14 15.75
N THR A 228 115.12 -14.89 14.97
CA THR A 228 116.49 -15.20 15.29
C THR A 228 117.31 -15.04 14.01
N ALA A 229 118.64 -14.92 14.20
CA ALA A 229 119.58 -14.90 13.11
C ALA A 229 119.79 -16.31 12.58
N ASP A 230 118.77 -17.14 12.66
CA ASP A 230 118.67 -18.38 11.92
C ASP A 230 117.42 -18.38 11.05
N GLY A 231 116.34 -17.76 11.54
CA GLY A 231 115.09 -17.68 10.81
C GLY A 231 113.96 -17.12 11.67
N ILE A 232 112.74 -17.63 11.49
CA ILE A 232 111.55 -16.95 11.98
C ILE A 232 110.51 -18.02 12.25
N SER A 233 110.65 -18.80 13.34
CA SER A 233 109.56 -19.68 13.74
C SER A 233 108.28 -18.84 13.88
N VAL A 234 107.23 -19.28 13.22
CA VAL A 234 105.93 -18.66 13.38
C VAL A 234 104.93 -19.76 13.65
N ALA A 235 104.43 -19.84 14.87
CA ALA A 235 103.40 -20.81 15.22
C ALA A 235 102.03 -20.16 15.05
N SER A 236 100.99 -21.00 15.08
CA SER A 236 99.62 -20.51 14.96
C SER A 236 98.66 -21.69 14.91
N SER A 237 97.55 -21.64 15.66
CA SER A 237 96.56 -22.69 15.59
C SER A 237 95.78 -22.52 14.29
N THR A 238 95.31 -21.27 14.04
CA THR A 238 94.37 -21.02 12.95
C THR A 238 94.95 -19.97 12.01
N GLU A 239 94.87 -20.26 10.70
CA GLU A 239 95.44 -19.39 9.69
C GLU A 239 95.33 -17.95 10.15
N LYS A 240 94.13 -17.52 10.61
CA LYS A 240 93.93 -16.23 11.23
C LYS A 240 95.13 -15.94 12.13
N GLY A 241 95.43 -16.84 13.07
CA GLY A 241 96.61 -16.67 13.90
C GLY A 241 97.81 -16.23 13.04
N LYS A 242 98.07 -17.05 12.03
CA LYS A 242 99.34 -17.01 11.32
C LYS A 242 99.39 -15.84 10.36
N PHE A 243 98.23 -15.37 9.88
CA PHE A 243 98.18 -14.25 8.95
C PHE A 243 98.89 -13.04 9.55
N TYR A 244 98.62 -12.77 10.85
CA TYR A 244 99.09 -11.57 11.49
C TYR A 244 100.58 -11.66 11.78
N ALA A 245 101.05 -12.89 12.03
CA ALA A 245 102.40 -13.11 12.53
C ALA A 245 103.43 -12.53 11.59
N LEU A 246 103.11 -12.48 10.28
CA LEU A 246 104.01 -11.92 9.30
C LEU A 246 103.66 -10.47 8.98
N GLN A 247 102.67 -9.92 9.68
CA GLN A 247 102.35 -8.50 9.60
C GLN A 247 103.36 -7.75 10.48
N SER A 248 103.17 -7.91 11.80
CA SER A 248 104.17 -7.48 12.75
C SER A 248 105.51 -7.68 12.08
N LEU A 249 105.88 -8.94 11.83
CA LEU A 249 107.20 -9.30 11.31
C LEU A 249 107.57 -8.32 10.21
N ALA A 250 106.72 -8.22 9.17
CA ALA A 250 107.01 -7.30 8.08
C ALA A 250 107.52 -5.99 8.68
N GLN A 251 106.64 -5.33 9.47
CA GLN A 251 106.93 -4.04 10.06
C GLN A 251 108.13 -4.07 11.01
N LEU A 252 108.51 -5.25 11.53
CA LEU A 252 109.75 -5.42 12.25
C LEU A 252 110.91 -5.28 11.27
N ALA A 253 110.79 -5.90 10.07
CA ALA A 253 111.88 -5.64 9.13
C ALA A 253 112.11 -4.11 9.07
N GLU A 254 113.00 -3.56 8.21
CA GLU A 254 112.91 -2.11 7.96
C GLU A 254 111.44 -1.84 7.62
N GLY A 255 111.03 -0.56 7.73
CA GLY A 255 109.73 -0.14 7.27
C GLY A 255 109.46 -0.56 5.83
N ASN A 256 110.53 -0.87 5.07
CA ASN A 256 110.34 -1.55 3.79
C ASN A 256 110.60 -3.03 4.01
N ALA A 257 111.87 -3.46 3.91
CA ALA A 257 112.22 -4.85 4.16
C ALA A 257 113.72 -5.07 4.03
N GLU A 258 114.28 -5.95 4.88
CA GLU A 258 115.51 -6.69 4.63
C GLU A 258 116.27 -6.97 5.94
N GLY A 259 115.94 -6.30 7.05
CA GLY A 259 116.96 -6.07 8.06
C GLY A 259 116.25 -5.90 9.38
N LEU A 260 116.03 -7.02 10.06
CA LEU A 260 115.38 -7.06 11.37
C LEU A 260 116.45 -7.38 12.40
N PRO A 261 116.16 -7.23 13.71
CA PRO A 261 117.02 -7.71 14.80
C PRO A 261 116.63 -9.13 15.20
N LEU A 262 116.66 -9.48 16.51
CA LEU A 262 116.00 -10.69 16.98
C LEU A 262 114.86 -10.31 17.93
N VAL A 263 113.91 -11.25 18.13
CA VAL A 263 112.79 -11.01 19.02
C VAL A 263 111.99 -12.29 19.21
N ARG A 264 111.14 -12.30 20.24
CA ARG A 264 110.02 -13.23 20.34
C ARG A 264 108.76 -12.42 20.57
N ILE A 265 107.69 -12.65 19.80
CA ILE A 265 106.49 -11.82 19.86
C ILE A 265 105.28 -12.72 20.01
N ALA A 266 105.06 -13.20 21.24
CA ALA A 266 103.73 -13.66 21.63
C ALA A 266 102.79 -12.46 21.67
N ASP A 267 101.62 -12.58 21.01
CA ASP A 267 100.66 -11.49 20.93
C ASP A 267 99.35 -12.06 20.44
N LYS A 268 98.25 -11.43 20.93
CA LYS A 268 96.90 -11.94 20.81
C LYS A 268 95.99 -10.75 21.09
N PRO A 269 94.72 -10.75 20.60
CA PRO A 269 93.80 -9.63 20.78
C PRO A 269 92.89 -9.64 22.00
N ARG A 270 92.80 -8.52 22.72
CA ARG A 270 91.73 -8.39 23.71
C ARG A 270 90.44 -8.84 23.05
N PHE A 271 90.11 -8.17 21.95
CA PHE A 271 88.82 -8.26 21.28
C PHE A 271 89.06 -8.84 19.88
N GLY A 272 88.19 -9.75 19.42
CA GLY A 272 88.07 -10.10 18.00
C GLY A 272 87.07 -9.22 17.22
N TYR A 273 86.28 -8.49 18.00
CA TYR A 273 85.59 -7.31 17.53
C TYR A 273 86.56 -6.13 17.67
N ARG A 274 87.42 -5.97 16.68
CA ARG A 274 88.02 -4.68 16.33
C ARG A 274 87.36 -4.26 15.03
N GLY A 275 86.50 -3.26 15.09
CA GLY A 275 85.54 -3.04 14.01
C GLY A 275 85.81 -1.74 13.24
N PHE A 276 85.38 -1.75 11.97
CA PHE A 276 85.18 -0.50 11.25
C PHE A 276 83.73 -0.43 10.85
N MET A 277 83.35 0.67 10.18
CA MET A 277 82.06 0.69 9.50
C MET A 277 81.91 1.95 8.65
N LEU A 278 81.38 1.75 7.46
CA LEU A 278 81.48 2.75 6.41
C LEU A 278 80.06 3.13 6.02
N ASP A 279 79.76 4.40 6.27
CA ASP A 279 78.53 5.00 5.80
C ASP A 279 78.61 5.15 4.28
N VAL A 280 78.18 4.13 3.55
CA VAL A 280 78.11 4.11 2.10
C VAL A 280 76.66 4.32 1.67
N SER A 281 75.84 4.89 2.57
CA SER A 281 74.41 5.04 2.38
C SER A 281 74.08 6.42 1.81
N ARG A 282 74.68 7.44 2.43
CA ARG A 282 74.70 8.78 1.90
C ARG A 282 75.59 8.87 0.67
N HIS A 283 76.28 7.79 0.24
CA HIS A 283 77.32 7.95 -0.78
C HIS A 283 77.90 6.60 -1.18
N PHE A 284 78.45 6.51 -2.39
CA PHE A 284 79.20 5.33 -2.86
C PHE A 284 80.67 5.75 -2.96
N PHE A 285 81.62 4.84 -2.64
CA PHE A 285 83.02 5.16 -2.71
C PHE A 285 83.73 4.57 -3.93
N SER A 286 83.05 3.84 -4.84
CA SER A 286 83.81 2.96 -5.70
C SER A 286 84.39 1.83 -4.86
N VAL A 287 84.76 0.76 -5.55
CA VAL A 287 85.30 -0.40 -4.88
C VAL A 287 86.81 -0.26 -4.86
N ALA A 288 87.40 0.45 -5.84
CA ALA A 288 88.86 0.59 -5.79
C ALA A 288 89.24 1.01 -4.38
N GLU A 289 88.33 1.81 -3.79
CA GLU A 289 88.52 2.47 -2.53
C GLU A 289 88.09 1.52 -1.42
N VAL A 290 86.79 1.19 -1.37
CA VAL A 290 86.28 0.24 -0.37
C VAL A 290 87.39 -0.75 -0.05
N LYS A 291 87.96 -1.34 -1.11
CA LYS A 291 89.10 -2.22 -0.96
C LYS A 291 90.19 -1.50 -0.17
N LYS A 292 90.54 -0.26 -0.57
CA LYS A 292 91.58 0.52 0.02
C LYS A 292 91.24 1.03 1.42
N MET A 293 90.14 0.52 2.05
CA MET A 293 89.94 0.72 3.48
C MET A 293 90.06 -0.60 4.26
N ILE A 294 89.87 -1.71 3.54
CA ILE A 294 90.24 -3.02 4.05
C ILE A 294 91.75 -3.16 4.07
N ASP A 295 92.44 -2.58 3.06
CA ASP A 295 93.89 -2.48 3.02
C ASP A 295 94.40 -2.10 4.39
N ILE A 296 93.95 -0.95 4.93
CA ILE A 296 94.48 -0.54 6.22
C ILE A 296 93.94 -1.45 7.32
N MET A 297 92.62 -1.66 7.40
CA MET A 297 92.08 -2.53 8.44
C MET A 297 93.12 -3.61 8.74
N ALA A 298 93.73 -4.12 7.67
CA ALA A 298 94.73 -5.18 7.71
C ALA A 298 95.93 -4.70 8.49
N ARG A 299 96.67 -3.71 8.00
CA ARG A 299 97.90 -3.31 8.66
C ARG A 299 97.68 -3.43 10.17
N TYR A 300 96.70 -2.67 10.71
CA TYR A 300 96.56 -2.58 12.16
C TYR A 300 95.71 -3.71 12.72
N LYS A 301 95.46 -4.73 11.92
CA LYS A 301 95.10 -6.05 12.43
C LYS A 301 93.71 -6.02 13.05
N MET A 302 92.75 -5.40 12.36
CA MET A 302 91.32 -5.63 12.60
C MET A 302 90.81 -6.63 11.55
N ASN A 303 89.60 -7.14 11.72
CA ASN A 303 89.15 -8.31 10.97
C ASN A 303 87.82 -8.06 10.26
N VAL A 304 86.77 -7.79 11.04
CA VAL A 304 85.55 -7.32 10.42
C VAL A 304 85.65 -5.95 9.69
N PHE A 305 84.83 -5.91 8.60
CA PHE A 305 84.33 -4.71 7.95
C PHE A 305 82.80 -4.70 8.06
N HIS A 306 82.25 -3.63 8.65
CA HIS A 306 80.80 -3.44 8.75
C HIS A 306 80.41 -2.37 7.74
N TRP A 307 79.20 -2.48 7.17
CA TRP A 307 78.88 -1.87 5.88
C TRP A 307 77.47 -1.29 5.92
N HIS A 308 77.37 0.02 5.63
CA HIS A 308 76.12 0.77 5.82
C HIS A 308 75.22 0.85 4.57
N LEU A 309 74.81 -0.28 4.00
CA LEU A 309 74.36 -0.30 2.63
C LEU A 309 73.21 0.69 2.44
N THR A 310 72.56 1.14 3.54
CA THR A 310 71.28 1.78 3.36
C THR A 310 70.96 2.70 4.52
N ASP A 311 70.70 3.96 4.15
CA ASP A 311 70.06 4.97 4.99
C ASP A 311 69.21 5.79 4.04
N ASP A 312 68.41 6.68 4.59
CA ASP A 312 67.49 7.47 3.79
C ASP A 312 68.15 7.80 2.46
N GLN A 313 69.26 8.54 2.56
CA GLN A 313 69.75 9.30 1.43
C GLN A 313 70.05 8.43 0.21
N GLY A 314 70.31 7.16 0.40
CA GLY A 314 70.39 6.24 -0.74
C GLY A 314 70.49 4.82 -0.23
N TRP A 315 70.24 3.84 -1.11
CA TRP A 315 70.32 2.43 -0.80
C TRP A 315 71.28 1.81 -1.82
N ARG A 316 72.16 0.95 -1.35
CA ARG A 316 73.41 0.64 -2.04
C ARG A 316 73.74 -0.83 -1.82
N ALA A 317 72.74 -1.66 -2.02
CA ALA A 317 72.80 -3.11 -1.89
C ALA A 317 71.65 -3.73 -2.71
N GLU A 318 72.06 -4.49 -3.74
CA GLU A 318 71.10 -4.86 -4.74
C GLU A 318 70.28 -6.02 -4.20
N ILE A 319 68.97 -5.77 -4.11
CA ILE A 319 67.96 -6.81 -3.91
C ILE A 319 67.22 -6.97 -5.25
N LYS A 320 67.10 -8.20 -5.77
CA LYS A 320 66.62 -8.41 -7.13
C LYS A 320 65.13 -8.80 -7.19
N ARG A 321 64.52 -9.12 -6.04
CA ARG A 321 63.07 -9.20 -5.93
C ARG A 321 62.49 -7.80 -5.69
N TYR A 322 63.36 -6.79 -5.81
CA TYR A 322 63.02 -5.43 -5.51
C TYR A 322 64.08 -4.52 -6.14
N PRO A 323 64.24 -4.53 -7.49
CA PRO A 323 65.26 -3.72 -8.15
C PRO A 323 65.11 -2.21 -7.94
N LYS A 324 63.93 -1.79 -7.45
CA LYS A 324 63.56 -0.39 -7.54
C LYS A 324 64.42 0.28 -6.49
N LEU A 325 64.34 -0.20 -5.26
CA LEU A 325 65.09 0.17 -4.07
C LEU A 325 66.52 0.60 -4.37
N THR A 326 66.99 0.24 -5.58
CA THR A 326 68.32 0.54 -6.07
C THR A 326 68.22 1.42 -7.32
N THR A 327 67.21 1.19 -8.16
CA THR A 327 66.88 2.05 -9.28
C THR A 327 65.93 3.17 -8.86
N VAL A 328 66.35 4.18 -8.14
CA VAL A 328 65.47 5.20 -7.58
C VAL A 328 65.86 5.42 -6.12
N GLY A 329 65.71 4.44 -5.24
CA GLY A 329 66.54 4.44 -4.03
C GLY A 329 67.93 5.05 -4.35
N ALA A 330 68.79 4.25 -4.95
CA ALA A 330 70.22 4.52 -5.04
C ALA A 330 70.49 5.83 -5.75
N THR A 331 69.64 6.26 -6.68
CA THR A 331 69.83 7.51 -7.39
C THR A 331 69.39 8.68 -6.52
N ARG A 332 70.03 9.84 -6.70
CA ARG A 332 69.48 11.04 -6.09
C ARG A 332 69.78 12.27 -6.94
N SER A 333 68.97 13.31 -6.68
CA SER A 333 68.97 14.54 -7.43
C SER A 333 69.98 15.56 -6.90
N ASP A 334 71.21 15.16 -6.52
CA ASP A 334 72.16 16.03 -5.84
C ASP A 334 73.46 15.31 -5.45
N ASN A 335 74.60 15.98 -5.71
CA ASN A 335 75.94 15.46 -5.47
C ASN A 335 75.99 14.43 -4.32
N VAL A 349 74.53 16.84 -2.68
CA VAL A 349 75.22 16.96 -1.34
C VAL A 349 74.12 16.82 -0.29
N TYR A 350 74.38 17.38 0.91
CA TYR A 350 73.39 17.29 1.99
C TYR A 350 73.22 18.65 2.65
N TRP A 351 71.96 18.97 2.95
CA TRP A 351 71.61 20.13 3.72
C TRP A 351 72.22 19.96 5.13
N THR A 352 71.69 20.71 6.11
CA THR A 352 71.33 20.19 7.42
C THR A 352 70.76 21.33 8.25
N GLY A 353 69.65 21.92 7.77
CA GLY A 353 69.18 23.19 8.30
C GLY A 353 69.60 24.39 7.45
N ASN A 354 70.93 24.59 7.28
CA ASN A 354 71.41 25.75 6.57
C ASN A 354 72.08 25.33 5.26
N GLY A 355 73.16 24.54 5.35
CA GLY A 355 73.77 23.98 4.14
C GLY A 355 72.68 23.70 3.11
N ALA A 356 72.95 23.96 1.81
CA ALA A 356 72.00 23.65 0.76
C ALA A 356 72.40 22.34 0.07
N LYS A 357 71.60 21.94 -0.95
CA LYS A 357 71.98 20.90 -1.89
C LYS A 357 72.49 21.55 -3.19
N THR A 358 73.15 20.74 -4.05
CA THR A 358 73.75 21.25 -5.27
C THR A 358 73.05 20.70 -6.50
N GLY A 359 71.71 20.78 -6.53
CA GLY A 359 70.89 20.36 -7.65
C GLY A 359 71.67 19.97 -8.90
N LYS A 360 72.51 18.94 -8.73
CA LYS A 360 73.28 18.30 -9.78
C LYS A 360 73.17 16.79 -9.59
N PRO A 361 72.62 15.99 -10.53
CA PRO A 361 72.33 14.58 -10.29
C PRO A 361 73.55 13.79 -9.82
N TYR A 362 73.28 12.61 -9.29
CA TYR A 362 74.28 11.77 -8.65
C TYR A 362 73.75 10.33 -8.60
N GLY A 363 74.75 9.44 -8.59
CA GLY A 363 74.57 8.05 -8.92
C GLY A 363 75.85 7.22 -8.66
N PRO A 364 76.60 6.72 -9.68
CA PRO A 364 76.92 5.30 -9.77
C PRO A 364 75.98 4.41 -9.01
N TYR A 365 74.77 4.91 -8.71
CA TYR A 365 73.75 4.14 -8.05
C TYR A 365 74.43 3.31 -6.94
N PHE A 366 74.92 2.08 -7.23
CA PHE A 366 74.94 0.96 -6.27
C PHE A 366 75.88 -0.17 -6.66
N TYR A 367 75.72 -1.30 -5.95
CA TYR A 367 76.60 -2.46 -5.95
C TYR A 367 75.76 -3.71 -6.28
N THR A 368 75.88 -4.14 -7.56
CA THR A 368 75.15 -5.32 -7.99
C THR A 368 75.63 -6.52 -7.22
N GLN A 369 74.75 -7.47 -6.95
CA GLN A 369 75.06 -8.65 -6.13
C GLN A 369 76.48 -9.15 -6.44
N ASP A 370 76.76 -9.47 -7.72
CA ASP A 370 78.09 -9.96 -8.08
C ASP A 370 79.02 -8.76 -8.35
N GLU A 371 78.84 -7.67 -7.58
CA GLU A 371 79.88 -6.75 -7.17
C GLU A 371 80.06 -6.84 -5.66
N MET A 372 79.15 -7.48 -4.93
CA MET A 372 79.42 -7.96 -3.59
C MET A 372 80.36 -9.16 -3.76
N ARG A 373 79.90 -10.29 -4.32
CA ARG A 373 80.56 -11.57 -4.09
C ARG A 373 82.04 -11.52 -4.43
N GLU A 374 82.45 -10.52 -5.21
CA GLU A 374 83.85 -10.10 -5.28
C GLU A 374 84.27 -9.64 -3.88
N VAL A 375 83.61 -8.59 -3.38
CA VAL A 375 84.02 -7.98 -2.13
C VAL A 375 84.01 -9.04 -1.03
N VAL A 376 82.80 -9.41 -0.60
CA VAL A 376 82.62 -10.37 0.49
C VAL A 376 83.62 -11.53 0.35
N ALA A 377 84.30 -11.66 -0.79
CA ALA A 377 85.35 -12.66 -0.95
C ALA A 377 86.68 -12.08 -0.49
N TYR A 378 87.06 -10.96 -1.11
CA TYR A 378 88.32 -10.29 -0.93
C TYR A 378 88.78 -10.59 0.48
N ALA A 379 88.06 -10.01 1.43
CA ALA A 379 88.38 -9.97 2.83
C ALA A 379 89.02 -11.28 3.29
N LYS A 380 88.47 -12.43 2.89
CA LYS A 380 88.68 -13.66 3.66
C LYS A 380 90.18 -14.01 3.76
N GLU A 381 90.95 -13.59 2.74
CA GLU A 381 92.38 -13.85 2.73
C GLU A 381 93.11 -12.84 3.59
N ARG A 382 92.41 -11.75 3.91
CA ARG A 382 92.78 -10.85 5.01
C ARG A 382 91.71 -10.95 6.11
N HIS A 383 91.02 -12.09 6.13
CA HIS A 383 90.12 -12.49 7.19
C HIS A 383 89.37 -11.29 7.74
N ILE A 384 88.64 -10.63 6.82
CA ILE A 384 87.81 -9.48 7.18
C ILE A 384 86.35 -9.89 6.90
N GLU A 385 85.69 -10.37 7.96
CA GLU A 385 84.28 -10.73 7.87
C GLU A 385 83.49 -9.44 7.97
N VAL A 386 82.27 -9.41 7.42
CA VAL A 386 81.61 -8.18 7.00
C VAL A 386 80.17 -8.20 7.47
N LEU A 387 79.85 -7.36 8.49
CA LEU A 387 78.44 -7.28 8.89
C LEU A 387 77.68 -6.56 7.77
N PRO A 388 76.64 -7.16 7.13
CA PRO A 388 75.80 -6.34 6.28
C PRO A 388 74.95 -5.65 7.31
N GLU A 389 74.53 -4.41 7.00
CA GLU A 389 73.68 -3.62 7.83
C GLU A 389 72.69 -3.06 6.86
N VAL A 390 71.53 -2.71 7.35
CA VAL A 390 70.52 -1.97 6.61
C VAL A 390 69.65 -1.33 7.66
N ASP A 391 69.80 -0.03 7.92
CA ASP A 391 68.93 0.62 8.89
C ASP A 391 67.47 0.30 8.59
N MET A 392 66.88 -0.48 9.52
CA MET A 392 65.56 -1.06 9.39
C MET A 392 64.74 -0.81 10.65
N PRO A 393 63.46 -0.40 10.57
CA PRO A 393 62.81 0.07 9.34
C PRO A 393 62.95 1.58 9.03
N GLY A 394 63.63 2.31 9.92
CA GLY A 394 63.46 3.73 10.08
C GLY A 394 64.09 4.51 8.95
N HIS A 395 65.38 4.83 9.08
CA HIS A 395 66.14 5.23 7.92
C HIS A 395 65.74 4.40 6.72
N PHE A 396 64.51 4.59 6.22
CA PHE A 396 64.07 4.14 4.93
C PHE A 396 63.16 5.21 4.32
N VAL A 397 63.76 6.28 3.78
CA VAL A 397 63.16 7.00 2.68
C VAL A 397 63.51 6.28 1.37
N ALA A 398 64.80 5.92 1.24
CA ALA A 398 65.36 5.26 0.09
C ALA A 398 64.42 4.17 -0.40
N ALA A 399 64.00 3.31 0.54
CA ALA A 399 63.34 2.05 0.24
C ALA A 399 61.85 2.15 0.53
N MET A 400 61.29 3.39 0.41
CA MET A 400 59.87 3.60 0.66
C MET A 400 59.23 4.41 -0.46
N ALA A 401 59.89 5.50 -0.80
CA ALA A 401 59.58 6.29 -1.99
C ALA A 401 59.44 5.44 -3.24
N ALA A 402 60.20 4.32 -3.20
CA ALA A 402 60.33 3.42 -4.33
C ALA A 402 59.56 2.13 -4.06
N TYR A 403 58.93 1.97 -2.90
CA TYR A 403 57.95 0.90 -2.65
C TYR A 403 56.98 1.35 -1.56
N PRO A 404 56.20 2.42 -1.80
CA PRO A 404 55.43 3.07 -0.74
C PRO A 404 54.16 2.33 -0.34
N GLU A 405 53.67 1.46 -1.25
CA GLU A 405 52.36 0.85 -1.05
C GLU A 405 52.30 0.24 0.36
N TYR A 406 53.45 -0.17 0.87
CA TYR A 406 53.44 -0.75 2.20
C TYR A 406 53.31 0.40 3.20
N SER A 407 54.17 1.38 2.98
CA SER A 407 54.41 2.53 3.84
C SER A 407 53.19 2.84 4.70
N CYS A 408 53.28 3.99 5.37
CA CYS A 408 52.33 4.43 6.35
C CYS A 408 51.57 5.65 5.83
N ASN A 409 52.05 6.28 4.76
CA ASN A 409 51.14 6.94 3.80
C ASN A 409 51.68 6.65 2.41
N PRO A 410 51.17 5.61 1.69
CA PRO A 410 51.49 5.43 0.28
C PRO A 410 50.96 6.49 -0.69
N SER A 411 49.77 7.02 -0.40
CA SER A 411 49.17 8.07 -1.21
C SER A 411 49.98 9.38 -1.19
N ARG A 412 51.14 9.41 -0.48
CA ARG A 412 51.75 10.68 -0.12
C ARG A 412 53.16 10.75 -0.71
N ALA A 413 53.48 11.81 -1.48
CA ALA A 413 54.51 11.70 -2.52
C ALA A 413 55.94 11.66 -1.96
N PRO A 414 56.51 10.45 -1.69
CA PRO A 414 57.77 10.35 -0.95
C PRO A 414 58.91 10.41 -1.94
N GLN A 415 60.13 10.76 -1.49
CA GLN A 415 61.29 10.80 -2.35
C GLN A 415 62.58 10.77 -1.52
N VAL A 416 63.63 10.28 -2.19
CA VAL A 416 64.98 10.25 -1.66
C VAL A 416 65.33 11.59 -1.03
N TRP A 417 66.33 11.58 -0.12
CA TRP A 417 66.66 12.72 0.69
C TRP A 417 68.10 13.20 0.46
N THR A 418 68.23 14.52 0.52
CA THR A 418 69.36 15.29 0.04
C THR A 418 70.04 16.02 1.18
N GLY A 419 69.26 16.39 2.22
CA GLY A 419 69.80 16.75 3.53
C GLY A 419 70.21 15.55 4.38
N GLY A 420 70.24 15.75 5.69
CA GLY A 420 70.79 14.79 6.63
C GLY A 420 70.03 14.81 7.95
N GLY A 421 70.29 13.79 8.78
CA GLY A 421 70.09 13.90 10.22
C GLY A 421 69.17 12.80 10.78
N ILE A 422 67.87 13.09 10.76
CA ILE A 422 66.86 12.13 11.14
C ILE A 422 65.82 12.11 10.03
N SER A 423 65.34 10.91 9.66
CA SER A 423 64.05 10.72 9.00
C SER A 423 63.16 9.88 9.91
N SER A 424 61.84 10.00 9.73
CA SER A 424 60.86 9.19 10.44
C SER A 424 60.22 8.12 9.55
N ASP A 425 60.68 7.97 8.32
CA ASP A 425 59.85 7.50 7.20
C ASP A 425 60.06 6.00 7.10
N VAL A 426 59.37 5.28 7.97
CA VAL A 426 59.65 3.89 8.29
C VAL A 426 58.90 2.97 7.31
N LEU A 427 59.13 1.66 7.51
CA LEU A 427 58.67 0.63 6.58
C LEU A 427 57.40 0.03 7.11
N ASN A 428 56.24 0.69 6.97
CA ASN A 428 55.12 0.42 7.87
C ASN A 428 55.21 -1.00 8.40
N VAL A 429 55.71 -1.15 9.63
CA VAL A 429 56.08 -2.44 10.18
C VAL A 429 54.85 -3.10 10.83
N ALA A 430 53.66 -2.68 10.46
CA ALA A 430 52.42 -3.09 11.08
C ALA A 430 51.50 -3.62 9.99
N ASN A 431 52.06 -4.23 8.96
CA ASN A 431 51.29 -4.68 7.79
C ASN A 431 52.02 -5.88 7.19
N PRO A 432 51.52 -7.13 7.40
CA PRO A 432 52.31 -8.33 7.13
C PRO A 432 52.92 -8.54 5.73
N GLN A 433 53.02 -7.46 4.93
CA GLN A 433 53.71 -7.47 3.66
C GLN A 433 54.92 -6.52 3.71
N ALA A 434 54.74 -5.37 4.36
CA ALA A 434 55.87 -4.53 4.72
C ALA A 434 56.96 -5.38 5.35
N VAL A 435 56.53 -6.29 6.22
CA VAL A 435 57.36 -7.35 6.77
C VAL A 435 57.95 -8.14 5.62
N GLU A 436 57.21 -9.10 5.05
CA GLU A 436 57.71 -9.94 3.98
C GLU A 436 58.82 -9.19 3.27
N PHE A 437 58.50 -7.98 2.80
CA PHE A 437 59.48 -7.11 2.18
C PHE A 437 60.79 -7.29 2.94
N ALA A 438 60.82 -6.87 4.21
CA ALA A 438 62.00 -7.05 5.04
C ALA A 438 62.46 -8.50 4.90
N LYS A 439 61.64 -9.43 5.39
CA LYS A 439 62.03 -10.82 5.53
C LYS A 439 62.64 -11.34 4.22
N ASN A 440 62.16 -10.82 3.07
CA ASN A 440 62.69 -11.29 1.80
C ASN A 440 64.02 -10.60 1.49
N ILE A 441 64.33 -9.52 2.18
CA ILE A 441 65.64 -8.92 2.07
C ILE A 441 66.61 -9.82 2.83
N LEU A 442 66.23 -10.06 4.11
CA LEU A 442 67.08 -10.78 5.05
C LEU A 442 67.32 -12.20 4.59
N ASP A 443 66.75 -12.56 3.42
CA ASP A 443 67.06 -13.77 2.66
C ASP A 443 68.31 -13.46 1.82
N GLU A 444 68.23 -12.32 1.10
CA GLU A 444 69.12 -12.05 0.01
C GLU A 444 70.52 -11.88 0.59
N LEU A 445 70.63 -10.97 1.56
CA LEU A 445 71.84 -10.83 2.35
C LEU A 445 72.38 -12.24 2.62
N CYS A 446 71.69 -12.99 3.51
CA CYS A 446 72.25 -14.18 4.09
C CYS A 446 73.16 -14.81 3.05
N ASP A 447 72.59 -15.04 1.87
CA ASP A 447 73.22 -15.82 0.82
C ASP A 447 74.58 -15.21 0.48
N ILE A 448 74.58 -13.91 0.18
CA ILE A 448 75.77 -13.23 -0.29
C ILE A 448 76.75 -13.00 0.85
N PHE A 449 76.24 -12.77 2.07
CA PHE A 449 77.06 -12.60 3.26
C PHE A 449 77.03 -13.83 4.17
N PRO A 450 78.10 -14.66 4.20
CA PRO A 450 78.11 -15.91 4.97
C PRO A 450 78.52 -15.78 6.44
N TYR A 451 78.41 -14.58 6.95
CA TYR A 451 78.84 -14.19 8.29
C TYR A 451 77.60 -14.26 9.20
N PRO A 452 77.67 -14.91 10.38
CA PRO A 452 76.46 -15.21 11.17
C PRO A 452 75.92 -14.05 12.02
N TYR A 453 75.97 -12.83 11.46
CA TYR A 453 75.18 -11.70 11.97
C TYR A 453 74.60 -10.89 10.82
N ILE A 454 73.44 -10.23 11.02
CA ILE A 454 72.94 -9.13 10.19
C ILE A 454 72.67 -7.94 11.09
N HIS A 455 73.17 -6.75 10.75
CA HIS A 455 72.98 -5.56 11.57
C HIS A 455 71.75 -4.76 11.11
N VAL A 456 70.79 -4.58 12.00
CA VAL A 456 69.44 -4.17 11.64
C VAL A 456 69.08 -2.75 12.10
N GLY A 457 69.99 -2.10 12.80
CA GLY A 457 69.74 -0.71 13.16
C GLY A 457 68.85 -0.53 14.39
N GLY A 458 67.54 -0.34 14.24
CA GLY A 458 66.72 0.06 15.38
C GLY A 458 67.06 1.43 15.97
N ASP A 459 67.81 2.28 15.24
CA ASP A 459 68.32 3.53 15.77
C ASP A 459 67.35 4.70 15.56
N GLU A 460 67.34 5.65 16.49
CA GLU A 460 66.73 6.95 16.25
C GLU A 460 65.68 6.86 15.14
N CYS A 461 64.55 6.20 15.43
CA CYS A 461 63.40 6.21 14.55
C CYS A 461 62.22 6.65 15.38
N PRO A 462 61.79 7.93 15.29
CA PRO A 462 60.46 8.37 15.70
C PRO A 462 59.34 7.37 15.36
N THR A 463 58.24 7.43 16.12
CA THR A 463 57.05 6.62 15.88
C THR A 463 56.01 7.40 15.08
N THR A 464 56.38 8.57 14.53
CA THR A 464 55.49 9.64 14.11
C THR A 464 54.29 9.05 13.40
N GLN A 465 54.57 8.21 12.41
CA GLN A 465 53.54 7.82 11.43
C GLN A 465 52.83 6.56 11.90
N TRP A 466 53.39 5.88 12.91
CA TRP A 466 52.65 4.84 13.59
C TRP A 466 51.45 5.49 14.29
N GLU A 467 51.72 6.37 15.26
CA GLU A 467 50.65 6.87 16.10
C GLU A 467 49.36 7.05 15.28
N HIS A 468 49.47 7.67 14.09
CA HIS A 468 48.35 8.00 13.23
C HIS A 468 48.07 6.95 12.15
N ASN A 469 48.65 5.74 12.28
CA ASN A 469 48.41 4.68 11.32
C ASN A 469 47.60 3.61 12.01
N ASP A 470 46.40 3.34 11.46
CA ASP A 470 45.46 2.42 12.11
C ASP A 470 45.59 1.04 11.47
N LEU A 471 46.80 0.63 11.09
CA LEU A 471 47.21 -0.76 11.10
C LEU A 471 48.14 -0.88 12.28
N CYS A 472 49.13 0.01 12.27
CA CYS A 472 50.12 0.11 13.31
C CYS A 472 49.51 0.77 14.56
N GLN A 473 48.19 0.69 14.76
CA GLN A 473 47.57 0.73 16.09
C GLN A 473 46.41 -0.26 16.16
N GLN A 474 46.26 -1.11 15.16
CA GLN A 474 45.51 -2.36 15.27
C GLN A 474 46.45 -3.46 15.77
N LYS A 475 47.67 -3.51 15.21
CA LYS A 475 48.66 -4.43 15.72
C LYS A 475 48.95 -4.13 17.16
N TYR A 476 49.11 -2.87 17.55
CA TYR A 476 49.55 -2.51 18.90
C TYR A 476 48.58 -2.94 20.00
N LYS A 477 47.49 -3.61 19.64
CA LYS A 477 46.61 -4.25 20.61
C LYS A 477 46.90 -5.76 20.59
N GLU A 478 47.13 -6.26 19.37
CA GLU A 478 47.54 -7.64 19.13
C GLU A 478 48.72 -7.96 20.03
N LEU A 479 49.86 -7.32 19.70
CA LEU A 479 51.14 -7.53 20.34
C LEU A 479 50.88 -7.85 21.81
N GLY A 480 50.16 -6.90 22.43
CA GLY A 480 49.81 -6.93 23.82
C GLY A 480 50.75 -6.03 24.63
N LEU A 481 50.88 -4.77 24.22
CA LEU A 481 51.44 -3.80 25.15
C LEU A 481 51.34 -2.39 24.64
N THR A 482 51.52 -1.48 25.58
CA THR A 482 51.36 -0.04 25.44
C THR A 482 52.72 0.68 25.59
N SER A 483 53.75 0.14 24.95
CA SER A 483 54.82 1.02 24.46
C SER A 483 55.02 0.84 22.96
N TYR A 484 54.83 1.95 22.22
CA TYR A 484 54.72 1.94 20.79
C TYR A 484 56.09 2.08 20.13
N ARG A 485 57.15 2.09 20.92
CA ARG A 485 58.46 1.78 20.32
C ARG A 485 58.38 0.38 19.72
N GLN A 486 57.69 -0.51 20.44
CA GLN A 486 57.86 -1.95 20.39
C GLN A 486 56.94 -2.56 19.34
N LEU A 487 56.84 -1.93 18.19
CA LEU A 487 57.00 -2.69 16.94
C LEU A 487 58.50 -2.93 16.84
N GLN A 488 59.30 -1.90 17.02
CA GLN A 488 60.75 -2.05 16.93
C GLN A 488 61.15 -3.26 17.77
N ALA A 489 60.42 -3.62 18.80
CA ALA A 489 60.60 -4.89 19.49
C ALA A 489 60.02 -5.98 18.60
N HIS A 490 58.78 -5.85 18.21
CA HIS A 490 57.95 -6.86 17.58
C HIS A 490 58.19 -6.97 16.07
N PHE A 491 58.97 -6.04 15.53
CA PHE A 491 59.43 -6.12 14.14
C PHE A 491 60.76 -6.85 14.14
N ILE A 492 61.50 -6.74 15.27
CA ILE A 492 62.87 -7.24 15.35
C ILE A 492 62.83 -8.65 15.94
N LYS A 493 62.06 -8.86 17.00
CA LYS A 493 61.51 -10.18 17.33
C LYS A 493 61.48 -10.98 16.03
N ASP A 494 60.48 -10.76 15.18
CA ASP A 494 60.27 -11.56 14.00
C ASP A 494 61.57 -11.81 13.23
N LEU A 495 62.49 -10.85 13.15
CA LEU A 495 63.69 -11.03 12.35
C LEU A 495 64.53 -12.17 12.90
N ALA A 496 64.47 -12.35 14.23
CA ALA A 496 65.35 -13.33 14.87
C ALA A 496 64.89 -14.75 14.54
N ASP A 497 63.67 -15.10 14.99
CA ASP A 497 63.29 -16.51 15.01
C ASP A 497 62.95 -16.96 13.59
N PHE A 498 62.89 -15.98 12.66
CA PHE A 498 62.51 -16.30 11.30
C PHE A 498 63.77 -16.33 10.43
N VAL A 499 64.83 -15.65 10.92
CA VAL A 499 66.18 -15.94 10.45
C VAL A 499 66.83 -16.89 11.47
N ALA A 500 66.01 -17.56 12.28
CA ALA A 500 66.42 -18.76 13.03
C ALA A 500 65.50 -19.87 12.55
N THR A 501 65.57 -20.10 11.22
CA THR A 501 65.07 -21.30 10.58
C THR A 501 65.67 -21.37 9.18
N LYS A 502 67.01 -21.27 9.11
CA LYS A 502 67.85 -21.38 7.91
C LYS A 502 69.23 -20.78 8.16
N ASN A 503 69.32 -19.84 9.12
CA ASN A 503 70.50 -19.56 9.96
C ASN A 503 71.09 -18.15 9.74
N LYS A 504 71.00 -17.34 10.82
CA LYS A 504 71.64 -16.06 11.04
C LYS A 504 70.97 -15.35 12.24
N HIS A 505 71.66 -14.34 12.82
CA HIS A 505 71.45 -13.85 14.18
C HIS A 505 71.03 -12.38 14.19
N LEU A 506 71.45 -11.51 15.13
CA LEU A 506 71.07 -10.13 15.00
C LEU A 506 71.99 -9.22 15.78
N VAL A 507 72.10 -7.97 15.28
CA VAL A 507 72.76 -6.87 15.97
C VAL A 507 71.82 -5.66 15.88
N CYS A 508 72.09 -4.60 16.66
CA CYS A 508 71.33 -3.37 16.52
C CYS A 508 72.09 -2.18 17.12
N TRP A 509 71.62 -0.97 16.78
CA TRP A 509 71.96 0.20 17.57
C TRP A 509 71.16 0.11 18.87
N ASN A 510 71.55 0.94 19.85
CA ASN A 510 71.23 0.64 21.24
C ASN A 510 70.17 1.59 21.77
N GLU A 511 69.59 2.43 20.91
CA GLU A 511 68.35 3.10 21.28
C GLU A 511 67.25 2.06 21.40
N ALA A 512 67.35 0.98 20.60
CA ALA A 512 66.33 -0.04 20.59
C ALA A 512 66.15 -0.72 21.94
N ILE A 513 67.10 -0.53 22.85
CA ILE A 513 66.91 -0.82 24.28
C ILE A 513 65.56 -0.21 24.66
N THR A 514 65.48 1.08 24.40
CA THR A 514 64.37 1.95 24.75
C THR A 514 63.04 1.26 24.46
N ALA A 515 62.71 0.31 25.30
CA ALA A 515 61.34 -0.10 25.58
C ALA A 515 61.39 -0.92 26.86
N GLY A 516 60.54 -1.95 27.00
CA GLY A 516 60.94 -3.13 27.75
C GLY A 516 61.71 -4.06 26.82
N GLY A 517 63.01 -3.79 26.65
CA GLY A 517 63.91 -4.70 25.96
C GLY A 517 63.99 -6.03 26.70
N ALA A 518 62.80 -6.62 26.83
CA ALA A 518 62.65 -8.00 27.32
C ALA A 518 61.74 -8.78 26.38
N ASP A 519 61.56 -8.37 25.11
CA ASP A 519 60.48 -8.83 24.28
C ASP A 519 60.99 -9.62 23.08
N LEU A 520 62.33 -9.63 22.90
CA LEU A 520 62.90 -9.85 21.56
C LEU A 520 62.88 -11.37 21.26
N GLN A 525 64.79 -11.48 23.64
CA GLN A 525 65.99 -12.31 23.35
C GLN A 525 67.25 -11.52 23.77
N THR A 526 67.73 -11.79 24.98
CA THR A 526 69.12 -12.20 25.11
C THR A 526 69.59 -12.37 23.68
N GLN A 527 70.55 -13.27 23.38
CA GLN A 527 70.81 -13.64 21.99
C GLN A 527 70.43 -12.48 21.08
N SER A 528 71.17 -11.38 21.19
CA SER A 528 71.05 -10.18 20.36
C SER A 528 72.03 -9.10 20.84
N THR A 529 72.77 -8.41 19.96
CA THR A 529 74.17 -8.07 20.20
C THR A 529 74.51 -6.58 20.07
N ILE A 530 73.79 -5.74 20.80
CA ILE A 530 73.77 -4.28 20.74
C ILE A 530 75.10 -3.67 20.29
N MET A 531 75.08 -2.42 19.82
CA MET A 531 76.28 -1.77 19.31
C MET A 531 76.33 -0.26 19.60
N SER A 532 76.44 0.11 20.87
CA SER A 532 76.05 1.45 21.33
C SER A 532 77.14 2.52 21.24
N TRP A 533 76.75 3.78 21.47
CA TRP A 533 77.45 4.96 20.98
C TRP A 533 77.08 6.19 21.81
N ASN A 534 75.88 6.77 21.66
CA ASN A 534 75.35 7.68 22.71
C ASN A 534 75.57 6.96 24.04
N PRO A 535 75.41 7.56 25.23
CA PRO A 535 76.06 6.99 26.40
C PRO A 535 76.74 5.65 26.05
N CYS A 536 78.00 5.77 25.62
CA CYS A 536 78.86 4.63 25.30
C CYS A 536 78.87 3.63 26.44
N GLN A 537 79.89 3.71 27.29
CA GLN A 537 80.11 2.70 28.34
C GLN A 537 78.76 2.35 28.96
N GLU A 538 78.01 3.35 29.43
CA GLU A 538 76.74 3.19 30.10
C GLU A 538 75.68 2.67 29.14
N GLY A 539 75.99 2.52 27.84
CA GLY A 539 75.07 2.05 26.82
C GLY A 539 75.12 0.54 26.59
N VAL A 540 76.31 0.01 26.36
CA VAL A 540 76.56 -1.42 26.54
C VAL A 540 76.93 -1.64 28.00
N ALA A 541 75.96 -1.45 28.91
CA ALA A 541 76.23 -1.74 30.33
C ALA A 541 75.17 -2.66 30.98
N LYS A 542 73.91 -2.18 31.15
CA LYS A 542 73.09 -2.61 32.28
C LYS A 542 71.84 -3.35 31.83
N ALA A 543 71.36 -3.10 30.61
CA ALA A 543 70.17 -3.78 30.10
C ALA A 543 70.55 -4.46 28.78
N VAL A 544 71.85 -4.77 28.73
CA VAL A 544 72.58 -5.42 27.68
C VAL A 544 73.48 -6.47 28.35
N LYS A 545 74.53 -6.04 29.08
CA LYS A 545 75.42 -7.00 29.68
C LYS A 545 74.71 -7.65 30.83
N LYS A 546 74.03 -6.84 31.65
CA LYS A 546 73.44 -7.33 32.90
C LYS A 546 72.13 -8.09 32.65
N LEU A 547 71.64 -8.06 31.41
CA LEU A 547 70.57 -8.94 30.95
C LEU A 547 71.11 -9.71 29.74
N GLY A 548 72.39 -10.07 29.80
CA GLY A 548 72.95 -11.21 29.12
C GLY A 548 73.00 -11.08 27.62
N LEU A 549 72.69 -9.88 27.12
CA LEU A 549 72.82 -9.59 25.70
C LEU A 549 74.28 -9.27 25.41
N PRO A 550 74.98 -9.98 24.50
CA PRO A 550 76.35 -9.58 24.15
C PRO A 550 76.42 -8.07 23.96
N ALA A 551 77.51 -7.52 23.43
CA ALA A 551 77.49 -6.11 23.06
C ALA A 551 78.84 -5.68 22.51
N ILE A 552 78.78 -4.64 21.68
CA ILE A 552 79.96 -3.93 21.20
C ILE A 552 80.01 -2.56 21.87
N VAL A 553 81.10 -1.84 21.67
CA VAL A 553 81.16 -0.41 21.91
C VAL A 553 82.15 0.16 20.90
N LYS A 558 82.36 1.84 18.41
CA LYS A 558 81.71 3.15 18.10
C LYS A 558 81.41 3.84 19.42
N GLY A 559 82.46 4.09 20.19
CA GLY A 559 82.48 5.24 21.11
C GLY A 559 82.24 6.55 20.34
N ASP A 560 80.98 6.94 20.15
CA ASP A 560 80.62 8.32 19.86
C ASP A 560 81.80 9.22 20.18
N GLY A 561 82.36 9.07 21.38
CA GLY A 561 83.45 9.88 21.87
C GLY A 561 84.84 9.25 21.78
N GLY A 562 85.75 9.96 21.08
CA GLY A 562 86.93 9.31 20.53
C GLY A 562 86.58 8.64 19.20
N TYR A 563 85.77 7.56 19.21
CA TYR A 563 85.88 6.50 18.23
C TYR A 563 84.88 6.66 17.07
N TYR A 564 84.03 7.68 17.01
CA TYR A 564 83.52 8.08 15.69
C TYR A 564 84.62 8.86 14.98
N ILE A 565 85.53 8.13 14.34
CA ILE A 565 86.63 8.75 13.61
C ILE A 565 86.11 9.31 12.29
N CYS A 566 85.06 10.13 12.41
CA CYS A 566 84.37 10.79 11.35
C CYS A 566 83.75 12.06 11.92
N ARG A 567 84.51 12.70 12.82
CA ARG A 567 84.26 14.05 13.28
C ARG A 567 85.58 14.80 13.16
N LYS A 568 85.46 16.07 12.73
CA LYS A 568 86.58 16.99 12.55
C LYS A 568 87.60 16.76 13.66
N GLN A 569 88.87 16.62 13.27
CA GLN A 569 89.92 16.12 14.17
C GLN A 569 90.76 17.28 14.73
N SER A 570 90.33 18.54 14.56
CA SER A 570 91.14 19.66 14.99
C SER A 570 90.51 20.97 14.56
N ASN A 571 90.41 21.93 15.49
CA ASN A 571 89.64 23.15 15.26
C ASN A 571 90.42 24.18 14.43
N ASP A 572 91.46 23.74 13.71
CA ASP A 572 92.36 24.67 13.10
C ASP A 572 91.55 25.37 12.03
N TYR A 573 92.00 26.56 11.60
CA TYR A 573 91.20 27.51 10.88
C TYR A 573 91.49 27.41 9.38
N GLY A 574 92.01 26.29 8.87
CA GLY A 574 91.71 25.84 7.51
C GLY A 574 91.53 24.31 7.40
N GLU A 575 91.18 23.64 8.49
CA GLU A 575 90.55 22.32 8.44
C GLU A 575 89.20 22.48 7.74
N PRO A 576 88.88 21.65 6.70
CA PRO A 576 87.58 21.72 6.03
C PRO A 576 86.36 21.80 6.95
N SER A 577 85.17 21.92 6.35
CA SER A 577 83.93 21.93 7.10
C SER A 577 83.75 20.58 7.77
N GLY A 578 82.68 20.46 8.57
CA GLY A 578 82.38 19.24 9.31
C GLY A 578 81.79 19.57 10.68
N ALA A 579 81.17 18.55 11.31
CA ALA A 579 80.76 18.67 12.71
C ALA A 579 81.93 18.33 13.62
N GLY A 580 81.90 18.87 14.86
CA GLY A 580 82.87 18.55 15.90
C GLY A 580 82.90 19.59 17.01
N TYR A 581 84.09 19.85 17.55
CA TYR A 581 84.45 21.12 18.17
C TYR A 581 85.94 21.11 18.57
N GLY A 582 86.80 20.53 17.70
CA GLY A 582 88.12 20.08 18.11
C GLY A 582 88.09 18.88 19.06
N ASN A 583 86.92 18.41 19.51
CA ASN A 583 86.81 17.65 20.74
C ASN A 583 87.09 16.16 20.53
N ASP A 584 87.76 15.82 19.41
CA ASP A 584 87.88 14.42 19.01
C ASP A 584 89.30 14.10 18.55
N GLY A 585 90.31 14.97 18.74
CA GLY A 585 91.62 14.72 18.19
C GLY A 585 92.22 13.43 18.76
N VAL A 586 93.55 13.33 18.71
CA VAL A 586 94.22 12.05 18.68
C VAL A 586 94.80 11.78 20.07
N GLU A 587 94.97 12.86 20.87
CA GLU A 587 95.28 12.66 22.28
C GLU A 587 93.97 12.20 22.91
N GLY A 588 92.88 12.21 22.13
CA GLY A 588 91.54 12.03 22.66
C GLY A 588 90.89 10.70 22.31
N CYS A 589 91.54 9.82 21.51
CA CYS A 589 90.80 8.75 20.85
C CYS A 589 91.38 7.35 21.02
N TYR A 590 92.52 7.24 21.72
CA TYR A 590 93.01 6.00 22.28
C TYR A 590 92.99 6.11 23.80
N ASN A 591 93.21 7.34 24.32
CA ASN A 591 92.92 7.71 25.70
C ASN A 591 91.50 7.31 26.09
N TYR A 592 90.55 7.40 25.16
CA TYR A 592 89.17 7.05 25.48
C TYR A 592 89.13 5.59 25.91
N VAL A 593 88.69 5.27 27.13
CA VAL A 593 88.90 3.97 27.73
C VAL A 593 87.59 3.17 27.76
N PRO A 594 87.40 2.21 26.84
CA PRO A 594 86.24 1.29 26.92
C PRO A 594 86.29 0.19 27.99
N VAL A 595 87.37 0.18 28.78
CA VAL A 595 87.51 -0.51 30.05
C VAL A 595 87.66 0.55 31.15
N GLN A 596 86.61 1.36 31.37
CA GLN A 596 86.59 2.23 32.55
C GLN A 596 85.88 1.48 33.65
N GLY A 597 86.63 1.03 34.66
CA GLY A 597 86.17 0.07 35.66
C GLY A 597 85.00 -0.78 35.21
N MET A 598 85.29 -1.75 34.32
CA MET A 598 84.27 -2.68 33.87
C MET A 598 84.43 -4.01 34.56
N TYR A 599 83.46 -4.34 35.42
CA TYR A 599 83.55 -5.54 36.26
C TYR A 599 83.29 -6.73 35.34
N THR A 600 83.96 -7.89 35.56
CA THR A 600 84.15 -8.85 34.49
C THR A 600 83.18 -10.02 34.63
N GLN A 601 82.71 -10.27 35.88
CA GLN A 601 81.43 -10.89 36.19
C GLN A 601 80.71 -11.61 35.05
N GLU A 602 80.24 -10.84 34.05
CA GLU A 602 79.96 -11.34 32.73
C GLU A 602 80.29 -10.21 31.75
N GLN A 603 80.59 -9.02 32.26
CA GLN A 603 80.41 -7.81 31.47
C GLN A 603 81.61 -7.65 30.56
N MET A 604 82.49 -8.66 30.54
CA MET A 604 83.56 -8.72 29.55
C MET A 604 83.61 -10.12 28.89
N ALA A 605 82.61 -10.98 29.18
CA ALA A 605 82.17 -12.03 28.28
C ALA A 605 80.77 -11.71 27.79
N LEU A 606 80.39 -10.42 27.77
CA LEU A 606 79.23 -9.97 27.01
C LEU A 606 79.56 -8.68 26.26
N VAL A 607 80.62 -7.97 26.62
CA VAL A 607 81.35 -7.02 25.77
C VAL A 607 82.11 -7.78 24.70
N LYS A 608 81.95 -7.42 23.42
CA LYS A 608 82.73 -8.03 22.37
C LYS A 608 83.77 -7.07 21.78
N GLY A 609 83.53 -5.75 21.72
CA GLY A 609 84.71 -4.87 21.56
C GLY A 609 84.45 -3.48 20.98
N VAL A 610 85.29 -3.02 20.03
CA VAL A 610 85.32 -1.61 19.68
C VAL A 610 85.37 -1.48 18.17
N GLN A 611 84.93 -0.34 17.66
CA GLN A 611 84.56 -0.21 16.25
C GLN A 611 84.49 1.26 15.89
N GLY A 612 85.08 1.63 14.74
CA GLY A 612 85.57 3.00 14.53
C GLY A 612 84.86 3.62 13.32
N THR A 613 83.53 3.78 13.46
CA THR A 613 82.63 4.09 12.37
C THR A 613 83.03 5.37 11.67
N PHE A 614 82.49 5.58 10.45
CA PHE A 614 82.59 6.83 9.72
C PHE A 614 81.25 7.32 9.15
N TRP A 615 80.95 8.61 9.31
CA TRP A 615 79.68 9.22 9.01
C TRP A 615 79.90 10.37 8.03
N THR A 616 79.24 10.27 6.87
CA THR A 616 79.67 10.87 5.62
C THR A 616 79.05 12.22 5.35
N GLU A 617 77.82 12.49 5.77
CA GLU A 617 77.18 13.77 5.52
C GLU A 617 78.10 14.73 4.77
N HIS A 618 79.09 15.31 5.48
CA HIS A 618 79.87 16.43 4.97
C HIS A 618 81.14 15.98 4.25
N VAL A 619 81.24 14.68 3.90
CA VAL A 619 82.55 14.08 3.64
C VAL A 619 82.37 12.94 2.63
N GLY A 620 82.98 13.09 1.46
CA GLY A 620 82.46 12.44 0.28
C GLY A 620 83.48 12.32 -0.85
N THR A 621 84.77 12.54 -0.54
CA THR A 621 85.82 12.25 -1.51
C THR A 621 87.01 11.65 -0.78
N ASN A 622 87.91 11.07 -1.58
CA ASN A 622 88.78 10.02 -1.04
C ASN A 622 89.74 10.73 -0.06
N GLU A 623 90.72 11.43 -0.65
CA GLU A 623 91.49 12.45 0.05
C GLU A 623 90.93 12.63 1.44
N TYR A 624 89.82 13.35 1.58
CA TYR A 624 89.39 13.99 2.81
C TYR A 624 88.81 13.00 3.83
N LEU A 625 88.28 11.87 3.37
CA LEU A 625 87.81 10.85 4.31
C LEU A 625 89.00 10.21 4.99
N GLU A 626 90.08 10.01 4.23
CA GLU A 626 91.29 9.44 4.80
C GLU A 626 91.84 10.56 5.67
N TYR A 627 91.81 11.79 5.17
CA TYR A 627 92.40 12.90 5.89
C TYR A 627 91.78 12.91 7.30
N LEU A 628 90.46 12.74 7.35
CA LEU A 628 89.78 12.53 8.60
C LEU A 628 90.14 11.16 9.14
N ALA A 629 89.77 10.07 8.45
CA ALA A 629 90.01 8.74 8.99
C ALA A 629 91.35 8.67 9.69
N LEU A 630 92.43 9.05 8.99
CA LEU A 630 93.77 8.61 9.33
C LEU A 630 94.47 9.72 10.09
N PRO A 631 95.15 9.46 11.22
CA PRO A 631 95.47 8.11 11.68
C PRO A 631 94.44 7.38 12.56
N ARG A 632 93.41 8.10 12.98
CA ARG A 632 92.64 7.70 14.14
C ARG A 632 92.21 6.25 14.00
N LEU A 633 91.89 5.88 12.76
CA LEU A 633 91.63 4.47 12.48
C LEU A 633 92.50 3.60 13.39
N ILE A 634 93.80 3.84 13.34
CA ILE A 634 94.75 2.99 14.08
C ILE A 634 94.33 2.88 15.55
N CYS A 635 94.20 4.02 16.24
CA CYS A 635 93.87 4.09 17.65
C CYS A 635 92.75 3.11 17.99
N VAL A 636 91.62 3.21 17.26
CA VAL A 636 90.49 2.30 17.52
C VAL A 636 90.94 0.86 17.32
N ALA A 637 91.97 0.67 16.48
CA ALA A 637 92.47 -0.64 16.09
C ALA A 637 93.53 -1.11 17.07
N GLU A 638 94.33 -0.20 17.62
CA GLU A 638 95.26 -0.61 18.66
C GLU A 638 94.47 -1.06 19.88
N ALA A 639 93.93 -0.11 20.63
CA ALA A 639 93.02 -0.41 21.74
C ALA A 639 92.27 -1.72 21.42
N GLY A 640 91.63 -1.72 20.26
CA GLY A 640 90.93 -2.87 19.76
C GLY A 640 91.69 -4.15 20.09
N TRP A 641 93.00 -4.14 19.77
CA TRP A 641 93.84 -5.32 19.83
C TRP A 641 94.65 -5.21 21.12
N THR A 642 95.46 -4.18 21.26
CA THR A 642 96.35 -4.09 22.43
C THR A 642 95.51 -4.20 23.70
N PRO A 643 95.95 -4.98 24.72
CA PRO A 643 95.19 -5.15 25.97
C PRO A 643 95.39 -4.01 26.97
N GLN A 644 94.36 -3.69 27.75
CA GLN A 644 94.34 -2.44 28.50
C GLN A 644 95.26 -2.42 29.72
N VAL A 645 96.28 -3.26 29.79
CA VAL A 645 97.34 -3.18 30.78
C VAL A 645 98.51 -2.39 30.17
N PHE A 646 98.89 -2.76 28.94
CA PHE A 646 99.94 -2.05 28.20
C PHE A 646 99.27 -1.06 27.22
N LYS A 647 98.84 0.08 27.78
CA LYS A 647 98.10 1.07 27.01
C LYS A 647 98.34 2.47 27.62
N ASN A 648 99.44 3.13 27.25
CA ASN A 648 99.70 4.56 27.39
C ASN A 648 100.31 5.02 26.07
N TRP A 649 100.04 6.27 25.67
CA TRP A 649 100.37 6.81 24.36
C TRP A 649 101.84 7.15 24.19
N ASP A 650 102.45 7.58 25.27
CA ASP A 650 103.66 8.38 25.26
C ASP A 650 104.56 7.88 24.14
N ASN A 651 104.51 6.55 23.88
CA ASN A 651 105.38 5.88 22.95
C ASN A 651 104.51 5.22 21.86
N PHE A 652 103.21 5.55 21.86
CA PHE A 652 102.36 5.28 20.71
C PHE A 652 102.68 6.28 19.60
N ARG A 653 102.51 7.58 19.88
CA ARG A 653 102.89 8.62 18.94
C ARG A 653 104.09 8.10 18.17
N THR A 654 105.25 8.03 18.82
CA THR A 654 106.52 7.76 18.16
C THR A 654 106.30 6.68 17.10
N ARG A 655 106.19 5.43 17.55
CA ARG A 655 106.10 4.27 16.69
C ARG A 655 105.24 4.59 15.46
N LEU A 656 104.15 5.34 15.68
CA LEU A 656 103.15 5.61 14.69
C LEU A 656 103.32 7.02 14.14
N ALA A 657 104.51 7.64 14.21
CA ALA A 657 104.85 8.61 13.17
C ALA A 657 105.27 7.77 11.96
N ASN A 658 106.08 6.76 12.30
CA ASN A 658 106.80 5.94 11.33
C ASN A 658 105.92 4.93 10.61
N GLN A 659 104.62 5.15 10.64
CA GLN A 659 103.68 4.39 9.80
C GLN A 659 103.00 5.31 8.79
N THR A 660 103.54 6.52 8.65
CA THR A 660 103.17 7.51 7.66
C THR A 660 103.99 7.23 6.40
N GLN A 661 105.24 6.79 6.53
CA GLN A 661 106.02 6.44 5.36
C GLN A 661 105.27 5.37 4.55
N TRP A 662 104.29 4.69 5.16
CA TRP A 662 103.44 3.80 4.37
C TRP A 662 102.41 4.65 3.62
N LEU A 663 101.72 5.39 4.49
CA LEU A 663 100.52 6.11 4.08
C LEU A 663 100.89 6.93 2.85
N ASP A 664 102.07 7.54 2.89
CA ASP A 664 102.80 7.88 1.68
C ASP A 664 102.78 6.66 0.76
N ASP A 665 103.75 5.71 0.82
CA ASP A 665 104.07 4.95 -0.40
C ASP A 665 102.80 4.50 -1.14
N HIS A 666 101.92 3.79 -0.41
CA HIS A 666 100.69 3.25 -0.99
C HIS A 666 99.57 4.30 -1.01
N GLY A 667 99.93 5.51 -1.41
CA GLY A 667 98.98 6.52 -1.84
C GLY A 667 97.77 6.68 -0.93
N TYR A 668 98.00 6.67 0.39
CA TYR A 668 96.98 7.02 1.36
C TYR A 668 97.18 8.46 1.80
N VAL A 669 96.09 9.22 1.70
CA VAL A 669 95.98 10.48 2.42
C VAL A 669 95.97 10.13 3.90
N TYR A 670 96.33 11.09 4.76
CA TYR A 670 96.48 10.87 6.18
C TYR A 670 96.67 12.26 6.80
N ALA A 671 96.00 12.49 7.93
CA ALA A 671 96.40 13.64 8.73
C ALA A 671 97.85 13.38 9.15
N ARG A 672 98.28 14.20 10.06
CA ARG A 672 99.67 14.53 10.21
C ARG A 672 99.78 15.14 11.60
N HIS A 673 98.83 15.99 11.98
CA HIS A 673 98.83 16.67 13.26
C HIS A 673 100.05 16.26 14.08
N TRP A 674 100.11 15.02 14.57
CA TRP A 674 101.32 14.49 15.19
C TRP A 674 102.55 15.03 14.46
N MET A 675 102.65 14.64 13.17
CA MET A 675 103.87 14.52 12.40
C MET A 675 104.52 15.87 12.19
N PRO A 676 105.84 16.02 12.46
CA PRO A 676 106.62 17.17 11.98
C PRO A 676 107.01 17.13 10.49
N ALA B 129 -4.14 -3.68 -30.38
CA ALA B 129 -2.97 -3.17 -31.14
C ALA B 129 -1.72 -3.24 -30.29
N ASP B 130 -1.61 -4.29 -29.46
CA ASP B 130 -0.62 -4.38 -28.41
C ASP B 130 0.76 -4.23 -29.03
N GLU B 131 1.76 -3.87 -28.23
CA GLU B 131 3.12 -3.68 -28.70
C GLU B 131 4.15 -4.42 -27.85
N THR B 132 4.95 -5.27 -28.48
CA THR B 132 5.54 -6.46 -27.87
C THR B 132 4.60 -7.63 -28.10
N ARG B 133 4.12 -7.80 -29.33
CA ARG B 133 2.89 -8.52 -29.58
C ARG B 133 2.67 -9.59 -28.52
N SER B 134 1.52 -9.47 -27.84
CA SER B 134 0.98 -10.38 -26.83
C SER B 134 1.45 -11.82 -26.96
N PHE B 135 0.59 -12.81 -26.70
CA PHE B 135 0.93 -14.19 -26.98
C PHE B 135 -0.28 -14.77 -27.71
N TRP B 136 -1.40 -14.90 -26.97
CA TRP B 136 -2.60 -15.59 -27.40
C TRP B 136 -3.77 -14.65 -27.12
N ILE B 137 -4.74 -14.61 -28.07
CA ILE B 137 -5.76 -13.56 -28.08
C ILE B 137 -6.92 -13.99 -28.96
N THR B 138 -8.13 -13.48 -28.63
CA THR B 138 -9.32 -13.68 -29.45
C THR B 138 -10.32 -12.56 -29.16
N CYS B 139 -11.26 -12.31 -30.09
CA CYS B 139 -12.13 -11.14 -30.01
C CYS B 139 -13.59 -11.52 -29.73
N GLN B 140 -14.42 -10.50 -29.48
CA GLN B 140 -15.86 -10.60 -29.40
C GLN B 140 -16.48 -9.31 -29.93
N ALA B 141 -17.81 -9.32 -30.10
CA ALA B 141 -18.57 -8.27 -30.73
C ALA B 141 -18.96 -7.16 -29.77
N GLY B 142 -18.47 -5.93 -30.06
CA GLY B 142 -18.87 -4.75 -29.33
C GLY B 142 -17.70 -3.81 -29.08
N GLY B 143 -18.04 -2.60 -28.61
CA GLY B 143 -17.15 -1.79 -27.78
C GLY B 143 -17.29 -2.17 -26.30
N THR B 144 -16.18 -2.41 -25.59
CA THR B 144 -16.15 -2.31 -24.14
C THR B 144 -15.97 -0.84 -23.77
N LYS B 145 -15.94 -0.58 -22.46
CA LYS B 145 -15.88 0.79 -21.96
C LYS B 145 -14.86 0.92 -20.83
N TYR B 146 -14.28 2.14 -20.72
CA TYR B 146 -13.65 2.65 -19.52
C TYR B 146 -14.61 3.51 -18.71
N LEU B 147 -15.24 4.48 -19.38
CA LEU B 147 -16.33 5.28 -18.82
C LEU B 147 -15.77 6.19 -17.71
N ASN B 148 -16.65 7.02 -17.12
CA ASN B 148 -16.48 7.40 -15.72
C ASN B 148 -16.59 6.17 -14.81
N SER B 167 -2.76 -2.37 -3.29
CA SER B 167 -1.65 -1.41 -3.51
C SER B 167 -0.78 -1.92 -4.65
N THR B 168 -1.33 -1.78 -5.85
CA THR B 168 -0.66 -1.86 -7.13
C THR B 168 -1.62 -1.30 -8.19
N PHE B 169 -2.87 -1.77 -8.20
CA PHE B 169 -3.89 -1.15 -9.02
C PHE B 169 -3.75 0.37 -8.95
N TYR B 170 -3.66 0.95 -7.73
CA TYR B 170 -3.84 2.39 -7.55
C TYR B 170 -2.77 3.20 -8.29
N ILE B 171 -1.70 2.56 -8.77
CA ILE B 171 -0.75 3.25 -9.63
C ILE B 171 -1.30 3.22 -11.06
N TYR B 172 -2.60 3.04 -11.18
CA TYR B 172 -3.35 3.25 -12.40
C TYR B 172 -4.57 4.14 -12.10
N LYS B 173 -4.68 4.62 -10.85
CA LYS B 173 -5.45 5.81 -10.50
C LYS B 173 -4.43 6.89 -10.09
N VAL B 174 -4.69 8.13 -10.51
CA VAL B 174 -3.66 9.08 -10.89
C VAL B 174 -2.90 8.46 -12.07
N SER B 175 -1.82 7.73 -11.76
CA SER B 175 -0.76 7.40 -12.72
C SER B 175 -1.15 7.80 -14.14
N GLU B 176 -2.01 7.01 -14.79
CA GLU B 176 -2.17 7.10 -16.23
C GLU B 176 -3.44 7.86 -16.58
N GLU B 177 -4.41 7.82 -15.66
CA GLU B 177 -5.81 7.84 -16.07
C GLU B 177 -6.30 9.28 -16.09
N GLN B 178 -6.00 9.99 -15.01
CA GLN B 178 -6.41 11.39 -14.86
C GLN B 178 -5.12 12.23 -14.78
N ILE B 179 -4.07 11.82 -15.51
CA ILE B 179 -3.03 12.74 -15.91
C ILE B 179 -3.41 13.30 -17.28
N ALA B 180 -4.44 12.73 -17.95
CA ALA B 180 -4.58 13.03 -19.38
C ALA B 180 -6.01 12.94 -19.88
N VAL B 181 -6.55 11.71 -19.93
CA VAL B 181 -7.68 11.43 -20.81
C VAL B 181 -8.57 12.68 -20.91
N PRO B 182 -9.10 13.25 -19.81
CA PRO B 182 -9.54 14.65 -19.78
C PRO B 182 -8.51 15.60 -19.16
N ARG B 192 -13.56 16.58 -11.22
CA ARG B 192 -13.76 15.95 -9.89
C ARG B 192 -14.90 14.94 -10.00
N GLY B 193 -14.96 14.05 -9.03
CA GLY B 193 -16.16 13.26 -8.77
C GLY B 193 -15.79 11.85 -8.34
N ALA B 194 -15.66 10.97 -9.33
CA ALA B 194 -15.17 9.63 -9.06
C ALA B 194 -14.62 8.99 -10.34
N GLU B 195 -13.64 8.09 -10.14
CA GLU B 195 -13.10 7.31 -11.24
C GLU B 195 -13.37 5.82 -11.00
N LEU B 196 -12.32 5.02 -10.85
CA LEU B 196 -12.45 3.66 -10.36
C LEU B 196 -12.49 3.73 -8.83
N ASN B 197 -13.67 4.06 -8.30
CA ASN B 197 -13.97 4.01 -6.88
C ASN B 197 -15.49 4.13 -6.71
N GLY B 198 -15.94 5.11 -5.93
CA GLY B 198 -17.34 5.46 -5.84
C GLY B 198 -18.21 4.26 -5.48
N GLU B 199 -18.54 3.49 -6.53
CA GLU B 199 -19.44 2.36 -6.40
C GLU B 199 -19.99 2.29 -4.96
N GLY B 200 -19.18 1.68 -4.07
CA GLY B 200 -19.62 1.21 -2.77
C GLY B 200 -18.98 -0.15 -2.43
N ARG B 201 -19.56 -1.21 -3.03
CA ARG B 201 -19.44 -2.58 -2.54
C ARG B 201 -18.38 -3.29 -3.36
N LEU B 202 -17.11 -2.89 -3.19
CA LEU B 202 -16.08 -3.12 -4.21
C LEU B 202 -16.14 -4.55 -4.74
N ALA B 203 -16.30 -5.51 -3.81
CA ALA B 203 -16.25 -6.93 -4.11
C ALA B 203 -17.66 -7.51 -4.10
N LEU B 204 -18.57 -6.87 -4.85
CA LEU B 204 -19.85 -7.47 -5.16
C LEU B 204 -19.88 -7.80 -6.65
N SER B 205 -19.29 -8.94 -7.05
CA SER B 205 -18.67 -9.11 -8.35
C SER B 205 -19.66 -9.00 -9.50
N ALA B 206 -20.94 -8.66 -9.18
CA ALA B 206 -21.96 -8.35 -10.17
C ALA B 206 -22.37 -6.88 -10.03
N MET B 207 -21.48 -6.08 -9.45
CA MET B 207 -21.39 -4.65 -9.70
C MET B 207 -19.96 -4.33 -10.17
N ASP B 208 -19.39 -5.26 -10.95
CA ASP B 208 -17.99 -5.22 -11.36
C ASP B 208 -17.93 -4.83 -12.83
N ASN B 209 -17.10 -3.83 -13.14
CA ASN B 209 -16.87 -3.38 -14.51
C ASN B 209 -15.36 -3.45 -14.83
N ILE B 210 -14.49 -3.32 -13.82
CA ILE B 210 -13.07 -3.66 -13.93
C ILE B 210 -12.69 -4.58 -12.78
N SER B 211 -12.74 -5.91 -13.01
CA SER B 211 -12.60 -6.86 -11.92
C SER B 211 -11.21 -7.49 -11.90
N PHE B 212 -10.65 -7.61 -10.68
CA PHE B 212 -9.32 -8.15 -10.48
C PHE B 212 -9.47 -9.43 -9.64
N THR B 213 -8.44 -10.29 -9.74
CA THR B 213 -8.49 -11.65 -9.24
C THR B 213 -7.08 -12.22 -9.24
N THR B 214 -6.88 -13.32 -8.48
CA THR B 214 -5.65 -14.11 -8.55
C THR B 214 -5.98 -15.58 -8.79
N ASP B 215 -5.29 -16.18 -9.75
CA ASP B 215 -5.47 -17.57 -10.12
C ASP B 215 -4.10 -18.23 -10.02
N PRO B 216 -3.65 -18.63 -8.81
CA PRO B 216 -2.33 -19.25 -8.61
C PRO B 216 -1.91 -20.40 -9.54
N ALA B 217 -2.46 -20.42 -10.74
CA ALA B 217 -2.16 -21.42 -11.76
C ALA B 217 -1.33 -20.80 -12.88
N LEU B 218 -1.57 -19.49 -13.09
CA LEU B 218 -0.73 -18.67 -13.95
C LEU B 218 0.65 -18.59 -13.30
N ALA B 219 1.70 -18.57 -14.12
CA ALA B 219 3.06 -18.29 -13.73
C ALA B 219 3.16 -16.91 -13.09
N GLU B 220 4.38 -16.49 -12.71
CA GLU B 220 4.58 -15.25 -11.99
C GLU B 220 4.31 -14.06 -12.90
N GLU B 221 5.05 -13.89 -14.02
CA GLU B 221 4.85 -12.76 -14.91
C GLU B 221 3.58 -12.93 -15.76
N ALA B 222 2.69 -13.88 -15.38
CA ALA B 222 1.64 -14.32 -16.27
C ALA B 222 0.29 -13.79 -15.79
N TYR B 223 -0.51 -13.36 -16.75
CA TYR B 223 -1.80 -12.73 -16.50
C TYR B 223 -2.74 -13.23 -17.58
N VAL B 224 -4.06 -13.06 -17.34
CA VAL B 224 -5.10 -13.22 -18.35
C VAL B 224 -6.11 -12.09 -18.14
N LEU B 225 -6.89 -11.77 -19.19
CA LEU B 225 -7.48 -10.45 -19.33
C LEU B 225 -8.70 -10.55 -20.23
N ASN B 226 -9.89 -10.73 -19.63
CA ASN B 226 -11.11 -10.69 -20.43
C ASN B 226 -11.57 -9.26 -20.55
N ILE B 227 -11.92 -8.87 -21.79
CA ILE B 227 -12.53 -7.58 -22.08
C ILE B 227 -13.84 -7.82 -22.80
N THR B 228 -14.91 -7.44 -22.12
CA THR B 228 -16.26 -7.35 -22.64
C THR B 228 -16.85 -6.05 -22.09
N ALA B 229 -17.93 -5.55 -22.66
CA ALA B 229 -18.60 -4.38 -22.06
C ALA B 229 -19.14 -4.75 -20.68
N ASP B 230 -19.29 -6.07 -20.42
CA ASP B 230 -19.79 -6.54 -19.16
C ASP B 230 -18.78 -6.27 -18.05
N GLY B 231 -17.49 -6.50 -18.35
CA GLY B 231 -16.43 -6.21 -17.41
C GLY B 231 -15.05 -6.35 -18.05
N ILE B 232 -14.02 -5.97 -17.26
CA ILE B 232 -12.63 -6.22 -17.62
C ILE B 232 -11.94 -7.03 -16.53
N SER B 233 -12.39 -8.28 -16.36
CA SER B 233 -11.70 -9.20 -15.48
C SER B 233 -10.23 -9.25 -15.90
N VAL B 234 -9.34 -9.06 -14.94
CA VAL B 234 -7.95 -9.45 -14.99
C VAL B 234 -7.71 -10.44 -13.84
N ALA B 235 -7.38 -11.70 -14.18
CA ALA B 235 -6.81 -12.62 -13.20
C ALA B 235 -5.29 -12.56 -13.32
N SER B 236 -4.55 -13.34 -12.50
CA SER B 236 -3.11 -13.18 -12.41
C SER B 236 -2.49 -14.24 -11.49
N SER B 237 -1.25 -13.96 -11.03
CA SER B 237 -0.65 -14.69 -9.91
C SER B 237 0.70 -14.09 -9.52
N THR B 238 0.84 -12.77 -9.68
CA THR B 238 1.98 -12.04 -9.13
C THR B 238 1.91 -10.60 -9.61
N GLU B 239 1.98 -9.61 -8.71
CA GLU B 239 1.87 -8.22 -9.09
C GLU B 239 2.42 -8.03 -10.50
N LYS B 240 3.65 -8.48 -10.71
CA LYS B 240 4.27 -8.49 -12.03
C LYS B 240 3.24 -8.97 -13.05
N GLY B 241 2.65 -10.13 -12.82
CA GLY B 241 1.57 -10.58 -13.67
C GLY B 241 0.59 -9.43 -13.97
N LYS B 242 0.06 -8.89 -12.86
CA LYS B 242 -1.10 -8.02 -12.86
C LYS B 242 -0.75 -6.66 -13.44
N PHE B 243 0.51 -6.22 -13.20
CA PHE B 243 0.94 -4.89 -13.56
C PHE B 243 0.76 -4.69 -15.05
N TYR B 244 1.12 -5.73 -15.83
CA TYR B 244 1.21 -5.59 -17.26
C TYR B 244 -0.17 -5.64 -17.86
N ALA B 245 -1.13 -6.29 -17.21
CA ALA B 245 -2.42 -6.59 -17.84
C ALA B 245 -3.10 -5.30 -18.25
N LEU B 246 -2.82 -4.19 -17.57
CA LEU B 246 -3.42 -2.90 -17.93
C LEU B 246 -2.45 -2.07 -18.78
N GLN B 247 -1.29 -2.67 -19.13
CA GLN B 247 -0.38 -2.11 -20.11
C GLN B 247 -0.90 -2.46 -21.49
N SER B 248 -0.85 -3.75 -21.86
CA SER B 248 -1.62 -4.27 -22.98
C SER B 248 -2.83 -3.34 -23.17
N LEU B 249 -3.74 -3.42 -22.20
CA LEU B 249 -5.01 -2.73 -22.26
C LEU B 249 -4.78 -1.29 -22.66
N ALA B 250 -3.93 -0.58 -21.91
CA ALA B 250 -3.58 0.79 -22.25
C ALA B 250 -3.34 0.88 -23.74
N GLN B 251 -2.36 0.14 -24.27
CA GLN B 251 -1.98 0.18 -25.68
C GLN B 251 -3.12 -0.24 -26.60
N LEU B 252 -4.10 -1.00 -26.08
CA LEU B 252 -5.33 -1.20 -26.84
C LEU B 252 -6.13 0.10 -26.89
N ALA B 253 -6.21 0.79 -25.74
CA ALA B 253 -6.98 2.01 -25.59
C ALA B 253 -6.10 3.20 -25.99
N GLU B 254 -5.88 3.38 -27.30
CA GLU B 254 -4.86 4.33 -27.70
C GLU B 254 -3.60 4.01 -26.91
N GLY B 255 -2.64 4.95 -26.85
CA GLY B 255 -1.56 4.93 -25.86
C GLY B 255 -2.01 5.55 -24.53
N ASN B 256 -2.82 6.62 -24.68
CA ASN B 256 -3.44 7.32 -23.58
C ASN B 256 -4.58 6.45 -23.06
N ALA B 257 -5.79 6.71 -23.58
CA ALA B 257 -6.95 5.87 -23.45
C ALA B 257 -8.18 6.59 -24.00
N GLU B 258 -9.11 5.76 -24.50
CA GLU B 258 -10.49 6.17 -24.73
C GLU B 258 -11.36 4.93 -24.55
N GLY B 259 -11.76 4.33 -25.68
CA GLY B 259 -12.48 3.08 -25.69
C GLY B 259 -11.67 1.91 -26.25
N LEU B 260 -12.06 0.73 -25.74
CA LEU B 260 -11.49 -0.56 -26.07
C LEU B 260 -12.49 -1.34 -26.93
N PRO B 261 -12.12 -2.55 -27.43
CA PRO B 261 -13.04 -3.45 -28.13
C PRO B 261 -13.64 -4.46 -27.14
N LEU B 262 -13.90 -5.71 -27.57
CA LEU B 262 -13.89 -6.85 -26.65
C LEU B 262 -12.77 -7.81 -27.07
N VAL B 263 -12.19 -8.53 -26.09
CA VAL B 263 -11.12 -9.47 -26.36
C VAL B 263 -10.77 -10.24 -25.10
N ARG B 264 -9.99 -11.31 -25.29
CA ARG B 264 -9.27 -12.02 -24.25
C ARG B 264 -7.77 -11.94 -24.53
N ILE B 265 -6.97 -11.72 -23.49
CA ILE B 265 -5.54 -11.53 -23.66
C ILE B 265 -4.81 -12.34 -22.61
N ALA B 266 -4.78 -13.64 -22.78
CA ALA B 266 -3.78 -14.47 -22.12
C ALA B 266 -2.43 -14.21 -22.78
N ASP B 267 -1.41 -13.97 -21.94
CA ASP B 267 -0.12 -13.47 -22.44
C ASP B 267 0.92 -13.81 -21.38
N LYS B 268 2.14 -14.11 -21.87
CA LYS B 268 3.17 -14.66 -21.01
C LYS B 268 4.48 -14.40 -21.72
N PRO B 269 5.58 -14.09 -21.00
CA PRO B 269 6.86 -13.79 -21.63
C PRO B 269 7.67 -15.02 -22.01
N ARG B 270 8.16 -15.07 -23.27
CA ARG B 270 9.19 -16.08 -23.55
C ARG B 270 10.22 -16.00 -22.43
N PHE B 271 10.78 -14.79 -22.29
CA PHE B 271 11.95 -14.53 -21.47
C PHE B 271 11.59 -13.69 -20.25
N GLY B 272 12.16 -14.10 -19.11
CA GLY B 272 11.87 -13.46 -17.84
C GLY B 272 13.02 -12.56 -17.39
N TYR B 273 14.00 -12.35 -18.28
CA TYR B 273 15.06 -11.39 -18.02
C TYR B 273 15.21 -10.53 -19.27
N ARG B 274 14.40 -9.47 -19.34
CA ARG B 274 14.33 -8.59 -20.49
C ARG B 274 14.88 -7.25 -20.04
N GLY B 275 15.95 -6.77 -20.70
CA GLY B 275 16.72 -5.70 -20.10
C GLY B 275 17.03 -4.50 -20.98
N PHE B 276 17.58 -3.48 -20.30
CA PHE B 276 18.26 -2.36 -20.92
C PHE B 276 19.70 -2.39 -20.40
N MET B 277 20.47 -1.32 -20.59
CA MET B 277 21.68 -1.15 -19.79
C MET B 277 22.30 0.21 -20.08
N LEU B 278 22.75 0.87 -19.01
CA LEU B 278 23.18 2.24 -19.09
C LEU B 278 24.67 2.28 -18.77
N ASP B 279 25.48 2.57 -19.80
CA ASP B 279 26.86 2.94 -19.57
C ASP B 279 26.84 4.35 -18.96
N VAL B 280 26.84 4.39 -17.62
CA VAL B 280 26.82 5.62 -16.85
C VAL B 280 28.24 5.94 -16.37
N SER B 281 29.24 5.24 -16.90
CA SER B 281 30.61 5.35 -16.42
C SER B 281 31.42 6.20 -17.38
N ARG B 282 31.32 5.84 -18.67
CA ARG B 282 31.90 6.62 -19.74
C ARG B 282 31.25 8.00 -19.81
N HIS B 283 30.09 8.18 -19.13
CA HIS B 283 29.47 9.50 -18.99
C HIS B 283 28.26 9.35 -18.07
N PHE B 284 27.75 10.50 -17.58
CA PHE B 284 26.58 10.50 -16.71
C PHE B 284 25.37 11.01 -17.49
N PHE B 285 24.19 11.02 -16.87
CA PHE B 285 23.01 11.59 -17.47
C PHE B 285 21.97 12.07 -16.44
N SER B 286 22.29 12.11 -15.14
CA SER B 286 21.33 12.57 -14.18
C SER B 286 20.35 11.45 -13.85
N VAL B 287 19.57 11.68 -12.78
CA VAL B 287 18.55 10.75 -12.32
C VAL B 287 17.17 11.22 -12.80
N ALA B 288 17.08 12.43 -13.36
CA ALA B 288 15.86 12.85 -14.02
C ALA B 288 15.73 12.16 -15.37
N GLU B 289 16.88 11.76 -15.92
CA GLU B 289 16.94 10.84 -17.04
C GLU B 289 16.81 9.40 -16.55
N VAL B 290 17.81 8.95 -15.78
CA VAL B 290 17.92 7.55 -15.44
C VAL B 290 16.54 7.00 -15.17
N LYS B 291 15.65 7.77 -14.54
CA LYS B 291 14.26 7.42 -14.36
C LYS B 291 13.45 7.62 -15.65
N LYS B 292 13.78 8.63 -16.49
CA LYS B 292 13.30 8.68 -17.88
C LYS B 292 14.12 7.77 -18.78
N MET B 293 14.58 6.65 -18.24
CA MET B 293 14.94 5.47 -19.04
C MET B 293 14.52 4.23 -18.27
N ILE B 294 13.60 4.38 -17.31
CA ILE B 294 12.85 3.31 -16.68
C ILE B 294 11.41 3.38 -17.16
N ASP B 295 10.86 4.60 -17.28
CA ASP B 295 9.53 4.80 -17.86
C ASP B 295 9.45 4.01 -19.17
N ILE B 296 10.38 4.28 -20.08
CA ILE B 296 10.24 3.91 -21.47
C ILE B 296 10.32 2.39 -21.60
N MET B 297 10.90 1.76 -20.58
CA MET B 297 10.95 0.30 -20.50
C MET B 297 9.60 -0.20 -20.01
N ALA B 298 9.00 0.54 -19.05
CA ALA B 298 7.77 0.14 -18.41
C ALA B 298 6.80 -0.38 -19.45
N ARG B 299 6.28 0.52 -20.28
CA ARG B 299 5.27 0.14 -21.27
C ARG B 299 5.62 -1.26 -21.78
N TYR B 300 6.82 -1.41 -22.36
CA TYR B 300 7.13 -2.57 -23.19
C TYR B 300 7.64 -3.74 -22.34
N LYS B 301 7.42 -3.68 -21.03
CA LYS B 301 7.44 -4.86 -20.17
C LYS B 301 8.84 -5.45 -20.07
N MET B 302 9.83 -4.57 -19.88
CA MET B 302 11.20 -5.02 -19.60
C MET B 302 11.43 -4.89 -18.10
N ASN B 303 12.35 -5.70 -17.55
CA ASN B 303 12.49 -5.80 -16.11
C ASN B 303 13.92 -5.52 -15.65
N VAL B 304 14.81 -6.51 -15.74
CA VAL B 304 16.15 -6.33 -15.21
C VAL B 304 16.82 -5.18 -15.96
N PHE B 305 16.66 -3.96 -15.40
CA PHE B 305 17.57 -2.85 -15.67
C PHE B 305 18.98 -3.31 -15.36
N HIS B 306 19.89 -3.11 -16.32
CA HIS B 306 21.31 -3.33 -16.05
C HIS B 306 21.98 -1.97 -15.95
N TRP B 307 22.94 -1.86 -14.99
CA TRP B 307 23.50 -0.57 -14.62
C TRP B 307 25.03 -0.65 -14.58
N HIS B 308 25.69 0.22 -15.36
CA HIS B 308 27.13 0.30 -15.44
C HIS B 308 27.58 1.50 -14.61
N LEU B 309 28.27 1.30 -13.47
CA LEU B 309 28.53 2.38 -12.54
C LEU B 309 30.00 2.81 -12.59
N THR B 310 30.83 2.04 -13.29
CA THR B 310 32.27 2.18 -13.16
C THR B 310 32.97 1.58 -14.38
N ASP B 311 33.82 2.39 -15.01
CA ASP B 311 34.76 1.98 -16.05
C ASP B 311 36.03 2.81 -15.86
N ASP B 312 37.07 2.59 -16.66
CA ASP B 312 38.21 3.50 -16.59
C ASP B 312 37.69 4.92 -16.40
N GLN B 313 36.89 5.36 -17.37
CA GLN B 313 36.58 6.76 -17.51
C GLN B 313 35.90 7.34 -16.28
N GLY B 314 35.08 6.53 -15.60
CA GLY B 314 34.21 7.05 -14.57
C GLY B 314 34.10 6.15 -13.36
N TRP B 315 33.34 6.62 -12.39
CA TRP B 315 32.84 5.85 -11.26
C TRP B 315 31.75 6.68 -10.61
N ARG B 316 30.63 6.04 -10.28
CA ARG B 316 29.42 6.75 -9.92
C ARG B 316 28.79 6.15 -8.65
N ALA B 317 29.12 4.90 -8.30
CA ALA B 317 28.68 4.32 -7.05
C ALA B 317 29.34 5.06 -5.89
N GLU B 318 28.56 5.70 -5.01
CA GLU B 318 29.22 6.19 -3.82
C GLU B 318 29.48 5.01 -2.90
N ILE B 319 30.76 4.69 -2.67
CA ILE B 319 31.21 3.82 -1.61
C ILE B 319 31.84 4.69 -0.53
N LYS B 320 31.46 4.45 0.73
CA LYS B 320 31.71 5.38 1.82
C LYS B 320 32.92 4.94 2.66
N ARG B 321 33.34 3.68 2.51
CA ARG B 321 34.49 3.15 3.24
C ARG B 321 35.75 3.41 2.42
N TYR B 322 35.64 4.33 1.46
CA TYR B 322 36.60 4.48 0.39
C TYR B 322 36.28 5.80 -0.34
N PRO B 323 36.25 6.95 0.38
CA PRO B 323 35.57 8.15 -0.11
C PRO B 323 36.15 8.74 -1.38
N LYS B 324 37.27 8.19 -1.88
CA LYS B 324 37.94 8.78 -3.04
C LYS B 324 37.75 7.91 -4.28
N LEU B 325 36.69 7.09 -4.27
CA LEU B 325 36.29 6.35 -5.45
C LEU B 325 35.53 7.23 -6.43
N THR B 326 34.89 8.26 -5.86
CA THR B 326 33.95 9.15 -6.54
C THR B 326 34.51 10.57 -6.54
N THR B 327 35.15 10.97 -5.44
CA THR B 327 36.02 12.13 -5.43
C THR B 327 36.87 12.10 -6.70
N VAL B 328 37.92 11.26 -6.71
CA VAL B 328 38.92 11.32 -7.78
C VAL B 328 38.38 10.58 -8.99
N GLY B 329 38.19 9.25 -8.84
CA GLY B 329 37.44 8.48 -9.79
C GLY B 329 36.53 9.34 -10.65
N ALA B 330 35.36 9.66 -10.13
CA ALA B 330 34.27 10.23 -10.92
C ALA B 330 34.78 11.26 -11.94
N THR B 331 35.57 12.20 -11.43
CA THR B 331 35.96 13.36 -12.22
C THR B 331 37.13 13.03 -13.13
N ARG B 332 37.18 13.72 -14.29
CA ARG B 332 38.40 13.92 -15.04
C ARG B 332 38.31 15.24 -15.80
N SER B 333 39.48 15.65 -16.32
CA SER B 333 39.66 16.91 -17.02
C SER B 333 39.40 16.75 -18.51
N ASP B 334 38.18 16.32 -18.88
CA ASP B 334 37.70 16.32 -20.25
C ASP B 334 36.24 15.84 -20.34
N ASN B 335 35.39 16.62 -20.99
CA ASN B 335 33.97 16.33 -21.18
C ASN B 335 33.75 14.83 -21.40
N VAL B 349 36.15 15.33 -23.59
CA VAL B 349 35.36 14.35 -24.38
C VAL B 349 36.19 13.08 -24.45
N TYR B 350 35.84 12.22 -25.41
CA TYR B 350 36.66 11.05 -25.72
C TYR B 350 37.55 11.30 -26.91
N TRP B 351 38.76 10.71 -26.87
CA TRP B 351 39.59 10.62 -28.05
C TRP B 351 38.92 9.63 -29.00
N THR B 352 39.73 9.14 -29.93
CA THR B 352 39.68 7.78 -30.44
C THR B 352 40.78 7.66 -31.50
N GLY B 353 42.03 7.74 -31.03
CA GLY B 353 43.18 7.84 -31.92
C GLY B 353 43.70 9.26 -32.01
N ASN B 354 42.91 10.13 -32.65
CA ASN B 354 43.24 11.51 -32.89
C ASN B 354 42.19 12.42 -32.24
N GLY B 355 40.91 12.18 -32.53
CA GLY B 355 39.82 12.83 -31.83
C GLY B 355 40.28 13.42 -30.51
N ALA B 356 39.81 14.63 -30.19
CA ALA B 356 40.41 15.43 -29.13
C ALA B 356 39.57 15.36 -27.87
N LYS B 357 40.25 15.43 -26.70
CA LYS B 357 39.60 15.83 -25.48
C LYS B 357 39.68 17.35 -25.44
N THR B 358 38.62 17.97 -24.93
CA THR B 358 38.55 19.42 -24.91
C THR B 358 38.99 19.90 -23.54
N GLY B 359 40.16 19.48 -23.09
CA GLY B 359 40.69 19.81 -21.77
C GLY B 359 39.82 20.74 -20.94
N LYS B 360 38.55 20.34 -20.71
CA LYS B 360 37.57 21.08 -19.94
C LYS B 360 36.85 20.08 -19.01
N PRO B 361 36.59 20.51 -17.75
CA PRO B 361 36.28 19.55 -16.67
C PRO B 361 34.98 18.81 -16.95
N TYR B 362 34.80 17.67 -16.27
CA TYR B 362 33.60 16.87 -16.43
C TYR B 362 33.62 15.72 -15.45
N GLY B 363 32.43 15.30 -15.06
CA GLY B 363 32.14 14.61 -13.82
C GLY B 363 30.63 14.45 -13.67
N PRO B 364 29.84 15.52 -13.95
CA PRO B 364 28.44 15.58 -13.58
C PRO B 364 27.85 14.21 -13.29
N TYR B 365 27.58 13.88 -12.01
CA TYR B 365 28.19 14.45 -10.81
C TYR B 365 28.17 13.39 -9.69
N PHE B 366 28.57 12.16 -10.07
CA PHE B 366 28.37 10.90 -9.36
C PHE B 366 27.04 10.80 -8.59
N TYR B 367 26.71 9.60 -8.13
CA TYR B 367 25.48 9.35 -7.42
C TYR B 367 25.75 9.25 -5.91
N THR B 368 25.40 10.32 -5.20
CA THR B 368 25.19 10.27 -3.75
C THR B 368 24.14 9.21 -3.46
N GLN B 369 24.35 8.44 -2.39
CA GLN B 369 23.69 7.15 -2.28
C GLN B 369 22.19 7.32 -2.51
N ASP B 370 21.54 8.29 -1.86
CA ASP B 370 20.11 8.51 -2.09
C ASP B 370 19.77 8.35 -3.55
N GLU B 371 20.55 9.01 -4.43
CA GLU B 371 20.23 9.00 -5.86
C GLU B 371 20.11 7.56 -6.32
N MET B 372 20.94 6.69 -5.73
CA MET B 372 21.03 5.29 -6.10
C MET B 372 19.78 4.51 -5.65
N ARG B 373 19.27 4.84 -4.46
CA ARG B 373 18.05 4.22 -3.97
C ARG B 373 16.83 4.95 -4.53
N GLU B 374 17.04 6.13 -5.07
CA GLU B 374 15.95 6.90 -5.66
C GLU B 374 15.44 6.18 -6.90
N VAL B 375 16.34 5.94 -7.85
CA VAL B 375 16.09 5.07 -8.99
C VAL B 375 15.46 3.76 -8.51
N VAL B 376 16.31 2.90 -7.93
CA VAL B 376 15.94 1.60 -7.42
C VAL B 376 14.57 1.64 -6.76
N ALA B 377 14.00 2.83 -6.51
CA ALA B 377 12.62 2.93 -6.02
C ALA B 377 11.67 2.82 -7.20
N TYR B 378 11.82 3.77 -8.13
CA TYR B 378 10.99 3.82 -9.32
C TYR B 378 10.63 2.38 -9.69
N ALA B 379 11.68 1.67 -10.11
CA ALA B 379 11.53 0.43 -10.85
C ALA B 379 10.43 -0.42 -10.21
N LYS B 380 10.45 -0.57 -8.88
CA LYS B 380 9.58 -1.58 -8.29
C LYS B 380 8.11 -1.14 -8.32
N GLU B 381 7.84 0.10 -8.77
CA GLU B 381 6.47 0.52 -9.07
C GLU B 381 6.14 0.10 -10.50
N ARG B 382 7.19 0.02 -11.32
CA ARG B 382 7.13 -0.40 -12.71
C ARG B 382 7.91 -1.71 -12.87
N HIS B 383 7.96 -2.47 -11.78
CA HIS B 383 8.48 -3.83 -11.73
C HIS B 383 9.69 -4.00 -12.65
N ILE B 384 10.72 -3.18 -12.42
CA ILE B 384 11.97 -3.27 -13.16
C ILE B 384 13.05 -3.58 -12.13
N GLU B 385 13.39 -4.86 -11.94
CA GLU B 385 14.48 -5.21 -11.02
C GLU B 385 15.79 -4.68 -11.60
N VAL B 386 16.83 -4.55 -10.76
CA VAL B 386 18.07 -3.86 -11.10
C VAL B 386 19.29 -4.72 -10.74
N LEU B 387 20.03 -5.24 -11.72
CA LEU B 387 21.41 -5.65 -11.53
C LEU B 387 22.29 -4.42 -11.27
N PRO B 388 23.19 -4.43 -10.27
CA PRO B 388 24.31 -3.49 -10.18
C PRO B 388 25.69 -4.04 -10.57
N GLU B 389 26.49 -3.22 -11.29
CA GLU B 389 27.70 -3.75 -11.94
C GLU B 389 28.96 -3.10 -11.38
N VAL B 390 29.75 -3.93 -10.66
CA VAL B 390 31.07 -3.59 -10.16
C VAL B 390 32.11 -4.23 -11.10
N ASP B 391 32.21 -3.68 -12.32
CA ASP B 391 32.99 -4.34 -13.35
C ASP B 391 34.43 -4.54 -12.83
N MET B 392 34.79 -5.82 -12.60
CA MET B 392 36.04 -6.23 -11.97
C MET B 392 36.63 -7.42 -12.74
N PRO B 393 37.94 -7.73 -12.71
CA PRO B 393 38.96 -6.93 -12.03
C PRO B 393 39.67 -5.92 -12.91
N GLY B 394 39.58 -6.09 -14.23
CA GLY B 394 40.06 -5.12 -15.19
C GLY B 394 39.11 -3.92 -15.21
N HIS B 395 38.88 -3.36 -16.42
CA HIS B 395 38.27 -2.06 -16.55
C HIS B 395 38.32 -1.26 -15.26
N PHE B 396 39.52 -0.81 -14.88
CA PHE B 396 39.68 -0.07 -13.64
C PHE B 396 40.93 0.79 -13.69
N VAL B 397 40.65 2.09 -13.85
CA VAL B 397 41.68 3.11 -13.76
C VAL B 397 41.18 4.21 -12.84
N ALA B 398 39.94 4.68 -13.08
CA ALA B 398 39.24 5.62 -12.23
C ALA B 398 39.50 5.29 -10.76
N ALA B 399 39.20 4.01 -10.41
CA ALA B 399 39.20 3.56 -9.03
C ALA B 399 40.43 2.72 -8.75
N MET B 400 41.52 3.05 -9.44
CA MET B 400 42.85 2.49 -9.26
C MET B 400 43.83 3.66 -9.16
N ALA B 401 43.76 4.58 -10.13
CA ALA B 401 44.44 5.86 -10.04
C ALA B 401 44.02 6.61 -8.78
N ALA B 402 42.88 6.22 -8.18
CA ALA B 402 42.33 6.79 -6.97
C ALA B 402 42.81 6.02 -5.74
N TYR B 403 43.22 4.75 -5.92
CA TYR B 403 43.79 3.97 -4.81
C TYR B 403 44.74 2.92 -5.37
N PRO B 404 45.83 3.32 -6.06
CA PRO B 404 46.64 2.38 -6.85
C PRO B 404 47.57 1.52 -6.01
N GLU B 405 47.84 1.96 -4.77
CA GLU B 405 48.82 1.31 -3.93
C GLU B 405 48.60 -0.20 -3.91
N TYR B 406 47.35 -0.63 -4.18
CA TYR B 406 46.99 -2.03 -4.23
C TYR B 406 46.82 -2.53 -5.67
N SER B 407 47.71 -2.07 -6.57
CA SER B 407 47.56 -2.23 -8.01
C SER B 407 48.87 -2.75 -8.63
N CYS B 408 48.83 -2.98 -9.94
CA CYS B 408 49.90 -3.70 -10.63
C CYS B 408 51.25 -2.99 -10.51
N ASN B 409 51.21 -1.65 -10.54
CA ASN B 409 52.35 -0.78 -10.63
C ASN B 409 52.01 0.51 -9.91
N PRO B 410 52.51 0.74 -8.67
CA PRO B 410 52.17 1.93 -7.90
C PRO B 410 52.81 3.26 -8.28
N SER B 411 54.04 3.22 -8.80
CA SER B 411 54.85 4.42 -9.00
C SER B 411 54.96 4.78 -10.49
N ARG B 412 53.81 4.69 -11.15
CA ARG B 412 53.75 4.86 -12.60
C ARG B 412 52.32 5.21 -12.92
N ALA B 413 52.07 6.29 -13.69
CA ALA B 413 50.83 7.03 -13.62
C ALA B 413 49.69 6.34 -14.34
N PRO B 414 48.72 5.73 -13.61
CA PRO B 414 47.35 5.59 -14.12
C PRO B 414 46.64 6.91 -13.85
N GLN B 415 45.71 7.31 -14.72
CA GLN B 415 45.15 8.64 -14.68
C GLN B 415 43.72 8.62 -15.22
N VAL B 416 42.81 9.27 -14.48
CA VAL B 416 41.38 9.06 -14.67
C VAL B 416 41.09 9.23 -16.16
N TRP B 417 41.16 8.11 -16.87
CA TRP B 417 41.17 8.12 -18.33
C TRP B 417 40.20 9.15 -18.85
N THR B 418 40.59 9.76 -19.97
CA THR B 418 39.83 10.81 -20.62
C THR B 418 39.17 10.31 -21.91
N GLY B 419 39.87 9.38 -22.58
CA GLY B 419 39.43 8.76 -23.80
C GLY B 419 38.62 7.52 -23.44
N GLY B 420 39.11 6.36 -23.87
CA GLY B 420 38.34 5.12 -23.92
C GLY B 420 38.96 4.21 -24.99
N GLY B 421 38.73 2.89 -24.91
CA GLY B 421 39.66 1.92 -25.49
C GLY B 421 40.00 0.82 -24.47
N ILE B 422 41.19 0.21 -24.59
CA ILE B 422 41.60 -0.90 -23.75
C ILE B 422 42.63 -0.42 -22.74
N SER B 423 42.52 -0.83 -21.47
CA SER B 423 43.43 -0.41 -20.42
C SER B 423 44.06 -1.63 -19.77
N SER B 424 45.38 -1.57 -19.50
CA SER B 424 46.13 -2.72 -19.02
C SER B 424 46.57 -2.51 -17.57
N ASP B 425 46.22 -1.35 -17.00
CA ASP B 425 46.63 -1.02 -15.65
C ASP B 425 45.54 -1.46 -14.68
N VAL B 426 45.30 -2.77 -14.67
CA VAL B 426 44.16 -3.39 -14.01
C VAL B 426 44.52 -3.64 -12.54
N LEU B 427 43.61 -4.31 -11.80
CA LEU B 427 43.68 -4.39 -10.34
C LEU B 427 44.47 -5.62 -9.89
N ASN B 428 45.80 -5.49 -9.85
CA ASN B 428 46.67 -6.57 -9.40
C ASN B 428 45.90 -7.43 -8.42
N VAL B 429 45.51 -8.63 -8.86
CA VAL B 429 44.56 -9.48 -8.19
C VAL B 429 45.24 -10.24 -7.05
N ALA B 430 46.59 -10.26 -7.02
CA ALA B 430 47.31 -11.13 -6.12
C ALA B 430 47.86 -10.35 -4.92
N ASN B 431 46.94 -9.76 -4.15
CA ASN B 431 47.25 -8.75 -3.17
C ASN B 431 46.07 -8.60 -2.22
N PRO B 432 45.93 -9.46 -1.20
CA PRO B 432 44.70 -9.57 -0.39
C PRO B 432 44.12 -8.31 0.27
N GLN B 433 44.39 -7.13 -0.34
CA GLN B 433 43.61 -5.93 -0.04
C GLN B 433 42.90 -5.45 -1.29
N ALA B 434 43.55 -5.57 -2.44
CA ALA B 434 42.89 -5.42 -3.73
C ALA B 434 41.56 -6.16 -3.70
N VAL B 435 41.61 -7.39 -3.16
CA VAL B 435 40.40 -8.14 -2.94
C VAL B 435 39.55 -7.37 -1.93
N GLU B 436 39.89 -7.48 -0.63
CA GLU B 436 39.09 -6.85 0.41
C GLU B 436 38.29 -5.71 -0.21
N PHE B 437 39.02 -4.78 -0.82
CA PHE B 437 38.40 -3.66 -1.50
C PHE B 437 37.15 -4.19 -2.20
N ALA B 438 37.33 -5.05 -3.21
CA ALA B 438 36.18 -5.66 -3.87
C ALA B 438 35.21 -6.16 -2.82
N LYS B 439 35.62 -7.17 -2.04
CA LYS B 439 34.70 -7.88 -1.17
C LYS B 439 33.93 -6.90 -0.29
N ASN B 440 34.55 -5.76 0.06
CA ASN B 440 33.89 -4.79 0.91
C ASN B 440 32.87 -4.01 0.08
N ILE B 441 33.07 -3.95 -1.24
CA ILE B 441 32.08 -3.33 -2.12
C ILE B 441 30.86 -4.23 -2.12
N LEU B 442 31.08 -5.53 -2.33
CA LEU B 442 30.00 -6.52 -2.40
C LEU B 442 29.20 -6.58 -1.10
N ASP B 443 29.60 -5.77 -0.11
CA ASP B 443 28.77 -5.47 1.05
C ASP B 443 27.87 -4.29 0.72
N GLU B 444 28.48 -3.25 0.11
CA GLU B 444 27.79 -1.98 -0.09
C GLU B 444 26.57 -2.23 -0.96
N LEU B 445 26.81 -2.82 -2.13
CA LEU B 445 25.75 -3.31 -2.97
C LEU B 445 24.64 -3.89 -2.08
N CYS B 446 24.89 -5.06 -1.47
CA CYS B 446 23.83 -5.79 -0.79
C CYS B 446 22.79 -4.78 -0.28
N ASP B 447 23.31 -3.84 0.51
CA ASP B 447 22.53 -2.85 1.25
C ASP B 447 21.58 -2.12 0.30
N ILE B 448 22.12 -1.54 -0.78
CA ILE B 448 21.32 -0.73 -1.68
C ILE B 448 20.40 -1.62 -2.53
N PHE B 449 20.99 -2.75 -2.98
CA PHE B 449 20.42 -3.57 -4.03
C PHE B 449 20.04 -4.93 -3.43
N PRO B 450 18.71 -5.21 -3.32
CA PRO B 450 18.22 -6.52 -2.90
C PRO B 450 18.14 -7.60 -3.98
N TYR B 451 18.73 -7.34 -5.15
CA TYR B 451 18.43 -8.13 -6.35
C TYR B 451 19.43 -9.28 -6.48
N PRO B 452 18.98 -10.51 -6.80
CA PRO B 452 19.77 -11.71 -6.50
C PRO B 452 20.95 -12.02 -7.42
N TYR B 453 21.43 -11.03 -8.18
CA TYR B 453 22.59 -11.17 -9.04
C TYR B 453 23.39 -9.87 -8.99
N ILE B 454 24.72 -10.00 -9.07
CA ILE B 454 25.65 -8.88 -9.02
C ILE B 454 26.54 -8.96 -10.26
N HIS B 455 26.57 -7.91 -11.08
CA HIS B 455 27.21 -8.04 -12.38
C HIS B 455 28.66 -7.57 -12.31
N VAL B 456 29.62 -8.52 -12.38
CA VAL B 456 30.99 -8.26 -11.95
C VAL B 456 31.95 -8.47 -13.11
N GLY B 457 31.46 -8.25 -14.34
CA GLY B 457 32.28 -7.95 -15.51
C GLY B 457 33.23 -9.09 -15.94
N GLY B 458 34.50 -8.81 -15.74
CA GLY B 458 35.58 -9.71 -16.20
C GLY B 458 35.68 -9.78 -17.73
N ASP B 459 35.50 -8.62 -18.35
CA ASP B 459 35.55 -8.46 -19.81
C ASP B 459 36.91 -7.89 -20.23
N GLU B 460 37.31 -8.23 -21.47
CA GLU B 460 38.45 -7.61 -22.14
C GLU B 460 39.44 -7.10 -21.09
N CYS B 461 40.15 -8.04 -20.44
CA CYS B 461 41.10 -7.72 -19.41
C CYS B 461 42.47 -8.31 -19.76
N PRO B 462 43.39 -7.48 -20.30
CA PRO B 462 44.78 -7.90 -20.55
C PRO B 462 45.54 -8.46 -19.36
N THR B 463 46.49 -9.36 -19.63
CA THR B 463 47.43 -9.85 -18.63
C THR B 463 48.74 -9.10 -18.68
N THR B 464 48.86 -8.08 -19.53
CA THR B 464 50.15 -7.46 -19.84
C THR B 464 50.68 -6.60 -18.69
N GLN B 465 50.21 -6.85 -17.45
CA GLN B 465 50.92 -6.37 -16.27
C GLN B 465 51.00 -7.49 -15.22
N TRP B 466 50.09 -8.45 -15.35
CA TRP B 466 50.19 -9.70 -14.61
C TRP B 466 51.48 -10.41 -15.00
N GLU B 467 51.61 -10.78 -16.29
CA GLU B 467 52.85 -11.35 -16.78
C GLU B 467 54.05 -10.85 -15.97
N HIS B 468 54.15 -9.50 -15.82
CA HIS B 468 55.28 -8.84 -15.19
C HIS B 468 55.07 -8.58 -13.70
N ASN B 469 53.93 -8.99 -13.12
CA ASN B 469 53.65 -8.67 -11.73
C ASN B 469 53.98 -9.85 -10.83
N ASP B 470 54.81 -9.60 -9.80
CA ASP B 470 55.54 -10.64 -9.11
C ASP B 470 54.71 -11.39 -8.08
N LEU B 471 53.48 -10.98 -7.80
CA LEU B 471 52.56 -11.79 -7.01
C LEU B 471 51.68 -12.59 -7.96
N CYS B 472 51.48 -12.02 -9.13
CA CYS B 472 50.79 -12.61 -10.25
C CYS B 472 51.75 -13.55 -11.00
N GLN B 473 52.90 -13.92 -10.41
CA GLN B 473 53.66 -15.13 -10.75
C GLN B 473 54.02 -15.90 -9.47
N GLN B 474 53.29 -15.59 -8.38
CA GLN B 474 53.49 -16.24 -7.09
C GLN B 474 52.21 -16.95 -6.65
N LYS B 475 51.05 -16.34 -6.88
CA LYS B 475 49.81 -17.12 -6.81
C LYS B 475 49.87 -18.20 -7.88
N TYR B 476 50.28 -17.89 -9.10
CA TYR B 476 50.17 -18.85 -10.20
C TYR B 476 51.07 -20.09 -10.04
N LYS B 477 51.93 -20.09 -9.02
CA LYS B 477 52.66 -21.29 -8.67
C LYS B 477 52.10 -21.88 -7.38
N GLU B 478 51.03 -21.33 -6.84
CA GLU B 478 50.27 -21.94 -5.79
C GLU B 478 49.61 -23.12 -6.46
N LEU B 479 48.82 -22.80 -7.49
CA LEU B 479 48.06 -23.84 -8.21
C LEU B 479 49.02 -24.74 -8.97
N GLY B 480 49.64 -24.21 -10.03
CA GLY B 480 50.31 -25.05 -11.03
C GLY B 480 49.53 -25.14 -12.36
N LEU B 481 49.31 -23.95 -12.95
CA LEU B 481 49.00 -23.79 -14.37
C LEU B 481 49.70 -22.59 -14.99
N THR B 482 49.76 -22.59 -16.33
CA THR B 482 50.68 -21.76 -17.08
C THR B 482 49.96 -20.69 -17.92
N SER B 483 48.84 -20.16 -17.43
CA SER B 483 48.17 -19.10 -18.17
C SER B 483 47.56 -18.09 -17.21
N TYR B 484 47.85 -16.80 -17.43
CA TYR B 484 47.64 -15.77 -16.44
C TYR B 484 46.24 -15.18 -16.55
N ARG B 485 45.42 -15.70 -17.45
CA ARG B 485 44.00 -15.39 -17.37
C ARG B 485 43.45 -15.85 -16.01
N GLN B 486 44.03 -16.98 -15.52
CA GLN B 486 43.28 -17.84 -14.61
C GLN B 486 43.15 -17.29 -13.22
N LEU B 487 43.76 -16.14 -12.88
CA LEU B 487 43.36 -15.46 -11.66
C LEU B 487 41.97 -14.89 -11.89
N GLN B 488 41.74 -14.32 -13.06
CA GLN B 488 40.44 -13.77 -13.38
C GLN B 488 39.36 -14.82 -13.12
N ALA B 489 39.68 -16.10 -13.01
CA ALA B 489 38.73 -17.01 -12.38
C ALA B 489 38.97 -16.94 -10.88
N HIS B 490 40.22 -17.23 -10.49
CA HIS B 490 40.57 -17.45 -9.10
C HIS B 490 40.45 -16.17 -8.27
N PHE B 491 40.19 -15.03 -8.94
CA PHE B 491 39.85 -13.79 -8.26
C PHE B 491 38.36 -13.76 -7.92
N ILE B 492 37.59 -14.49 -8.75
CA ILE B 492 36.15 -14.40 -8.79
C ILE B 492 35.58 -15.50 -7.92
N LYS B 493 36.09 -16.74 -8.11
CA LYS B 493 35.82 -17.80 -7.13
C LYS B 493 35.72 -17.11 -5.76
N ASP B 494 36.87 -16.74 -5.17
CA ASP B 494 36.85 -16.10 -3.86
C ASP B 494 35.46 -15.53 -3.57
N LEU B 495 34.99 -14.63 -4.45
CA LEU B 495 33.89 -13.74 -4.14
C LEU B 495 32.62 -14.53 -3.84
N ALA B 496 32.50 -15.71 -4.44
CA ALA B 496 31.34 -16.57 -4.25
C ALA B 496 31.31 -17.10 -2.83
N ASP B 497 32.50 -17.36 -2.26
CA ASP B 497 32.62 -18.22 -1.08
C ASP B 497 32.69 -17.37 0.19
N PHE B 498 32.63 -16.05 0.01
CA PHE B 498 32.26 -15.13 1.09
C PHE B 498 30.88 -14.57 0.80
N VAL B 499 30.43 -14.78 -0.45
CA VAL B 499 29.01 -14.73 -0.80
C VAL B 499 28.45 -16.15 -0.73
N ALA B 500 29.04 -16.98 0.11
CA ALA B 500 28.48 -18.28 0.51
C ALA B 500 28.26 -18.22 2.03
N THR B 501 27.70 -17.09 2.49
CA THR B 501 26.89 -16.98 3.68
C THR B 501 25.67 -16.14 3.28
N LYS B 502 25.94 -14.92 2.78
CA LYS B 502 25.45 -14.43 1.50
C LYS B 502 23.94 -14.34 1.35
N ASN B 503 23.55 -13.93 0.12
CA ASN B 503 22.23 -14.06 -0.45
C ASN B 503 22.23 -13.40 -1.84
N LYS B 504 23.05 -13.91 -2.77
CA LYS B 504 23.26 -13.26 -4.07
C LYS B 504 24.19 -14.09 -4.96
N HIS B 505 24.16 -13.81 -6.27
CA HIS B 505 24.80 -14.61 -7.31
C HIS B 505 25.79 -13.74 -8.09
N LEU B 506 26.37 -14.27 -9.20
CA LEU B 506 27.29 -13.53 -10.05
C LEU B 506 26.90 -13.61 -11.53
N VAL B 507 27.34 -12.61 -12.29
CA VAL B 507 27.11 -12.56 -13.74
C VAL B 507 28.44 -12.23 -14.43
N CYS B 508 28.53 -12.42 -15.75
CA CYS B 508 29.74 -12.04 -16.44
C CYS B 508 29.54 -11.70 -17.91
N TRP B 509 30.50 -10.93 -18.44
CA TRP B 509 30.74 -10.89 -19.88
C TRP B 509 31.41 -12.19 -20.30
N ASN B 510 31.65 -12.39 -21.60
CA ASN B 510 31.91 -13.76 -22.05
C ASN B 510 33.37 -13.97 -22.47
N GLU B 511 34.21 -12.97 -22.25
CA GLU B 511 35.65 -13.17 -22.33
C GLU B 511 36.09 -13.85 -21.03
N ALA B 512 35.26 -13.76 -19.99
CA ALA B 512 35.43 -14.57 -18.78
C ALA B 512 35.03 -16.01 -19.06
N ILE B 513 35.35 -16.49 -20.26
CA ILE B 513 35.26 -17.88 -20.64
C ILE B 513 36.39 -18.17 -21.64
N THR B 514 37.60 -17.72 -21.28
CA THR B 514 38.83 -18.06 -21.94
C THR B 514 39.86 -18.23 -20.81
N ALA B 515 39.52 -19.15 -19.92
CA ALA B 515 40.40 -19.50 -18.82
C ALA B 515 40.17 -20.95 -18.40
N GLY B 516 40.53 -21.24 -17.15
CA GLY B 516 39.94 -22.33 -16.39
C GLY B 516 38.66 -21.82 -15.73
N GLY B 517 37.55 -22.00 -16.45
CA GLY B 517 36.25 -21.52 -16.01
C GLY B 517 35.73 -22.37 -14.85
N ALA B 518 35.84 -23.69 -14.98
CA ALA B 518 35.44 -24.67 -13.99
C ALA B 518 36.32 -24.57 -12.74
N ASP B 519 36.77 -23.36 -12.43
CA ASP B 519 37.34 -23.02 -11.13
C ASP B 519 36.61 -21.79 -10.58
N LEU B 520 35.47 -21.44 -11.18
CA LEU B 520 34.77 -20.19 -10.92
C LEU B 520 34.02 -20.28 -9.59
N GLN B 525 32.54 -22.56 -10.93
CA GLN B 525 32.24 -23.79 -11.68
C GLN B 525 31.51 -23.39 -12.95
N THR B 526 30.20 -23.20 -12.79
CA THR B 526 29.29 -22.84 -13.85
C THR B 526 28.00 -22.34 -13.21
N GLN B 527 28.16 -21.71 -12.03
CA GLN B 527 27.04 -21.06 -11.35
C GLN B 527 27.20 -19.54 -11.39
N SER B 528 27.29 -19.03 -12.62
CA SER B 528 27.52 -17.63 -12.92
C SER B 528 27.09 -17.38 -14.36
N THR B 529 25.81 -17.00 -14.50
CA THR B 529 25.19 -16.44 -15.68
C THR B 529 26.21 -15.69 -16.54
N ILE B 530 26.18 -15.98 -17.84
CA ILE B 530 26.94 -15.29 -18.87
C ILE B 530 26.05 -14.23 -19.52
N MET B 531 26.65 -13.30 -20.28
CA MET B 531 25.90 -12.25 -20.96
C MET B 531 26.53 -11.99 -22.34
N SER B 532 26.16 -12.82 -23.32
CA SER B 532 27.06 -13.18 -24.41
C SER B 532 27.02 -12.23 -25.60
N TRP B 533 27.73 -11.10 -25.55
CA TRP B 533 27.76 -10.13 -26.63
C TRP B 533 28.63 -10.66 -27.77
N ASN B 534 29.96 -10.49 -27.69
CA ASN B 534 30.91 -11.08 -28.60
C ASN B 534 30.41 -12.47 -28.95
N PRO B 535 30.92 -13.14 -30.00
CA PRO B 535 30.22 -14.31 -30.52
C PRO B 535 29.07 -14.68 -29.58
N CYS B 536 27.89 -14.07 -29.82
CA CYS B 536 26.65 -14.53 -29.24
C CYS B 536 26.46 -16.01 -29.50
N GLN B 537 25.83 -16.39 -30.61
CA GLN B 537 25.50 -17.79 -30.87
C GLN B 537 26.68 -18.66 -30.41
N GLU B 538 27.88 -18.37 -30.92
CA GLU B 538 29.09 -19.14 -30.65
C GLU B 538 29.50 -19.00 -29.18
N GLY B 539 28.94 -18.05 -28.45
CA GLY B 539 29.22 -17.82 -27.04
C GLY B 539 28.04 -18.24 -26.16
N VAL B 540 26.82 -17.84 -26.52
CA VAL B 540 25.63 -18.44 -25.94
C VAL B 540 25.89 -19.94 -25.81
N ALA B 541 26.12 -20.61 -26.95
CA ALA B 541 26.33 -22.05 -27.05
C ALA B 541 27.44 -22.55 -26.12
N LYS B 542 28.64 -22.01 -26.33
CA LYS B 542 29.83 -22.42 -25.61
C LYS B 542 29.92 -21.66 -24.28
N ALA B 543 29.13 -20.59 -24.14
CA ALA B 543 29.26 -19.68 -23.02
C ALA B 543 27.91 -19.52 -22.32
N VAL B 544 27.49 -20.55 -21.58
CA VAL B 544 28.00 -21.91 -21.71
C VAL B 544 26.82 -22.84 -21.49
N LYS B 545 26.14 -23.18 -22.57
CA LYS B 545 25.05 -24.15 -22.53
C LYS B 545 25.66 -25.48 -22.13
N LYS B 546 26.79 -25.81 -22.80
CA LYS B 546 27.39 -27.13 -22.66
C LYS B 546 28.67 -27.04 -21.83
N LEU B 547 28.60 -26.22 -20.82
CA LEU B 547 29.08 -26.68 -19.51
C LEU B 547 27.82 -26.86 -18.65
N GLY B 548 26.88 -25.92 -18.81
CA GLY B 548 25.67 -25.90 -18.00
C GLY B 548 25.38 -24.53 -17.38
N LEU B 549 26.00 -23.50 -17.97
CA LEU B 549 25.99 -22.15 -17.47
C LEU B 549 24.80 -21.41 -18.05
N PRO B 550 23.94 -20.78 -17.22
CA PRO B 550 22.95 -19.85 -17.72
C PRO B 550 23.57 -18.92 -18.75
N ALA B 551 22.72 -18.06 -19.32
CA ALA B 551 23.14 -17.05 -20.28
C ALA B 551 21.97 -16.11 -20.57
N ILE B 552 22.30 -14.83 -20.76
CA ILE B 552 21.37 -13.77 -21.15
C ILE B 552 21.86 -13.27 -22.50
N VAL B 553 21.10 -13.65 -23.52
CA VAL B 553 21.54 -13.55 -24.91
C VAL B 553 21.31 -12.12 -25.38
N LYS B 558 22.88 -9.89 -26.63
CA LYS B 558 23.51 -8.55 -26.81
C LYS B 558 24.32 -8.49 -28.10
N GLY B 559 23.73 -9.03 -29.17
CA GLY B 559 24.48 -9.34 -30.38
C GLY B 559 25.07 -8.09 -31.03
N ASP B 560 26.31 -7.75 -30.63
CA ASP B 560 27.00 -6.59 -31.19
C ASP B 560 26.33 -6.18 -32.50
N GLY B 561 26.26 -7.16 -33.41
CA GLY B 561 25.58 -6.98 -34.69
C GLY B 561 24.13 -7.41 -34.57
N GLY B 562 23.40 -6.72 -33.70
CA GLY B 562 21.98 -6.93 -33.50
C GLY B 562 21.45 -6.04 -32.39
N TYR B 563 21.69 -6.45 -31.14
CA TYR B 563 21.07 -5.85 -29.96
C TYR B 563 21.89 -4.72 -29.34
N TYR B 564 23.06 -4.35 -29.85
CA TYR B 564 23.69 -3.15 -29.32
C TYR B 564 22.98 -1.89 -29.81
N ILE B 565 21.96 -1.48 -29.06
CA ILE B 565 21.22 -0.27 -29.41
C ILE B 565 22.01 0.96 -28.98
N CYS B 566 23.27 1.07 -29.40
CA CYS B 566 23.99 2.34 -29.27
C CYS B 566 24.99 2.45 -30.40
N ARG B 567 24.52 2.11 -31.62
CA ARG B 567 25.38 2.09 -32.79
C ARG B 567 24.65 2.72 -33.96
N LYS B 568 25.37 3.47 -34.82
CA LYS B 568 24.78 4.31 -35.84
C LYS B 568 23.69 3.53 -36.57
N GLN B 569 22.50 4.13 -36.73
CA GLN B 569 21.30 3.36 -37.04
C GLN B 569 20.83 3.53 -38.46
N SER B 570 21.70 3.97 -39.39
CA SER B 570 21.23 4.38 -40.71
C SER B 570 22.24 5.26 -41.44
N ASN B 571 22.39 5.02 -42.75
CA ASN B 571 23.50 5.56 -43.52
C ASN B 571 23.16 6.93 -44.11
N ASP B 572 22.48 7.78 -43.32
CA ASP B 572 22.56 9.20 -43.59
C ASP B 572 24.02 9.58 -43.32
N TYR B 573 24.53 10.59 -44.06
CA TYR B 573 25.60 11.42 -43.57
C TYR B 573 25.03 12.31 -42.47
N GLY B 574 23.81 12.82 -42.69
CA GLY B 574 23.15 13.72 -41.76
C GLY B 574 23.34 13.27 -40.29
N GLU B 575 23.21 11.95 -40.07
CA GLU B 575 22.91 11.47 -38.73
C GLU B 575 24.08 11.82 -37.79
N PRO B 576 23.84 12.42 -36.62
CA PRO B 576 24.85 12.58 -35.56
C PRO B 576 25.86 11.45 -35.36
N SER B 577 26.92 11.75 -34.61
CA SER B 577 28.03 10.83 -34.47
C SER B 577 27.58 9.60 -33.70
N GLY B 578 28.48 8.62 -33.53
CA GLY B 578 28.22 7.45 -32.72
C GLY B 578 29.00 6.25 -33.24
N ALA B 579 28.61 5.04 -32.81
CA ALA B 579 29.43 3.85 -33.03
C ALA B 579 29.12 3.22 -34.39
N GLY B 580 30.08 2.43 -34.90
CA GLY B 580 29.94 1.65 -36.12
C GLY B 580 29.38 2.46 -37.29
N TYR B 581 29.70 1.96 -38.48
CA TYR B 581 29.28 2.50 -39.76
C TYR B 581 27.81 2.90 -39.66
N GLY B 582 26.92 1.90 -39.72
CA GLY B 582 25.49 2.12 -39.81
C GLY B 582 24.75 0.96 -40.46
N ASN B 583 24.83 -0.23 -39.82
CA ASN B 583 23.99 -1.36 -40.18
C ASN B 583 22.81 -1.45 -39.22
N ASP B 584 23.04 -1.13 -37.94
CA ASP B 584 22.07 -1.38 -36.87
C ASP B 584 20.84 -0.45 -37.00
N GLY B 585 19.94 -0.81 -37.89
CA GLY B 585 18.65 -0.15 -37.93
C GLY B 585 17.68 -0.81 -36.93
N VAL B 586 16.39 -0.75 -37.27
CA VAL B 586 15.38 -1.45 -36.48
C VAL B 586 15.09 -2.80 -37.13
N GLU B 587 15.46 -2.97 -38.39
CA GLU B 587 15.60 -4.25 -39.06
C GLU B 587 16.57 -5.12 -38.27
N GLY B 588 17.85 -5.16 -38.67
CA GLY B 588 18.81 -6.09 -38.11
C GLY B 588 19.00 -5.95 -36.60
N CYS B 589 18.00 -5.40 -35.90
CA CYS B 589 17.93 -5.52 -34.44
C CYS B 589 16.56 -5.96 -33.95
N TYR B 590 15.55 -6.03 -34.85
CA TYR B 590 14.32 -6.74 -34.53
C TYR B 590 14.32 -8.14 -35.15
N ASN B 591 14.73 -8.20 -36.43
CA ASN B 591 14.85 -9.42 -37.20
C ASN B 591 16.15 -10.13 -36.84
N TYR B 592 16.31 -10.34 -35.54
CA TYR B 592 17.46 -11.02 -34.94
C TYR B 592 16.93 -12.29 -34.26
N VAL B 593 17.65 -13.41 -34.48
CA VAL B 593 17.23 -14.72 -34.03
C VAL B 593 18.29 -15.31 -33.10
N PRO B 594 18.14 -15.21 -31.75
CA PRO B 594 19.04 -15.88 -30.81
C PRO B 594 18.88 -17.41 -30.63
N VAL B 595 17.98 -18.04 -31.39
CA VAL B 595 17.49 -19.38 -31.05
C VAL B 595 18.03 -20.45 -32.02
N GLN B 596 17.77 -20.24 -33.31
CA GLN B 596 18.09 -21.20 -34.35
C GLN B 596 19.53 -21.68 -34.24
N GLY B 597 19.73 -22.93 -34.70
CA GLY B 597 21.01 -23.61 -34.61
C GLY B 597 21.13 -24.40 -33.32
N MET B 598 20.57 -23.85 -32.23
CA MET B 598 20.92 -24.28 -30.88
C MET B 598 19.86 -25.23 -30.37
N TYR B 599 20.14 -26.55 -30.30
CA TYR B 599 19.11 -27.54 -30.07
C TYR B 599 18.36 -27.25 -28.79
N THR B 600 17.24 -27.95 -28.61
CA THR B 600 16.38 -27.75 -27.44
C THR B 600 16.66 -28.79 -26.36
N GLN B 601 17.35 -29.87 -26.75
CA GLN B 601 17.63 -30.97 -25.83
C GLN B 601 18.52 -30.46 -24.69
N GLU B 602 17.85 -30.06 -23.61
CA GLU B 602 18.43 -29.25 -22.55
C GLU B 602 18.59 -27.85 -23.11
N GLN B 603 19.61 -27.12 -22.66
CA GLN B 603 19.93 -25.82 -23.24
C GLN B 603 18.80 -24.81 -22.99
N MET B 604 17.81 -24.73 -23.91
CA MET B 604 17.12 -23.47 -24.15
C MET B 604 16.20 -23.09 -22.98
N ALA B 605 16.41 -23.75 -21.83
CA ALA B 605 15.98 -23.25 -20.54
C ALA B 605 17.20 -22.96 -19.68
N LEU B 606 18.24 -22.40 -20.31
CA LEU B 606 19.35 -21.78 -19.59
C LEU B 606 19.73 -20.46 -20.27
N VAL B 607 19.38 -20.25 -21.55
CA VAL B 607 19.23 -18.91 -22.09
C VAL B 607 18.13 -18.18 -21.33
N LYS B 608 18.53 -17.42 -20.30
CA LYS B 608 17.53 -16.73 -19.52
C LYS B 608 16.78 -15.76 -20.45
N GLY B 609 17.48 -14.92 -21.22
CA GLY B 609 16.85 -13.69 -21.69
C GLY B 609 17.53 -12.98 -22.86
N VAL B 610 17.25 -11.68 -22.97
CA VAL B 610 17.89 -10.82 -23.94
C VAL B 610 18.12 -9.46 -23.31
N GLN B 611 18.99 -8.66 -23.91
CA GLN B 611 19.21 -7.32 -23.41
C GLN B 611 19.81 -6.43 -24.49
N GLY B 612 19.52 -5.14 -24.39
CA GLY B 612 19.93 -4.14 -25.36
C GLY B 612 20.88 -3.14 -24.75
N THR B 613 22.07 -3.66 -24.40
CA THR B 613 23.19 -2.92 -23.84
C THR B 613 23.51 -1.69 -24.66
N PHE B 614 24.18 -0.71 -24.00
CA PHE B 614 24.37 0.63 -24.52
C PHE B 614 25.68 1.21 -23.96
N TRP B 615 26.49 1.79 -24.85
CA TRP B 615 27.84 2.21 -24.53
C TRP B 615 28.00 3.68 -24.90
N THR B 616 28.24 4.48 -23.86
CA THR B 616 28.29 5.92 -23.99
C THR B 616 29.72 6.39 -24.19
N GLU B 617 30.55 5.66 -24.95
CA GLU B 617 31.78 6.28 -25.38
C GLU B 617 31.41 7.59 -26.09
N HIS B 618 30.77 7.46 -27.24
CA HIS B 618 30.54 8.56 -28.17
C HIS B 618 29.17 9.21 -27.95
N VAL B 619 28.67 9.19 -26.71
CA VAL B 619 27.27 9.44 -26.40
C VAL B 619 27.22 10.01 -24.99
N GLY B 620 26.61 11.17 -24.80
CA GLY B 620 26.57 11.69 -23.44
C GLY B 620 25.68 12.90 -23.25
N THR B 621 24.39 12.77 -23.59
CA THR B 621 23.36 13.73 -23.26
C THR B 621 22.01 12.99 -23.17
N ASN B 622 20.91 13.74 -22.98
CA ASN B 622 19.59 13.17 -23.03
C ASN B 622 19.15 13.04 -24.49
N GLU B 623 18.91 14.18 -25.15
CA GLU B 623 18.58 14.19 -26.57
C GLU B 623 18.94 12.83 -27.16
N TYR B 624 20.24 12.58 -27.35
CA TYR B 624 20.72 11.53 -28.25
C TYR B 624 20.71 10.16 -27.57
N LEU B 625 20.57 10.07 -26.25
CA LEU B 625 20.32 8.78 -25.63
C LEU B 625 18.94 8.27 -26.01
N GLU B 626 17.98 9.19 -26.10
CA GLU B 626 16.60 8.88 -26.46
C GLU B 626 16.47 8.93 -27.99
N TYR B 627 17.62 8.99 -28.67
CA TYR B 627 17.66 8.94 -30.10
C TYR B 627 18.03 7.49 -30.42
N LEU B 628 19.30 7.24 -30.74
CA LEU B 628 19.98 5.96 -30.59
C LEU B 628 19.07 4.93 -29.92
N ALA B 629 18.80 5.05 -28.64
CA ALA B 629 18.00 4.03 -27.98
C ALA B 629 16.77 3.75 -28.83
N LEU B 630 15.95 4.77 -29.05
CA LEU B 630 14.56 4.61 -29.45
C LEU B 630 14.45 4.74 -30.98
N PRO B 631 13.63 3.91 -31.68
CA PRO B 631 12.80 2.88 -31.06
C PRO B 631 13.41 1.50 -30.89
N ARG B 632 14.66 1.31 -31.36
CA ARG B 632 15.23 -0.03 -31.36
C ARG B 632 14.99 -0.69 -30.00
N LEU B 633 15.03 0.12 -28.96
CA LEU B 633 14.59 -0.30 -27.63
C LEU B 633 13.47 -1.29 -27.78
N ILE B 634 12.36 -0.90 -28.42
CA ILE B 634 11.18 -1.76 -28.45
C ILE B 634 11.55 -3.13 -29.00
N CYS B 635 12.10 -3.16 -30.23
CA CYS B 635 12.53 -4.39 -30.87
C CYS B 635 13.04 -5.38 -29.81
N VAL B 636 14.12 -4.98 -29.14
CA VAL B 636 14.81 -5.83 -28.18
C VAL B 636 13.87 -6.16 -27.01
N ALA B 637 12.85 -5.31 -26.80
CA ALA B 637 11.88 -5.46 -25.72
C ALA B 637 10.73 -6.36 -26.14
N GLU B 638 10.34 -6.27 -27.43
CA GLU B 638 9.39 -7.21 -27.98
C GLU B 638 10.02 -8.60 -27.91
N ALA B 639 10.95 -8.89 -28.84
CA ALA B 639 11.68 -10.14 -28.81
C ALA B 639 11.80 -10.65 -27.39
N GLY B 640 12.27 -9.78 -26.51
CA GLY B 640 12.34 -10.07 -25.10
C GLY B 640 11.10 -10.83 -24.65
N TRP B 641 9.92 -10.23 -24.94
CA TRP B 641 8.67 -10.75 -24.42
C TRP B 641 7.90 -11.58 -25.48
N THR B 642 7.94 -11.18 -26.76
CA THR B 642 7.19 -11.88 -27.80
C THR B 642 8.02 -13.08 -28.28
N PRO B 643 7.40 -14.28 -28.46
CA PRO B 643 8.13 -15.48 -28.90
C PRO B 643 8.32 -15.53 -30.42
N GLN B 644 9.43 -16.13 -30.85
CA GLN B 644 9.84 -16.03 -32.24
C GLN B 644 8.65 -16.17 -33.16
N VAL B 645 7.91 -17.27 -33.00
CA VAL B 645 6.88 -17.63 -33.98
C VAL B 645 6.17 -16.35 -34.43
N PHE B 646 5.77 -15.54 -33.44
CA PHE B 646 4.96 -14.35 -33.64
C PHE B 646 5.85 -13.12 -33.58
N LYS B 647 7.00 -13.19 -34.28
CA LYS B 647 7.85 -12.04 -34.50
C LYS B 647 7.86 -11.70 -35.99
N ASN B 648 6.92 -10.85 -36.43
CA ASN B 648 6.72 -10.56 -37.84
C ASN B 648 6.79 -9.05 -38.07
N TRP B 649 7.50 -8.62 -39.12
CA TRP B 649 8.09 -7.28 -39.16
C TRP B 649 7.12 -6.26 -39.73
N ASP B 650 6.24 -6.70 -40.65
CA ASP B 650 5.44 -5.77 -41.43
C ASP B 650 4.11 -5.47 -40.76
N ASN B 651 3.69 -6.30 -39.80
CA ASN B 651 2.66 -5.93 -38.85
C ASN B 651 3.30 -5.20 -37.67
N PHE B 652 4.64 -5.33 -37.55
CA PHE B 652 5.40 -4.60 -36.56
C PHE B 652 5.52 -3.13 -36.97
N ARG B 653 6.13 -2.89 -38.14
CA ARG B 653 6.34 -1.52 -38.59
C ARG B 653 5.16 -0.68 -38.12
N THR B 654 4.00 -0.88 -38.76
CA THR B 654 2.84 -0.02 -38.54
C THR B 654 2.77 0.31 -37.06
N ARG B 655 2.53 -0.74 -36.25
CA ARG B 655 2.29 -0.57 -34.82
C ARG B 655 3.10 0.57 -34.24
N LEU B 656 4.36 0.78 -34.69
CA LEU B 656 5.18 1.80 -34.07
C LEU B 656 4.91 3.19 -34.64
N ALA B 657 4.32 3.31 -35.84
CA ALA B 657 3.96 4.62 -36.35
C ALA B 657 2.63 5.06 -35.78
N ASN B 658 2.18 4.33 -34.75
CA ASN B 658 1.08 4.74 -33.89
C ASN B 658 1.64 5.33 -32.60
N GLN B 659 2.63 4.63 -32.04
CA GLN B 659 3.03 4.82 -30.65
C GLN B 659 3.64 6.19 -30.41
N THR B 660 3.88 6.94 -31.50
CA THR B 660 4.83 8.06 -31.50
C THR B 660 4.18 9.24 -30.83
N GLN B 661 2.87 9.43 -31.02
CA GLN B 661 2.14 10.43 -30.26
C GLN B 661 2.49 10.31 -28.77
N TRP B 662 3.08 9.19 -28.36
CA TRP B 662 3.52 8.93 -27.02
C TRP B 662 5.04 8.71 -26.96
N LEU B 663 5.77 9.52 -27.71
CA LEU B 663 7.18 9.80 -27.56
C LEU B 663 7.36 11.29 -27.83
N ASP B 664 6.63 11.77 -28.85
CA ASP B 664 6.32 13.18 -28.97
C ASP B 664 5.85 13.66 -27.62
N ASP B 665 4.59 13.36 -27.29
CA ASP B 665 3.93 13.96 -26.16
C ASP B 665 4.87 14.06 -24.95
N HIS B 666 5.50 12.96 -24.58
CA HIS B 666 6.31 12.86 -23.38
C HIS B 666 7.71 13.44 -23.57
N GLY B 667 7.88 14.36 -24.54
CA GLY B 667 9.17 14.98 -24.78
C GLY B 667 10.31 13.98 -24.91
N TYR B 668 10.05 12.85 -25.60
CA TYR B 668 11.08 11.87 -25.90
C TYR B 668 11.52 12.09 -27.34
N VAL B 669 12.84 12.00 -27.52
CA VAL B 669 13.42 11.95 -28.86
C VAL B 669 13.16 10.53 -29.39
N TYR B 670 13.23 10.36 -30.71
CA TYR B 670 13.23 9.04 -31.34
C TYR B 670 13.67 9.17 -32.79
N ALA B 671 14.56 8.27 -33.24
CA ALA B 671 15.09 8.32 -34.59
C ALA B 671 13.96 8.21 -35.61
N ARG B 672 14.06 8.99 -36.71
CA ARG B 672 12.95 9.13 -37.63
C ARG B 672 12.96 8.06 -38.72
N HIS B 673 13.96 8.11 -39.59
CA HIS B 673 13.95 7.38 -40.86
C HIS B 673 12.66 6.58 -40.94
N TRP B 674 12.65 5.47 -40.21
CA TRP B 674 11.50 4.61 -40.04
C TRP B 674 10.23 5.45 -40.12
N MET B 675 10.11 6.39 -39.17
CA MET B 675 8.87 7.07 -38.85
C MET B 675 8.40 7.94 -40.03
N PRO B 676 7.19 7.67 -40.60
CA PRO B 676 6.75 8.37 -41.81
C PRO B 676 5.99 9.66 -41.48
N GLY B 677 6.72 10.65 -40.95
CA GLY B 677 6.05 11.84 -40.43
C GLY B 677 6.72 13.12 -40.89
N ALA C 129 8.43 -13.59 31.14
CA ALA C 129 8.94 -12.32 31.69
C ALA C 129 9.05 -11.27 30.57
N ASP C 130 8.17 -11.32 29.54
CA ASP C 130 7.98 -10.15 28.70
C ASP C 130 7.50 -9.02 29.61
N GLU C 131 7.89 -7.79 29.27
CA GLU C 131 7.92 -6.62 30.14
C GLU C 131 7.32 -5.44 29.39
N THR C 132 6.38 -4.74 30.04
CA THR C 132 5.30 -4.02 29.39
C THR C 132 4.10 -4.95 29.33
N ARG C 133 3.80 -5.62 30.44
CA ARG C 133 3.01 -6.84 30.43
C ARG C 133 2.08 -6.84 29.21
N SER C 134 2.27 -7.89 28.39
CA SER C 134 1.43 -8.37 27.32
C SER C 134 -0.01 -7.82 27.31
N PHE C 135 -0.91 -8.58 26.72
CA PHE C 135 -2.36 -8.43 26.85
C PHE C 135 -2.91 -9.75 27.40
N TRP C 136 -2.67 -10.81 26.61
CA TRP C 136 -3.05 -12.19 26.90
C TRP C 136 -1.81 -13.07 26.83
N ILE C 137 -1.75 -14.05 27.74
CA ILE C 137 -0.71 -15.08 27.73
C ILE C 137 -1.23 -16.32 28.47
N THR C 138 -0.71 -17.50 28.11
CA THR C 138 -0.94 -18.76 28.82
C THR C 138 0.02 -19.82 28.23
N CYS C 139 0.31 -20.85 29.04
CA CYS C 139 1.56 -21.61 28.90
C CYS C 139 1.28 -23.06 28.55
N GLN C 140 2.37 -23.80 28.25
CA GLN C 140 2.38 -25.16 27.74
C GLN C 140 3.72 -25.78 28.14
N ALA C 141 3.84 -27.11 28.04
CA ALA C 141 4.81 -27.86 28.84
C ALA C 141 6.16 -28.04 28.14
N GLY C 142 7.22 -27.44 28.71
CA GLY C 142 8.59 -27.82 28.40
C GLY C 142 9.52 -26.62 28.21
N GLY C 143 10.64 -26.88 27.51
CA GLY C 143 11.42 -25.88 26.82
C GLY C 143 11.42 -26.10 25.30
N THR C 144 12.00 -25.11 24.60
CA THR C 144 12.01 -25.03 23.14
C THR C 144 13.42 -24.59 22.73
N LYS C 145 13.59 -23.97 21.54
CA LYS C 145 14.84 -24.07 20.80
C LYS C 145 15.24 -22.76 20.11
N TYR C 146 16.45 -22.78 19.53
CA TYR C 146 16.84 -22.04 18.33
C TYR C 146 17.66 -22.94 17.41
N LEU C 147 18.68 -23.58 17.96
CA LEU C 147 19.56 -24.51 17.27
C LEU C 147 20.42 -23.78 16.24
N ASN C 148 21.57 -24.40 15.95
CA ASN C 148 22.62 -23.75 15.17
C ASN C 148 22.12 -23.42 13.77
N SER C 167 12.75 -6.67 4.12
CA SER C 167 13.18 -5.47 4.85
C SER C 167 12.38 -5.36 6.15
N THR C 168 12.60 -6.34 7.04
CA THR C 168 12.04 -6.38 8.38
C THR C 168 12.47 -7.64 9.10
N PHE C 169 12.16 -8.85 8.66
CA PHE C 169 12.59 -10.00 9.43
C PHE C 169 14.09 -9.84 9.75
N TYR C 170 14.89 -9.57 8.70
CA TYR C 170 16.33 -9.71 8.81
C TYR C 170 16.93 -8.70 9.78
N ILE C 171 16.14 -7.74 10.29
CA ILE C 171 16.62 -6.90 11.38
C ILE C 171 16.40 -7.64 12.70
N TYR C 172 16.24 -8.97 12.60
CA TYR C 172 16.34 -9.85 13.75
C TYR C 172 17.34 -10.98 13.46
N LYS C 173 17.97 -10.94 12.28
CA LYS C 173 19.13 -11.74 11.97
C LYS C 173 20.30 -10.79 11.76
N VAL C 174 21.48 -11.22 12.21
CA VAL C 174 22.52 -10.30 12.67
C VAL C 174 21.96 -9.54 13.86
N SER C 175 21.27 -8.42 13.61
CA SER C 175 20.60 -7.61 14.62
C SER C 175 21.03 -8.03 16.02
N GLU C 176 20.39 -9.06 16.60
CA GLU C 176 20.70 -9.48 17.97
C GLU C 176 21.34 -10.87 17.98
N GLU C 177 21.17 -11.61 16.88
CA GLU C 177 21.18 -13.06 16.90
C GLU C 177 22.59 -13.60 16.79
N GLN C 178 23.42 -13.03 15.88
CA GLN C 178 24.85 -13.38 15.85
C GLN C 178 25.68 -12.17 16.29
N ILE C 179 25.17 -11.43 17.27
CA ILE C 179 25.96 -10.62 18.17
C ILE C 179 26.31 -11.49 19.39
N ALA C 180 25.97 -12.77 19.37
CA ALA C 180 26.13 -13.65 20.51
C ALA C 180 25.85 -15.11 20.12
N VAL C 181 24.57 -15.45 19.92
CA VAL C 181 24.03 -16.71 20.42
C VAL C 181 25.15 -17.73 20.35
N PRO C 182 25.72 -18.09 19.18
CA PRO C 182 27.04 -18.75 19.11
C PRO C 182 28.19 -17.77 18.85
N ARG C 192 30.36 -18.56 12.88
CA ARG C 192 29.85 -18.92 11.52
C ARG C 192 29.43 -20.39 11.47
N GLY C 193 28.26 -20.62 10.88
CA GLY C 193 27.67 -21.94 10.73
C GLY C 193 26.24 -21.75 10.26
N ALA C 194 25.34 -21.45 11.19
CA ALA C 194 24.13 -20.74 10.86
C ALA C 194 23.45 -20.21 12.14
N GLU C 195 22.40 -19.44 11.89
CA GLU C 195 21.64 -18.71 12.87
C GLU C 195 20.20 -19.11 12.57
N LEU C 196 19.63 -18.55 11.50
CA LEU C 196 18.42 -19.10 10.88
C LEU C 196 18.49 -18.88 9.36
N ASN C 197 18.83 -19.92 8.59
CA ASN C 197 18.79 -19.84 7.14
C ASN C 197 18.71 -21.24 6.53
N GLY C 198 19.55 -21.49 5.53
CA GLY C 198 19.78 -22.84 5.02
C GLY C 198 18.48 -23.53 4.60
N GLU C 199 17.74 -24.02 5.61
CA GLU C 199 16.57 -24.83 5.42
C GLU C 199 16.58 -25.35 3.98
N GLY C 200 15.95 -24.61 3.06
CA GLY C 200 15.85 -25.06 1.67
C GLY C 200 14.65 -24.47 0.94
N ARG C 201 13.45 -25.05 1.17
CA ARG C 201 12.21 -24.40 0.76
C ARG C 201 11.70 -23.57 1.93
N LEU C 202 12.35 -22.40 2.14
CA LEU C 202 12.02 -21.52 3.24
C LEU C 202 10.51 -21.44 3.49
N ALA C 203 9.71 -21.46 2.42
CA ALA C 203 8.27 -21.29 2.50
C ALA C 203 7.50 -22.62 2.54
N LEU C 204 8.04 -23.66 3.19
CA LEU C 204 7.35 -24.93 3.30
C LEU C 204 6.90 -25.15 4.74
N SER C 205 5.58 -25.31 4.92
CA SER C 205 4.99 -25.70 6.20
C SER C 205 5.32 -27.16 6.54
N ALA C 206 6.37 -27.71 5.90
CA ALA C 206 7.01 -28.95 6.27
C ALA C 206 8.46 -28.69 6.66
N MET C 207 8.79 -27.41 6.93
CA MET C 207 10.19 -27.03 7.10
C MET C 207 10.37 -26.09 8.28
N ASP C 208 9.34 -25.89 9.13
CA ASP C 208 9.15 -24.60 9.81
C ASP C 208 9.44 -24.76 11.30
N ASN C 209 10.28 -23.88 11.81
CA ASN C 209 10.66 -23.84 13.21
C ASN C 209 10.23 -22.52 13.85
N ILE C 210 10.40 -21.45 13.08
CA ILE C 210 10.05 -20.08 13.41
C ILE C 210 9.36 -19.51 12.17
N SER C 211 8.03 -19.52 12.13
CA SER C 211 7.26 -19.22 10.94
C SER C 211 6.73 -17.80 10.94
N PHE C 212 6.82 -17.08 9.81
CA PHE C 212 6.26 -15.75 9.73
C PHE C 212 5.20 -15.65 8.66
N THR C 213 4.09 -14.95 8.97
CA THR C 213 2.91 -14.87 8.15
C THR C 213 2.05 -13.71 8.63
N THR C 214 1.03 -13.34 7.83
CA THR C 214 0.13 -12.25 8.08
C THR C 214 -1.31 -12.75 8.18
N ASP C 215 -2.06 -12.18 9.13
CA ASP C 215 -3.50 -12.32 9.18
C ASP C 215 -4.10 -10.94 9.08
N PRO C 216 -4.28 -10.37 7.86
CA PRO C 216 -4.77 -9.01 7.63
C PRO C 216 -5.93 -8.49 8.48
N ALA C 217 -6.18 -9.13 9.64
CA ALA C 217 -7.41 -9.01 10.39
C ALA C 217 -7.03 -8.47 11.77
N LEU C 218 -5.87 -8.93 12.29
CA LEU C 218 -5.27 -8.38 13.49
C LEU C 218 -4.98 -6.90 13.25
N ALA C 219 -5.20 -6.07 14.28
CA ALA C 219 -4.98 -4.64 14.14
C ALA C 219 -3.53 -4.39 13.76
N GLU C 220 -3.16 -3.12 13.58
CA GLU C 220 -1.84 -2.77 13.04
C GLU C 220 -0.72 -3.32 13.93
N GLU C 221 -0.57 -2.75 15.12
CA GLU C 221 0.51 -3.11 16.03
C GLU C 221 0.21 -4.41 16.75
N ALA C 222 -0.75 -5.20 16.25
CA ALA C 222 -1.15 -6.41 16.97
C ALA C 222 -0.38 -7.60 16.43
N TYR C 223 0.16 -8.41 17.36
CA TYR C 223 1.01 -9.54 16.98
C TYR C 223 0.50 -10.79 17.70
N VAL C 224 0.97 -11.97 17.24
CA VAL C 224 0.74 -13.22 17.93
C VAL C 224 2.02 -14.05 17.91
N LEU C 225 2.17 -14.90 18.93
CA LEU C 225 3.40 -15.63 19.15
C LEU C 225 3.08 -16.95 19.82
N ASN C 226 2.83 -17.99 19.03
CA ASN C 226 2.69 -19.34 19.55
C ASN C 226 4.10 -19.91 19.73
N ILE C 227 4.35 -20.53 20.89
CA ILE C 227 5.65 -21.11 21.21
C ILE C 227 5.40 -22.53 21.69
N THR C 228 5.94 -23.49 20.93
CA THR C 228 5.89 -24.92 21.21
C THR C 228 7.23 -25.51 20.78
N ALA C 229 7.42 -26.81 21.06
CA ALA C 229 8.52 -27.57 20.48
C ALA C 229 8.20 -27.89 19.02
N ASP C 230 6.95 -27.70 18.59
CA ASP C 230 6.58 -27.84 17.17
C ASP C 230 7.25 -26.71 16.40
N GLY C 231 7.17 -25.49 16.95
CA GLY C 231 7.57 -24.29 16.23
C GLY C 231 7.24 -23.01 17.00
N ILE C 232 7.61 -21.86 16.42
CA ILE C 232 7.31 -20.56 17.00
C ILE C 232 6.56 -19.70 15.97
N SER C 233 5.36 -20.15 15.60
CA SER C 233 4.55 -19.37 14.67
C SER C 233 4.39 -17.98 15.29
N VAL C 234 4.70 -16.97 14.46
CA VAL C 234 4.36 -15.59 14.69
C VAL C 234 3.41 -15.18 13.56
N ALA C 235 2.14 -14.97 13.87
CA ALA C 235 1.21 -14.33 12.97
C ALA C 235 1.22 -12.84 13.29
N SER C 236 0.43 -12.03 12.57
CA SER C 236 0.59 -10.59 12.60
C SER C 236 -0.45 -9.90 11.73
N SER C 237 -0.14 -8.68 11.28
CA SER C 237 -0.98 -7.92 10.36
C SER C 237 -0.45 -6.50 10.13
N THR C 238 0.82 -6.21 10.48
CA THR C 238 1.49 -5.00 10.00
C THR C 238 2.88 -4.94 10.61
N GLU C 239 3.90 -4.65 9.79
CA GLU C 239 5.28 -4.71 10.20
C GLU C 239 5.40 -4.39 11.69
N LYS C 240 4.83 -3.26 12.09
CA LYS C 240 4.70 -2.87 13.49
C LYS C 240 4.30 -4.09 14.30
N GLY C 241 3.21 -4.74 13.90
CA GLY C 241 2.82 -5.99 14.55
C GLY C 241 4.03 -6.90 14.72
N LYS C 242 4.74 -7.15 13.62
CA LYS C 242 5.72 -8.20 13.54
C LYS C 242 6.98 -7.84 14.30
N PHE C 243 7.30 -6.53 14.35
CA PHE C 243 8.52 -6.09 15.00
C PHE C 243 8.51 -6.47 16.47
N TYR C 244 7.37 -6.32 17.12
CA TYR C 244 7.26 -6.55 18.56
C TYR C 244 7.29 -8.03 18.87
N ALA C 245 6.79 -8.85 17.94
CA ALA C 245 6.54 -10.25 18.25
C ALA C 245 7.85 -10.94 18.63
N LEU C 246 9.00 -10.44 18.14
CA LEU C 246 10.30 -10.99 18.52
C LEU C 246 10.98 -10.13 19.58
N GLN C 247 10.21 -9.20 20.16
CA GLN C 247 10.64 -8.48 21.36
C GLN C 247 10.32 -9.37 22.56
N SER C 248 9.02 -9.62 22.82
CA SER C 248 8.64 -10.69 23.73
C SER C 248 9.73 -11.75 23.69
N LEU C 249 9.80 -12.42 22.52
CA LEU C 249 10.67 -13.57 22.33
C LEU C 249 12.05 -13.24 22.89
N ALA C 250 12.63 -12.14 22.37
CA ALA C 250 13.95 -11.71 22.85
C ALA C 250 13.98 -11.86 24.36
N GLN C 251 13.10 -11.10 25.05
CA GLN C 251 13.09 -11.04 26.50
C GLN C 251 12.75 -12.39 27.14
N LEU C 252 12.13 -13.31 26.38
CA LEU C 252 11.97 -14.68 26.84
C LEU C 252 13.33 -15.36 26.77
N ALA C 253 13.70 -15.74 25.56
CA ALA C 253 14.98 -16.39 25.32
C ALA C 253 16.09 -15.53 25.94
N GLU C 254 16.20 -15.55 27.26
CA GLU C 254 17.01 -14.59 27.96
C GLU C 254 16.76 -13.21 27.34
N GLY C 255 17.61 -12.25 27.60
CA GLY C 255 17.62 -11.01 26.85
C GLY C 255 18.78 -10.99 25.86
N ASN C 256 19.75 -11.93 25.93
CA ASN C 256 20.57 -12.22 24.76
C ASN C 256 19.78 -13.26 23.96
N ALA C 257 20.12 -14.53 24.18
CA ALA C 257 19.24 -15.66 23.91
C ALA C 257 19.89 -16.97 24.35
N GLU C 258 19.03 -17.88 24.83
CA GLU C 258 19.42 -19.23 25.18
C GLU C 258 18.18 -20.12 25.07
N GLY C 259 17.42 -20.29 26.15
CA GLY C 259 16.36 -21.29 26.15
C GLY C 259 14.96 -20.71 26.35
N LEU C 260 13.99 -21.16 25.53
CA LEU C 260 12.59 -20.79 25.65
C LEU C 260 11.77 -21.91 26.29
N PRO C 261 10.60 -21.57 26.88
CA PRO C 261 9.55 -22.54 27.21
C PRO C 261 8.50 -22.57 26.09
N LEU C 262 7.27 -22.96 26.43
CA LEU C 262 6.17 -22.95 25.47
C LEU C 262 5.04 -22.06 25.98
N VAL C 263 4.28 -21.42 25.09
CA VAL C 263 3.24 -20.46 25.45
C VAL C 263 2.55 -19.96 24.18
N ARG C 264 1.40 -19.28 24.36
CA ARG C 264 0.88 -18.36 23.34
C ARG C 264 0.81 -16.94 23.89
N ILE C 265 1.31 -15.98 23.11
CA ILE C 265 1.39 -14.59 23.53
C ILE C 265 0.71 -13.71 22.49
N ALA C 266 -0.62 -13.69 22.56
CA ALA C 266 -1.40 -12.65 21.93
C ALA C 266 -1.17 -11.36 22.70
N ASP C 267 -0.90 -10.27 21.96
CA ASP C 267 -0.64 -8.98 22.56
C ASP C 267 -0.98 -7.90 21.55
N LYS C 268 -1.31 -6.73 22.11
CA LYS C 268 -1.78 -5.55 21.42
C LYS C 268 -1.69 -4.40 22.42
N PRO C 269 -1.51 -3.14 21.95
CA PRO C 269 -1.32 -2.00 22.86
C PRO C 269 -2.59 -1.30 23.31
N ARG C 270 -2.74 -1.10 24.62
CA ARG C 270 -3.76 -0.18 25.11
C ARG C 270 -3.74 1.06 24.21
N PHE C 271 -2.56 1.72 24.21
CA PHE C 271 -2.35 3.01 23.57
C PHE C 271 -1.39 2.87 22.40
N GLY C 272 -1.71 3.61 21.32
CA GLY C 272 -0.98 3.53 20.06
C GLY C 272 -0.05 4.71 19.88
N TYR C 273 0.04 5.58 20.89
CA TYR C 273 1.00 6.68 20.88
C TYR C 273 1.70 6.70 22.23
N ARG C 274 2.82 5.98 22.30
CA ARG C 274 3.60 5.81 23.51
C ARG C 274 4.92 6.50 23.29
N GLY C 275 5.26 7.52 24.09
CA GLY C 275 6.37 8.38 23.69
C GLY C 275 7.30 8.79 24.83
N PHE C 276 8.44 9.36 24.42
CA PHE C 276 9.37 10.12 25.23
C PHE C 276 9.42 11.49 24.57
N MET C 277 10.47 12.26 24.88
CA MET C 277 10.75 13.52 24.23
C MET C 277 12.06 14.08 24.77
N LEU C 278 12.81 14.71 23.87
CA LEU C 278 14.13 15.24 24.20
C LEU C 278 14.04 16.75 24.15
N ASP C 279 14.15 17.41 25.31
CA ASP C 279 14.56 18.79 25.33
C ASP C 279 16.03 18.81 24.91
N VAL C 280 16.21 18.99 23.59
CA VAL C 280 17.50 19.09 22.93
C VAL C 280 17.81 20.56 22.68
N SER C 281 17.06 21.47 23.31
CA SER C 281 17.10 22.90 23.03
C SER C 281 17.85 23.60 24.14
N ARG C 282 17.49 23.27 25.38
CA ARG C 282 18.22 23.67 26.57
C ARG C 282 19.60 23.04 26.60
N HIS C 283 19.90 22.09 25.70
CA HIS C 283 21.18 21.42 25.63
C HIS C 283 21.14 20.33 24.55
N PHE C 284 22.33 19.92 24.12
CA PHE C 284 22.47 19.00 22.99
C PHE C 284 22.83 17.62 23.54
N PHE C 285 22.74 16.61 22.63
CA PHE C 285 23.15 15.26 22.98
C PHE C 285 23.59 14.43 21.77
N SER C 286 24.20 15.07 20.80
CA SER C 286 25.04 14.34 19.85
C SER C 286 24.19 13.41 19.00
N VAL C 287 24.78 12.86 17.95
CA VAL C 287 24.03 12.07 16.99
C VAL C 287 23.84 10.67 17.56
N ALA C 288 24.83 10.22 18.34
CA ALA C 288 24.95 8.82 18.69
C ALA C 288 24.32 8.59 20.05
N GLU C 289 23.85 9.66 20.71
CA GLU C 289 23.00 9.48 21.88
C GLU C 289 21.55 9.39 21.41
N VAL C 290 21.00 10.50 20.88
CA VAL C 290 19.62 10.47 20.41
C VAL C 290 19.32 9.09 19.82
N LYS C 291 20.24 8.59 18.99
CA LYS C 291 20.14 7.22 18.50
C LYS C 291 20.03 6.27 19.68
N LYS C 292 20.97 6.40 20.64
CA LYS C 292 20.89 5.70 21.92
C LYS C 292 19.96 6.45 22.88
N MET C 293 18.83 6.90 22.33
CA MET C 293 17.63 7.13 23.11
C MET C 293 16.44 6.59 22.33
N ILE C 294 16.58 6.39 21.00
CA ILE C 294 15.60 5.61 20.24
C ILE C 294 15.65 4.15 20.71
N ASP C 295 16.88 3.67 20.93
CA ASP C 295 17.12 2.32 21.40
C ASP C 295 16.20 2.04 22.58
N ILE C 296 16.28 2.88 23.62
CA ILE C 296 15.78 2.55 24.94
C ILE C 296 14.26 2.45 24.90
N MET C 297 13.66 3.02 23.85
CA MET C 297 12.23 2.89 23.61
C MET C 297 11.98 1.55 22.90
N ALA C 298 12.89 1.17 22.01
CA ALA C 298 12.71 0.00 21.15
C ALA C 298 12.17 -1.16 21.97
N ARG C 299 13.02 -1.73 22.83
CA ARG C 299 12.63 -2.88 23.64
C ARG C 299 11.15 -2.71 24.00
N TYR C 300 10.81 -1.62 24.70
CA TYR C 300 9.55 -1.51 25.43
C TYR C 300 8.46 -0.93 24.55
N LYS C 301 8.66 -0.94 23.23
CA LYS C 301 7.58 -0.74 22.27
C LYS C 301 7.00 0.68 22.34
N MET C 302 7.87 1.70 22.45
CA MET C 302 7.40 3.08 22.35
C MET C 302 7.70 3.64 20.96
N ASN C 303 6.92 4.64 20.50
CA ASN C 303 6.90 4.95 19.07
C ASN C 303 7.11 6.44 18.81
N VAL C 304 6.11 7.25 19.17
CA VAL C 304 6.18 8.69 18.96
C VAL C 304 7.42 9.25 19.64
N PHE C 305 8.53 9.30 18.91
CA PHE C 305 9.63 10.17 19.28
C PHE C 305 9.13 11.60 19.22
N HIS C 306 9.23 12.31 20.34
CA HIS C 306 8.99 13.75 20.33
C HIS C 306 10.34 14.45 20.48
N TRP C 307 10.53 15.55 19.76
CA TRP C 307 11.82 16.19 19.61
C TRP C 307 11.66 17.71 19.77
N HIS C 308 12.42 18.28 20.71
CA HIS C 308 12.39 19.69 21.06
C HIS C 308 13.62 20.34 20.45
N LEU C 309 13.44 20.95 19.28
CA LEU C 309 14.51 21.47 18.45
C LEU C 309 14.79 22.94 18.78
N THR C 310 13.92 23.54 19.58
CA THR C 310 13.92 24.97 19.79
C THR C 310 13.21 25.28 21.10
N ASP C 311 13.95 25.99 21.95
CA ASP C 311 13.44 26.74 23.09
C ASP C 311 14.33 27.97 23.20
N ASP C 312 13.97 28.89 24.11
CA ASP C 312 14.76 30.09 24.27
C ASP C 312 16.22 29.69 24.08
N GLN C 313 16.71 28.83 24.97
CA GLN C 313 18.13 28.64 25.21
C GLN C 313 18.89 28.27 23.94
N GLY C 314 18.27 27.50 23.04
CA GLY C 314 18.98 27.00 21.89
C GLY C 314 18.11 26.91 20.65
N TRP C 315 18.66 26.28 19.63
CA TRP C 315 18.00 26.01 18.35
C TRP C 315 18.86 25.00 17.63
N ARG C 316 18.23 23.96 17.06
CA ARG C 316 18.95 22.77 16.64
C ARG C 316 18.53 22.35 15.23
N ALA C 317 17.33 22.73 14.79
CA ALA C 317 16.90 22.43 13.44
C ALA C 317 17.70 23.30 12.48
N GLU C 318 18.45 22.68 11.57
CA GLU C 318 19.01 23.47 10.48
C GLU C 318 17.86 23.80 9.54
N ILE C 319 17.54 25.09 9.45
CA ILE C 319 16.63 25.69 8.50
C ILE C 319 17.52 26.50 7.55
N LYS C 320 17.26 26.35 6.24
CA LYS C 320 18.26 26.64 5.21
C LYS C 320 18.02 28.02 4.56
N ARG C 321 16.80 28.54 4.71
CA ARG C 321 16.46 29.84 4.13
C ARG C 321 16.75 30.90 5.18
N TYR C 322 17.58 30.56 6.18
CA TYR C 322 17.66 31.34 7.42
C TYR C 322 18.94 30.90 8.14
N PRO C 323 20.13 31.16 7.53
CA PRO C 323 21.38 30.66 8.05
C PRO C 323 21.79 31.20 9.42
N LYS C 324 20.97 32.05 10.02
CA LYS C 324 21.28 32.67 11.31
C LYS C 324 20.51 32.02 12.45
N LEU C 325 19.77 30.93 12.18
CA LEU C 325 19.03 30.27 13.25
C LEU C 325 19.93 29.32 14.04
N THR C 326 21.04 28.92 13.41
CA THR C 326 21.96 27.93 13.92
C THR C 326 23.31 28.59 14.20
N THR C 327 23.74 29.49 13.29
CA THR C 327 24.84 30.39 13.60
C THR C 327 24.57 31.00 14.98
N VAL C 328 23.70 32.01 15.06
CA VAL C 328 23.52 32.75 16.30
C VAL C 328 22.65 31.94 17.25
N GLY C 329 21.39 31.75 16.93
CA GLY C 329 20.52 30.87 17.71
C GLY C 329 21.31 29.85 18.50
N ALA C 330 21.71 28.76 17.83
CA ALA C 330 22.29 27.58 18.45
C ALA C 330 23.20 27.96 19.63
N THR C 331 24.15 28.84 19.35
CA THR C 331 25.25 29.13 20.26
C THR C 331 24.79 30.16 21.28
N ARG C 332 25.34 30.06 22.50
CA ARG C 332 25.17 31.08 23.51
C ARG C 332 26.37 30.96 24.44
N SER C 333 26.65 32.03 25.20
CA SER C 333 27.92 32.12 25.91
C SER C 333 27.80 31.52 27.31
N ASP C 334 27.40 30.23 27.40
CA ASP C 334 27.32 29.51 28.66
C ASP C 334 26.92 28.05 28.43
N ASN C 335 27.71 27.13 29.02
CA ASN C 335 27.43 25.70 29.05
C ASN C 335 25.93 25.45 29.09
N VAL C 349 25.85 26.57 32.17
CA VAL C 349 24.57 25.87 32.46
C VAL C 349 23.51 26.95 32.63
N TYR C 350 22.47 26.66 33.42
CA TYR C 350 21.33 27.56 33.57
C TYR C 350 21.53 28.43 34.81
N TRP C 351 20.99 29.65 34.79
CA TRP C 351 20.62 30.31 36.04
C TRP C 351 19.51 29.49 36.68
N THR C 352 18.92 30.05 37.72
CA THR C 352 17.53 29.84 38.12
C THR C 352 17.36 30.50 39.48
N GLY C 353 17.34 31.84 39.46
CA GLY C 353 17.27 32.63 40.67
C GLY C 353 18.62 33.23 41.01
N ASN C 354 19.54 32.39 41.52
CA ASN C 354 20.87 32.86 41.85
C ASN C 354 21.92 32.12 41.04
N GLY C 355 21.94 30.78 41.14
CA GLY C 355 22.86 29.99 40.32
C GLY C 355 23.15 30.69 39.01
N ALA C 356 24.43 30.64 38.58
CA ALA C 356 24.92 31.48 37.50
C ALA C 356 24.99 30.68 36.21
N LYS C 357 25.46 31.35 35.15
CA LYS C 357 25.85 30.74 33.88
C LYS C 357 27.39 30.66 33.87
N THR C 358 27.98 29.69 33.19
CA THR C 358 29.40 29.43 33.40
C THR C 358 30.24 30.23 32.42
N GLY C 359 29.90 31.51 32.17
CA GLY C 359 30.60 32.31 31.16
C GLY C 359 31.70 31.50 30.49
N LYS C 360 31.27 30.48 29.74
CA LYS C 360 32.09 29.62 28.89
C LYS C 360 31.20 29.22 27.73
N PRO C 361 31.55 29.53 26.46
CA PRO C 361 30.64 29.29 25.33
C PRO C 361 30.21 27.84 25.21
N TYR C 362 29.07 27.62 24.53
CA TYR C 362 28.46 26.32 24.39
C TYR C 362 27.29 26.45 23.43
N GLY C 363 27.04 25.36 22.73
CA GLY C 363 26.33 25.27 21.47
C GLY C 363 26.47 23.84 20.98
N PRO C 364 27.72 23.30 20.93
CA PRO C 364 27.96 21.95 20.44
C PRO C 364 26.68 21.14 20.34
N TYR C 365 26.17 20.91 19.11
CA TYR C 365 26.82 21.17 17.84
C TYR C 365 25.72 20.91 16.82
N PHE C 366 24.70 21.79 16.86
CA PHE C 366 23.45 21.78 16.08
C PHE C 366 23.35 20.69 15.00
N TYR C 367 22.13 20.46 14.50
CA TYR C 367 21.87 19.31 13.64
C TYR C 367 21.71 19.73 12.18
N THR C 368 22.78 19.55 11.40
CA THR C 368 22.73 19.71 9.95
C THR C 368 21.71 18.72 9.40
N GLN C 369 20.97 19.14 8.37
CA GLN C 369 19.81 18.41 7.92
C GLN C 369 20.07 16.91 7.90
N ASP C 370 21.14 16.42 7.26
CA ASP C 370 21.34 14.98 7.23
C ASP C 370 21.11 14.37 8.60
N GLU C 371 21.67 15.01 9.64
CA GLU C 371 21.57 14.47 11.00
C GLU C 371 20.11 14.23 11.34
N MET C 372 19.25 15.10 10.80
CA MET C 372 17.82 15.07 11.07
C MET C 372 17.15 13.88 10.37
N ARG C 373 17.63 13.54 9.16
CA ARG C 373 17.17 12.36 8.44
C ARG C 373 17.93 11.12 8.92
N GLU C 374 19.07 11.32 9.57
CA GLU C 374 19.92 10.22 10.02
C GLU C 374 19.17 9.47 11.11
N VAL C 375 18.86 10.20 12.20
CA VAL C 375 18.01 9.68 13.26
C VAL C 375 16.72 9.19 12.62
N VAL C 376 15.84 10.09 12.17
CA VAL C 376 14.56 9.72 11.59
C VAL C 376 14.65 8.39 10.83
N ALA C 377 15.86 7.97 10.45
CA ALA C 377 16.04 6.70 9.74
C ALA C 377 16.09 5.56 10.76
N TYR C 378 17.00 5.67 11.73
CA TYR C 378 17.05 4.77 12.87
C TYR C 378 15.62 4.36 13.18
N ALA C 379 14.83 5.33 13.62
CA ALA C 379 13.51 5.07 14.17
C ALA C 379 12.79 4.03 13.34
N LYS C 380 12.78 4.20 12.01
CA LYS C 380 11.97 3.33 11.18
C LYS C 380 12.41 1.91 11.44
N GLU C 381 13.71 1.66 11.73
CA GLU C 381 14.20 0.30 11.95
C GLU C 381 13.67 -0.22 13.29
N ARG C 382 13.38 0.74 14.19
CA ARG C 382 12.79 0.49 15.48
C ARG C 382 11.39 1.12 15.54
N HIS C 383 10.76 1.24 14.37
CA HIS C 383 9.38 1.71 14.26
C HIS C 383 9.07 2.82 15.26
N ILE C 384 9.87 3.89 15.30
CA ILE C 384 9.66 5.02 16.20
C ILE C 384 9.42 6.29 15.39
N GLU C 385 8.16 6.56 15.06
CA GLU C 385 7.72 7.79 14.43
C GLU C 385 8.38 8.98 15.12
N VAL C 386 8.53 10.12 14.42
CA VAL C 386 9.33 11.23 14.87
C VAL C 386 8.56 12.53 14.67
N LEU C 387 7.80 12.99 15.68
CA LEU C 387 7.26 14.34 15.70
C LEU C 387 8.39 15.35 15.76
N PRO C 388 8.35 16.44 14.95
CA PRO C 388 9.21 17.61 15.17
C PRO C 388 8.50 18.83 15.76
N GLU C 389 9.19 19.55 16.66
CA GLU C 389 8.58 20.64 17.39
C GLU C 389 9.25 21.97 17.05
N VAL C 390 8.50 22.86 16.36
CA VAL C 390 8.88 24.25 16.18
C VAL C 390 8.09 25.09 17.19
N ASP C 391 8.43 24.95 18.47
CA ASP C 391 7.59 25.52 19.52
C ASP C 391 7.38 27.00 19.26
N MET C 392 6.15 27.35 18.85
CA MET C 392 5.78 28.71 18.44
C MET C 392 4.38 28.96 19.02
N PRO C 393 3.99 30.19 19.45
CA PRO C 393 4.85 31.37 19.41
C PRO C 393 5.62 31.66 20.70
N GLY C 394 5.43 30.81 21.72
CA GLY C 394 6.16 30.92 22.97
C GLY C 394 7.64 30.57 22.79
N HIS C 395 8.36 30.48 23.91
CA HIS C 395 9.77 30.12 23.90
C HIS C 395 10.42 30.36 22.53
N PHE C 396 10.74 31.64 22.26
CA PHE C 396 11.38 31.95 21.01
C PHE C 396 12.32 33.14 21.02
N VAL C 397 13.39 33.04 21.80
CA VAL C 397 14.40 34.08 21.77
C VAL C 397 15.55 33.60 20.90
N ALA C 398 16.01 32.35 21.07
CA ALA C 398 17.08 31.80 20.25
C ALA C 398 16.94 32.24 18.79
N ALA C 399 15.73 32.04 18.24
CA ALA C 399 15.41 32.26 16.85
C ALA C 399 14.65 33.56 16.64
N MET C 400 14.92 34.54 17.50
CA MET C 400 14.41 35.91 17.46
C MET C 400 15.59 36.86 17.67
N ALA C 401 16.35 36.60 18.74
CA ALA C 401 17.66 37.23 18.95
C ALA C 401 18.57 36.99 17.76
N ALA C 402 18.24 35.99 16.92
CA ALA C 402 18.95 35.65 15.68
C ALA C 402 18.42 36.48 14.50
N TYR C 403 17.14 36.87 14.56
CA TYR C 403 16.53 37.63 13.48
C TYR C 403 15.39 38.49 14.07
N PRO C 404 15.74 39.50 14.88
CA PRO C 404 14.76 40.26 15.65
C PRO C 404 13.94 41.24 14.83
N GLU C 405 14.44 41.63 13.67
CA GLU C 405 13.95 42.81 12.96
C GLU C 405 12.43 42.79 12.89
N TYR C 406 11.85 41.57 12.84
CA TYR C 406 10.42 41.37 12.78
C TYR C 406 9.91 40.83 14.10
N SER C 407 10.37 41.41 15.23
CA SER C 407 10.09 40.90 16.58
C SER C 407 9.05 41.76 17.28
N CYS C 408 9.01 41.81 18.62
CA CYS C 408 8.02 42.63 19.30
C CYS C 408 8.54 44.05 19.47
N ASN C 409 9.82 44.18 19.84
CA ASN C 409 10.55 45.45 19.73
C ASN C 409 11.93 45.22 19.14
N PRO C 410 12.08 45.44 17.80
CA PRO C 410 13.32 45.10 17.10
C PRO C 410 14.39 46.17 16.94
N SER C 411 14.28 47.33 17.62
CA SER C 411 15.44 48.14 17.93
C SER C 411 15.74 48.07 19.43
N ARG C 412 15.45 46.92 20.04
CA ARG C 412 15.95 46.54 21.35
C ARG C 412 16.72 45.24 21.15
N ALA C 413 17.75 45.07 21.99
CA ALA C 413 18.65 43.93 21.98
C ALA C 413 17.99 42.69 22.61
N PRO C 414 17.52 41.70 21.81
CA PRO C 414 17.23 40.37 22.33
C PRO C 414 18.52 39.55 22.35
N GLN C 415 18.56 38.49 23.19
CA GLN C 415 19.67 37.57 23.15
C GLN C 415 19.22 36.15 23.48
N VAL C 416 19.73 35.19 22.68
CA VAL C 416 19.60 33.76 22.94
C VAL C 416 19.71 33.54 24.44
N TRP C 417 18.55 33.66 25.12
CA TRP C 417 18.50 33.61 26.57
C TRP C 417 19.40 32.45 27.03
N THR C 418 20.06 32.59 28.19
CA THR C 418 21.05 31.63 28.66
C THR C 418 20.57 30.86 29.88
N GLY C 419 19.79 31.58 30.71
CA GLY C 419 19.28 31.07 31.97
C GLY C 419 17.97 30.29 31.79
N GLY C 420 17.00 30.53 32.70
CA GLY C 420 15.79 29.73 32.73
C GLY C 420 14.59 30.56 33.14
N GLY C 421 13.39 30.03 32.85
CA GLY C 421 12.16 30.68 33.23
C GLY C 421 11.17 30.80 32.07
N ILE C 422 10.19 31.68 32.24
CA ILE C 422 9.26 32.11 31.21
C ILE C 422 9.92 33.25 30.44
N SER C 423 9.68 33.32 29.13
CA SER C 423 10.21 34.42 28.31
C SER C 423 9.07 35.19 27.66
N SER C 424 9.15 36.52 27.66
CA SER C 424 8.07 37.39 27.21
C SER C 424 8.41 38.03 25.87
N ASP C 425 9.64 37.80 25.37
CA ASP C 425 10.04 38.33 24.09
C ASP C 425 9.69 37.31 23.03
N VAL C 426 8.38 37.11 22.86
CA VAL C 426 7.80 36.11 21.98
C VAL C 426 7.76 36.67 20.56
N LEU C 427 7.17 35.87 19.64
CA LEU C 427 7.22 36.15 18.22
C LEU C 427 6.00 36.95 17.79
N ASN C 428 6.13 38.28 17.88
CA ASN C 428 5.30 39.23 17.16
C ASN C 428 4.61 38.50 16.01
N VAL C 429 3.33 38.19 16.20
CA VAL C 429 2.53 37.46 15.23
C VAL C 429 1.99 38.43 14.18
N ALA C 430 2.11 39.74 14.42
CA ALA C 430 1.46 40.76 13.60
C ALA C 430 2.49 41.47 12.72
N ASN C 431 3.15 40.69 11.85
CA ASN C 431 4.21 41.22 10.98
C ASN C 431 4.38 40.21 9.85
N PRO C 432 3.62 40.37 8.73
CA PRO C 432 3.44 39.34 7.71
C PRO C 432 4.60 38.49 7.23
N GLN C 433 5.80 38.73 7.80
CA GLN C 433 7.01 38.07 7.36
C GLN C 433 7.60 37.27 8.51
N ALA C 434 7.50 37.79 9.74
CA ALA C 434 7.74 37.00 10.93
C ALA C 434 7.03 35.65 10.79
N VAL C 435 5.78 35.71 10.32
CA VAL C 435 5.02 34.55 9.97
C VAL C 435 5.78 33.78 8.90
N GLU C 436 5.68 34.19 7.63
CA GLU C 436 6.32 33.45 6.54
C GLU C 436 7.52 32.73 7.10
N PHE C 437 8.39 33.45 7.81
CA PHE C 437 9.52 32.84 8.50
C PHE C 437 9.06 31.51 9.07
N ALA C 438 8.12 31.54 10.03
CA ALA C 438 7.57 30.31 10.57
C ALA C 438 7.16 29.42 9.41
N LYS C 439 6.15 29.87 8.66
CA LYS C 439 5.53 29.02 7.65
C LYS C 439 6.58 28.39 6.74
N ASN C 440 7.70 29.08 6.52
CA ASN C 440 8.74 28.56 5.64
C ASN C 440 9.52 27.46 6.36
N ILE C 441 9.53 27.53 7.71
CA ILE C 441 10.14 26.46 8.48
C ILE C 441 9.28 25.21 8.29
N LEU C 442 7.96 25.39 8.48
CA LEU C 442 7.00 24.29 8.42
C LEU C 442 6.98 23.67 7.02
N ASP C 443 7.81 24.18 6.11
CA ASP C 443 8.12 23.50 4.86
C ASP C 443 9.32 22.62 5.07
N GLU C 444 10.33 23.13 5.78
CA GLU C 444 11.60 22.43 5.94
C GLU C 444 11.34 21.10 6.63
N LEU C 445 10.68 21.17 7.80
CA LEU C 445 10.11 20.00 8.42
C LEU C 445 9.57 19.08 7.34
N CYS C 446 8.45 19.46 6.70
CA CYS C 446 7.71 18.55 5.85
C CYS C 446 8.70 17.54 5.25
N ASP C 447 9.72 18.13 4.60
CA ASP C 447 10.67 17.40 3.79
C ASP C 447 11.31 16.29 4.63
N ILE C 448 11.88 16.68 5.77
CA ILE C 448 12.66 15.78 6.60
C ILE C 448 11.75 14.81 7.33
N PHE C 449 10.59 15.34 7.79
CA PHE C 449 9.69 14.60 8.66
C PHE C 449 8.39 14.30 7.92
N PRO C 450 8.14 13.02 7.54
CA PRO C 450 6.94 12.62 6.82
C PRO C 450 5.70 12.35 7.65
N TYR C 451 5.74 12.66 8.97
CA TYR C 451 4.74 12.15 9.90
C TYR C 451 3.59 13.14 10.06
N PRO C 452 2.31 12.71 10.15
CA PRO C 452 1.16 13.59 9.95
C PRO C 452 0.79 14.57 11.07
N TYR C 453 1.75 14.89 11.95
CA TYR C 453 1.57 15.93 12.95
C TYR C 453 2.86 16.73 13.09
N ILE C 454 2.71 18.04 13.35
CA ILE C 454 3.83 18.94 13.61
C ILE C 454 3.58 19.58 14.97
N HIS C 455 4.56 19.53 15.87
CA HIS C 455 4.29 19.97 17.25
C HIS C 455 4.68 21.44 17.42
N VAL C 456 3.65 22.29 17.58
CA VAL C 456 3.74 23.73 17.39
C VAL C 456 3.37 24.44 18.69
N GLY C 457 3.63 23.79 19.83
CA GLY C 457 3.86 24.46 21.09
C GLY C 457 2.62 25.09 21.71
N GLY C 458 2.39 26.38 21.48
CA GLY C 458 1.35 27.09 22.18
C GLY C 458 1.53 27.17 23.70
N ASP C 459 2.74 26.94 24.23
CA ASP C 459 2.95 26.75 25.66
C ASP C 459 3.49 28.00 26.34
N GLU C 460 3.10 28.18 27.62
CA GLU C 460 3.60 29.24 28.47
C GLU C 460 4.08 30.39 27.59
N CYS C 461 3.10 31.14 27.06
CA CYS C 461 3.38 32.26 26.16
C CYS C 461 2.80 33.55 26.74
N PRO C 462 3.60 34.39 27.43
CA PRO C 462 3.15 35.72 27.87
C PRO C 462 2.70 36.66 26.76
N THR C 463 1.76 37.55 27.09
CA THR C 463 1.25 38.57 26.19
C THR C 463 1.97 39.93 26.38
N THR C 464 2.95 39.96 27.31
CA THR C 464 3.36 41.21 27.94
C THR C 464 4.29 42.01 27.04
N GLN C 465 4.30 41.75 25.72
CA GLN C 465 4.92 42.65 24.77
C GLN C 465 3.99 42.86 23.59
N TRP C 466 2.95 42.02 23.51
CA TRP C 466 1.87 42.25 22.57
C TRP C 466 1.17 43.53 22.96
N GLU C 467 0.56 43.54 24.14
CA GLU C 467 -0.05 44.76 24.68
C GLU C 467 0.67 46.00 24.14
N HIS C 468 2.01 46.03 24.26
CA HIS C 468 2.80 47.20 23.86
C HIS C 468 3.53 46.98 22.54
N ASN C 469 3.03 46.09 21.69
CA ASN C 469 3.51 45.98 20.31
C ASN C 469 2.37 46.42 19.42
N ASP C 470 2.61 47.38 18.51
CA ASP C 470 1.49 48.15 17.97
C ASP C 470 0.73 47.46 16.85
N LEU C 471 1.26 46.36 16.33
CA LEU C 471 0.53 45.64 15.28
C LEU C 471 -0.36 44.58 15.92
N CYS C 472 0.07 44.10 17.08
CA CYS C 472 -0.76 43.35 17.99
C CYS C 472 -1.91 44.20 18.55
N GLN C 473 -1.67 45.51 18.70
CA GLN C 473 -2.67 46.50 19.05
C GLN C 473 -3.55 46.82 17.85
N GLN C 474 -3.26 46.29 16.66
CA GLN C 474 -3.86 46.76 15.42
C GLN C 474 -4.66 45.64 14.75
N LYS C 475 -4.19 44.39 14.82
CA LYS C 475 -5.03 43.29 14.41
C LYS C 475 -6.26 43.24 15.31
N TYR C 476 -6.05 43.31 16.63
CA TYR C 476 -7.12 43.14 17.59
C TYR C 476 -8.07 44.35 17.62
N LYS C 477 -8.10 45.13 16.55
CA LYS C 477 -9.22 46.01 16.26
C LYS C 477 -10.08 45.36 15.18
N GLU C 478 -9.44 44.65 14.24
CA GLU C 478 -10.13 43.72 13.36
C GLU C 478 -10.98 42.79 14.23
N LEU C 479 -10.31 41.83 14.89
CA LEU C 479 -11.00 40.62 15.34
C LEU C 479 -12.24 41.05 16.11
N GLY C 480 -12.00 41.92 17.09
CA GLY C 480 -13.04 42.65 17.80
C GLY C 480 -13.26 42.15 19.23
N LEU C 481 -12.21 41.64 19.89
CA LEU C 481 -12.29 40.81 21.08
C LEU C 481 -11.10 41.15 21.99
N THR C 482 -11.30 41.01 23.34
CA THR C 482 -10.57 41.88 24.28
C THR C 482 -9.61 41.09 25.16
N SER C 483 -8.99 40.06 24.62
CA SER C 483 -7.95 39.32 25.29
C SER C 483 -6.90 38.91 24.25
N TYR C 484 -5.63 39.23 24.55
CA TYR C 484 -4.57 39.29 23.55
C TYR C 484 -3.88 37.94 23.43
N ARG C 485 -4.36 36.94 24.18
CA ARG C 485 -4.03 35.58 23.87
C ARG C 485 -4.45 35.26 22.43
N GLN C 486 -5.55 35.88 21.98
CA GLN C 486 -6.39 35.31 20.94
C GLN C 486 -5.75 35.30 19.54
N LEU C 487 -4.55 35.87 19.36
CA LEU C 487 -3.81 35.57 18.16
C LEU C 487 -3.24 34.19 18.34
N GLN C 488 -2.68 33.89 19.50
CA GLN C 488 -2.05 32.60 19.74
C GLN C 488 -2.87 31.52 19.03
N ALA C 489 -4.20 31.63 19.13
CA ALA C 489 -5.03 30.70 18.38
C ALA C 489 -5.00 31.13 16.91
N HIS C 490 -5.36 32.40 16.68
CA HIS C 490 -5.56 32.88 15.33
C HIS C 490 -4.26 32.95 14.55
N PHE C 491 -3.12 32.72 15.23
CA PHE C 491 -1.82 32.63 14.59
C PHE C 491 -1.51 31.18 14.26
N ILE C 492 -2.31 30.25 14.83
CA ILE C 492 -2.21 28.83 14.54
C ILE C 492 -3.18 28.50 13.40
N LYS C 493 -4.43 29.00 13.51
CA LYS C 493 -5.32 28.91 12.38
C LYS C 493 -4.48 29.11 11.12
N ASP C 494 -4.13 30.36 10.81
CA ASP C 494 -3.36 30.64 9.61
C ASP C 494 -2.66 29.36 9.13
N LEU C 495 -1.85 28.76 10.01
CA LEU C 495 -0.86 27.76 9.62
C LEU C 495 -1.53 26.56 8.94
N ALA C 496 -2.76 26.28 9.34
CA ALA C 496 -3.53 25.17 8.83
C ALA C 496 -3.91 25.44 7.39
N ASP C 497 -4.12 26.69 7.02
CA ASP C 497 -4.84 27.04 5.79
C ASP C 497 -3.84 27.33 4.67
N PHE C 498 -2.53 27.26 4.97
CA PHE C 498 -1.54 27.04 3.92
C PHE C 498 -0.96 25.64 4.07
N VAL C 499 -1.30 24.98 5.20
CA VAL C 499 -1.23 23.53 5.31
C VAL C 499 -2.62 22.96 4.99
N ALA C 500 -3.36 23.69 4.14
CA ALA C 500 -4.53 23.18 3.44
C ALA C 500 -4.20 23.12 1.94
N THR C 501 -3.03 22.55 1.64
CA THR C 501 -2.78 21.84 0.39
C THR C 501 -2.34 20.42 0.79
N LYS C 502 -1.17 20.41 1.40
CA LYS C 502 -0.90 19.81 2.71
C LYS C 502 -1.15 18.30 2.77
N ASN C 503 -0.78 17.82 3.97
CA ASN C 503 -1.10 16.51 4.50
C ASN C 503 -0.34 16.40 5.85
N LYS C 504 -0.78 17.23 6.80
CA LYS C 504 -0.20 17.30 8.12
C LYS C 504 -1.05 18.18 9.04
N HIS C 505 -0.87 17.98 10.36
CA HIS C 505 -1.75 18.52 11.39
C HIS C 505 -0.96 19.42 12.33
N LEU C 506 -1.65 19.92 13.37
CA LEU C 506 -0.99 20.68 14.44
C LEU C 506 -1.28 20.03 15.80
N VAL C 507 -0.30 20.21 16.69
CA VAL C 507 -0.33 19.65 18.03
C VAL C 507 -0.01 20.77 19.03
N CYS C 508 -0.32 20.57 20.31
CA CYS C 508 -0.05 21.65 21.25
C CYS C 508 0.11 21.18 22.70
N TRP C 509 0.77 22.04 23.48
CA TRP C 509 0.64 22.04 24.92
C TRP C 509 -0.73 22.62 25.28
N ASN C 510 -1.05 22.75 26.57
CA ASN C 510 -2.44 22.87 26.99
C ASN C 510 -2.81 24.27 27.45
N GLU C 511 -1.87 25.21 27.34
CA GLU C 511 -2.19 26.61 27.56
C GLU C 511 -2.92 27.13 26.32
N ALA C 512 -2.73 26.43 25.19
CA ALA C 512 -3.51 26.71 23.98
C ALA C 512 -4.95 26.25 24.14
N ILE C 513 -5.46 26.28 25.38
CA ILE C 513 -6.85 25.97 25.71
C ILE C 513 -7.22 26.81 26.92
N THR C 514 -6.94 28.11 26.83
CA THR C 514 -7.42 29.09 27.79
C THR C 514 -7.99 30.29 27.05
N ALA C 515 -8.47 30.10 25.81
CA ALA C 515 -8.46 31.18 24.83
C ALA C 515 -9.71 31.13 23.97
N GLY C 516 -9.58 31.68 22.77
CA GLY C 516 -10.60 31.63 21.75
C GLY C 516 -10.40 30.36 20.91
N GLY C 517 -11.10 29.30 21.32
CA GLY C 517 -10.90 27.99 20.73
C GLY C 517 -11.50 27.89 19.35
N ALA C 518 -12.72 28.42 19.17
CA ALA C 518 -13.54 28.19 18.01
C ALA C 518 -12.93 28.76 16.74
N ASP C 519 -11.61 29.07 16.78
CA ASP C 519 -10.87 29.49 15.61
C ASP C 519 -9.62 28.64 15.44
N LEU C 520 -9.59 27.48 16.11
CA LEU C 520 -8.34 26.74 16.29
C LEU C 520 -8.01 25.96 15.00
N GLN C 525 -10.59 24.51 15.66
CA GLN C 525 -12.03 24.19 15.64
C GLN C 525 -12.20 23.25 16.83
N THR C 526 -11.86 22.00 16.56
CA THR C 526 -11.56 20.98 17.55
C THR C 526 -10.64 19.97 16.87
N GLN C 527 -9.86 20.44 15.88
CA GLN C 527 -8.86 19.66 15.19
C GLN C 527 -7.54 20.31 15.61
N SER C 528 -7.06 19.84 16.75
CA SER C 528 -5.67 19.94 17.15
C SER C 528 -5.46 18.98 18.30
N THR C 529 -4.54 18.03 18.15
CA THR C 529 -4.14 17.15 19.24
C THR C 529 -3.53 17.98 20.36
N ILE C 530 -4.02 17.78 21.59
CA ILE C 530 -3.53 18.45 22.79
C ILE C 530 -2.60 17.48 23.54
N MET C 531 -1.74 18.02 24.41
CA MET C 531 -0.76 17.21 25.14
C MET C 531 -0.60 17.78 26.54
N SER C 532 -1.53 17.41 27.41
CA SER C 532 -1.93 18.14 28.58
C SER C 532 -1.06 17.78 29.78
N TRP C 533 0.05 18.51 29.97
CA TRP C 533 0.86 18.37 31.18
C TRP C 533 0.13 18.99 32.36
N ASN C 534 0.27 20.32 32.58
CA ASN C 534 -0.52 21.03 33.58
C ASN C 534 -1.94 20.47 33.55
N PRO C 535 -2.81 20.74 34.55
CA PRO C 535 -3.99 19.92 34.72
C PRO C 535 -4.09 18.91 33.58
N CYS C 536 -3.44 17.76 33.75
CA CYS C 536 -3.76 16.60 32.94
C CYS C 536 -5.26 16.30 33.08
N GLN C 537 -5.67 15.55 34.12
CA GLN C 537 -7.06 15.18 34.30
C GLN C 537 -7.97 16.29 33.78
N GLU C 538 -7.85 17.47 34.42
CA GLU C 538 -8.74 18.60 34.15
C GLU C 538 -8.48 19.17 32.76
N GLY C 539 -7.35 18.79 32.15
CA GLY C 539 -6.97 19.25 30.81
C GLY C 539 -7.22 18.18 29.77
N VAL C 540 -6.79 16.95 30.00
CA VAL C 540 -7.23 15.84 29.17
C VAL C 540 -8.73 16.01 28.92
N ALA C 541 -9.52 16.00 30.00
CA ALA C 541 -10.97 15.99 29.92
C ALA C 541 -11.53 17.29 29.37
N LYS C 542 -10.94 18.44 29.69
CA LYS C 542 -11.41 19.72 29.18
C LYS C 542 -10.54 20.14 28.00
N ALA C 543 -9.41 19.45 27.80
CA ALA C 543 -8.47 19.82 26.75
C ALA C 543 -8.14 18.62 25.85
N VAL C 544 -9.09 18.26 24.99
CA VAL C 544 -10.52 18.46 25.21
C VAL C 544 -11.22 17.18 24.72
N LYS C 545 -11.29 16.18 25.62
CA LYS C 545 -12.16 15.04 25.41
C LYS C 545 -13.53 15.55 25.03
N LYS C 546 -13.98 16.58 25.75
CA LYS C 546 -15.38 16.98 25.78
C LYS C 546 -15.79 17.75 24.54
N LEU C 547 -14.82 18.36 23.84
CA LEU C 547 -15.12 19.14 22.64
C LEU C 547 -15.00 18.23 21.41
N GLY C 548 -14.05 17.30 21.50
CA GLY C 548 -13.82 16.31 20.45
C GLY C 548 -12.36 16.24 20.05
N LEU C 549 -11.49 16.69 20.96
CA LEU C 549 -10.11 17.00 20.61
C LEU C 549 -9.26 15.81 20.96
N PRO C 550 -8.51 15.18 20.01
CA PRO C 550 -7.50 14.19 20.37
C PRO C 550 -6.75 14.65 21.61
N ALA C 551 -6.02 13.72 22.25
CA ALA C 551 -5.38 14.07 23.49
C ALA C 551 -4.28 13.05 23.81
N ILE C 552 -3.22 13.57 24.44
CA ILE C 552 -2.19 12.76 25.06
C ILE C 552 -2.24 13.07 26.55
N VAL C 553 -2.42 12.01 27.38
CA VAL C 553 -2.04 12.11 28.78
C VAL C 553 -0.52 11.95 28.83
N LYS C 558 1.14 13.84 30.46
CA LYS C 558 2.49 14.23 30.90
C LYS C 558 2.46 14.82 32.32
N GLY C 559 1.84 14.03 33.20
CA GLY C 559 1.37 14.53 34.49
C GLY C 559 2.48 15.07 35.36
N ASP C 560 2.74 16.37 35.23
CA ASP C 560 3.84 17.00 35.97
C ASP C 560 4.17 16.16 37.19
N GLY C 561 3.15 15.85 38.00
CA GLY C 561 3.28 14.90 39.11
C GLY C 561 2.92 13.49 38.65
N GLY C 562 3.68 13.00 37.66
CA GLY C 562 3.62 11.62 37.20
C GLY C 562 4.67 11.34 36.14
N TYR C 563 4.43 11.82 34.91
CA TYR C 563 5.17 11.40 33.73
C TYR C 563 6.35 12.29 33.37
N TYR C 564 6.64 13.34 34.13
CA TYR C 564 7.88 14.07 33.85
C TYR C 564 9.06 13.28 34.39
N ILE C 565 9.57 12.32 33.59
CA ILE C 565 10.73 11.55 33.99
C ILE C 565 12.00 12.37 33.75
N CYS C 566 12.05 13.60 34.27
CA CYS C 566 13.31 14.34 34.38
C CYS C 566 13.21 15.22 35.62
N ARG C 567 12.87 14.55 36.72
CA ARG C 567 12.81 15.13 38.04
C ARG C 567 13.45 14.14 39.01
N LYS C 568 14.15 14.67 40.02
CA LYS C 568 14.90 13.87 40.98
C LYS C 568 14.07 12.67 41.42
N GLN C 569 14.62 11.46 41.40
CA GLN C 569 13.81 10.26 41.58
C GLN C 569 14.01 9.63 42.94
N SER C 570 14.47 10.39 43.93
CA SER C 570 14.44 9.97 45.33
C SER C 570 15.25 10.92 46.21
N ASN C 571 14.73 11.27 47.39
CA ASN C 571 15.30 12.29 48.26
C ASN C 571 16.53 11.78 49.04
N ASP C 572 17.33 10.94 48.41
CA ASP C 572 18.70 10.74 48.88
C ASP C 572 19.36 12.11 48.70
N TYR C 573 20.37 12.48 49.49
CA TYR C 573 21.06 13.72 49.14
C TYR C 573 21.96 13.44 47.94
N GLY C 574 22.67 12.32 48.05
CA GLY C 574 23.55 11.83 46.99
C GLY C 574 22.98 12.06 45.59
N GLU C 575 21.65 11.91 45.41
CA GLU C 575 21.04 12.04 44.09
C GLU C 575 21.36 13.42 43.51
N PRO C 576 21.97 13.53 42.30
CA PRO C 576 22.51 14.82 41.83
C PRO C 576 21.51 15.97 41.87
N SER C 577 21.87 17.08 41.25
CA SER C 577 20.96 18.21 41.06
C SER C 577 19.75 17.78 40.25
N GLY C 578 18.79 18.69 40.05
CA GLY C 578 17.58 18.37 39.33
C GLY C 578 16.35 19.05 39.92
N ALA C 579 15.20 18.81 39.28
CA ALA C 579 13.97 19.52 39.64
C ALA C 579 13.23 18.75 40.73
N GLY C 580 12.36 19.48 41.44
CA GLY C 580 11.28 18.95 42.25
C GLY C 580 11.72 17.80 43.15
N TYR C 581 11.44 17.86 44.47
CA TYR C 581 12.32 17.23 45.46
C TYR C 581 12.75 15.85 44.97
N GLY C 582 11.83 14.87 45.07
CA GLY C 582 12.03 13.57 44.45
C GLY C 582 10.79 12.69 44.60
N ASN C 583 9.68 13.09 43.95
CA ASN C 583 8.40 12.44 44.09
C ASN C 583 8.12 11.56 42.88
N ASP C 584 8.63 11.91 41.68
CA ASP C 584 8.33 11.13 40.49
C ASP C 584 9.13 9.82 40.47
N GLY C 585 8.97 9.00 41.50
CA GLY C 585 9.73 7.78 41.60
C GLY C 585 9.44 6.87 40.41
N VAL C 586 9.54 5.56 40.64
CA VAL C 586 9.00 4.60 39.68
C VAL C 586 7.58 4.22 40.13
N GLU C 587 7.30 4.48 41.40
CA GLU C 587 6.01 4.22 42.00
C GLU C 587 5.05 5.22 41.40
N GLY C 588 4.81 6.34 42.08
CA GLY C 588 3.83 7.33 41.64
C GLY C 588 4.22 7.95 40.29
N CYS C 589 4.80 7.13 39.38
CA CYS C 589 4.69 7.37 37.95
C CYS C 589 4.33 6.09 37.18
N TYR C 590 4.07 4.97 37.88
CA TYR C 590 3.68 3.74 37.24
C TYR C 590 2.35 3.31 37.83
N ASN C 591 2.25 3.42 39.17
CA ASN C 591 0.99 3.24 39.89
C ASN C 591 0.05 4.32 39.34
N TYR C 592 0.54 4.90 38.27
CA TYR C 592 0.03 6.15 37.78
C TYR C 592 -1.27 5.83 37.06
N VAL C 593 -2.35 6.56 37.44
CA VAL C 593 -3.68 6.25 36.93
C VAL C 593 -4.18 7.38 36.05
N PRO C 594 -4.03 7.28 34.70
CA PRO C 594 -4.62 8.26 33.77
C PRO C 594 -6.15 8.30 33.67
N VAL C 595 -6.84 7.31 34.28
CA VAL C 595 -8.17 6.91 33.80
C VAL C 595 -9.25 7.26 34.80
N GLN C 596 -9.11 6.85 36.06
CA GLN C 596 -10.10 7.07 37.12
C GLN C 596 -10.92 8.37 36.95
N GLY C 597 -12.23 8.29 37.18
CA GLY C 597 -13.13 9.42 37.04
C GLY C 597 -13.75 9.52 35.65
N MET C 598 -12.98 9.13 34.61
CA MET C 598 -13.19 9.62 33.26
C MET C 598 -14.04 8.64 32.45
N TYR C 599 -15.24 9.12 32.07
CA TYR C 599 -16.19 8.33 31.33
C TYR C 599 -15.55 7.67 30.11
N THR C 600 -16.30 6.72 29.54
CA THR C 600 -15.95 6.10 28.27
C THR C 600 -16.75 6.75 27.14
N GLN C 601 -17.86 7.42 27.52
CA GLN C 601 -18.90 7.82 26.57
C GLN C 601 -18.28 8.98 25.81
N GLU C 602 -17.80 8.67 24.61
CA GLU C 602 -16.90 9.51 23.85
C GLU C 602 -15.53 9.37 24.53
N GLN C 603 -15.00 10.46 25.06
CA GLN C 603 -13.75 10.48 25.80
C GLN C 603 -12.79 9.35 25.41
N MET C 604 -12.76 8.25 26.16
CA MET C 604 -11.51 7.51 26.33
C MET C 604 -11.20 6.68 25.08
N ALA C 605 -11.80 7.07 23.95
CA ALA C 605 -11.26 6.80 22.63
C ALA C 605 -10.89 8.13 21.98
N LEU C 606 -10.24 9.01 22.75
CA LEU C 606 -9.65 10.23 22.20
C LEU C 606 -8.25 10.46 22.81
N VAL C 607 -7.98 9.86 23.99
CA VAL C 607 -6.73 10.06 24.69
C VAL C 607 -5.66 9.18 24.08
N LYS C 608 -5.12 9.61 22.93
CA LYS C 608 -4.33 8.74 22.09
C LYS C 608 -3.33 7.94 22.91
N GLY C 609 -2.62 8.56 23.86
CA GLY C 609 -1.52 7.85 24.48
C GLY C 609 -0.97 8.48 25.76
N VAL C 610 0.32 8.19 25.97
CA VAL C 610 1.05 8.75 27.09
C VAL C 610 2.46 9.04 26.61
N GLN C 611 3.18 9.86 27.39
CA GLN C 611 4.51 10.24 26.97
C GLN C 611 5.33 10.64 28.19
N GLY C 612 6.65 10.45 28.10
CA GLY C 612 7.55 10.56 29.23
C GLY C 612 8.51 11.72 29.06
N THR C 613 7.94 12.92 29.00
CA THR C 613 8.61 14.13 28.58
C THR C 613 9.82 14.41 29.47
N PHE C 614 10.75 15.23 28.94
CA PHE C 614 12.07 15.43 29.52
C PHE C 614 12.53 16.86 29.26
N TRP C 615 12.97 17.53 30.32
CA TRP C 615 13.36 18.94 30.25
C TRP C 615 14.78 19.09 30.79
N THR C 616 15.67 19.50 29.90
CA THR C 616 17.10 19.50 30.11
C THR C 616 17.58 20.86 30.65
N GLU C 617 16.76 21.52 31.47
CA GLU C 617 17.30 22.56 32.32
C GLU C 617 18.59 22.04 32.96
N HIS C 618 18.44 21.07 33.89
CA HIS C 618 19.52 20.70 34.80
C HIS C 618 20.34 19.52 34.28
N VAL C 619 20.44 19.40 32.95
CA VAL C 619 20.88 18.17 32.31
C VAL C 619 21.52 18.56 30.98
N GLY C 620 22.79 18.19 30.79
CA GLY C 620 23.40 18.27 29.47
C GLY C 620 24.61 17.36 29.33
N THR C 621 24.41 16.07 29.61
CA THR C 621 25.42 15.04 29.36
C THR C 621 24.75 13.72 29.00
N ASN C 622 25.57 12.66 28.86
CA ASN C 622 25.04 11.31 28.74
C ASN C 622 24.74 10.79 30.13
N GLU C 623 25.77 10.55 30.96
CA GLU C 623 25.57 10.08 32.33
C GLU C 623 24.08 10.23 32.68
N TYR C 624 23.70 11.50 32.97
CA TYR C 624 22.47 11.81 33.68
C TYR C 624 21.25 11.76 32.80
N LEU C 625 21.39 11.77 31.47
CA LEU C 625 20.26 11.55 30.57
C LEU C 625 19.79 10.11 30.74
N GLU C 626 20.74 9.16 30.87
CA GLU C 626 20.34 7.77 30.98
C GLU C 626 20.35 7.38 32.45
N TYR C 627 20.67 8.32 33.33
CA TYR C 627 20.34 8.20 34.74
C TYR C 627 18.88 8.59 34.90
N LEU C 628 18.63 9.89 35.13
CA LEU C 628 17.28 10.41 35.34
C LEU C 628 16.25 9.54 34.63
N ALA C 629 16.35 9.48 33.30
CA ALA C 629 15.40 8.72 32.51
C ALA C 629 15.06 7.41 33.21
N LEU C 630 16.09 6.60 33.49
CA LEU C 630 15.92 5.16 33.68
C LEU C 630 15.76 4.81 35.15
N PRO C 631 14.89 3.82 35.52
CA PRO C 631 14.05 3.06 34.58
C PRO C 631 12.69 3.65 34.26
N ARG C 632 12.36 4.78 34.86
CA ARG C 632 11.02 5.33 34.78
C ARG C 632 10.55 5.31 33.33
N LEU C 633 11.48 5.60 32.42
CA LEU C 633 11.18 5.46 31.01
C LEU C 633 10.24 4.27 30.82
N ILE C 634 10.64 3.11 31.32
CA ILE C 634 9.87 1.90 31.05
C ILE C 634 8.43 2.09 31.54
N CYS C 635 8.26 2.42 32.82
CA CYS C 635 6.94 2.70 33.40
C CYS C 635 6.03 3.32 32.36
N VAL C 636 6.41 4.49 31.85
CA VAL C 636 5.60 5.25 30.91
C VAL C 636 5.36 4.41 29.65
N ALA C 637 6.29 3.47 29.38
CA ALA C 637 6.24 2.63 28.19
C ALA C 637 5.36 1.40 28.43
N GLU C 638 5.43 0.86 29.66
CA GLU C 638 4.49 -0.19 30.02
C GLU C 638 3.07 0.39 30.00
N ALA C 639 2.72 1.12 31.07
CA ALA C 639 1.43 1.76 31.19
C ALA C 639 0.94 2.12 29.80
N GLY C 640 1.81 2.81 29.04
CA GLY C 640 1.47 3.12 27.66
C GLY C 640 0.78 1.93 27.00
N TRP C 641 1.48 0.79 27.03
CA TRP C 641 1.10 -0.39 26.26
C TRP C 641 0.30 -1.41 27.10
N THR C 642 0.55 -1.53 28.40
CA THR C 642 -0.15 -2.48 29.24
C THR C 642 -1.48 -1.84 29.71
N PRO C 643 -2.62 -2.59 29.71
CA PRO C 643 -3.91 -2.04 30.13
C PRO C 643 -4.11 -1.99 31.64
N GLN C 644 -4.86 -1.03 32.19
CA GLN C 644 -4.81 -0.82 33.63
C GLN C 644 -4.95 -2.18 34.33
N VAL C 645 -6.01 -2.93 34.01
CA VAL C 645 -6.32 -4.17 34.71
C VAL C 645 -5.02 -4.86 35.11
N PHE C 646 -4.13 -5.03 34.12
CA PHE C 646 -2.91 -5.80 34.23
C PHE C 646 -1.74 -4.86 34.43
N LYS C 647 -1.92 -3.83 35.26
CA LYS C 647 -0.83 -2.95 35.69
C LYS C 647 -0.62 -3.19 37.18
N ASN C 648 0.32 -4.09 37.49
CA ASN C 648 0.65 -4.48 38.86
C ASN C 648 2.11 -4.13 39.12
N TRP C 649 2.35 -3.53 40.31
CA TRP C 649 3.63 -2.91 40.62
C TRP C 649 4.64 -3.94 41.11
N ASP C 650 4.14 -5.01 41.75
CA ASP C 650 5.03 -5.92 42.45
C ASP C 650 5.64 -6.86 41.42
N ASN C 651 4.79 -7.51 40.61
CA ASN C 651 5.32 -8.32 39.52
C ASN C 651 5.98 -7.39 38.49
N PHE C 652 5.82 -6.08 38.66
CA PHE C 652 6.57 -5.13 37.87
C PHE C 652 8.00 -5.03 38.38
N ARG C 653 8.14 -4.63 39.66
CA ARG C 653 9.45 -4.58 40.27
C ARG C 653 10.28 -5.71 39.68
N THR C 654 9.98 -6.97 40.06
CA THR C 654 10.89 -8.06 39.74
C THR C 654 11.34 -7.89 38.30
N ARG C 655 10.38 -8.00 37.36
CA ARG C 655 10.73 -8.11 35.95
C ARG C 655 11.81 -7.11 35.59
N LEU C 656 11.81 -5.91 36.19
CA LEU C 656 12.80 -4.92 35.81
C LEU C 656 14.14 -5.11 36.53
N ALA C 657 14.13 -5.75 37.69
CA ALA C 657 15.37 -6.00 38.40
C ALA C 657 16.02 -7.26 37.85
N ASN C 658 15.46 -7.77 36.74
CA ASN C 658 16.09 -8.79 35.91
C ASN C 658 16.83 -8.11 34.77
N GLN C 659 16.14 -7.16 34.09
CA GLN C 659 16.55 -6.74 32.76
C GLN C 659 17.85 -5.94 32.82
N THR C 660 18.37 -5.66 34.03
CA THR C 660 19.41 -4.65 34.18
C THR C 660 20.73 -5.15 33.59
N GLN C 661 20.87 -6.47 33.47
CA GLN C 661 22.02 -7.06 32.79
C GLN C 661 22.17 -6.47 31.41
N TRP C 662 21.11 -5.84 30.86
CA TRP C 662 21.19 -5.20 29.56
C TRP C 662 20.95 -3.69 29.66
N LEU C 663 21.28 -3.12 30.82
CA LEU C 663 21.53 -1.70 30.98
C LEU C 663 22.97 -1.54 31.43
N ASP C 664 23.41 -2.42 32.33
CA ASP C 664 24.81 -2.73 32.51
C ASP C 664 25.40 -2.92 31.11
N ASP C 665 25.23 -4.11 30.55
CA ASP C 665 25.96 -4.51 29.36
C ASP C 665 26.04 -3.36 28.35
N HIS C 666 24.89 -2.76 28.01
CA HIS C 666 24.84 -1.77 26.95
C HIS C 666 25.27 -0.38 27.43
N GLY C 667 26.10 -0.32 28.48
CA GLY C 667 26.62 0.95 28.99
C GLY C 667 25.52 2.00 29.20
N TYR C 668 24.37 1.54 29.74
CA TYR C 668 23.29 2.43 30.12
C TYR C 668 23.31 2.61 31.63
N VAL C 669 23.56 3.85 32.07
CA VAL C 669 23.52 4.17 33.47
C VAL C 669 22.05 4.10 33.87
N TYR C 670 21.80 3.92 35.16
CA TYR C 670 20.45 3.78 35.67
C TYR C 670 20.48 3.97 37.17
N ALA C 671 19.60 4.88 37.66
CA ALA C 671 19.48 5.04 39.10
C ALA C 671 19.05 3.70 39.69
N ARG C 672 19.74 3.30 40.76
CA ARG C 672 19.82 1.90 41.14
C ARG C 672 18.73 1.60 42.16
N HIS C 673 18.73 2.37 43.26
CA HIS C 673 17.84 2.15 44.38
C HIS C 673 17.09 0.87 44.14
N TRP C 674 16.03 0.96 43.35
CA TRP C 674 15.26 -0.20 42.90
C TRP C 674 16.14 -1.43 42.76
N MET C 675 17.24 -1.32 42.02
CA MET C 675 18.03 -2.46 41.54
C MET C 675 18.94 -2.97 42.67
N PRO C 676 18.76 -4.22 43.18
CA PRO C 676 19.81 -4.90 43.94
C PRO C 676 20.92 -5.50 43.06
N ALA D 129 -54.67 -81.30 -55.87
CA ALA D 129 -54.80 -80.90 -54.45
C ALA D 129 -53.50 -80.36 -53.84
N ASP D 130 -52.91 -79.33 -54.44
CA ASP D 130 -51.69 -78.71 -53.91
C ASP D 130 -51.93 -78.40 -52.43
N GLU D 131 -50.86 -78.45 -51.62
CA GLU D 131 -50.90 -78.57 -50.17
C GLU D 131 -49.96 -77.52 -49.59
N THR D 132 -50.51 -76.74 -48.63
CA THR D 132 -50.08 -75.41 -48.29
C THR D 132 -50.83 -74.44 -49.19
N ARG D 133 -52.16 -74.60 -49.28
CA ARG D 133 -52.90 -74.15 -50.44
C ARG D 133 -52.18 -72.99 -51.09
N SER D 134 -51.84 -73.20 -52.37
CA SER D 134 -51.41 -72.20 -53.33
C SER D 134 -52.00 -70.81 -53.09
N PHE D 135 -51.96 -70.00 -54.17
CA PHE D 135 -52.45 -68.64 -54.15
C PHE D 135 -53.64 -68.51 -55.10
N TRP D 136 -53.39 -68.83 -56.37
CA TRP D 136 -54.37 -68.83 -57.45
C TRP D 136 -54.32 -70.17 -58.17
N ILE D 137 -55.48 -70.70 -58.57
CA ILE D 137 -55.55 -71.93 -59.35
C ILE D 137 -56.84 -71.96 -60.16
N THR D 138 -56.82 -72.68 -61.29
CA THR D 138 -58.00 -72.90 -62.12
C THR D 138 -57.77 -74.12 -63.00
N CYS D 139 -58.86 -74.70 -63.52
CA CYS D 139 -58.81 -75.99 -64.21
C CYS D 139 -59.07 -75.83 -65.71
N GLN D 140 -58.76 -76.91 -66.44
CA GLN D 140 -58.97 -77.05 -67.88
C GLN D 140 -59.19 -78.54 -68.14
N ALA D 141 -60.03 -78.91 -69.13
CA ALA D 141 -60.58 -80.24 -69.21
C ALA D 141 -59.71 -81.17 -70.06
N GLY D 142 -59.24 -82.27 -69.49
CA GLY D 142 -58.54 -83.29 -70.24
C GLY D 142 -57.67 -84.12 -69.32
N GLY D 143 -56.36 -83.87 -69.38
CA GLY D 143 -55.33 -84.75 -68.83
C GLY D 143 -54.08 -84.75 -69.72
N THR D 144 -52.87 -84.71 -69.09
CA THR D 144 -51.65 -84.35 -69.79
C THR D 144 -50.57 -85.39 -69.53
N LYS D 145 -49.38 -85.18 -70.10
CA LYS D 145 -48.42 -86.27 -70.22
C LYS D 145 -47.00 -85.86 -69.81
N TYR D 146 -46.32 -86.85 -69.19
CA TYR D 146 -44.88 -86.98 -69.24
C TYR D 146 -44.54 -88.16 -70.15
N LEU D 147 -45.16 -89.32 -69.87
CA LEU D 147 -45.02 -90.53 -70.68
C LEU D 147 -43.58 -91.04 -70.63
N ASN D 148 -43.25 -92.03 -71.45
CA ASN D 148 -41.99 -92.73 -71.39
C ASN D 148 -40.94 -91.94 -72.18
N SER D 167 -28.49 -77.15 -63.57
CA SER D 167 -27.87 -77.87 -62.43
C SER D 167 -28.71 -77.59 -61.19
N THR D 168 -29.97 -78.05 -61.23
CA THR D 168 -31.04 -77.60 -60.34
C THR D 168 -32.32 -78.31 -60.76
N PHE D 169 -32.73 -78.07 -62.01
CA PHE D 169 -33.87 -78.80 -62.55
C PHE D 169 -33.61 -80.28 -62.29
N TYR D 170 -32.40 -80.77 -62.61
CA TYR D 170 -32.15 -82.19 -62.73
C TYR D 170 -32.34 -82.91 -61.39
N ILE D 171 -32.60 -82.20 -60.29
CA ILE D 171 -33.01 -82.89 -59.07
C ILE D 171 -34.52 -83.16 -59.15
N TYR D 172 -35.08 -83.05 -60.36
CA TYR D 172 -36.44 -83.46 -60.63
C TYR D 172 -36.48 -84.40 -61.84
N LYS D 173 -35.30 -84.73 -62.42
CA LYS D 173 -35.12 -86.06 -63.02
C LYS D 173 -34.10 -86.80 -62.15
N VAL D 174 -34.15 -88.13 -62.16
CA VAL D 174 -33.66 -88.94 -61.07
C VAL D 174 -34.57 -88.63 -59.89
N SER D 175 -34.22 -87.68 -59.02
CA SER D 175 -34.79 -87.57 -57.67
C SER D 175 -35.93 -88.59 -57.44
N GLU D 176 -37.10 -88.27 -57.99
CA GLU D 176 -38.34 -88.99 -57.74
C GLU D 176 -38.79 -89.73 -58.99
N GLU D 177 -38.27 -89.31 -60.17
CA GLU D 177 -39.03 -89.37 -61.41
C GLU D 177 -38.86 -90.74 -62.07
N GLN D 178 -37.63 -91.27 -62.13
CA GLN D 178 -37.43 -92.63 -62.62
C GLN D 178 -37.04 -93.58 -61.50
N ILE D 179 -37.33 -93.20 -60.25
CA ILE D 179 -37.36 -94.12 -59.12
C ILE D 179 -38.80 -94.63 -58.98
N ALA D 180 -39.69 -94.23 -59.89
CA ALA D 180 -41.10 -94.57 -59.77
C ALA D 180 -41.80 -94.60 -61.12
N VAL D 181 -41.92 -93.42 -61.77
CA VAL D 181 -42.86 -93.23 -62.85
C VAL D 181 -43.03 -94.54 -63.63
N PRO D 182 -41.97 -95.19 -64.16
CA PRO D 182 -42.01 -96.61 -64.50
C PRO D 182 -41.34 -97.49 -63.44
N ARG D 192 -36.95 -99.29 -69.08
CA ARG D 192 -35.76 -98.62 -69.66
C ARG D 192 -36.22 -97.50 -70.59
N GLY D 193 -35.34 -96.52 -70.80
CA GLY D 193 -35.48 -95.56 -71.89
C GLY D 193 -35.04 -94.18 -71.46
N ALA D 194 -36.00 -93.43 -70.90
CA ALA D 194 -35.77 -92.06 -70.49
C ALA D 194 -37.05 -91.49 -69.86
N GLU D 195 -36.91 -90.27 -69.34
CA GLU D 195 -38.03 -89.49 -68.84
C GLU D 195 -38.06 -88.17 -69.61
N LEU D 196 -37.87 -87.03 -68.92
CA LEU D 196 -37.92 -85.74 -69.57
C LEU D 196 -36.56 -85.39 -70.17
N ASN D 197 -36.18 -86.10 -71.24
CA ASN D 197 -34.84 -86.09 -71.79
C ASN D 197 -34.93 -86.69 -73.20
N GLY D 198 -33.84 -87.33 -73.64
CA GLY D 198 -33.84 -88.00 -74.94
C GLY D 198 -34.22 -87.07 -76.09
N GLU D 199 -35.52 -86.72 -76.21
CA GLU D 199 -36.01 -85.83 -77.24
C GLU D 199 -34.91 -85.69 -78.30
N GLY D 200 -34.03 -84.71 -78.12
CA GLY D 200 -33.10 -84.32 -79.17
C GLY D 200 -32.75 -82.84 -79.10
N ARG D 201 -33.69 -81.97 -79.53
CA ARG D 201 -33.40 -80.58 -79.87
C ARG D 201 -33.73 -79.69 -78.68
N LEU D 202 -32.89 -79.76 -77.64
CA LEU D 202 -33.17 -79.18 -76.34
C LEU D 202 -33.87 -77.83 -76.45
N ALA D 203 -33.37 -76.98 -77.36
CA ALA D 203 -33.85 -75.60 -77.49
C ALA D 203 -34.77 -75.46 -78.69
N LEU D 204 -35.77 -76.34 -78.77
CA LEU D 204 -36.85 -76.19 -79.73
C LEU D 204 -38.17 -75.98 -78.97
N SER D 205 -38.82 -74.83 -79.20
CA SER D 205 -40.21 -74.64 -78.77
C SER D 205 -41.17 -75.43 -79.66
N ALA D 206 -40.64 -76.32 -80.51
CA ALA D 206 -41.42 -77.19 -81.38
C ALA D 206 -41.16 -78.66 -81.00
N MET D 207 -40.95 -78.87 -79.71
CA MET D 207 -40.49 -80.13 -79.17
C MET D 207 -40.53 -80.04 -77.65
N ASP D 208 -41.61 -79.44 -77.14
CA ASP D 208 -41.80 -79.17 -75.72
C ASP D 208 -42.78 -80.17 -75.09
N ASN D 209 -42.45 -80.71 -73.91
CA ASN D 209 -43.49 -81.20 -73.01
C ASN D 209 -43.45 -80.42 -71.68
N ILE D 210 -42.24 -80.30 -71.13
CA ILE D 210 -41.97 -79.62 -69.86
C ILE D 210 -40.89 -78.56 -70.08
N SER D 211 -41.35 -77.32 -70.19
CA SER D 211 -40.46 -76.20 -70.54
C SER D 211 -40.19 -75.35 -69.31
N PHE D 212 -38.94 -74.86 -69.19
CA PHE D 212 -38.53 -73.99 -68.09
C PHE D 212 -37.80 -72.77 -68.61
N THR D 213 -38.14 -71.56 -68.13
CA THR D 213 -37.59 -70.33 -68.66
C THR D 213 -37.90 -69.18 -67.68
N THR D 214 -37.26 -68.03 -67.85
CA THR D 214 -37.14 -67.05 -66.77
C THR D 214 -37.87 -65.74 -67.08
N ASP D 215 -38.72 -65.34 -66.14
CA ASP D 215 -39.51 -64.12 -66.23
C ASP D 215 -39.19 -63.30 -64.98
N PRO D 216 -38.02 -62.62 -64.90
CA PRO D 216 -37.49 -62.16 -63.62
C PRO D 216 -38.36 -61.20 -62.80
N ALA D 217 -39.69 -61.22 -63.04
CA ALA D 217 -40.58 -60.18 -62.53
C ALA D 217 -41.50 -60.75 -61.46
N LEU D 218 -41.73 -62.07 -61.51
CA LEU D 218 -42.24 -62.83 -60.37
C LEU D 218 -41.26 -62.72 -59.22
N ALA D 219 -41.71 -62.58 -57.98
CA ALA D 219 -40.77 -62.43 -56.87
C ALA D 219 -39.88 -63.66 -56.78
N GLU D 220 -38.98 -63.72 -55.80
CA GLU D 220 -38.04 -64.82 -55.68
C GLU D 220 -38.75 -66.18 -55.59
N GLU D 221 -39.47 -66.41 -54.49
CA GLU D 221 -40.04 -67.72 -54.19
C GLU D 221 -41.30 -67.97 -55.03
N ALA D 222 -41.51 -67.20 -56.10
CA ALA D 222 -42.79 -67.19 -56.79
C ALA D 222 -42.77 -67.95 -58.11
N TYR D 223 -43.27 -69.19 -58.09
CA TYR D 223 -43.31 -70.06 -59.23
C TYR D 223 -44.61 -69.84 -60.00
N VAL D 224 -44.66 -70.35 -61.24
CA VAL D 224 -45.90 -70.48 -62.00
C VAL D 224 -45.87 -71.81 -62.75
N LEU D 225 -47.05 -72.35 -63.05
CA LEU D 225 -47.15 -73.75 -63.46
C LEU D 225 -48.38 -73.91 -64.37
N ASN D 226 -48.19 -73.66 -65.67
CA ASN D 226 -49.26 -73.87 -66.63
C ASN D 226 -49.25 -75.34 -67.04
N ILE D 227 -50.43 -75.96 -67.07
CA ILE D 227 -50.59 -77.34 -67.49
C ILE D 227 -51.73 -77.34 -68.49
N THR D 228 -51.40 -77.03 -69.75
CA THR D 228 -52.26 -77.39 -70.87
C THR D 228 -51.88 -78.79 -71.27
N ALA D 229 -52.77 -79.47 -72.03
CA ALA D 229 -52.44 -80.76 -72.61
C ALA D 229 -51.25 -80.62 -73.57
N ASP D 230 -50.98 -79.39 -74.01
CA ASP D 230 -49.87 -79.11 -74.90
C ASP D 230 -48.54 -79.36 -74.19
N GLY D 231 -48.44 -78.93 -72.92
CA GLY D 231 -47.22 -79.05 -72.16
C GLY D 231 -47.32 -78.32 -70.81
N ILE D 232 -46.18 -78.30 -70.07
CA ILE D 232 -46.17 -77.87 -68.69
C ILE D 232 -45.13 -76.76 -68.49
N SER D 233 -45.43 -75.59 -69.06
CA SER D 233 -44.63 -74.42 -68.79
C SER D 233 -44.54 -74.23 -67.28
N VAL D 234 -43.28 -74.11 -66.79
CA VAL D 234 -42.99 -73.50 -65.51
C VAL D 234 -42.15 -72.25 -65.77
N ALA D 235 -42.74 -71.07 -65.56
CA ALA D 235 -41.98 -69.83 -65.50
C ALA D 235 -41.59 -69.57 -64.06
N SER D 236 -40.76 -68.53 -63.83
CA SER D 236 -40.25 -68.27 -62.49
C SER D 236 -39.29 -67.08 -62.51
N SER D 237 -38.50 -66.95 -61.43
CA SER D 237 -37.71 -65.76 -61.17
C SER D 237 -36.61 -65.96 -60.12
N THR D 238 -36.48 -67.18 -59.57
CA THR D 238 -35.36 -67.54 -58.72
C THR D 238 -35.43 -69.02 -58.47
N GLU D 239 -34.29 -69.73 -58.58
CA GLU D 239 -34.21 -71.14 -58.24
C GLU D 239 -35.30 -71.48 -57.22
N LYS D 240 -35.26 -70.74 -56.10
CA LYS D 240 -36.24 -70.82 -55.04
C LYS D 240 -37.63 -70.93 -55.67
N GLY D 241 -37.95 -69.95 -56.53
CA GLY D 241 -39.19 -70.00 -57.28
C GLY D 241 -39.43 -71.40 -57.81
N LYS D 242 -38.45 -71.88 -58.56
CA LYS D 242 -38.61 -72.99 -59.47
C LYS D 242 -38.62 -74.29 -58.70
N PHE D 243 -37.94 -74.34 -57.53
CA PHE D 243 -37.89 -75.58 -56.77
C PHE D 243 -39.29 -76.04 -56.39
N TYR D 244 -40.14 -75.10 -56.01
CA TYR D 244 -41.49 -75.42 -55.54
C TYR D 244 -42.38 -75.86 -56.68
N ALA D 245 -42.12 -75.33 -57.88
CA ALA D 245 -43.08 -75.46 -58.98
C ALA D 245 -43.31 -76.94 -59.31
N LEU D 246 -42.31 -77.80 -59.05
CA LEU D 246 -42.49 -79.22 -59.28
C LEU D 246 -42.79 -79.97 -57.98
N GLN D 247 -43.06 -79.20 -56.92
CA GLN D 247 -43.62 -79.76 -55.69
C GLN D 247 -45.12 -79.90 -55.87
N SER D 248 -45.83 -78.77 -55.96
CA SER D 248 -47.22 -78.80 -56.42
C SER D 248 -47.33 -79.97 -57.41
N LEU D 249 -46.65 -79.84 -58.55
CA LEU D 249 -46.76 -80.81 -59.65
C LEU D 249 -46.69 -82.22 -59.06
N ALA D 250 -45.61 -82.51 -58.32
CA ALA D 250 -45.48 -83.81 -57.69
C ALA D 250 -46.83 -84.20 -57.09
N GLN D 251 -47.31 -83.40 -56.13
CA GLN D 251 -48.54 -83.67 -55.39
C GLN D 251 -49.77 -83.72 -56.32
N LEU D 252 -49.70 -83.09 -57.50
CA LEU D 252 -50.73 -83.29 -58.50
C LEU D 252 -50.63 -84.68 -59.09
N ALA D 253 -49.39 -85.13 -59.34
CA ALA D 253 -49.15 -86.43 -59.92
C ALA D 253 -49.07 -87.46 -58.80
N GLU D 254 -50.20 -87.78 -58.18
CA GLU D 254 -50.18 -88.55 -56.94
C GLU D 254 -49.13 -87.92 -56.04
N GLY D 255 -48.66 -88.66 -55.03
CA GLY D 255 -47.43 -88.34 -54.32
C GLY D 255 -46.21 -88.89 -55.05
N ASN D 256 -46.40 -90.05 -55.72
CA ASN D 256 -45.35 -90.66 -56.52
C ASN D 256 -45.26 -89.89 -57.83
N ALA D 257 -45.99 -90.37 -58.85
CA ALA D 257 -46.31 -89.64 -60.07
C ALA D 257 -46.85 -90.59 -61.13
N GLU D 258 -47.88 -90.16 -61.86
CA GLU D 258 -48.49 -90.93 -62.94
C GLU D 258 -49.08 -89.94 -63.94
N GLY D 259 -50.40 -89.72 -63.82
CA GLY D 259 -51.14 -88.82 -64.69
C GLY D 259 -51.64 -87.58 -63.94
N LEU D 260 -51.67 -86.48 -64.69
CA LEU D 260 -52.18 -85.19 -64.26
C LEU D 260 -53.51 -84.91 -64.94
N PRO D 261 -54.23 -83.82 -64.54
CA PRO D 261 -55.19 -83.12 -65.40
C PRO D 261 -54.49 -81.96 -66.12
N LEU D 262 -55.23 -80.87 -66.36
CA LEU D 262 -54.69 -79.57 -66.77
C LEU D 262 -55.02 -78.53 -65.70
N VAL D 263 -54.34 -77.38 -65.73
CA VAL D 263 -54.53 -76.32 -64.74
C VAL D 263 -53.51 -75.21 -64.99
N ARG D 264 -53.73 -74.08 -64.30
CA ARG D 264 -52.63 -73.19 -63.91
C ARG D 264 -52.52 -73.19 -62.40
N ILE D 265 -51.28 -73.21 -61.92
CA ILE D 265 -50.99 -72.93 -60.53
C ILE D 265 -50.05 -71.73 -60.43
N ALA D 266 -50.60 -70.53 -60.63
CA ALA D 266 -49.95 -69.32 -60.18
C ALA D 266 -49.93 -69.31 -58.66
N ASP D 267 -48.75 -69.04 -58.07
CA ASP D 267 -48.57 -69.16 -56.64
C ASP D 267 -47.32 -68.36 -56.24
N LYS D 268 -47.32 -67.93 -54.96
CA LYS D 268 -46.22 -67.26 -54.30
C LYS D 268 -46.42 -67.42 -52.79
N PRO D 269 -45.44 -67.07 -51.93
CA PRO D 269 -45.61 -67.13 -50.47
C PRO D 269 -46.12 -65.86 -49.79
N ARG D 270 -47.18 -65.95 -49.00
CA ARG D 270 -47.51 -64.85 -48.08
C ARG D 270 -46.23 -64.46 -47.34
N PHE D 271 -45.65 -65.45 -46.67
CA PHE D 271 -44.55 -65.27 -45.74
C PHE D 271 -43.30 -65.96 -46.26
N GLY D 272 -42.16 -65.27 -46.13
CA GLY D 272 -40.94 -65.63 -46.84
C GLY D 272 -39.92 -66.33 -45.94
N TYR D 273 -40.29 -66.51 -44.67
CA TYR D 273 -39.48 -67.19 -43.69
C TYR D 273 -40.36 -68.19 -42.93
N ARG D 274 -40.42 -69.42 -43.46
CA ARG D 274 -41.27 -70.47 -42.95
C ARG D 274 -40.37 -71.54 -42.34
N GLY D 275 -40.53 -71.82 -41.03
CA GLY D 275 -39.51 -72.57 -40.30
C GLY D 275 -40.07 -73.73 -39.45
N PHE D 276 -39.16 -74.67 -39.12
CA PHE D 276 -39.28 -75.58 -37.98
C PHE D 276 -38.11 -75.26 -37.06
N MET D 277 -37.83 -76.13 -36.09
CA MET D 277 -36.68 -75.93 -35.21
C MET D 277 -36.52 -77.14 -34.28
N LEU D 278 -35.27 -77.57 -34.09
CA LEU D 278 -35.02 -78.87 -33.51
C LEU D 278 -34.31 -78.69 -32.19
N ASP D 279 -34.99 -79.03 -31.11
CA ASP D 279 -34.31 -79.19 -29.83
C ASP D 279 -33.48 -80.47 -29.90
N VAL D 280 -32.22 -80.29 -30.31
CA VAL D 280 -31.20 -81.32 -30.40
C VAL D 280 -30.32 -81.28 -29.15
N SER D 281 -30.69 -80.47 -28.14
CA SER D 281 -29.81 -80.20 -27.02
C SER D 281 -30.27 -80.98 -25.80
N ARG D 282 -31.57 -80.90 -25.53
CA ARG D 282 -32.23 -81.75 -24.54
C ARG D 282 -32.18 -83.22 -24.95
N HIS D 283 -31.80 -83.52 -26.20
CA HIS D 283 -31.46 -84.86 -26.64
C HIS D 283 -30.96 -84.77 -28.09
N PHE D 284 -30.26 -85.80 -28.54
CA PHE D 284 -29.77 -85.87 -29.92
C PHE D 284 -30.79 -86.55 -30.82
N PHE D 285 -30.57 -86.56 -32.14
CA PHE D 285 -31.27 -87.53 -33.01
C PHE D 285 -30.57 -87.66 -34.37
N SER D 286 -29.24 -87.79 -34.32
CA SER D 286 -28.52 -88.37 -35.44
C SER D 286 -28.49 -87.43 -36.64
N VAL D 287 -27.71 -87.79 -37.66
CA VAL D 287 -27.74 -87.11 -38.94
C VAL D 287 -28.42 -88.02 -39.97
N ALA D 288 -28.92 -89.18 -39.56
CA ALA D 288 -29.71 -90.04 -40.42
C ALA D 288 -31.15 -89.56 -40.42
N GLU D 289 -31.49 -88.77 -39.40
CA GLU D 289 -32.84 -88.27 -39.18
C GLU D 289 -32.87 -86.78 -39.56
N VAL D 290 -32.12 -85.94 -38.84
CA VAL D 290 -32.23 -84.51 -39.04
C VAL D 290 -32.45 -84.23 -40.52
N LYS D 291 -31.67 -84.88 -41.39
CA LYS D 291 -31.94 -84.85 -42.83
C LYS D 291 -33.38 -85.26 -43.10
N LYS D 292 -33.79 -86.40 -42.54
CA LYS D 292 -35.19 -86.85 -42.54
C LYS D 292 -35.95 -86.16 -41.39
N MET D 293 -35.70 -84.86 -41.23
CA MET D 293 -36.67 -83.94 -40.66
C MET D 293 -36.64 -82.63 -41.46
N ILE D 294 -35.59 -82.41 -42.27
CA ILE D 294 -35.60 -81.36 -43.29
C ILE D 294 -36.59 -81.76 -44.39
N ASP D 295 -36.60 -83.05 -44.73
CA ASP D 295 -37.36 -83.56 -45.86
C ASP D 295 -38.79 -83.07 -45.74
N ILE D 296 -39.43 -83.32 -44.60
CA ILE D 296 -40.88 -83.28 -44.54
C ILE D 296 -41.33 -81.83 -44.60
N MET D 297 -40.39 -80.89 -44.47
CA MET D 297 -40.64 -79.48 -44.66
C MET D 297 -40.41 -79.13 -46.11
N ALA D 298 -39.51 -79.84 -46.79
CA ALA D 298 -39.23 -79.60 -48.21
C ALA D 298 -40.56 -79.48 -48.96
N ARG D 299 -41.24 -80.62 -49.13
CA ARG D 299 -42.52 -80.67 -49.83
C ARG D 299 -43.27 -79.36 -49.56
N TYR D 300 -43.54 -79.09 -48.28
CA TYR D 300 -44.46 -78.05 -47.86
C TYR D 300 -43.78 -76.69 -47.77
N LYS D 301 -42.65 -76.54 -48.43
CA LYS D 301 -42.12 -75.24 -48.82
C LYS D 301 -41.66 -74.45 -47.61
N MET D 302 -41.01 -75.11 -46.64
CA MET D 302 -40.41 -74.41 -45.52
C MET D 302 -38.91 -74.27 -45.77
N ASN D 303 -38.30 -73.22 -45.19
CA ASN D 303 -36.95 -72.83 -45.60
C ASN D 303 -36.03 -72.72 -44.38
N VAL D 304 -36.24 -71.72 -43.55
CA VAL D 304 -35.38 -71.47 -42.41
C VAL D 304 -35.41 -72.69 -41.49
N PHE D 305 -34.50 -73.64 -41.72
CA PHE D 305 -34.25 -74.62 -40.67
C PHE D 305 -33.62 -73.89 -39.50
N HIS D 306 -34.24 -73.97 -38.32
CA HIS D 306 -33.67 -73.43 -37.10
C HIS D 306 -33.17 -74.61 -36.28
N TRP D 307 -32.01 -74.42 -35.65
CA TRP D 307 -31.26 -75.52 -35.05
C TRP D 307 -30.85 -75.14 -33.63
N HIS D 308 -31.29 -75.95 -32.66
CA HIS D 308 -31.00 -75.73 -31.26
C HIS D 308 -29.91 -76.72 -30.90
N LEU D 309 -28.68 -76.24 -30.82
CA LEU D 309 -27.52 -77.10 -30.60
C LEU D 309 -27.01 -76.98 -29.17
N THR D 310 -27.59 -76.05 -28.41
CA THR D 310 -26.99 -75.60 -27.17
C THR D 310 -28.05 -75.07 -26.21
N ASP D 311 -28.02 -75.63 -25.04
CA ASP D 311 -28.94 -75.52 -23.93
C ASP D 311 -28.17 -76.10 -22.75
N ASP D 312 -28.63 -75.81 -21.53
CA ASP D 312 -28.03 -76.45 -20.37
C ASP D 312 -27.66 -77.87 -20.74
N GLN D 313 -28.68 -78.66 -21.11
CA GLN D 313 -28.58 -80.10 -21.12
C GLN D 313 -27.49 -80.58 -22.08
N GLY D 314 -27.32 -79.86 -23.21
CA GLY D 314 -26.49 -80.35 -24.29
C GLY D 314 -25.48 -79.32 -24.82
N TRP D 315 -24.52 -79.80 -25.60
CA TRP D 315 -23.88 -78.95 -26.58
C TRP D 315 -23.39 -79.85 -27.70
N ARG D 316 -23.66 -79.45 -28.93
CA ARG D 316 -23.56 -80.37 -30.06
C ARG D 316 -22.74 -79.76 -31.21
N ALA D 317 -22.66 -78.43 -31.25
CA ALA D 317 -21.84 -77.73 -32.21
C ALA D 317 -20.37 -78.03 -31.91
N GLU D 318 -19.66 -78.65 -32.86
CA GLU D 318 -18.23 -78.75 -32.69
C GLU D 318 -17.66 -77.37 -32.99
N ILE D 319 -17.11 -76.75 -31.95
CA ILE D 319 -16.31 -75.55 -31.98
C ILE D 319 -14.93 -76.05 -31.60
N LYS D 320 -13.97 -75.84 -32.50
CA LYS D 320 -12.67 -76.51 -32.49
C LYS D 320 -11.57 -75.59 -31.90
N ARG D 321 -11.88 -74.32 -31.65
CA ARG D 321 -11.11 -73.45 -30.76
C ARG D 321 -11.49 -73.73 -29.31
N TYR D 322 -12.23 -74.82 -29.10
CA TYR D 322 -12.90 -75.15 -27.88
C TYR D 322 -13.38 -76.60 -27.97
N PRO D 323 -12.45 -77.58 -28.10
CA PRO D 323 -12.81 -79.00 -28.12
C PRO D 323 -13.51 -79.53 -26.88
N LYS D 324 -13.71 -78.68 -25.86
CA LYS D 324 -14.28 -79.07 -24.59
C LYS D 324 -15.74 -78.64 -24.48
N LEU D 325 -16.33 -78.18 -25.57
CA LEU D 325 -17.76 -77.88 -25.58
C LEU D 325 -18.55 -79.17 -25.85
N THR D 326 -17.88 -80.16 -26.47
CA THR D 326 -18.50 -81.37 -26.96
C THR D 326 -17.97 -82.58 -26.19
N THR D 327 -16.67 -82.58 -25.90
CA THR D 327 -16.09 -83.57 -25.01
C THR D 327 -16.99 -83.72 -23.78
N VAL D 328 -16.84 -82.81 -22.82
CA VAL D 328 -17.55 -82.90 -21.55
C VAL D 328 -18.97 -82.42 -21.76
N GLY D 329 -19.15 -81.13 -22.08
CA GLY D 329 -20.43 -80.65 -22.59
C GLY D 329 -21.35 -81.78 -23.05
N ALA D 330 -21.18 -82.21 -24.29
CA ALA D 330 -22.14 -83.05 -24.99
C ALA D 330 -22.65 -84.17 -24.09
N THR D 331 -21.75 -84.87 -23.39
CA THR D 331 -22.14 -86.03 -22.60
C THR D 331 -22.68 -85.59 -21.25
N ARG D 332 -23.60 -86.36 -20.70
CA ARG D 332 -24.04 -86.21 -19.31
C ARG D 332 -24.61 -87.56 -18.87
N SER D 333 -24.69 -87.78 -17.55
CA SER D 333 -24.78 -89.14 -17.03
C SER D 333 -26.23 -89.57 -16.81
N ASP D 334 -27.05 -89.47 -17.88
CA ASP D 334 -28.45 -89.90 -17.86
C ASP D 334 -29.10 -89.72 -19.24
N ASN D 335 -29.76 -90.77 -19.74
CA ASN D 335 -30.51 -90.77 -20.99
C ASN D 335 -31.12 -89.39 -21.26
N VAL D 349 -34.28 -90.46 -18.70
CA VAL D 349 -35.35 -89.45 -18.96
C VAL D 349 -34.78 -88.08 -18.55
N TYR D 350 -35.68 -87.12 -18.35
CA TYR D 350 -35.42 -85.96 -17.49
C TYR D 350 -36.10 -86.23 -16.14
N TRP D 351 -35.70 -85.50 -15.07
CA TRP D 351 -36.57 -85.32 -13.91
C TRP D 351 -37.87 -84.69 -14.36
N THR D 352 -38.65 -84.16 -13.43
CA THR D 352 -39.51 -83.00 -13.62
C THR D 352 -40.41 -82.87 -12.40
N GLY D 353 -39.78 -82.55 -11.26
CA GLY D 353 -40.44 -82.62 -9.96
C GLY D 353 -40.06 -83.89 -9.24
N ASN D 354 -40.64 -85.02 -9.70
CA ASN D 354 -40.37 -86.31 -9.08
C ASN D 354 -39.72 -87.26 -10.07
N GLY D 355 -40.36 -87.51 -11.22
CA GLY D 355 -39.76 -88.37 -12.23
C GLY D 355 -38.23 -88.28 -12.17
N ALA D 356 -37.49 -89.38 -12.35
CA ALA D 356 -36.12 -89.49 -11.87
C ALA D 356 -35.12 -89.28 -13.01
N LYS D 357 -33.85 -89.57 -12.75
CA LYS D 357 -32.80 -89.71 -13.75
C LYS D 357 -32.35 -91.17 -13.71
N THR D 358 -31.77 -91.69 -14.81
CA THR D 358 -31.57 -93.14 -14.96
C THR D 358 -30.09 -93.50 -15.05
N GLY D 359 -29.30 -92.96 -14.12
CA GLY D 359 -27.87 -93.21 -14.01
C GLY D 359 -27.25 -93.99 -15.17
N LYS D 360 -27.58 -93.67 -16.43
CA LYS D 360 -27.03 -94.36 -17.59
C LYS D 360 -26.57 -93.33 -18.61
N PRO D 361 -25.25 -93.24 -18.92
CA PRO D 361 -24.73 -92.11 -19.68
C PRO D 361 -25.42 -91.94 -21.03
N TYR D 362 -25.30 -90.73 -21.60
CA TYR D 362 -26.04 -90.36 -22.79
C TYR D 362 -25.50 -89.01 -23.27
N GLY D 363 -24.88 -89.04 -24.46
CA GLY D 363 -24.92 -87.95 -25.41
C GLY D 363 -24.86 -88.41 -26.86
N PRO D 364 -24.71 -89.72 -27.19
CA PRO D 364 -24.77 -90.21 -28.55
C PRO D 364 -25.42 -89.19 -29.49
N TYR D 365 -24.64 -88.56 -30.40
CA TYR D 365 -23.20 -88.66 -30.49
C TYR D 365 -22.64 -87.43 -31.23
N PHE D 366 -23.15 -86.25 -30.86
CA PHE D 366 -22.64 -84.91 -31.18
C PHE D 366 -22.24 -84.74 -32.63
N TYR D 367 -22.13 -83.43 -33.05
CA TYR D 367 -21.94 -83.12 -34.47
C TYR D 367 -20.52 -82.66 -34.73
N THR D 368 -19.65 -83.57 -35.15
CA THR D 368 -18.34 -83.24 -35.71
C THR D 368 -18.55 -82.33 -36.92
N GLN D 369 -17.68 -81.33 -37.09
CA GLN D 369 -17.91 -80.27 -38.04
C GLN D 369 -18.43 -80.84 -39.36
N ASP D 370 -17.72 -81.78 -39.97
CA ASP D 370 -18.10 -82.23 -41.31
C ASP D 370 -19.61 -82.52 -41.33
N GLU D 371 -20.10 -83.19 -40.27
CA GLU D 371 -21.50 -83.58 -40.21
C GLU D 371 -22.38 -82.35 -40.39
N MET D 372 -21.86 -81.22 -39.92
CA MET D 372 -22.57 -79.96 -39.87
C MET D 372 -22.51 -79.25 -41.20
N ARG D 373 -21.59 -79.58 -42.11
CA ARG D 373 -21.61 -79.06 -43.48
C ARG D 373 -21.99 -80.15 -44.47
N GLU D 374 -22.06 -81.39 -43.99
CA GLU D 374 -22.69 -82.48 -44.75
C GLU D 374 -24.19 -82.12 -44.88
N VAL D 375 -24.84 -82.05 -43.73
CA VAL D 375 -26.28 -81.84 -43.68
C VAL D 375 -26.55 -80.49 -44.32
N VAL D 376 -26.20 -79.42 -43.61
CA VAL D 376 -26.39 -78.03 -44.05
C VAL D 376 -26.49 -77.93 -45.57
N ALA D 377 -25.81 -78.87 -46.26
CA ALA D 377 -25.72 -78.89 -47.71
C ALA D 377 -26.98 -79.47 -48.30
N TYR D 378 -27.44 -80.65 -47.85
CA TYR D 378 -28.79 -81.14 -48.14
C TYR D 378 -29.66 -79.94 -48.46
N ALA D 379 -29.98 -79.17 -47.43
CA ALA D 379 -30.88 -78.03 -47.51
C ALA D 379 -30.70 -77.28 -48.82
N LYS D 380 -29.46 -77.01 -49.24
CA LYS D 380 -29.20 -76.24 -50.43
C LYS D 380 -29.64 -76.95 -51.70
N GLU D 381 -30.08 -78.20 -51.61
CA GLU D 381 -30.71 -78.92 -52.71
C GLU D 381 -32.21 -78.77 -52.57
N ARG D 382 -32.65 -78.57 -51.33
CA ARG D 382 -34.04 -78.38 -50.96
C ARG D 382 -34.23 -76.96 -50.41
N HIS D 383 -33.37 -76.04 -50.87
CA HIS D 383 -33.46 -74.62 -50.58
C HIS D 383 -33.98 -74.35 -49.17
N ILE D 384 -33.30 -74.92 -48.15
CA ILE D 384 -33.67 -74.73 -46.76
C ILE D 384 -32.53 -74.04 -46.02
N GLU D 385 -32.54 -72.70 -46.05
CA GLU D 385 -31.48 -71.92 -45.43
C GLU D 385 -31.54 -72.17 -43.92
N VAL D 386 -30.36 -72.08 -43.27
CA VAL D 386 -30.17 -72.68 -41.96
C VAL D 386 -29.63 -71.67 -40.96
N LEU D 387 -30.50 -71.18 -40.07
CA LEU D 387 -30.05 -70.42 -38.92
C LEU D 387 -29.40 -71.39 -37.94
N PRO D 388 -28.20 -71.05 -37.38
CA PRO D 388 -27.65 -71.75 -36.22
C PRO D 388 -27.78 -70.99 -34.90
N GLU D 389 -28.11 -71.73 -33.83
CA GLU D 389 -28.36 -71.13 -32.52
C GLU D 389 -27.28 -71.53 -31.51
N VAL D 390 -26.49 -70.52 -31.11
CA VAL D 390 -25.56 -70.58 -30.00
C VAL D 390 -26.25 -69.88 -28.82
N ASP D 391 -27.33 -70.47 -28.30
CA ASP D 391 -28.18 -69.75 -27.37
C ASP D 391 -27.32 -69.25 -26.22
N MET D 392 -27.19 -67.93 -26.14
CA MET D 392 -26.36 -67.20 -25.20
C MET D 392 -27.17 -66.03 -24.66
N PRO D 393 -26.95 -65.50 -23.43
CA PRO D 393 -25.83 -65.87 -22.57
C PRO D 393 -26.16 -66.90 -21.49
N GLY D 394 -27.44 -67.03 -21.16
CA GLY D 394 -27.92 -68.04 -20.23
C GLY D 394 -27.91 -69.40 -20.88
N HIS D 395 -28.86 -70.29 -20.47
CA HIS D 395 -28.88 -71.67 -20.90
C HIS D 395 -27.48 -72.13 -21.28
N PHE D 396 -26.61 -72.30 -20.30
CA PHE D 396 -25.23 -72.66 -20.54
C PHE D 396 -24.59 -73.24 -19.30
N VAL D 397 -25.11 -74.39 -18.83
CA VAL D 397 -24.35 -75.24 -17.93
C VAL D 397 -23.48 -76.20 -18.76
N ALA D 398 -23.92 -76.56 -19.98
CA ALA D 398 -23.23 -77.57 -20.78
C ALA D 398 -21.79 -77.17 -21.05
N ALA D 399 -21.64 -75.96 -21.60
CA ALA D 399 -20.36 -75.35 -21.93
C ALA D 399 -20.03 -74.29 -20.89
N MET D 400 -20.35 -74.62 -19.63
CA MET D 400 -19.91 -73.90 -18.43
C MET D 400 -19.34 -74.89 -17.43
N ALA D 401 -20.07 -75.99 -17.23
CA ALA D 401 -19.58 -77.14 -16.48
C ALA D 401 -18.25 -77.63 -17.03
N ALA D 402 -17.97 -77.31 -18.31
CA ALA D 402 -16.75 -77.69 -19.00
C ALA D 402 -15.73 -76.54 -19.05
N TYR D 403 -16.19 -75.32 -18.77
CA TYR D 403 -15.32 -74.16 -18.71
C TYR D 403 -15.84 -73.14 -17.71
N PRO D 404 -15.92 -73.50 -16.41
CA PRO D 404 -16.54 -72.62 -15.40
C PRO D 404 -15.69 -71.42 -14.99
N GLU D 405 -14.37 -71.48 -15.27
CA GLU D 405 -13.49 -70.40 -14.85
C GLU D 405 -14.06 -69.04 -15.27
N TYR D 406 -14.85 -69.04 -16.35
CA TYR D 406 -15.52 -67.88 -16.90
C TYR D 406 -17.01 -68.04 -16.60
N SER D 407 -17.30 -68.09 -15.30
CA SER D 407 -18.65 -68.29 -14.80
C SER D 407 -18.97 -67.22 -13.76
N CYS D 408 -20.22 -67.23 -13.30
CA CYS D 408 -20.65 -66.38 -12.21
C CYS D 408 -19.78 -66.61 -10.98
N ASN D 409 -19.55 -67.87 -10.68
CA ASN D 409 -18.75 -68.33 -9.55
C ASN D 409 -18.14 -69.66 -9.99
N PRO D 410 -16.86 -69.70 -10.41
CA PRO D 410 -16.22 -70.92 -10.91
C PRO D 410 -15.96 -72.03 -9.90
N SER D 411 -15.51 -71.64 -8.71
CA SER D 411 -15.31 -72.55 -7.59
C SER D 411 -16.65 -72.92 -6.93
N ARG D 412 -17.72 -72.95 -7.74
CA ARG D 412 -18.90 -73.73 -7.44
C ARG D 412 -19.04 -74.80 -8.52
N ALA D 413 -19.54 -75.97 -8.10
CA ALA D 413 -19.65 -77.13 -8.96
C ALA D 413 -20.88 -77.02 -9.87
N PRO D 414 -20.73 -76.69 -11.17
CA PRO D 414 -21.76 -76.90 -12.17
C PRO D 414 -21.75 -78.37 -12.59
N GLN D 415 -22.86 -78.86 -13.18
CA GLN D 415 -22.84 -80.18 -13.80
C GLN D 415 -23.73 -80.22 -15.04
N VAL D 416 -23.19 -80.83 -16.10
CA VAL D 416 -23.87 -80.94 -17.39
C VAL D 416 -25.33 -81.32 -17.15
N TRP D 417 -26.14 -80.28 -16.99
CA TRP D 417 -27.48 -80.44 -16.45
C TRP D 417 -28.18 -81.63 -17.08
N THR D 418 -29.03 -82.26 -16.28
CA THR D 418 -29.82 -83.42 -16.68
C THR D 418 -31.29 -83.09 -16.90
N GLY D 419 -31.84 -82.21 -16.04
CA GLY D 419 -33.28 -82.10 -15.92
C GLY D 419 -33.90 -81.11 -16.91
N GLY D 420 -35.18 -80.83 -16.69
CA GLY D 420 -35.87 -79.65 -17.19
C GLY D 420 -36.05 -78.60 -16.09
N GLY D 421 -36.33 -77.35 -16.50
CA GLY D 421 -36.10 -76.17 -15.69
C GLY D 421 -35.26 -75.13 -16.42
N ILE D 422 -35.17 -73.92 -15.82
CA ILE D 422 -34.35 -72.82 -16.28
C ILE D 422 -33.15 -72.73 -15.35
N SER D 423 -31.97 -72.31 -15.87
CA SER D 423 -30.70 -72.39 -15.16
C SER D 423 -30.17 -71.01 -14.81
N SER D 424 -29.58 -70.89 -13.61
CA SER D 424 -29.20 -69.60 -13.05
C SER D 424 -27.68 -69.43 -13.04
N ASP D 425 -26.93 -70.44 -13.47
CA ASP D 425 -25.48 -70.36 -13.43
C ASP D 425 -25.02 -69.83 -14.80
N VAL D 426 -25.25 -68.53 -14.96
CA VAL D 426 -25.16 -67.85 -16.23
C VAL D 426 -23.71 -67.52 -16.58
N LEU D 427 -23.54 -66.88 -17.75
CA LEU D 427 -22.24 -66.64 -18.35
C LEU D 427 -21.71 -65.28 -17.91
N ASN D 428 -21.00 -65.28 -16.79
CA ASN D 428 -20.20 -64.13 -16.38
C ASN D 428 -19.83 -63.31 -17.60
N VAL D 429 -20.55 -62.19 -17.83
CA VAL D 429 -20.28 -61.35 -19.00
C VAL D 429 -19.12 -60.40 -18.70
N ALA D 430 -18.74 -60.30 -17.42
CA ALA D 430 -17.73 -59.37 -16.96
C ALA D 430 -16.44 -60.15 -16.68
N ASN D 431 -15.85 -60.61 -17.77
CA ASN D 431 -14.61 -61.36 -17.81
C ASN D 431 -14.31 -61.51 -19.30
N PRO D 432 -13.92 -60.42 -19.98
CA PRO D 432 -13.72 -60.41 -21.44
C PRO D 432 -12.75 -61.44 -22.03
N GLN D 433 -12.78 -62.67 -21.50
CA GLN D 433 -12.39 -63.86 -22.24
C GLN D 433 -13.60 -64.78 -22.40
N ALA D 434 -14.44 -64.87 -21.35
CA ALA D 434 -15.76 -65.45 -21.48
C ALA D 434 -16.43 -64.95 -22.76
N VAL D 435 -16.28 -63.66 -23.01
CA VAL D 435 -16.65 -63.05 -24.29
C VAL D 435 -15.90 -63.76 -25.41
N GLU D 436 -14.63 -63.39 -25.64
CA GLU D 436 -13.83 -63.99 -26.72
C GLU D 436 -14.41 -65.35 -27.04
N PHE D 437 -14.54 -66.19 -25.99
CA PHE D 437 -15.18 -67.49 -26.13
C PHE D 437 -16.35 -67.36 -27.08
N ALA D 438 -17.34 -66.54 -26.77
CA ALA D 438 -18.45 -66.31 -27.71
C ALA D 438 -17.85 -65.94 -29.06
N LYS D 439 -17.23 -64.75 -29.12
CA LYS D 439 -16.87 -64.18 -30.43
C LYS D 439 -16.08 -65.16 -31.26
N ASN D 440 -15.33 -66.07 -30.61
CA ASN D 440 -14.54 -67.05 -31.37
C ASN D 440 -15.47 -68.13 -31.91
N ILE D 441 -16.62 -68.33 -31.26
CA ILE D 441 -17.63 -69.24 -31.78
C ILE D 441 -18.17 -68.63 -33.07
N LEU D 442 -18.54 -67.34 -33.02
CA LEU D 442 -19.10 -66.61 -34.15
C LEU D 442 -18.14 -66.62 -35.35
N ASP D 443 -16.95 -67.19 -35.18
CA ASP D 443 -16.09 -67.51 -36.30
C ASP D 443 -16.44 -68.90 -36.82
N GLU D 444 -16.60 -69.84 -35.88
CA GLU D 444 -16.73 -71.25 -36.20
C GLU D 444 -18.01 -71.46 -36.99
N LEU D 445 -19.12 -70.94 -36.47
CA LEU D 445 -20.33 -70.77 -37.27
C LEU D 445 -19.90 -70.37 -38.68
N CYS D 446 -19.45 -69.12 -38.86
CA CYS D 446 -19.28 -68.55 -40.18
C CYS D 446 -18.97 -69.68 -41.15
N ASP D 447 -17.92 -70.44 -40.80
CA ASP D 447 -17.33 -71.45 -41.66
C ASP D 447 -18.40 -72.45 -42.08
N ILE D 448 -19.11 -73.03 -41.11
CA ILE D 448 -20.11 -74.05 -41.40
C ILE D 448 -21.35 -73.44 -42.05
N PHE D 449 -21.74 -72.28 -41.52
CA PHE D 449 -23.03 -71.66 -41.83
C PHE D 449 -22.77 -70.35 -42.57
N PRO D 450 -23.03 -70.29 -43.90
CA PRO D 450 -22.96 -69.02 -44.65
C PRO D 450 -24.21 -68.14 -44.59
N TYR D 451 -25.14 -68.46 -43.68
CA TYR D 451 -26.49 -67.93 -43.73
C TYR D 451 -26.59 -66.67 -42.86
N PRO D 452 -27.22 -65.58 -43.36
CA PRO D 452 -26.95 -64.24 -42.83
C PRO D 452 -27.64 -63.87 -41.52
N TYR D 453 -28.11 -64.86 -40.75
CA TYR D 453 -28.61 -64.60 -39.41
C TYR D 453 -28.12 -65.67 -38.44
N ILE D 454 -27.81 -65.25 -37.18
CA ILE D 454 -27.29 -66.15 -36.15
C ILE D 454 -28.16 -66.02 -34.90
N HIS D 455 -28.70 -67.14 -34.42
CA HIS D 455 -29.71 -67.07 -33.37
C HIS D 455 -29.09 -67.24 -31.99
N VAL D 456 -29.11 -66.17 -31.20
CA VAL D 456 -28.26 -66.01 -30.03
C VAL D 456 -29.12 -65.87 -28.77
N GLY D 457 -30.35 -66.40 -28.80
CA GLY D 457 -31.08 -66.70 -27.58
C GLY D 457 -31.59 -65.46 -26.83
N GLY D 458 -30.85 -65.04 -25.80
CA GLY D 458 -31.30 -63.98 -24.92
C GLY D 458 -32.62 -64.27 -24.20
N ASP D 459 -33.02 -65.55 -24.10
CA ASP D 459 -34.26 -65.96 -23.45
C ASP D 459 -34.02 -66.35 -22.00
N GLU D 460 -35.05 -66.13 -21.15
CA GLU D 460 -35.07 -66.68 -19.81
C GLU D 460 -33.65 -66.89 -19.31
N CYS D 461 -32.98 -65.78 -18.98
CA CYS D 461 -31.68 -65.83 -18.33
C CYS D 461 -31.79 -65.11 -16.99
N PRO D 462 -31.90 -65.84 -15.87
CA PRO D 462 -31.76 -65.23 -14.53
C PRO D 462 -30.49 -64.40 -14.37
N THR D 463 -30.65 -63.23 -13.74
CA THR D 463 -29.56 -62.31 -13.46
C THR D 463 -28.96 -62.56 -12.06
N THR D 464 -29.59 -63.48 -11.28
CA THR D 464 -29.43 -63.42 -9.82
C THR D 464 -28.08 -64.02 -9.41
N GLN D 465 -27.07 -63.72 -10.19
CA GLN D 465 -25.72 -64.23 -10.10
C GLN D 465 -24.79 -63.19 -10.71
N TRP D 466 -25.30 -62.38 -11.64
CA TRP D 466 -24.68 -61.09 -11.97
C TRP D 466 -24.74 -60.21 -10.73
N GLU D 467 -25.93 -59.90 -10.25
CA GLU D 467 -26.08 -59.17 -8.98
C GLU D 467 -24.88 -59.46 -8.07
N HIS D 468 -24.57 -60.76 -7.86
CA HIS D 468 -23.52 -61.20 -6.94
C HIS D 468 -22.27 -61.63 -7.67
N ASN D 469 -22.04 -61.14 -8.89
CA ASN D 469 -20.78 -61.33 -9.60
C ASN D 469 -20.06 -59.99 -9.62
N ASP D 470 -18.84 -59.99 -9.10
CA ASP D 470 -18.18 -58.79 -8.61
C ASP D 470 -17.57 -57.94 -9.72
N LEU D 471 -17.45 -58.51 -10.94
CA LEU D 471 -16.86 -57.81 -12.06
C LEU D 471 -17.98 -57.07 -12.79
N CYS D 472 -19.18 -57.66 -12.75
CA CYS D 472 -20.35 -57.01 -13.32
C CYS D 472 -20.83 -55.92 -12.37
N GLN D 473 -20.74 -56.17 -11.04
CA GLN D 473 -21.00 -55.17 -10.02
C GLN D 473 -20.25 -53.87 -10.33
N GLN D 474 -19.37 -53.90 -11.35
CA GLN D 474 -18.45 -52.83 -11.65
C GLN D 474 -18.74 -52.22 -13.01
N LYS D 475 -19.21 -53.00 -13.98
CA LYS D 475 -19.81 -52.41 -15.17
C LYS D 475 -20.96 -51.50 -14.73
N TYR D 476 -21.88 -52.06 -13.94
CA TYR D 476 -23.16 -51.43 -13.67
C TYR D 476 -23.02 -50.19 -12.78
N LYS D 477 -21.79 -49.72 -12.56
CA LYS D 477 -21.57 -48.36 -12.06
C LYS D 477 -21.22 -47.43 -13.23
N GLU D 478 -20.39 -47.98 -14.12
CA GLU D 478 -20.05 -47.30 -15.35
C GLU D 478 -21.33 -46.92 -16.08
N LEU D 479 -22.00 -47.96 -16.59
CA LEU D 479 -23.15 -47.81 -17.45
C LEU D 479 -24.02 -46.72 -16.85
N GLY D 480 -24.36 -46.90 -15.58
CA GLY D 480 -25.05 -45.91 -14.77
C GLY D 480 -26.50 -46.26 -14.47
N LEU D 481 -26.84 -47.57 -14.37
CA LEU D 481 -28.23 -48.02 -14.34
C LEU D 481 -28.44 -49.14 -13.33
N THR D 482 -29.70 -49.30 -12.93
CA THR D 482 -30.10 -50.17 -11.83
C THR D 482 -30.94 -51.35 -12.30
N SER D 483 -30.56 -51.95 -13.44
CA SER D 483 -31.18 -53.21 -13.86
C SER D 483 -30.14 -54.13 -14.45
N TYR D 484 -30.04 -55.35 -13.88
CA TYR D 484 -28.88 -56.21 -14.11
C TYR D 484 -29.11 -57.11 -15.31
N ARG D 485 -30.33 -57.07 -15.85
CA ARG D 485 -30.60 -57.67 -17.14
C ARG D 485 -29.67 -57.04 -18.18
N GLN D 486 -29.34 -55.76 -17.99
CA GLN D 486 -28.89 -54.89 -19.06
C GLN D 486 -27.50 -55.22 -19.61
N LEU D 487 -26.74 -56.12 -18.97
CA LEU D 487 -25.56 -56.64 -19.64
C LEU D 487 -26.03 -57.57 -20.75
N GLN D 488 -27.03 -58.42 -20.43
CA GLN D 488 -27.56 -59.32 -21.44
C GLN D 488 -27.71 -58.53 -22.74
N ALA D 489 -28.10 -57.25 -22.65
CA ALA D 489 -28.12 -56.40 -23.83
C ALA D 489 -26.66 -56.10 -24.21
N HIS D 490 -25.93 -55.51 -23.26
CA HIS D 490 -24.60 -54.99 -23.52
C HIS D 490 -23.62 -56.12 -23.78
N PHE D 491 -24.05 -57.37 -23.59
CA PHE D 491 -23.30 -58.55 -23.97
C PHE D 491 -23.57 -58.93 -25.42
N ILE D 492 -24.69 -58.42 -25.97
CA ILE D 492 -25.09 -58.67 -27.33
C ILE D 492 -24.55 -57.55 -28.21
N LYS D 493 -24.76 -56.31 -27.76
CA LYS D 493 -24.14 -55.18 -28.43
C LYS D 493 -22.77 -55.67 -28.91
N ASP D 494 -21.80 -55.73 -27.98
CA ASP D 494 -20.45 -56.08 -28.36
C ASP D 494 -20.49 -56.82 -29.69
N LEU D 495 -21.23 -57.96 -29.71
CA LEU D 495 -21.04 -58.97 -30.73
C LEU D 495 -21.21 -58.33 -32.10
N ALA D 496 -22.20 -57.45 -32.21
CA ALA D 496 -22.59 -56.85 -33.48
C ALA D 496 -21.45 -56.00 -34.05
N ASP D 497 -20.67 -55.38 -33.16
CA ASP D 497 -19.79 -54.29 -33.56
C ASP D 497 -18.36 -54.81 -33.80
N PHE D 498 -18.15 -56.11 -33.57
CA PHE D 498 -17.04 -56.86 -34.14
C PHE D 498 -17.57 -57.82 -35.19
N VAL D 499 -18.90 -57.98 -35.24
CA VAL D 499 -19.60 -58.47 -36.42
C VAL D 499 -20.06 -57.26 -37.24
N ALA D 500 -19.34 -56.13 -37.12
CA ALA D 500 -19.46 -55.01 -38.02
C ALA D 500 -18.14 -54.82 -38.79
N THR D 501 -17.51 -55.96 -39.13
CA THR D 501 -16.57 -56.09 -40.24
C THR D 501 -17.01 -57.30 -41.05
N LYS D 502 -17.10 -58.44 -40.37
CA LYS D 502 -18.30 -59.29 -40.35
C LYS D 502 -18.77 -59.82 -41.70
N ASN D 503 -19.94 -60.50 -41.66
CA ASN D 503 -20.73 -60.85 -42.83
C ASN D 503 -22.04 -61.52 -42.42
N LYS D 504 -22.83 -60.98 -41.44
CA LYS D 504 -23.94 -61.71 -40.83
C LYS D 504 -24.95 -60.78 -40.19
N HIS D 505 -25.83 -61.28 -39.26
CA HIS D 505 -26.76 -60.52 -38.42
C HIS D 505 -27.05 -61.29 -37.11
N LEU D 506 -27.95 -60.76 -36.25
CA LEU D 506 -28.35 -61.40 -35.01
C LEU D 506 -29.87 -61.56 -34.87
N VAL D 507 -30.28 -62.54 -34.07
CA VAL D 507 -31.67 -62.91 -33.85
C VAL D 507 -31.83 -63.17 -32.36
N CYS D 508 -33.07 -63.23 -31.86
CA CYS D 508 -33.28 -63.49 -30.44
C CYS D 508 -34.70 -64.00 -30.15
N TRP D 509 -34.86 -64.57 -28.95
CA TRP D 509 -36.16 -64.75 -28.32
C TRP D 509 -36.64 -63.37 -27.84
N ASN D 510 -37.78 -63.35 -27.12
CA ASN D 510 -38.54 -62.12 -26.97
C ASN D 510 -38.41 -61.52 -25.57
N GLU D 511 -37.60 -62.15 -24.71
CA GLU D 511 -37.33 -61.53 -23.42
C GLU D 511 -36.26 -60.47 -23.63
N ALA D 512 -35.59 -60.50 -24.80
CA ALA D 512 -34.66 -59.45 -25.19
C ALA D 512 -35.39 -58.15 -25.52
N ILE D 513 -36.51 -57.91 -24.84
CA ILE D 513 -37.35 -56.74 -25.05
C ILE D 513 -38.06 -56.39 -23.75
N THR D 514 -37.36 -56.58 -22.61
CA THR D 514 -37.77 -55.98 -21.36
C THR D 514 -36.57 -55.30 -20.70
N ALA D 515 -35.63 -54.85 -21.53
CA ALA D 515 -34.29 -54.54 -21.09
C ALA D 515 -33.85 -53.19 -21.66
N GLY D 516 -32.52 -53.02 -21.62
CA GLY D 516 -31.86 -51.95 -22.35
C GLY D 516 -31.85 -52.28 -23.82
N GLY D 517 -32.96 -51.99 -24.53
CA GLY D 517 -33.08 -52.33 -25.93
C GLY D 517 -32.19 -51.43 -26.78
N ALA D 518 -32.31 -50.12 -26.56
CA ALA D 518 -31.61 -49.14 -27.38
C ALA D 518 -30.12 -49.12 -27.03
N ASP D 519 -29.61 -50.24 -26.50
CA ASP D 519 -28.19 -50.50 -26.39
C ASP D 519 -27.85 -51.84 -27.03
N LEU D 520 -28.73 -52.34 -27.90
CA LEU D 520 -28.63 -53.67 -28.47
C LEU D 520 -27.54 -53.72 -29.54
N GLN D 525 -29.30 -51.68 -30.95
CA GLN D 525 -30.33 -50.79 -31.54
C GLN D 525 -31.71 -51.44 -31.51
N THR D 526 -32.47 -51.15 -32.56
CA THR D 526 -33.68 -51.88 -32.94
C THR D 526 -33.44 -52.45 -34.33
N GLN D 527 -32.20 -52.85 -34.57
CA GLN D 527 -31.85 -53.75 -35.67
C GLN D 527 -31.55 -55.10 -35.06
N SER D 528 -32.60 -55.92 -34.93
CA SER D 528 -32.47 -57.35 -34.62
C SER D 528 -33.81 -58.09 -34.66
N THR D 529 -33.84 -59.26 -35.31
CA THR D 529 -35.08 -60.01 -35.47
C THR D 529 -35.40 -60.68 -34.14
N ILE D 530 -36.66 -60.51 -33.68
CA ILE D 530 -37.22 -61.18 -32.52
C ILE D 530 -38.00 -62.41 -32.95
N MET D 531 -38.28 -63.36 -32.03
CA MET D 531 -38.95 -64.60 -32.36
C MET D 531 -39.91 -65.02 -31.25
N SER D 532 -41.11 -64.41 -31.28
CA SER D 532 -41.85 -64.12 -30.06
C SER D 532 -42.77 -65.27 -29.67
N TRP D 533 -42.24 -66.21 -28.86
CA TRP D 533 -43.08 -67.28 -28.33
C TRP D 533 -44.00 -66.75 -27.25
N ASN D 534 -43.51 -66.65 -26.01
CA ASN D 534 -44.22 -66.00 -24.91
C ASN D 534 -44.92 -64.77 -25.49
N PRO D 535 -45.90 -64.17 -24.77
CA PRO D 535 -46.80 -63.25 -25.43
C PRO D 535 -46.34 -63.02 -26.87
N CYS D 536 -46.79 -63.90 -27.78
CA CYS D 536 -46.76 -63.64 -29.20
C CYS D 536 -47.47 -62.31 -29.46
N GLN D 537 -48.80 -62.33 -29.64
CA GLN D 537 -49.50 -61.15 -30.13
C GLN D 537 -48.89 -59.89 -29.50
N GLU D 538 -48.92 -59.85 -28.15
CA GLU D 538 -48.49 -58.66 -27.42
C GLU D 538 -46.97 -58.50 -27.49
N GLY D 539 -46.27 -59.55 -27.96
CA GLY D 539 -44.82 -59.49 -28.16
C GLY D 539 -44.43 -59.29 -29.62
N VAL D 540 -45.05 -60.02 -30.55
CA VAL D 540 -44.95 -59.65 -31.95
C VAL D 540 -45.07 -58.13 -32.05
N ALA D 541 -46.23 -57.60 -31.60
CA ALA D 541 -46.57 -56.20 -31.76
C ALA D 541 -45.66 -55.27 -30.96
N LYS D 542 -45.22 -55.65 -29.76
CA LYS D 542 -44.33 -54.84 -28.96
C LYS D 542 -42.89 -55.32 -29.12
N ALA D 543 -42.72 -56.52 -29.71
CA ALA D 543 -41.45 -57.19 -29.79
C ALA D 543 -41.14 -57.54 -31.25
N VAL D 544 -40.77 -56.54 -32.05
CA VAL D 544 -41.02 -55.14 -31.75
C VAL D 544 -41.35 -54.40 -33.04
N LYS D 545 -42.62 -54.42 -33.43
CA LYS D 545 -43.06 -53.49 -34.48
C LYS D 545 -43.14 -52.07 -33.94
N LYS D 546 -43.33 -51.95 -32.62
CA LYS D 546 -43.56 -50.67 -31.99
C LYS D 546 -42.24 -50.00 -31.61
N LEU D 547 -41.10 -50.65 -31.86
CA LEU D 547 -39.82 -50.00 -31.61
C LEU D 547 -38.96 -50.09 -32.85
N GLY D 548 -39.37 -50.90 -33.86
CA GLY D 548 -38.78 -50.82 -35.19
C GLY D 548 -38.17 -52.14 -35.70
N LEU D 549 -38.45 -53.20 -34.95
CA LEU D 549 -37.75 -54.46 -35.09
C LEU D 549 -38.58 -55.36 -35.98
N PRO D 550 -38.04 -55.93 -37.09
CA PRO D 550 -38.69 -57.08 -37.73
C PRO D 550 -39.18 -58.07 -36.67
N ALA D 551 -39.81 -59.17 -37.09
CA ALA D 551 -40.16 -60.20 -36.12
C ALA D 551 -40.61 -61.47 -36.85
N ILE D 552 -40.39 -62.60 -36.18
CA ILE D 552 -40.56 -63.95 -36.68
C ILE D 552 -41.58 -64.57 -35.73
N VAL D 553 -42.81 -64.55 -36.23
CA VAL D 553 -43.98 -64.92 -35.47
C VAL D 553 -43.82 -66.41 -35.13
N LYS D 558 -44.39 -68.37 -33.25
CA LYS D 558 -44.17 -69.61 -32.47
C LYS D 558 -45.09 -69.64 -31.25
N GLY D 559 -46.38 -69.45 -31.53
CA GLY D 559 -47.35 -69.22 -30.47
C GLY D 559 -47.47 -70.43 -29.56
N ASP D 560 -46.69 -70.43 -28.45
CA ASP D 560 -46.91 -71.41 -27.39
C ASP D 560 -48.30 -72.03 -27.53
N GLY D 561 -49.31 -71.16 -27.58
CA GLY D 561 -50.68 -71.57 -27.85
C GLY D 561 -50.97 -71.54 -29.35
N GLY D 562 -50.21 -72.37 -30.08
CA GLY D 562 -50.43 -72.58 -31.49
C GLY D 562 -49.33 -73.41 -32.13
N TYR D 563 -48.23 -72.72 -32.44
CA TYR D 563 -47.15 -73.23 -33.30
C TYR D 563 -46.02 -73.89 -32.50
N TYR D 564 -46.34 -74.44 -31.34
CA TYR D 564 -45.45 -75.37 -30.67
C TYR D 564 -45.90 -76.80 -30.98
N ILE D 565 -45.47 -77.29 -32.13
CA ILE D 565 -45.72 -78.66 -32.54
C ILE D 565 -44.74 -79.57 -31.82
N CYS D 566 -44.81 -79.57 -30.47
CA CYS D 566 -44.21 -80.63 -29.70
C CYS D 566 -44.99 -80.84 -28.42
N ARG D 567 -46.33 -80.77 -28.53
CA ARG D 567 -47.20 -80.86 -27.37
C ARG D 567 -48.33 -81.81 -27.67
N LYS D 568 -48.76 -82.62 -26.68
CA LYS D 568 -49.84 -83.58 -26.87
C LYS D 568 -50.98 -82.93 -27.67
N GLN D 569 -51.46 -83.61 -28.71
CA GLN D 569 -52.35 -82.99 -29.67
C GLN D 569 -53.79 -83.47 -29.52
N SER D 570 -54.17 -83.82 -28.27
CA SER D 570 -55.48 -84.34 -27.93
C SER D 570 -55.44 -85.12 -26.62
N ASN D 571 -56.44 -84.87 -25.75
CA ASN D 571 -56.44 -85.46 -24.41
C ASN D 571 -57.23 -86.78 -24.40
N ASP D 572 -57.19 -87.54 -25.48
CA ASP D 572 -57.41 -88.97 -25.37
C ASP D 572 -56.26 -89.51 -24.53
N TYR D 573 -56.53 -90.62 -23.82
CA TYR D 573 -55.53 -91.28 -23.02
C TYR D 573 -54.45 -91.85 -23.92
N GLY D 574 -54.92 -92.52 -24.99
CA GLY D 574 -54.06 -93.13 -25.99
C GLY D 574 -52.80 -92.30 -26.29
N GLU D 575 -52.98 -90.97 -26.38
CA GLU D 575 -51.89 -90.09 -26.78
C GLU D 575 -50.71 -90.24 -25.83
N PRO D 576 -49.47 -90.53 -26.33
CA PRO D 576 -48.32 -90.69 -25.44
C PRO D 576 -48.11 -89.56 -24.43
N SER D 577 -47.08 -89.72 -23.61
CA SER D 577 -46.63 -88.70 -22.67
C SER D 577 -46.21 -87.45 -23.42
N GLY D 578 -45.75 -86.43 -22.68
CA GLY D 578 -45.23 -85.20 -23.26
C GLY D 578 -45.65 -83.98 -22.45
N ALA D 579 -45.35 -82.79 -22.97
CA ALA D 579 -45.61 -81.55 -22.23
C ALA D 579 -47.02 -81.06 -22.55
N GLY D 580 -47.56 -80.25 -21.60
CA GLY D 580 -48.86 -79.61 -21.74
C GLY D 580 -49.96 -80.59 -22.12
N TYR D 581 -51.15 -80.39 -21.52
CA TYR D 581 -52.24 -81.34 -21.65
C TYR D 581 -52.44 -81.63 -23.14
N GLY D 582 -53.02 -80.67 -23.87
CA GLY D 582 -53.56 -80.94 -25.20
C GLY D 582 -54.68 -79.97 -25.59
N ASN D 583 -54.27 -78.76 -25.95
CA ASN D 583 -55.10 -77.80 -26.68
C ASN D 583 -54.67 -77.85 -28.15
N ASP D 584 -53.35 -77.98 -28.39
CA ASP D 584 -52.72 -77.53 -29.61
C ASP D 584 -52.89 -78.56 -30.70
N GLY D 585 -54.12 -79.00 -30.95
CA GLY D 585 -54.37 -80.11 -31.85
C GLY D 585 -53.88 -79.81 -33.25
N VAL D 586 -54.62 -80.18 -34.30
CA VAL D 586 -54.38 -79.65 -35.63
C VAL D 586 -55.37 -78.52 -35.87
N GLU D 587 -56.45 -78.49 -35.09
CA GLU D 587 -57.38 -77.37 -35.04
C GLU D 587 -56.61 -76.15 -34.55
N GLY D 588 -56.69 -75.85 -33.25
CA GLY D 588 -56.19 -74.58 -32.72
C GLY D 588 -54.68 -74.42 -32.91
N CYS D 589 -54.12 -75.06 -33.94
CA CYS D 589 -52.78 -74.77 -34.41
C CYS D 589 -52.69 -74.80 -35.95
N TYR D 590 -53.85 -74.94 -36.65
CA TYR D 590 -53.96 -74.43 -38.00
C TYR D 590 -54.82 -73.15 -38.01
N ASN D 591 -55.87 -73.16 -37.19
CA ASN D 591 -56.70 -72.03 -36.89
C ASN D 591 -55.91 -70.90 -36.20
N TYR D 592 -54.66 -71.12 -35.81
CA TYR D 592 -53.90 -70.07 -35.17
C TYR D 592 -53.66 -68.95 -36.20
N VAL D 593 -53.84 -67.71 -35.75
CA VAL D 593 -53.83 -66.52 -36.57
C VAL D 593 -52.68 -65.61 -36.13
N PRO D 594 -51.52 -65.61 -36.82
CA PRO D 594 -50.44 -64.66 -36.58
C PRO D 594 -50.67 -63.18 -36.95
N VAL D 595 -51.91 -62.86 -37.33
CA VAL D 595 -52.35 -61.60 -37.89
C VAL D 595 -53.15 -60.80 -36.86
N GLN D 596 -54.22 -61.39 -36.31
CA GLN D 596 -55.29 -60.64 -35.70
C GLN D 596 -54.78 -59.57 -34.73
N GLY D 597 -55.61 -58.55 -34.58
CA GLY D 597 -55.28 -57.32 -33.87
C GLY D 597 -54.65 -56.29 -34.82
N MET D 598 -53.82 -56.77 -35.78
CA MET D 598 -52.72 -55.99 -36.27
C MET D 598 -53.08 -55.23 -37.54
N TYR D 599 -53.02 -53.90 -37.43
CA TYR D 599 -53.25 -52.97 -38.51
C TYR D 599 -52.40 -53.33 -39.73
N THR D 600 -52.45 -52.49 -40.77
CA THR D 600 -51.52 -52.55 -41.88
C THR D 600 -50.36 -51.54 -41.68
N GLN D 601 -50.56 -50.60 -40.76
CA GLN D 601 -49.80 -49.36 -40.74
C GLN D 601 -48.34 -49.67 -40.45
N GLU D 602 -47.59 -49.96 -41.54
CA GLU D 602 -46.28 -50.57 -41.47
C GLU D 602 -46.46 -52.02 -41.04
N GLN D 603 -46.07 -52.35 -39.79
CA GLN D 603 -46.40 -53.65 -39.22
C GLN D 603 -46.23 -54.78 -40.20
N MET D 604 -47.27 -55.22 -40.92
CA MET D 604 -47.20 -56.43 -41.72
C MET D 604 -46.26 -56.27 -42.92
N ALA D 605 -45.38 -55.26 -42.87
CA ALA D 605 -44.10 -55.28 -43.56
C ALA D 605 -42.97 -55.31 -42.53
N LEU D 606 -43.19 -56.00 -41.40
CA LEU D 606 -42.13 -56.27 -40.44
C LEU D 606 -42.19 -57.72 -39.95
N VAL D 607 -43.38 -58.34 -40.02
CA VAL D 607 -43.60 -59.75 -39.74
C VAL D 607 -43.21 -60.53 -40.98
N LYS D 608 -41.93 -60.86 -41.08
CA LYS D 608 -41.49 -61.64 -42.24
C LYS D 608 -42.21 -63.00 -42.18
N GLY D 609 -42.22 -63.71 -41.03
CA GLY D 609 -42.39 -65.18 -41.09
C GLY D 609 -43.08 -65.84 -39.89
N VAL D 610 -42.82 -67.14 -39.68
CA VAL D 610 -43.50 -68.02 -38.74
C VAL D 610 -42.57 -69.21 -38.48
N GLN D 611 -42.86 -70.03 -37.46
CA GLN D 611 -42.07 -71.24 -37.26
C GLN D 611 -42.77 -72.21 -36.31
N GLY D 612 -42.47 -73.51 -36.44
CA GLY D 612 -43.11 -74.56 -35.67
C GLY D 612 -42.12 -75.29 -34.77
N THR D 613 -41.57 -74.53 -33.82
CA THR D 613 -40.56 -74.93 -32.86
C THR D 613 -40.93 -76.25 -32.17
N PHE D 614 -39.92 -76.94 -31.61
CA PHE D 614 -40.04 -78.24 -30.97
C PHE D 614 -39.07 -78.33 -29.77
N TRP D 615 -39.56 -78.85 -28.65
CA TRP D 615 -38.78 -78.95 -27.41
C TRP D 615 -38.82 -80.39 -26.92
N THR D 616 -37.65 -81.05 -26.97
CA THR D 616 -37.56 -82.48 -26.72
C THR D 616 -37.12 -82.72 -25.28
N GLU D 617 -37.71 -81.96 -24.34
CA GLU D 617 -37.60 -82.36 -22.95
C GLU D 617 -38.00 -83.83 -22.88
N HIS D 618 -39.30 -84.08 -23.11
CA HIS D 618 -39.94 -85.36 -22.84
C HIS D 618 -39.98 -86.25 -24.08
N VAL D 619 -38.90 -86.21 -24.86
CA VAL D 619 -38.82 -86.83 -26.17
C VAL D 619 -37.36 -87.17 -26.39
N GLY D 620 -37.06 -88.45 -26.68
CA GLY D 620 -35.68 -88.90 -26.77
C GLY D 620 -35.38 -89.86 -27.92
N THR D 621 -36.31 -89.99 -28.89
CA THR D 621 -36.26 -91.01 -29.92
C THR D 621 -36.93 -90.48 -31.19
N ASN D 622 -36.87 -91.30 -32.25
CA ASN D 622 -37.42 -90.98 -33.53
C ASN D 622 -38.95 -91.11 -33.51
N GLU D 623 -39.47 -92.33 -33.35
CA GLU D 623 -40.90 -92.53 -33.48
C GLU D 623 -41.63 -91.24 -33.13
N TYR D 624 -41.51 -90.76 -31.89
CA TYR D 624 -42.38 -89.77 -31.30
C TYR D 624 -42.08 -88.35 -31.81
N LEU D 625 -40.86 -88.09 -32.32
CA LEU D 625 -40.59 -86.81 -32.94
C LEU D 625 -41.35 -86.69 -34.26
N GLU D 626 -41.49 -87.81 -34.98
CA GLU D 626 -42.22 -87.83 -36.24
C GLU D 626 -43.69 -88.14 -35.96
N TYR D 627 -44.02 -88.46 -34.70
CA TYR D 627 -45.41 -88.43 -34.26
C TYR D 627 -45.75 -86.97 -33.96
N LEU D 628 -45.50 -86.52 -32.73
CA LEU D 628 -45.89 -85.20 -32.26
C LEU D 628 -45.86 -84.20 -33.41
N ALA D 629 -44.69 -84.00 -34.00
CA ALA D 629 -44.56 -83.08 -35.12
C ALA D 629 -45.80 -83.17 -36.01
N LEU D 630 -46.04 -84.35 -36.56
CA LEU D 630 -46.86 -84.51 -37.77
C LEU D 630 -48.28 -84.88 -37.38
N PRO D 631 -49.35 -84.37 -38.06
CA PRO D 631 -49.23 -83.51 -39.25
C PRO D 631 -49.15 -82.02 -39.00
N ARG D 632 -49.25 -81.61 -37.72
CA ARG D 632 -49.35 -80.19 -37.41
C ARG D 632 -48.24 -79.46 -38.15
N LEU D 633 -47.08 -80.10 -38.28
CA LEU D 633 -46.01 -79.61 -39.15
C LEU D 633 -46.66 -78.84 -40.28
N ILE D 634 -47.53 -79.50 -41.04
CA ILE D 634 -48.05 -78.90 -42.26
C ILE D 634 -48.73 -77.58 -41.91
N CYS D 635 -49.72 -77.62 -41.01
CA CYS D 635 -50.42 -76.42 -40.55
C CYS D 635 -49.47 -75.22 -40.55
N VAL D 636 -48.42 -75.30 -39.73
CA VAL D 636 -47.50 -74.19 -39.57
C VAL D 636 -46.81 -73.88 -40.89
N ALA D 637 -46.75 -74.87 -41.78
CA ALA D 637 -46.11 -74.73 -43.08
C ALA D 637 -47.06 -74.14 -44.11
N GLU D 638 -48.35 -74.52 -44.00
CA GLU D 638 -49.38 -73.89 -44.80
C GLU D 638 -49.45 -72.42 -44.40
N ALA D 639 -50.05 -72.11 -43.26
CA ALA D 639 -50.06 -70.74 -42.73
C ALA D 639 -48.82 -70.01 -43.23
N GLY D 640 -47.65 -70.60 -43.00
CA GLY D 640 -46.42 -70.06 -43.56
C GLY D 640 -46.66 -69.52 -44.96
N TRP D 641 -47.18 -70.38 -45.84
CA TRP D 641 -47.28 -70.06 -47.26
C TRP D 641 -48.68 -69.60 -47.69
N THR D 642 -49.73 -70.09 -47.05
CA THR D 642 -51.11 -69.89 -47.49
C THR D 642 -51.71 -68.61 -46.92
N PRO D 643 -52.50 -67.83 -47.71
CA PRO D 643 -53.13 -66.59 -47.30
C PRO D 643 -54.09 -66.66 -46.11
N GLN D 644 -54.31 -65.56 -45.41
CA GLN D 644 -55.22 -65.60 -44.27
C GLN D 644 -56.61 -65.70 -44.84
N VAL D 645 -56.73 -65.67 -46.17
CA VAL D 645 -57.99 -65.60 -46.88
C VAL D 645 -58.34 -67.00 -47.40
N PHE D 646 -57.35 -67.62 -48.07
CA PHE D 646 -57.46 -68.95 -48.64
C PHE D 646 -56.86 -69.96 -47.66
N LYS D 647 -57.12 -69.75 -46.37
CA LYS D 647 -56.85 -70.68 -45.30
C LYS D 647 -58.20 -71.19 -44.79
N ASN D 648 -58.61 -72.35 -45.34
CA ASN D 648 -59.84 -73.03 -44.94
C ASN D 648 -59.45 -74.41 -44.43
N TRP D 649 -60.05 -74.77 -43.28
CA TRP D 649 -59.64 -75.96 -42.53
C TRP D 649 -60.34 -77.20 -43.08
N ASP D 650 -61.53 -77.02 -43.65
CA ASP D 650 -62.46 -78.11 -43.91
C ASP D 650 -62.29 -78.62 -45.34
N ASN D 651 -61.49 -77.93 -46.17
CA ASN D 651 -60.87 -78.53 -47.33
C ASN D 651 -59.40 -78.80 -47.01
N PHE D 652 -58.94 -78.41 -45.82
CA PHE D 652 -57.64 -78.86 -45.34
C PHE D 652 -57.83 -80.31 -44.91
N ARG D 653 -58.52 -80.52 -43.80
CA ARG D 653 -58.83 -81.90 -43.36
C ARG D 653 -58.64 -82.90 -44.51
N THR D 654 -59.67 -83.10 -45.34
CA THR D 654 -59.62 -84.16 -46.34
C THR D 654 -58.24 -84.16 -46.96
N ARG D 655 -57.87 -83.05 -47.64
CA ARG D 655 -56.63 -82.97 -48.40
C ARG D 655 -55.53 -83.79 -47.73
N LEU D 656 -55.42 -83.73 -46.40
CA LEU D 656 -54.30 -84.36 -45.72
C LEU D 656 -54.57 -85.84 -45.40
N ALA D 657 -55.82 -86.28 -45.41
CA ALA D 657 -56.10 -87.71 -45.25
C ALA D 657 -56.00 -88.38 -46.61
N ASN D 658 -55.35 -87.69 -47.56
CA ASN D 658 -54.78 -88.30 -48.76
C ASN D 658 -53.34 -88.66 -48.46
N GLN D 659 -52.56 -87.68 -48.03
CA GLN D 659 -51.11 -87.66 -48.23
C GLN D 659 -50.35 -88.81 -47.59
N THR D 660 -51.09 -89.62 -46.83
CA THR D 660 -50.57 -90.51 -45.81
C THR D 660 -49.75 -91.62 -46.46
N GLN D 661 -50.10 -91.98 -47.70
CA GLN D 661 -49.33 -93.03 -48.36
C GLN D 661 -47.86 -92.63 -48.43
N TRP D 662 -47.55 -91.35 -48.19
CA TRP D 662 -46.16 -90.91 -48.18
C TRP D 662 -45.74 -90.36 -46.81
N LEU D 663 -46.41 -90.87 -45.76
CA LEU D 663 -45.93 -90.80 -44.39
C LEU D 663 -45.74 -92.23 -43.92
N ASP D 664 -46.74 -93.07 -44.22
CA ASP D 664 -46.58 -94.50 -44.19
C ASP D 664 -45.29 -94.80 -44.96
N ASP D 665 -45.39 -94.83 -46.29
CA ASP D 665 -44.38 -95.51 -47.09
C ASP D 665 -43.00 -94.92 -46.78
N HIS D 666 -42.80 -93.62 -46.48
CA HIS D 666 -41.46 -93.14 -46.18
C HIS D 666 -40.99 -93.43 -44.76
N GLY D 667 -41.80 -94.00 -43.90
CA GLY D 667 -41.39 -94.37 -42.55
C GLY D 667 -41.60 -93.24 -41.54
N TYR D 668 -42.63 -92.42 -41.76
CA TYR D 668 -42.98 -91.32 -40.89
C TYR D 668 -44.20 -91.73 -40.09
N VAL D 669 -44.09 -91.76 -38.75
CA VAL D 669 -45.27 -91.80 -37.91
C VAL D 669 -45.99 -90.46 -38.10
N TYR D 670 -47.29 -90.41 -37.80
CA TYR D 670 -48.07 -89.21 -38.08
C TYR D 670 -49.43 -89.29 -37.41
N ALA D 671 -49.80 -88.32 -36.58
CA ALA D 671 -50.92 -88.48 -35.67
C ALA D 671 -52.19 -88.83 -36.41
N ARG D 672 -52.98 -89.71 -35.79
CA ARG D 672 -54.05 -90.41 -36.47
C ARG D 672 -55.35 -89.65 -36.30
N HIS D 673 -55.87 -89.62 -35.08
CA HIS D 673 -57.25 -89.22 -34.81
C HIS D 673 -57.89 -88.78 -36.13
N TRP D 674 -57.50 -87.57 -36.58
CA TRP D 674 -57.89 -87.01 -37.85
C TRP D 674 -58.11 -88.15 -38.84
N MET D 675 -57.04 -88.91 -39.10
CA MET D 675 -56.92 -89.82 -40.23
C MET D 675 -57.94 -90.97 -40.12
N PRO D 676 -58.73 -91.24 -41.20
CA PRO D 676 -59.65 -92.38 -41.21
C PRO D 676 -58.96 -93.72 -41.55
N ALA E 129 23.81 -50.72 32.83
CA ALA E 129 24.07 -51.49 31.58
C ALA E 129 22.86 -51.46 30.64
N ASP E 130 22.61 -50.27 30.09
CA ASP E 130 21.64 -50.11 29.01
C ASP E 130 22.03 -51.08 27.88
N GLU E 131 21.02 -51.55 27.14
CA GLU E 131 21.05 -52.85 26.50
C GLU E 131 20.65 -52.78 25.04
N THR E 132 21.55 -53.27 24.18
CA THR E 132 21.76 -52.79 22.82
C THR E 132 22.82 -51.73 22.88
N ARG E 133 23.95 -52.02 23.56
CA ARG E 133 24.78 -50.97 24.15
C ARG E 133 24.63 -49.69 23.36
N SER E 134 24.22 -48.65 24.09
CA SER E 134 24.13 -47.27 23.66
C SER E 134 25.23 -46.85 22.69
N PHE E 135 25.48 -45.53 22.68
CA PHE E 135 26.61 -44.95 21.97
C PHE E 135 27.58 -44.37 22.99
N TRP E 136 27.12 -43.35 23.71
CA TRP E 136 28.00 -42.48 24.49
C TRP E 136 27.46 -42.32 25.91
N ILE E 137 28.34 -42.42 26.91
CA ILE E 137 27.99 -42.12 28.28
C ILE E 137 29.25 -41.73 29.05
N THR E 138 29.08 -40.89 30.08
CA THR E 138 30.11 -40.67 31.08
C THR E 138 29.42 -40.34 32.42
N CYS E 139 30.10 -40.76 33.50
CA CYS E 139 29.48 -40.82 34.81
C CYS E 139 30.03 -39.73 35.73
N GLN E 140 29.26 -39.51 36.79
CA GLN E 140 29.53 -38.47 37.79
C GLN E 140 29.12 -39.06 39.14
N ALA E 141 29.88 -38.78 40.22
CA ALA E 141 29.93 -39.68 41.38
C ALA E 141 28.88 -39.30 42.43
N GLY E 142 27.94 -40.19 42.71
CA GLY E 142 26.66 -39.79 43.28
C GLY E 142 25.54 -40.75 42.90
N GLY E 143 24.30 -40.30 43.16
CA GLY E 143 23.10 -40.92 42.64
C GLY E 143 21.96 -39.91 42.59
N THR E 144 20.97 -40.20 41.72
CA THR E 144 19.77 -39.39 41.53
C THR E 144 18.53 -40.25 41.74
N LYS E 145 17.34 -39.67 41.53
CA LYS E 145 16.13 -40.15 42.14
C LYS E 145 14.93 -40.18 41.18
N TYR E 146 13.75 -40.33 41.79
CA TYR E 146 12.54 -39.58 41.43
C TYR E 146 11.95 -38.97 42.69
N LEU E 147 12.29 -39.46 43.88
CA LEU E 147 11.56 -39.30 45.12
C LEU E 147 10.44 -40.33 45.14
N ASN E 148 9.40 -40.15 46.00
CA ASN E 148 8.21 -40.97 45.90
C ASN E 148 7.43 -40.47 44.68
N SER E 167 1.45 -36.07 23.83
CA SER E 167 0.65 -37.29 23.53
C SER E 167 1.61 -38.41 23.15
N THR E 168 2.36 -38.87 24.16
CA THR E 168 3.57 -39.67 24.01
C THR E 168 4.21 -39.77 25.40
N PHE E 169 4.53 -38.62 26.01
CA PHE E 169 5.12 -38.65 27.33
C PHE E 169 4.30 -39.60 28.20
N TYR E 170 2.98 -39.36 28.31
CA TYR E 170 2.21 -39.93 29.40
C TYR E 170 2.15 -41.46 29.31
N ILE E 171 2.62 -42.04 28.20
CA ILE E 171 2.75 -43.48 28.12
C ILE E 171 4.09 -43.87 28.76
N TYR E 172 4.63 -42.97 29.59
CA TYR E 172 5.70 -43.31 30.52
C TYR E 172 5.32 -42.98 31.95
N LYS E 173 4.11 -42.41 32.12
CA LYS E 173 3.51 -42.20 33.42
C LYS E 173 2.25 -43.03 33.48
N VAL E 174 2.00 -43.63 34.66
CA VAL E 174 1.27 -44.89 34.75
C VAL E 174 2.09 -45.93 34.00
N SER E 175 1.86 -46.07 32.69
CA SER E 175 2.52 -47.08 31.85
C SER E 175 3.36 -48.04 32.68
N GLU E 176 4.60 -47.63 33.01
CA GLU E 176 5.59 -48.51 33.61
C GLU E 176 5.93 -48.08 35.02
N GLU E 177 5.59 -46.82 35.34
CA GLU E 177 6.13 -46.12 36.49
C GLU E 177 5.27 -46.43 37.73
N GLN E 178 3.95 -46.42 37.58
CA GLN E 178 3.03 -46.86 38.60
C GLN E 178 2.33 -48.14 38.14
N ILE E 179 3.14 -49.07 37.61
CA ILE E 179 2.82 -50.49 37.67
C ILE E 179 3.46 -51.04 38.95
N ALA E 180 4.40 -50.31 39.56
CA ALA E 180 5.40 -50.97 40.40
C ALA E 180 6.00 -50.01 41.43
N VAL E 181 6.81 -49.07 40.95
CA VAL E 181 7.85 -48.45 41.76
C VAL E 181 7.41 -48.44 43.23
N PRO E 182 6.26 -47.81 43.61
CA PRO E 182 5.57 -48.13 44.85
C PRO E 182 4.39 -49.09 44.66
N ARG E 192 1.08 -43.30 44.95
CA ARG E 192 0.14 -42.16 45.08
C ARG E 192 0.96 -40.90 45.32
N GLY E 193 0.34 -39.77 44.93
CA GLY E 193 0.85 -38.44 45.18
C GLY E 193 1.19 -37.73 43.86
N ALA E 194 2.45 -37.91 43.45
CA ALA E 194 2.84 -37.75 42.07
C ALA E 194 3.76 -38.90 41.69
N GLU E 195 3.41 -39.69 40.71
CA GLU E 195 4.35 -40.16 39.72
C GLU E 195 4.88 -38.86 39.10
N LEU E 196 5.00 -38.81 37.77
CA LEU E 196 5.55 -37.62 37.14
C LEU E 196 4.38 -36.68 36.86
N ASN E 197 4.01 -35.88 37.88
CA ASN E 197 3.14 -34.72 37.66
C ASN E 197 3.29 -33.81 38.87
N GLY E 198 2.16 -33.47 39.52
CA GLY E 198 2.21 -32.85 40.84
C GLY E 198 2.99 -31.55 40.81
N GLU E 199 4.33 -31.62 40.79
CA GLU E 199 5.18 -30.44 40.76
C GLU E 199 4.32 -29.21 41.04
N GLY E 200 3.73 -28.64 39.99
CA GLY E 200 2.90 -27.45 40.09
C GLY E 200 2.94 -26.62 38.82
N ARG E 201 4.06 -25.89 38.67
CA ARG E 201 4.33 -24.97 37.58
C ARG E 201 5.00 -25.74 36.46
N LEU E 202 4.20 -26.52 35.72
CA LEU E 202 4.70 -27.53 34.80
C LEU E 202 5.91 -27.04 34.02
N ALA E 203 5.82 -25.79 33.53
CA ALA E 203 6.84 -25.23 32.64
C ALA E 203 7.75 -24.27 33.39
N LEU E 204 8.20 -24.65 34.59
CA LEU E 204 9.13 -23.81 35.33
C LEU E 204 10.35 -24.68 35.60
N SER E 205 11.52 -24.30 35.07
CA SER E 205 12.76 -24.97 35.43
C SER E 205 13.22 -24.54 36.82
N ALA E 206 12.29 -24.02 37.64
CA ALA E 206 12.46 -23.92 39.08
C ALA E 206 11.41 -24.79 39.79
N MET E 207 10.75 -25.68 39.04
CA MET E 207 10.23 -26.94 39.56
C MET E 207 10.80 -28.07 38.69
N ASP E 208 12.05 -27.88 38.22
CA ASP E 208 12.72 -28.84 37.37
C ASP E 208 13.44 -29.90 38.21
N ASN E 209 12.90 -31.10 38.08
CA ASN E 209 13.61 -32.35 38.29
C ASN E 209 13.61 -33.11 36.96
N ILE E 210 12.45 -33.13 36.28
CA ILE E 210 12.26 -33.78 35.00
C ILE E 210 11.71 -32.77 33.99
N SER E 211 12.63 -32.30 33.12
CA SER E 211 12.21 -31.70 31.87
C SER E 211 12.28 -32.73 30.73
N PHE E 212 11.40 -32.50 29.76
CA PHE E 212 11.59 -32.96 28.39
C PHE E 212 11.80 -31.70 27.52
N THR E 213 12.46 -31.88 26.37
CA THR E 213 13.01 -30.77 25.61
C THR E 213 13.25 -31.19 24.16
N THR E 214 13.58 -30.26 23.26
CA THR E 214 14.13 -30.58 21.95
C THR E 214 15.40 -29.76 21.73
N ASP E 215 16.46 -30.40 21.22
CA ASP E 215 17.56 -29.74 20.58
C ASP E 215 17.63 -30.22 19.12
N PRO E 216 16.79 -29.68 18.21
CA PRO E 216 16.58 -30.26 16.89
C PRO E 216 17.81 -30.51 16.00
N ALA E 217 18.99 -30.65 16.64
CA ALA E 217 20.24 -30.98 15.96
C ALA E 217 20.59 -32.46 16.15
N LEU E 218 20.06 -33.04 17.24
CA LEU E 218 19.94 -34.49 17.38
C LEU E 218 18.95 -34.96 16.30
N ALA E 219 19.18 -36.10 15.65
CA ALA E 219 18.40 -36.43 14.45
C ALA E 219 17.02 -36.94 14.86
N GLU E 220 16.42 -37.87 14.10
CA GLU E 220 15.15 -38.45 14.50
C GLU E 220 15.33 -39.33 15.74
N GLU E 221 15.95 -40.50 15.55
CA GLU E 221 15.87 -41.58 16.55
C GLU E 221 16.74 -41.30 17.79
N ALA E 222 17.25 -40.08 17.92
CA ALA E 222 18.44 -39.78 18.71
C ALA E 222 18.02 -38.94 19.91
N TYR E 223 18.61 -39.24 21.07
CA TYR E 223 18.06 -38.84 22.36
C TYR E 223 19.19 -38.41 23.28
N VAL E 224 18.84 -37.71 24.37
CA VAL E 224 19.79 -37.42 25.43
C VAL E 224 19.11 -37.62 26.79
N LEU E 225 19.94 -37.96 27.79
CA LEU E 225 19.43 -38.35 29.09
C LEU E 225 20.43 -37.95 30.19
N ASN E 226 20.30 -36.73 30.67
CA ASN E 226 21.20 -36.18 31.68
C ASN E 226 20.64 -36.60 33.03
N ILE E 227 21.53 -37.11 33.89
CA ILE E 227 21.19 -37.55 35.23
C ILE E 227 22.21 -36.93 36.18
N THR E 228 21.69 -36.06 37.04
CA THR E 228 22.40 -35.54 38.19
C THR E 228 21.46 -35.54 39.38
N ALA E 229 21.98 -35.42 40.59
CA ALA E 229 21.14 -35.26 41.77
C ALA E 229 20.33 -33.97 41.68
N ASP E 230 20.72 -33.07 40.79
CA ASP E 230 20.00 -31.82 40.54
C ASP E 230 18.66 -32.15 39.86
N GLY E 231 18.74 -32.99 38.82
CA GLY E 231 17.57 -33.29 37.98
C GLY E 231 17.90 -34.33 36.91
N ILE E 232 16.88 -34.67 36.11
CA ILE E 232 16.95 -35.62 35.01
C ILE E 232 16.37 -34.97 33.75
N SER E 233 17.17 -34.23 32.99
CA SER E 233 16.74 -33.71 31.70
C SER E 233 16.77 -34.82 30.66
N VAL E 234 15.73 -34.87 29.82
CA VAL E 234 15.76 -35.54 28.53
C VAL E 234 15.57 -34.49 27.44
N ALA E 235 16.61 -34.17 26.67
CA ALA E 235 16.45 -33.40 25.44
C ALA E 235 16.24 -34.37 24.28
N SER E 236 16.00 -33.87 23.05
CA SER E 236 15.63 -34.75 21.96
C SER E 236 15.42 -33.98 20.64
N SER E 237 14.79 -34.66 19.68
CA SER E 237 14.51 -34.08 18.38
C SER E 237 13.49 -34.87 17.55
N THR E 238 13.02 -36.02 18.05
CA THR E 238 11.91 -36.73 17.45
C THR E 238 11.26 -37.56 18.54
N GLU E 239 9.93 -37.45 18.68
CA GLU E 239 9.19 -38.27 19.63
C GLU E 239 9.93 -39.58 19.84
N LYS E 240 10.20 -40.30 18.74
CA LYS E 240 10.98 -41.52 18.79
C LYS E 240 12.19 -41.31 19.70
N GLY E 241 12.98 -40.28 19.35
CA GLY E 241 14.11 -39.93 20.17
C GLY E 241 13.75 -39.98 21.65
N LYS E 242 12.64 -39.35 22.05
CA LYS E 242 12.28 -39.29 23.46
C LYS E 242 11.71 -40.65 23.91
N PHE E 243 11.13 -41.41 22.99
CA PHE E 243 10.56 -42.71 23.33
C PHE E 243 11.66 -43.62 23.83
N TYR E 244 12.81 -43.63 23.17
CA TYR E 244 13.85 -44.59 23.55
C TYR E 244 14.59 -44.11 24.79
N ALA E 245 14.64 -42.79 25.00
CA ALA E 245 15.51 -42.24 26.04
C ALA E 245 15.12 -42.79 27.41
N LEU E 246 13.85 -43.16 27.60
CA LEU E 246 13.39 -43.73 28.85
C LEU E 246 13.24 -45.24 28.72
N GLN E 247 13.78 -45.81 27.63
CA GLN E 247 14.15 -47.23 27.56
C GLN E 247 15.48 -47.38 28.28
N SER E 248 16.56 -46.81 27.70
CA SER E 248 17.78 -46.60 28.46
C SER E 248 17.42 -46.50 29.93
N LEU E 249 16.78 -45.37 30.27
CA LEU E 249 16.49 -45.02 31.66
C LEU E 249 15.92 -46.25 32.36
N ALA E 250 14.83 -46.79 31.79
CA ALA E 250 14.22 -47.98 32.36
C ALA E 250 15.33 -48.96 32.76
N GLN E 251 16.11 -49.40 31.77
CA GLN E 251 17.16 -50.41 31.97
C GLN E 251 18.25 -49.93 32.92
N LEU E 252 18.39 -48.61 33.11
CA LEU E 252 19.25 -48.09 34.17
C LEU E 252 18.59 -48.37 35.52
N ALA E 253 17.28 -48.12 35.60
CA ALA E 253 16.55 -48.29 36.83
C ALA E 253 16.07 -49.72 36.92
N GLU E 254 16.98 -50.65 37.19
CA GLU E 254 16.64 -52.06 37.06
C GLU E 254 15.94 -52.24 35.71
N GLY E 255 15.19 -53.34 35.55
CA GLY E 255 14.20 -53.45 34.48
C GLY E 255 12.86 -52.86 34.91
N ASN E 256 12.54 -53.03 36.20
CA ASN E 256 11.34 -52.43 36.78
C ASN E 256 11.65 -50.95 37.01
N ALA E 257 12.16 -50.65 38.22
CA ALA E 257 12.75 -49.37 38.57
C ALA E 257 13.09 -49.35 40.06
N GLU E 258 14.27 -48.79 40.36
CA GLU E 258 14.78 -48.68 41.71
C GLU E 258 15.80 -47.54 41.71
N GLY E 259 17.09 -47.89 41.68
CA GLY E 259 18.15 -46.91 41.95
C GLY E 259 18.93 -46.41 40.71
N LEU E 260 19.09 -45.09 40.66
CA LEU E 260 19.67 -44.39 39.53
C LEU E 260 21.04 -43.85 39.91
N PRO E 261 22.00 -43.73 38.96
CA PRO E 261 23.31 -43.12 39.23
C PRO E 261 23.30 -41.64 38.84
N LEU E 262 24.46 -41.09 38.49
CA LEU E 262 24.53 -39.87 37.66
C LEU E 262 25.23 -40.21 36.36
N VAL E 263 24.84 -39.51 35.28
CA VAL E 263 25.43 -39.72 33.96
C VAL E 263 24.86 -38.67 33.01
N ARG E 264 25.48 -38.53 31.84
CA ARG E 264 24.81 -38.06 30.62
C ARG E 264 24.88 -39.17 29.59
N ILE E 265 23.75 -39.44 28.91
CA ILE E 265 23.72 -40.49 27.90
C ILE E 265 23.24 -39.92 26.57
N ALA E 266 24.19 -39.33 25.83
CA ALA E 266 24.04 -39.14 24.40
C ALA E 266 24.04 -40.51 23.71
N ASP E 267 23.08 -40.73 22.80
CA ASP E 267 23.02 -41.97 22.04
C ASP E 267 22.31 -41.75 20.71
N LYS E 268 22.53 -42.65 19.75
CA LYS E 268 21.98 -42.60 18.41
C LYS E 268 22.20 -43.97 17.77
N PRO E 269 21.39 -44.43 16.80
CA PRO E 269 21.54 -45.74 16.18
C PRO E 269 22.46 -45.81 14.96
N ARG E 270 23.41 -46.75 14.97
CA ARG E 270 24.13 -47.08 13.76
C ARG E 270 23.12 -47.14 12.62
N PHE E 271 22.14 -48.05 12.77
CA PHE E 271 21.24 -48.46 11.71
C PHE E 271 19.81 -48.01 12.00
N GLY E 272 19.08 -47.62 10.96
CA GLY E 272 17.82 -46.90 11.11
C GLY E 272 16.61 -47.75 10.73
N TYR E 273 16.85 -48.99 10.28
CA TYR E 273 15.76 -49.91 10.06
C TYR E 273 16.04 -51.24 10.80
N ARG E 274 15.58 -51.30 12.07
CA ARG E 274 15.85 -52.44 12.93
C ARG E 274 14.56 -53.20 13.16
N GLY E 275 14.51 -54.48 12.80
CA GLY E 275 13.23 -55.18 12.83
C GLY E 275 13.31 -56.71 12.82
N PHE E 276 12.10 -57.27 12.83
CA PHE E 276 11.79 -58.69 12.96
C PHE E 276 10.93 -59.01 11.75
N MET E 277 10.21 -60.13 11.78
CA MET E 277 9.21 -60.47 10.78
C MET E 277 8.50 -61.78 11.16
N LEU E 278 7.20 -61.84 10.93
CA LEU E 278 6.39 -62.92 11.47
C LEU E 278 5.85 -63.75 10.32
N ASP E 279 6.32 -64.99 10.16
CA ASP E 279 5.68 -65.92 9.25
C ASP E 279 4.35 -66.33 9.88
N VAL E 280 3.29 -65.59 9.49
CA VAL E 280 1.94 -65.81 10.00
C VAL E 280 1.12 -66.63 9.00
N SER E 281 1.79 -67.16 7.98
CA SER E 281 1.09 -67.80 6.86
C SER E 281 1.18 -69.32 6.99
N ARG E 282 2.42 -69.78 7.26
CA ARG E 282 2.67 -71.15 7.59
C ARG E 282 2.02 -71.54 8.92
N HIS E 283 1.51 -70.55 9.68
CA HIS E 283 0.85 -70.78 10.96
C HIS E 283 0.38 -69.43 11.50
N PHE E 284 -0.68 -69.43 12.34
CA PHE E 284 -1.18 -68.19 12.91
C PHE E 284 -0.46 -67.91 14.23
N PHE E 285 -0.83 -66.91 15.01
CA PHE E 285 -0.26 -66.59 16.31
C PHE E 285 -1.07 -65.56 17.07
N SER E 286 -2.29 -65.20 16.61
CA SER E 286 -3.19 -64.46 17.46
C SER E 286 -2.73 -63.02 17.62
N VAL E 287 -3.71 -62.18 18.02
CA VAL E 287 -3.52 -60.74 18.09
C VAL E 287 -3.35 -60.32 19.54
N ALA E 288 -3.52 -61.26 20.50
CA ALA E 288 -3.06 -60.97 21.86
C ALA E 288 -1.54 -61.01 21.88
N GLU E 289 -0.99 -61.92 21.06
CA GLU E 289 0.43 -62.06 20.83
C GLU E 289 0.92 -60.93 19.94
N VAL E 290 0.55 -60.90 18.65
CA VAL E 290 1.21 -59.99 17.72
C VAL E 290 1.55 -58.70 18.47
N LYS E 291 0.55 -58.16 19.18
CA LYS E 291 0.76 -57.02 20.05
C LYS E 291 1.90 -57.34 21.03
N LYS E 292 1.81 -58.49 21.71
CA LYS E 292 2.91 -59.01 22.53
C LYS E 292 3.91 -59.78 21.65
N MET E 293 4.20 -59.21 20.49
CA MET E 293 5.47 -59.40 19.81
C MET E 293 6.00 -58.04 19.36
N ILE E 294 5.14 -57.00 19.36
CA ILE E 294 5.60 -55.62 19.28
C ILE E 294 6.30 -55.25 20.59
N ASP E 295 5.74 -55.72 21.73
CA ASP E 295 6.43 -55.50 23.01
C ASP E 295 7.89 -55.89 22.92
N ILE E 296 8.14 -57.12 22.49
CA ILE E 296 9.45 -57.76 22.65
C ILE E 296 10.49 -56.99 21.85
N MET E 297 10.01 -56.29 20.82
CA MET E 297 10.85 -55.48 19.96
C MET E 297 11.13 -54.16 20.66
N ALA E 298 10.07 -53.64 21.31
CA ALA E 298 10.04 -52.29 21.83
C ALA E 298 11.34 -52.05 22.60
N ARG E 299 11.47 -52.75 23.74
CA ARG E 299 12.60 -52.58 24.62
C ARG E 299 13.81 -52.22 23.77
N TYR E 300 14.20 -53.09 22.83
CA TYR E 300 15.55 -53.09 22.28
C TYR E 300 15.64 -52.15 21.07
N LYS E 301 14.73 -51.18 21.02
CA LYS E 301 14.88 -50.02 20.14
C LYS E 301 14.78 -50.42 18.68
N MET E 302 13.82 -51.32 18.37
CA MET E 302 13.56 -51.73 17.01
C MET E 302 12.32 -50.96 16.51
N ASN E 303 12.15 -50.92 15.17
CA ASN E 303 11.07 -50.18 14.55
C ASN E 303 10.37 -51.04 13.50
N VAL E 304 11.04 -51.24 12.35
CA VAL E 304 10.39 -51.76 11.17
C VAL E 304 9.87 -53.16 11.45
N PHE E 305 8.62 -53.25 11.91
CA PHE E 305 7.91 -54.53 11.87
C PHE E 305 7.76 -54.99 10.41
N HIS E 306 8.14 -56.22 10.09
CA HIS E 306 7.84 -56.82 8.79
C HIS E 306 6.81 -57.93 9.03
N TRP E 307 5.88 -58.14 8.08
CA TRP E 307 4.70 -58.97 8.32
C TRP E 307 4.46 -59.91 7.15
N HIS E 308 4.38 -61.23 7.43
CA HIS E 308 4.19 -62.23 6.40
C HIS E 308 2.72 -62.66 6.45
N LEU E 309 1.92 -61.95 5.65
CA LEU E 309 0.47 -62.10 5.66
C LEU E 309 0.04 -63.27 4.78
N THR E 310 0.96 -63.80 3.96
CA THR E 310 0.60 -64.64 2.85
C THR E 310 1.83 -65.42 2.40
N ASP E 311 1.64 -66.74 2.30
CA ASP E 311 2.50 -67.66 1.59
C ASP E 311 1.58 -68.71 0.98
N ASP E 312 2.16 -69.81 0.48
CA ASP E 312 1.38 -70.93 0.08
C ASP E 312 0.38 -71.17 1.20
N GLN E 313 0.85 -71.58 2.39
CA GLN E 313 0.05 -72.47 3.25
C GLN E 313 -1.23 -71.76 3.68
N GLY E 314 -1.11 -70.46 3.96
CA GLY E 314 -2.20 -69.65 4.46
C GLY E 314 -2.27 -68.28 3.76
N TRP E 315 -3.01 -67.38 4.41
CA TRP E 315 -3.29 -66.03 3.97
C TRP E 315 -4.12 -65.40 5.07
N ARG E 316 -3.75 -64.19 5.49
CA ARG E 316 -4.22 -63.61 6.73
C ARG E 316 -4.70 -62.17 6.52
N ALA E 317 -4.24 -61.49 5.47
CA ALA E 317 -4.76 -60.18 5.11
C ALA E 317 -6.20 -60.31 4.65
N GLU E 318 -7.13 -59.67 5.37
CA GLU E 318 -8.48 -59.59 4.87
C GLU E 318 -8.49 -58.55 3.75
N ILE E 319 -8.87 -59.01 2.55
CA ILE E 319 -9.13 -58.14 1.40
C ILE E 319 -10.66 -58.09 1.16
N LYS E 320 -11.22 -56.99 0.62
CA LYS E 320 -12.65 -56.81 0.47
C LYS E 320 -13.13 -57.07 -0.96
N ARG E 321 -12.24 -56.85 -1.94
CA ARG E 321 -12.60 -57.00 -3.34
C ARG E 321 -12.43 -58.45 -3.77
N TYR E 322 -12.25 -59.33 -2.78
CA TYR E 322 -11.78 -60.69 -3.03
C TYR E 322 -12.02 -61.48 -1.75
N PRO E 323 -13.30 -61.65 -1.33
CA PRO E 323 -13.63 -62.27 -0.05
C PRO E 323 -13.19 -63.71 0.12
N LYS E 324 -12.59 -64.30 -0.93
CA LYS E 324 -12.15 -65.68 -0.92
C LYS E 324 -10.68 -65.81 -0.48
N LEU E 325 -10.08 -64.70 -0.02
CA LEU E 325 -8.68 -64.74 0.35
C LEU E 325 -8.53 -65.20 1.78
N THR E 326 -9.61 -65.11 2.58
CA THR E 326 -9.63 -65.59 3.95
C THR E 326 -10.60 -66.76 4.08
N THR E 327 -11.75 -66.66 3.41
CA THR E 327 -12.63 -67.82 3.30
C THR E 327 -11.79 -69.03 2.90
N VAL E 328 -11.45 -69.15 1.62
CA VAL E 328 -10.71 -70.31 1.11
C VAL E 328 -9.24 -70.15 1.48
N GLY E 329 -8.56 -69.16 0.88
CA GLY E 329 -7.16 -68.92 1.19
C GLY E 329 -6.82 -69.40 2.60
N ALA E 330 -7.16 -68.57 3.60
CA ALA E 330 -6.72 -68.73 4.97
C ALA E 330 -6.63 -70.21 5.37
N THR E 331 -7.76 -70.92 5.17
CA THR E 331 -7.94 -72.24 5.73
C THR E 331 -7.27 -73.28 4.84
N ARG E 332 -6.87 -74.40 5.47
CA ARG E 332 -6.68 -75.68 4.80
C ARG E 332 -6.90 -76.80 5.83
N SER E 333 -6.91 -78.05 5.37
CA SER E 333 -7.28 -79.18 6.21
C SER E 333 -6.04 -79.86 6.76
N ASP E 334 -5.16 -79.14 7.48
CA ASP E 334 -4.00 -79.78 8.11
C ASP E 334 -3.17 -78.79 8.95
N ASN E 335 -2.88 -79.15 10.22
CA ASN E 335 -2.25 -78.26 11.18
C ASN E 335 -1.11 -77.47 10.51
N VAL E 349 0.26 -80.66 11.37
CA VAL E 349 1.50 -79.86 11.25
C VAL E 349 2.04 -80.07 9.85
N TYR E 350 3.35 -79.81 9.67
CA TYR E 350 3.95 -79.82 8.35
C TYR E 350 4.59 -81.16 8.03
N TRP E 351 4.87 -81.31 6.74
CA TRP E 351 5.65 -82.42 6.23
C TRP E 351 7.06 -82.21 6.75
N THR E 352 8.02 -82.88 6.09
CA THR E 352 9.39 -82.41 5.95
C THR E 352 10.17 -83.53 5.28
N GLY E 353 9.85 -83.77 4.00
CA GLY E 353 10.40 -84.86 3.23
C GLY E 353 9.38 -85.99 3.14
N ASN E 354 9.27 -86.74 4.25
CA ASN E 354 8.40 -87.91 4.31
C ASN E 354 7.31 -87.70 5.35
N GLY E 355 7.66 -87.40 6.59
CA GLY E 355 6.67 -86.95 7.58
C GLY E 355 5.50 -86.25 6.88
N ALA E 356 4.26 -86.53 7.33
CA ALA E 356 3.06 -86.16 6.60
C ALA E 356 2.40 -84.96 7.25
N LYS E 357 1.09 -84.73 6.96
CA LYS E 357 0.20 -83.83 7.70
C LYS E 357 -0.69 -84.64 8.65
N THR E 358 -1.38 -83.97 9.58
CA THR E 358 -2.15 -84.65 10.62
C THR E 358 -3.65 -84.35 10.52
N GLY E 359 -4.26 -84.77 9.42
CA GLY E 359 -5.72 -84.82 9.28
C GLY E 359 -6.49 -84.09 10.38
N LYS E 360 -6.10 -82.83 10.62
CA LYS E 360 -6.75 -81.91 11.53
C LYS E 360 -6.83 -80.56 10.84
N PRO E 361 -8.02 -79.95 10.66
CA PRO E 361 -8.12 -78.63 10.04
C PRO E 361 -7.26 -77.58 10.74
N TYR E 362 -6.97 -76.48 10.04
CA TYR E 362 -6.10 -75.46 10.57
C TYR E 362 -6.03 -74.24 9.69
N GLY E 363 -5.87 -73.08 10.35
CA GLY E 363 -6.21 -71.79 9.79
C GLY E 363 -6.58 -70.75 10.85
N PRO E 364 -7.11 -71.13 12.04
CA PRO E 364 -7.28 -70.19 13.14
C PRO E 364 -6.34 -68.99 12.99
N TYR E 365 -6.86 -67.78 12.77
CA TYR E 365 -8.24 -67.47 12.46
C TYR E 365 -8.29 -66.10 11.76
N PHE E 366 -7.38 -65.91 10.79
CA PHE E 366 -7.25 -64.76 9.90
C PHE E 366 -7.44 -63.41 10.59
N TYR E 367 -6.93 -62.35 9.93
CA TYR E 367 -6.94 -61.00 10.45
C TYR E 367 -7.93 -60.14 9.68
N THR E 368 -9.18 -60.13 10.18
CA THR E 368 -10.22 -59.18 9.84
C THR E 368 -9.68 -57.76 9.90
N GLN E 369 -10.08 -56.93 8.95
CA GLN E 369 -9.39 -55.68 8.67
C GLN E 369 -9.00 -54.98 9.98
N ASP E 370 -9.96 -54.73 10.87
CA ASP E 370 -9.63 -53.99 12.08
C ASP E 370 -8.33 -54.53 12.69
N GLU E 371 -8.22 -55.85 12.77
CA GLU E 371 -7.10 -56.51 13.41
C GLU E 371 -5.82 -56.05 12.75
N MET E 372 -5.90 -55.72 11.46
CA MET E 372 -4.76 -55.26 10.67
C MET E 372 -4.34 -53.84 11.06
N ARG E 373 -5.34 -52.99 11.29
CA ARG E 373 -5.12 -51.62 11.69
C ARG E 373 -4.88 -51.56 13.21
N GLU E 374 -5.27 -52.63 13.93
CA GLU E 374 -5.19 -52.66 15.38
C GLU E 374 -3.73 -52.62 15.78
N VAL E 375 -2.97 -53.61 15.30
CA VAL E 375 -1.53 -53.66 15.49
C VAL E 375 -0.95 -52.35 15.01
N VAL E 376 -0.93 -52.16 13.66
CA VAL E 376 -0.41 -50.95 13.04
C VAL E 376 -0.53 -49.76 13.99
N ALA E 377 -1.56 -49.77 14.86
CA ALA E 377 -1.83 -48.66 15.75
C ALA E 377 -0.88 -48.68 16.94
N TYR E 378 -0.88 -49.82 17.65
CA TYR E 378 -0.04 -50.06 18.79
C TYR E 378 1.32 -49.44 18.53
N ALA E 379 1.97 -50.01 17.52
CA ALA E 379 3.32 -49.67 17.13
C ALA E 379 3.58 -48.18 17.36
N LYS E 380 2.68 -47.31 16.91
CA LYS E 380 2.96 -45.88 16.92
C LYS E 380 3.04 -45.31 18.33
N GLU E 381 2.67 -46.12 19.35
CA GLU E 381 2.93 -45.74 20.74
C GLU E 381 4.34 -46.14 21.10
N ARG E 382 4.83 -47.22 20.43
CA ARG E 382 6.17 -47.71 20.56
C ARG E 382 6.93 -47.56 19.26
N HIS E 383 6.53 -46.55 18.47
CA HIS E 383 7.20 -46.16 17.24
C HIS E 383 7.78 -47.36 16.50
N ILE E 384 6.92 -48.32 16.15
CA ILE E 384 7.32 -49.50 15.39
C ILE E 384 6.64 -49.50 14.01
N GLU E 385 7.27 -48.84 13.04
CA GLU E 385 6.70 -48.66 11.73
C GLU E 385 6.64 -50.03 11.06
N VAL E 386 5.66 -50.22 10.16
CA VAL E 386 5.16 -51.56 9.83
C VAL E 386 5.11 -51.75 8.30
N LEU E 387 6.09 -52.47 7.77
CA LEU E 387 6.05 -52.92 6.37
C LEU E 387 5.04 -54.06 6.26
N PRO E 388 4.14 -54.07 5.25
CA PRO E 388 3.33 -55.26 4.91
C PRO E 388 3.74 -56.01 3.63
N GLU E 389 3.63 -57.34 3.63
CA GLU E 389 4.13 -58.18 2.55
C GLU E 389 2.98 -58.93 1.87
N VAL E 390 2.74 -58.60 0.59
CA VAL E 390 1.88 -59.42 -0.26
C VAL E 390 2.77 -60.30 -1.15
N ASP E 391 3.50 -61.26 -0.59
CA ASP E 391 4.54 -61.92 -1.36
C ASP E 391 3.97 -62.44 -2.68
N MET E 392 4.37 -61.78 -3.77
CA MET E 392 3.84 -61.99 -5.12
C MET E 392 5.04 -61.96 -6.06
N PRO E 393 5.08 -62.70 -7.20
CA PRO E 393 3.97 -63.53 -7.67
C PRO E 393 4.03 -65.00 -7.27
N GLY E 394 5.08 -65.37 -6.53
CA GLY E 394 5.30 -66.75 -6.13
C GLY E 394 4.29 -67.19 -5.07
N HIS E 395 4.65 -68.23 -4.34
CA HIS E 395 4.08 -68.52 -3.02
C HIS E 395 2.64 -68.03 -2.97
N PHE E 396 1.74 -68.72 -3.68
CA PHE E 396 0.34 -68.33 -3.67
C PHE E 396 -0.48 -69.46 -4.23
N VAL E 397 -0.31 -70.63 -3.65
CA VAL E 397 -1.31 -71.67 -3.82
C VAL E 397 -2.54 -71.25 -3.03
N ALA E 398 -2.34 -70.78 -1.79
CA ALA E 398 -3.45 -70.31 -0.95
C ALA E 398 -4.50 -69.56 -1.76
N ALA E 399 -4.02 -68.52 -2.44
CA ALA E 399 -4.89 -67.55 -3.11
C ALA E 399 -4.82 -67.76 -4.62
N MET E 400 -4.74 -69.04 -4.99
CA MET E 400 -4.86 -69.60 -6.32
C MET E 400 -5.91 -70.72 -6.27
N ALA E 401 -5.81 -71.61 -5.28
CA ALA E 401 -6.90 -72.53 -4.98
C ALA E 401 -8.18 -71.78 -4.65
N ALA E 402 -8.07 -70.48 -4.34
CA ALA E 402 -9.22 -69.60 -4.10
C ALA E 402 -9.71 -68.96 -5.41
N TYR E 403 -8.76 -68.77 -6.32
CA TYR E 403 -8.92 -67.90 -7.48
C TYR E 403 -7.98 -68.38 -8.59
N PRO E 404 -8.18 -69.61 -9.12
CA PRO E 404 -7.22 -70.22 -10.05
C PRO E 404 -7.28 -69.65 -11.48
N GLU E 405 -8.45 -69.05 -11.81
CA GLU E 405 -8.82 -68.82 -13.19
C GLU E 405 -7.71 -68.07 -13.88
N TYR E 406 -6.91 -67.31 -13.10
CA TYR E 406 -5.81 -66.51 -13.60
C TYR E 406 -4.46 -67.17 -13.31
N SER E 407 -4.37 -68.49 -13.52
CA SER E 407 -3.23 -69.27 -13.08
C SER E 407 -2.42 -69.77 -14.28
N CYS E 408 -1.36 -70.52 -13.99
CA CYS E 408 -0.46 -71.02 -15.01
C CYS E 408 -1.21 -71.87 -16.03
N ASN E 409 -2.04 -72.77 -15.53
CA ASN E 409 -2.83 -73.74 -16.31
C ASN E 409 -3.95 -74.15 -15.35
N PRO E 410 -5.10 -73.44 -15.34
CA PRO E 410 -5.86 -73.22 -14.10
C PRO E 410 -6.75 -74.34 -13.59
N SER E 411 -7.47 -74.96 -14.53
CA SER E 411 -8.41 -76.03 -14.21
C SER E 411 -7.63 -77.33 -14.04
N ARG E 412 -6.44 -77.23 -13.42
CA ARG E 412 -5.82 -78.38 -12.80
C ARG E 412 -5.82 -78.29 -11.25
N ALA E 413 -6.88 -78.86 -10.67
CA ALA E 413 -7.01 -79.10 -9.23
C ALA E 413 -5.96 -78.37 -8.38
N PRO E 414 -6.30 -77.20 -7.77
CA PRO E 414 -5.38 -76.52 -6.86
C PRO E 414 -5.76 -76.72 -5.40
N GLN E 415 -4.83 -76.51 -4.46
CA GLN E 415 -5.21 -76.66 -3.05
C GLN E 415 -4.33 -75.80 -2.17
N VAL E 416 -4.94 -74.94 -1.33
CA VAL E 416 -4.23 -74.10 -0.38
C VAL E 416 -3.09 -74.91 0.23
N TRP E 417 -1.94 -74.89 -0.43
CA TRP E 417 -0.88 -75.83 -0.13
C TRP E 417 -0.74 -76.02 1.38
N THR E 418 -0.36 -77.25 1.73
CA THR E 418 -0.29 -77.81 3.05
C THR E 418 1.14 -78.13 3.43
N GLY E 419 1.98 -78.45 2.42
CA GLY E 419 3.30 -79.03 2.63
C GLY E 419 4.34 -78.05 3.14
N GLY E 420 5.60 -78.50 3.09
CA GLY E 420 6.77 -77.64 2.99
C GLY E 420 7.38 -77.76 1.59
N GLY E 421 8.11 -76.71 1.17
CA GLY E 421 8.80 -76.72 -0.11
C GLY E 421 8.35 -75.57 -1.01
N ILE E 422 8.94 -75.55 -2.23
CA ILE E 422 8.84 -74.40 -3.13
C ILE E 422 7.84 -74.75 -4.22
N SER E 423 6.88 -73.85 -4.45
CA SER E 423 5.67 -74.17 -5.22
C SER E 423 5.73 -73.52 -6.61
N SER E 424 5.33 -74.31 -7.62
CA SER E 424 5.57 -74.00 -9.01
C SER E 424 4.28 -73.58 -9.70
N ASP E 425 3.14 -73.63 -8.99
CA ASP E 425 1.87 -73.24 -9.59
C ASP E 425 1.68 -71.75 -9.28
N VAL E 426 2.55 -70.94 -9.89
CA VAL E 426 2.69 -69.53 -9.61
C VAL E 426 1.61 -68.73 -10.36
N LEU E 427 1.68 -67.40 -10.26
CA LEU E 427 0.70 -66.51 -10.84
C LEU E 427 1.13 -66.14 -12.27
N ASN E 428 0.62 -66.94 -13.22
CA ASN E 428 0.50 -66.51 -14.61
C ASN E 428 0.56 -64.99 -14.69
N VAL E 429 1.73 -64.46 -15.09
CA VAL E 429 1.94 -63.01 -15.11
C VAL E 429 1.35 -62.41 -16.40
N ALA E 430 1.04 -63.27 -17.38
CA ALA E 430 0.56 -62.82 -18.68
C ALA E 430 -0.93 -63.08 -18.78
N ASN E 431 -1.69 -62.49 -17.84
CA ASN E 431 -3.14 -62.54 -17.79
C ASN E 431 -3.57 -61.26 -17.13
N PRO E 432 -3.61 -60.13 -17.86
CA PRO E 432 -3.86 -58.79 -17.34
C PRO E 432 -4.99 -58.56 -16.33
N GLN E 433 -5.52 -59.64 -15.73
CA GLN E 433 -6.45 -59.54 -14.62
C GLN E 433 -5.86 -60.17 -13.37
N ALA E 434 -5.12 -61.27 -13.52
CA ALA E 434 -4.23 -61.77 -12.47
C ALA E 434 -3.48 -60.60 -11.85
N VAL E 435 -2.98 -59.71 -12.73
CA VAL E 435 -2.42 -58.44 -12.32
C VAL E 435 -3.47 -57.69 -11.53
N GLU E 436 -4.40 -56.99 -12.19
CA GLU E 436 -5.43 -56.22 -11.52
C GLU E 436 -5.59 -56.77 -10.12
N PHE E 437 -5.88 -58.07 -10.01
CA PHE E 437 -5.97 -58.74 -8.72
C PHE E 437 -4.90 -58.14 -7.82
N ALA E 438 -3.62 -58.39 -8.15
CA ALA E 438 -2.52 -57.82 -7.38
C ALA E 438 -2.78 -56.34 -7.21
N LYS E 439 -2.74 -55.61 -8.33
CA LYS E 439 -2.75 -54.16 -8.29
C LYS E 439 -3.92 -53.64 -7.44
N ASN E 440 -5.02 -54.38 -7.37
CA ASN E 440 -6.15 -53.95 -6.55
C ASN E 440 -5.85 -54.19 -5.08
N ILE E 441 -4.97 -55.15 -4.80
CA ILE E 441 -4.50 -55.37 -3.44
C ILE E 441 -3.66 -54.16 -3.05
N LEU E 442 -2.72 -53.78 -3.91
CA LEU E 442 -1.84 -52.64 -3.70
C LEU E 442 -2.63 -51.33 -3.58
N ASP E 443 -3.96 -51.38 -3.61
CA ASP E 443 -4.75 -50.31 -3.02
C ASP E 443 -4.96 -50.57 -1.55
N GLU E 444 -5.38 -51.82 -1.27
CA GLU E 444 -6.02 -52.17 -0.01
C GLU E 444 -5.01 -51.92 1.11
N LEU E 445 -3.83 -52.52 0.97
CA LEU E 445 -2.73 -52.21 1.87
C LEU E 445 -2.71 -50.70 2.11
N CYS E 446 -2.37 -49.91 1.08
CA CYS E 446 -2.13 -48.49 1.26
C CYS E 446 -2.97 -47.99 2.43
N ASP E 447 -4.27 -48.25 2.30
CA ASP E 447 -5.29 -47.75 3.21
C ASP E 447 -4.95 -48.15 4.65
N ILE E 448 -4.72 -49.45 4.90
CA ILE E 448 -4.47 -49.94 6.25
C ILE E 448 -3.08 -49.53 6.72
N PHE E 449 -2.11 -49.57 5.80
CA PHE E 449 -0.71 -49.37 6.13
C PHE E 449 -0.22 -48.06 5.53
N PRO E 450 0.03 -47.02 6.37
CA PRO E 450 0.51 -45.72 5.90
C PRO E 450 2.00 -45.58 5.67
N TYR E 451 2.74 -46.69 5.76
CA TYR E 451 4.20 -46.65 5.80
C TYR E 451 4.75 -46.86 4.39
N PRO E 452 5.77 -46.06 3.97
CA PRO E 452 6.02 -45.84 2.54
C PRO E 452 6.77 -46.94 1.80
N TYR E 453 6.71 -48.19 2.27
CA TYR E 453 7.30 -49.33 1.58
C TYR E 453 6.38 -50.54 1.68
N ILE E 454 6.30 -51.36 0.63
CA ILE E 454 5.47 -52.56 0.55
C ILE E 454 6.35 -53.74 0.10
N HIS E 455 6.29 -54.87 0.81
CA HIS E 455 7.20 -55.97 0.52
C HIS E 455 6.55 -57.00 -0.39
N VAL E 456 7.09 -57.14 -1.61
CA VAL E 456 6.41 -57.72 -2.74
C VAL E 456 7.15 -58.97 -3.23
N GLY E 457 7.90 -59.63 -2.33
CA GLY E 457 8.42 -60.97 -2.57
C GLY E 457 9.49 -61.08 -3.66
N GLY E 458 9.07 -61.43 -4.89
CA GLY E 458 9.97 -61.77 -5.98
C GLY E 458 10.94 -62.90 -5.66
N ASP E 459 10.57 -63.78 -4.72
CA ASP E 459 11.43 -64.84 -4.20
C ASP E 459 11.14 -66.16 -4.90
N GLU E 460 12.17 -67.03 -4.99
CA GLU E 460 11.97 -68.46 -5.20
C GLU E 460 10.67 -68.70 -5.98
N CYS E 461 10.71 -68.40 -7.27
CA CYS E 461 9.52 -68.44 -8.13
C CYS E 461 9.86 -69.25 -9.39
N PRO E 462 9.50 -70.55 -9.45
CA PRO E 462 9.86 -71.40 -10.60
C PRO E 462 9.11 -71.21 -11.92
N THR E 463 9.85 -71.39 -13.03
CA THR E 463 9.40 -71.06 -14.37
C THR E 463 8.91 -72.31 -15.11
N THR E 464 8.82 -73.45 -14.42
CA THR E 464 8.46 -74.71 -15.06
C THR E 464 7.00 -74.76 -15.50
N GLN E 465 6.30 -73.61 -15.54
CA GLN E 465 4.87 -73.61 -15.85
C GLN E 465 4.52 -72.36 -16.66
N TRP E 466 5.40 -71.34 -16.55
CA TRP E 466 5.33 -70.22 -17.47
C TRP E 466 5.67 -70.72 -18.87
N GLU E 467 6.87 -71.28 -19.06
CA GLU E 467 7.20 -72.01 -20.27
C GLU E 467 5.94 -72.51 -20.97
N HIS E 468 5.09 -73.24 -20.24
CA HIS E 468 3.89 -73.91 -20.74
C HIS E 468 2.62 -73.13 -20.41
N ASN E 469 2.72 -71.83 -20.11
CA ASN E 469 1.54 -70.97 -20.05
C ASN E 469 1.54 -70.06 -21.29
N ASP E 470 0.47 -70.18 -22.08
CA ASP E 470 0.44 -69.67 -23.43
C ASP E 470 -0.17 -68.27 -23.48
N LEU E 471 -0.03 -67.43 -22.46
CA LEU E 471 0.01 -65.98 -22.71
C LEU E 471 1.46 -65.53 -22.50
N CYS E 472 2.12 -66.19 -21.56
CA CYS E 472 3.48 -65.91 -21.16
C CYS E 472 4.47 -66.22 -22.30
N GLN E 473 4.10 -67.22 -23.12
CA GLN E 473 4.83 -67.57 -24.33
C GLN E 473 4.66 -66.50 -25.38
N GLN E 474 3.68 -65.57 -25.20
CA GLN E 474 3.44 -64.56 -26.21
C GLN E 474 4.31 -63.32 -25.98
N LYS E 475 4.23 -62.73 -24.79
CA LYS E 475 4.82 -61.44 -24.50
C LYS E 475 6.30 -61.43 -24.91
N TYR E 476 7.06 -62.47 -24.49
CA TYR E 476 8.50 -62.45 -24.46
C TYR E 476 9.15 -62.31 -25.84
N LYS E 477 8.37 -62.12 -26.91
CA LYS E 477 8.94 -61.71 -28.20
C LYS E 477 8.67 -60.23 -28.41
N GLU E 478 7.49 -59.80 -27.94
CA GLU E 478 7.13 -58.39 -27.88
C GLU E 478 8.26 -57.61 -27.24
N LEU E 479 8.48 -57.83 -25.95
CA LEU E 479 9.61 -57.27 -25.23
C LEU E 479 10.88 -57.56 -26.06
N GLY E 480 11.10 -58.85 -26.30
CA GLY E 480 12.07 -59.29 -27.31
C GLY E 480 13.27 -60.00 -26.70
N LEU E 481 13.02 -60.88 -25.71
CA LEU E 481 14.06 -61.54 -24.93
C LEU E 481 13.67 -62.98 -24.63
N THR E 482 14.67 -63.83 -24.37
CA THR E 482 14.51 -65.29 -24.42
C THR E 482 14.62 -65.95 -23.04
N SER E 483 14.22 -65.24 -21.96
CA SER E 483 14.47 -65.73 -20.62
C SER E 483 13.28 -65.39 -19.72
N TYR E 484 12.72 -66.43 -19.08
CA TYR E 484 11.33 -66.37 -18.62
C TYR E 484 11.31 -65.93 -17.17
N ARG E 485 12.49 -65.69 -16.57
CA ARG E 485 12.47 -65.01 -15.28
C ARG E 485 11.94 -63.59 -15.53
N GLN E 486 12.27 -63.02 -16.70
CA GLN E 486 12.41 -61.57 -16.85
C GLN E 486 11.09 -60.81 -16.73
N LEU E 487 9.93 -61.52 -16.81
CA LEU E 487 8.68 -60.89 -16.49
C LEU E 487 8.66 -60.62 -14.99
N GLN E 488 9.11 -61.59 -14.19
CA GLN E 488 9.15 -61.41 -12.76
C GLN E 488 9.64 -60.00 -12.45
N ALA E 489 10.58 -59.48 -13.26
CA ALA E 489 10.97 -58.09 -13.09
C ALA E 489 9.90 -57.22 -13.71
N HIS E 490 9.57 -57.52 -14.98
CA HIS E 490 8.68 -56.66 -15.76
C HIS E 490 7.29 -56.62 -15.13
N PHE E 491 6.96 -57.67 -14.36
CA PHE E 491 5.69 -57.75 -13.63
C PHE E 491 5.72 -56.92 -12.35
N ILE E 492 6.93 -56.50 -11.98
CA ILE E 492 7.18 -55.61 -10.84
C ILE E 492 7.20 -54.17 -11.34
N LYS E 493 7.94 -53.92 -12.42
CA LYS E 493 7.80 -52.64 -13.09
C LYS E 493 6.35 -52.19 -12.92
N ASP E 494 5.46 -52.77 -13.72
CA ASP E 494 4.05 -52.42 -13.70
C ASP E 494 3.72 -51.75 -12.36
N LEU E 495 4.00 -52.45 -11.27
CA LEU E 495 3.46 -52.14 -9.95
C LEU E 495 3.80 -50.70 -9.57
N ALA E 496 5.01 -50.29 -9.95
CA ALA E 496 5.54 -49.00 -9.57
C ALA E 496 4.78 -47.89 -10.29
N ASP E 497 4.31 -48.17 -11.52
CA ASP E 497 3.91 -47.12 -12.44
C ASP E 497 2.40 -46.89 -12.39
N PHE E 498 1.71 -47.65 -11.53
CA PHE E 498 0.39 -47.26 -11.06
C PHE E 498 0.50 -46.81 -9.59
N VAL E 499 1.64 -47.16 -8.99
CA VAL E 499 2.12 -46.55 -7.76
C VAL E 499 3.08 -45.42 -8.12
N ALA E 500 2.87 -44.83 -9.33
CA ALA E 500 3.50 -43.58 -9.71
C ALA E 500 2.43 -42.52 -9.91
N THR E 501 1.44 -42.53 -9.00
CA THR E 501 0.64 -41.36 -8.64
C THR E 501 0.63 -41.29 -7.11
N LYS E 502 0.17 -42.39 -6.50
CA LYS E 502 0.89 -43.11 -5.46
C LYS E 502 1.24 -42.31 -4.21
N ASN E 503 1.95 -43.00 -3.31
CA ASN E 503 2.81 -42.44 -2.26
C ASN E 503 3.43 -43.62 -1.49
N LYS E 504 4.17 -44.50 -2.19
CA LYS E 504 4.68 -45.74 -1.62
C LYS E 504 5.65 -46.44 -2.57
N HIS E 505 6.45 -47.36 -2.01
CA HIS E 505 7.62 -47.95 -2.66
C HIS E 505 7.46 -49.47 -2.73
N LEU E 506 8.50 -50.15 -3.25
CA LEU E 506 8.54 -51.61 -3.30
C LEU E 506 9.87 -52.12 -2.73
N VAL E 507 9.83 -53.36 -2.21
CA VAL E 507 10.97 -54.07 -1.67
C VAL E 507 10.96 -55.48 -2.25
N CYS E 508 12.05 -56.24 -2.09
CA CYS E 508 12.01 -57.63 -2.52
C CYS E 508 13.06 -58.47 -1.80
N TRP E 509 12.86 -59.80 -1.90
CA TRP E 509 13.91 -60.77 -1.71
C TRP E 509 14.87 -60.69 -2.89
N ASN E 510 15.95 -61.50 -2.87
CA ASN E 510 17.12 -61.16 -3.67
C ASN E 510 17.28 -62.04 -4.91
N GLU E 511 16.31 -62.92 -5.14
CA GLU E 511 16.22 -63.62 -6.42
C GLU E 511 15.65 -62.63 -7.43
N ALA E 512 15.01 -61.55 -6.96
CA ALA E 512 14.57 -60.43 -7.78
C ALA E 512 15.70 -59.85 -8.63
N ILE E 513 16.95 -60.26 -8.37
CA ILE E 513 18.12 -59.65 -8.98
C ILE E 513 18.84 -60.63 -9.88
N THR E 514 18.09 -61.51 -10.56
CA THR E 514 18.62 -62.40 -11.59
C THR E 514 17.64 -62.40 -12.75
N ALA E 515 17.17 -61.20 -13.04
CA ALA E 515 16.31 -60.86 -14.13
C ALA E 515 16.71 -59.49 -14.68
N GLY E 516 15.76 -58.92 -15.43
CA GLY E 516 15.91 -57.62 -16.02
C GLY E 516 15.74 -56.54 -14.96
N GLY E 517 16.85 -56.21 -14.29
CA GLY E 517 16.86 -55.18 -13.28
C GLY E 517 16.57 -53.80 -13.87
N ALA E 518 17.33 -53.43 -14.90
CA ALA E 518 17.27 -52.06 -15.42
C ALA E 518 15.94 -51.80 -16.16
N ASP E 519 14.93 -52.64 -15.88
CA ASP E 519 13.56 -52.38 -16.29
C ASP E 519 12.64 -52.38 -15.06
N LEU E 520 13.23 -52.02 -13.92
CA LEU E 520 12.59 -52.10 -12.62
C LEU E 520 11.69 -50.88 -12.46
N GLN E 525 14.30 -49.32 -12.64
CA GLN E 525 15.52 -48.51 -12.27
C GLN E 525 16.43 -49.34 -11.35
N THR E 526 17.12 -48.64 -10.45
CA THR E 526 17.75 -49.22 -9.26
C THR E 526 17.13 -48.57 -8.03
N GLN E 527 15.84 -48.24 -8.16
CA GLN E 527 15.05 -47.65 -7.09
C GLN E 527 14.01 -48.71 -6.74
N SER E 528 14.46 -49.68 -5.91
CA SER E 528 13.63 -50.61 -5.18
C SER E 528 14.54 -51.48 -4.31
N THR E 529 14.56 -51.10 -3.04
CA THR E 529 15.24 -51.79 -1.96
C THR E 529 15.22 -53.30 -2.12
N ILE E 530 16.40 -53.90 -1.98
CA ILE E 530 16.59 -55.35 -1.87
C ILE E 530 16.70 -55.75 -0.39
N MET E 531 16.50 -57.06 -0.13
CA MET E 531 16.53 -57.60 1.21
C MET E 531 17.18 -58.99 1.18
N SER E 532 18.52 -58.96 1.27
CA SER E 532 19.39 -60.00 0.73
C SER E 532 19.66 -61.12 1.74
N TRP E 533 18.74 -62.12 1.78
CA TRP E 533 18.95 -63.30 2.60
C TRP E 533 19.98 -64.22 1.93
N ASN E 534 19.57 -65.00 0.92
CA ASN E 534 20.44 -65.80 0.08
C ASN E 534 21.70 -64.99 -0.14
N PRO E 535 22.82 -65.56 -0.62
CA PRO E 535 24.10 -64.86 -0.46
C PRO E 535 23.84 -63.42 -0.02
N CYS E 536 23.81 -63.21 1.30
CA CYS E 536 23.96 -61.88 1.86
C CYS E 536 25.24 -61.23 1.28
N GLN E 537 26.43 -61.46 1.86
CA GLN E 537 27.58 -60.67 1.47
C GLN E 537 27.60 -60.49 -0.05
N GLU E 538 27.54 -61.58 -0.81
CA GLU E 538 27.57 -61.54 -2.27
C GLU E 538 26.36 -60.80 -2.85
N GLY E 539 25.26 -60.80 -2.07
CA GLY E 539 24.00 -60.19 -2.46
C GLY E 539 23.88 -58.75 -1.94
N VAL E 540 24.15 -58.54 -0.65
CA VAL E 540 24.31 -57.19 -0.15
C VAL E 540 25.11 -56.39 -1.18
N ALA E 541 26.35 -56.84 -1.45
CA ALA E 541 27.26 -56.10 -2.32
C ALA E 541 26.76 -56.01 -3.77
N LYS E 542 26.29 -57.14 -4.32
CA LYS E 542 25.78 -57.15 -5.70
C LYS E 542 24.29 -56.81 -5.71
N ALA E 543 23.66 -56.82 -4.53
CA ALA E 543 22.21 -56.70 -4.44
C ALA E 543 21.86 -55.56 -3.47
N VAL E 544 22.05 -54.31 -3.90
CA VAL E 544 22.94 -53.97 -5.00
C VAL E 544 23.60 -52.65 -4.70
N LYS E 545 24.66 -52.66 -3.87
CA LYS E 545 25.42 -51.43 -3.63
C LYS E 545 25.84 -50.87 -4.98
N LYS E 546 26.36 -51.80 -5.81
CA LYS E 546 27.20 -51.45 -6.94
C LYS E 546 26.37 -50.93 -8.12
N LEU E 547 25.04 -51.09 -8.05
CA LEU E 547 24.15 -50.45 -9.00
C LEU E 547 23.48 -49.23 -8.38
N GLY E 548 23.33 -49.27 -7.04
CA GLY E 548 22.85 -48.13 -6.28
C GLY E 548 21.59 -48.45 -5.47
N LEU E 549 21.35 -49.73 -5.24
CA LEU E 549 20.13 -50.19 -4.61
C LEU E 549 20.34 -50.16 -3.11
N PRO E 550 19.43 -49.55 -2.31
CA PRO E 550 19.42 -49.72 -0.86
C PRO E 550 19.78 -51.14 -0.48
N ALA E 551 19.72 -51.47 0.81
CA ALA E 551 19.77 -52.87 1.19
C ALA E 551 19.36 -53.03 2.64
N ILE E 552 18.52 -54.06 2.90
CA ILE E 552 18.30 -54.53 4.26
C ILE E 552 18.87 -55.93 4.40
N VAL E 553 19.94 -56.05 5.22
CA VAL E 553 20.64 -57.31 5.37
C VAL E 553 19.62 -58.40 5.66
N LYS E 558 19.11 -60.59 7.66
CA LYS E 558 18.47 -61.84 7.19
C LYS E 558 19.53 -62.84 6.77
N GLY E 559 20.77 -62.78 7.26
CA GLY E 559 21.78 -63.67 6.78
C GLY E 559 21.49 -65.12 7.14
N ASP E 560 20.79 -65.84 6.24
CA ASP E 560 20.59 -67.28 6.41
C ASP E 560 21.62 -67.82 7.40
N GLY E 561 22.90 -67.56 7.12
CA GLY E 561 23.99 -67.87 8.02
C GLY E 561 24.29 -66.67 8.92
N GLY E 562 23.26 -66.29 9.72
CA GLY E 562 23.43 -65.27 10.74
C GLY E 562 22.12 -64.97 11.48
N TYR E 563 21.26 -64.19 10.80
CA TYR E 563 20.12 -63.54 11.39
C TYR E 563 18.82 -64.32 11.23
N TYR E 564 18.81 -65.50 10.58
CA TYR E 564 17.55 -66.26 10.56
C TYR E 564 17.31 -66.90 11.92
N ILE E 565 16.80 -66.09 12.86
CA ILE E 565 16.59 -66.57 14.20
C ILE E 565 15.21 -67.21 14.23
N CYS E 566 15.13 -68.33 13.49
CA CYS E 566 14.14 -69.37 13.77
C CYS E 566 14.76 -70.70 13.39
N ARG E 567 15.98 -70.90 13.89
CA ARG E 567 16.69 -72.16 13.75
C ARG E 567 17.22 -72.59 15.10
N LYS E 568 17.19 -73.90 15.36
CA LYS E 568 17.70 -74.50 16.58
C LYS E 568 18.99 -73.80 17.02
N GLN E 569 19.07 -73.40 18.28
CA GLN E 569 20.18 -72.59 18.76
C GLN E 569 21.12 -73.41 19.64
N SER E 570 21.21 -74.72 19.41
CA SER E 570 22.19 -75.55 20.11
C SER E 570 21.90 -77.03 19.87
N ASN E 571 22.94 -77.84 19.63
CA ASN E 571 22.81 -79.25 19.30
C ASN E 571 22.51 -80.14 20.51
N ASP E 572 21.90 -79.56 21.54
CA ASP E 572 21.37 -80.34 22.63
C ASP E 572 20.27 -81.20 22.04
N TYR E 573 20.06 -82.39 22.60
CA TYR E 573 18.95 -83.23 22.23
C TYR E 573 17.68 -82.60 22.80
N GLY E 574 17.77 -82.21 24.08
CA GLY E 574 16.66 -81.59 24.79
C GLY E 574 15.90 -80.59 23.92
N GLU E 575 16.65 -79.83 23.11
CA GLU E 575 16.12 -78.78 22.25
C GLU E 575 14.95 -79.30 21.41
N PRO E 576 13.75 -78.68 21.48
CA PRO E 576 12.57 -79.16 20.75
C PRO E 576 12.79 -79.33 19.25
N SER E 577 11.73 -79.06 18.42
CA SER E 577 11.77 -79.33 17.00
C SER E 577 11.62 -78.00 16.21
N GLY E 578 12.11 -78.02 14.96
CA GLY E 578 12.69 -76.81 14.37
C GLY E 578 13.86 -77.16 13.44
N ALA E 579 14.25 -76.17 12.62
CA ALA E 579 15.10 -76.38 11.48
C ALA E 579 16.57 -76.27 11.86
N GLY E 580 17.46 -76.60 10.91
CA GLY E 580 18.90 -76.38 11.02
C GLY E 580 19.46 -76.98 12.31
N TYR E 581 20.63 -77.62 12.19
CA TYR E 581 21.11 -78.56 13.19
C TYR E 581 21.07 -77.82 14.52
N GLY E 582 22.05 -76.90 14.68
CA GLY E 582 22.07 -75.95 15.76
C GLY E 582 23.37 -75.16 15.79
N ASN E 583 23.52 -74.27 14.81
CA ASN E 583 24.66 -73.37 14.70
C ASN E 583 24.28 -72.02 15.31
N ASP E 584 23.10 -71.54 14.86
CA ASP E 584 22.66 -70.18 15.14
C ASP E 584 22.27 -70.09 16.61
N GLY E 585 23.28 -69.90 17.43
CA GLY E 585 23.04 -69.48 18.80
C GLY E 585 23.11 -67.97 18.89
N VAL E 586 23.65 -67.45 19.99
CA VAL E 586 23.74 -66.03 20.23
C VAL E 586 25.15 -65.59 19.89
N GLU E 587 26.08 -66.54 19.79
CA GLU E 587 27.41 -66.27 19.26
C GLU E 587 27.26 -65.89 17.77
N GLY E 588 27.35 -66.87 16.86
CA GLY E 588 27.21 -66.63 15.44
C GLY E 588 25.95 -65.88 15.00
N CYS E 589 25.24 -65.23 15.95
CA CYS E 589 24.25 -64.22 15.59
C CYS E 589 24.29 -63.00 16.52
N TYR E 590 25.39 -62.80 17.24
CA TYR E 590 25.74 -61.52 17.83
C TYR E 590 27.02 -61.02 17.21
N ASN E 591 27.95 -61.95 16.99
CA ASN E 591 29.19 -61.75 16.26
C ASN E 591 28.93 -61.62 14.77
N TYR E 592 27.83 -60.97 14.33
CA TYR E 592 27.50 -60.97 12.93
C TYR E 592 27.79 -59.59 12.31
N VAL E 593 28.53 -59.57 11.19
CA VAL E 593 29.31 -58.41 10.78
C VAL E 593 28.86 -57.97 9.38
N PRO E 594 27.96 -56.97 9.25
CA PRO E 594 27.63 -56.38 7.95
C PRO E 594 28.70 -55.50 7.26
N VAL E 595 29.86 -55.31 7.91
CA VAL E 595 30.76 -54.19 7.62
C VAL E 595 32.04 -54.69 6.97
N GLN E 596 32.78 -55.58 7.66
CA GLN E 596 34.16 -55.92 7.32
C GLN E 596 34.34 -56.17 5.82
N GLY E 597 35.54 -55.84 5.32
CA GLY E 597 35.90 -55.97 3.92
C GLY E 597 35.42 -54.79 3.06
N MET E 598 34.32 -54.16 3.48
CA MET E 598 33.41 -53.49 2.57
C MET E 598 33.69 -51.99 2.65
N TYR E 599 34.21 -51.43 1.55
CA TYR E 599 34.58 -50.03 1.48
C TYR E 599 33.36 -49.18 1.84
N THR E 600 33.61 -47.88 2.09
CA THR E 600 32.57 -46.92 2.36
C THR E 600 32.26 -46.08 1.13
N GLN E 601 33.04 -46.28 0.04
CA GLN E 601 32.88 -45.51 -1.18
C GLN E 601 31.45 -45.63 -1.69
N GLU E 602 30.60 -44.73 -1.18
CA GLU E 602 29.17 -44.74 -1.40
C GLU E 602 28.60 -45.86 -0.57
N GLN E 603 28.20 -47.00 -1.18
CA GLN E 603 27.92 -48.21 -0.42
C GLN E 603 27.35 -47.99 0.99
N MET E 604 28.23 -47.80 1.99
CA MET E 604 27.88 -48.02 3.37
C MET E 604 27.03 -46.86 3.90
N ALA E 605 26.51 -45.99 3.01
CA ALA E 605 25.29 -45.25 3.31
C ALA E 605 24.20 -45.69 2.34
N LEU E 606 24.06 -47.01 2.18
CA LEU E 606 22.91 -47.58 1.47
C LEU E 606 22.40 -48.83 2.18
N VAL E 607 23.27 -49.48 2.96
CA VAL E 607 23.04 -50.81 3.49
C VAL E 607 22.23 -50.68 4.78
N LYS E 608 20.94 -50.39 4.66
CA LYS E 608 20.23 -49.69 5.74
C LYS E 608 20.51 -50.34 7.08
N GLY E 609 20.44 -51.67 7.16
CA GLY E 609 20.40 -52.29 8.47
C GLY E 609 20.25 -53.81 8.38
N VAL E 610 19.39 -54.35 9.23
CA VAL E 610 19.39 -55.75 9.64
C VAL E 610 17.95 -56.09 9.98
N GLN E 611 17.65 -57.39 10.04
CA GLN E 611 16.33 -57.84 10.44
C GLN E 611 16.43 -59.29 10.90
N GLY E 612 15.50 -59.74 11.75
CA GLY E 612 15.63 -61.05 12.39
C GLY E 612 14.55 -62.04 11.95
N THR E 613 14.54 -62.32 10.64
CA THR E 613 13.44 -62.99 9.95
C THR E 613 13.11 -64.32 10.62
N PHE E 614 11.86 -64.79 10.42
CA PHE E 614 11.30 -65.92 11.16
C PHE E 614 10.36 -66.71 10.24
N TRP E 615 10.57 -68.03 10.23
CA TRP E 615 9.84 -68.93 9.34
C TRP E 615 9.20 -70.03 10.16
N THR E 616 7.87 -70.04 10.17
CA THR E 616 7.11 -70.89 11.07
C THR E 616 6.70 -72.19 10.38
N GLU E 617 7.57 -72.73 9.53
CA GLU E 617 7.40 -74.09 9.09
C GLU E 617 7.24 -74.93 10.36
N HIS E 618 8.34 -75.07 11.10
CA HIS E 618 8.47 -76.02 12.20
C HIS E 618 8.18 -75.35 13.54
N VAL E 619 7.20 -74.46 13.53
CA VAL E 619 6.86 -73.63 14.68
C VAL E 619 5.37 -73.33 14.57
N GLY E 620 4.61 -73.78 15.58
CA GLY E 620 3.16 -73.88 15.46
C GLY E 620 2.44 -73.66 16.79
N THR E 621 3.12 -73.03 17.77
CA THR E 621 2.54 -72.70 19.06
C THR E 621 3.11 -71.37 19.54
N ASN E 622 2.59 -70.90 20.67
CA ASN E 622 3.09 -69.72 21.34
C ASN E 622 4.44 -70.02 22.05
N GLU E 623 4.46 -71.04 22.92
CA GLU E 623 5.71 -71.48 23.51
C GLU E 623 6.86 -71.13 22.56
N TYR E 624 6.92 -71.79 21.39
CA TYR E 624 8.16 -71.89 20.62
C TYR E 624 8.47 -70.62 19.82
N LEU E 625 7.46 -69.78 19.57
CA LEU E 625 7.71 -68.52 18.93
C LEU E 625 8.39 -67.57 19.90
N GLU E 626 8.10 -67.67 21.20
CA GLU E 626 8.80 -66.88 22.20
C GLU E 626 10.02 -67.63 22.73
N TYR E 627 10.16 -68.89 22.32
CA TYR E 627 11.36 -69.66 22.60
C TYR E 627 12.37 -69.28 21.53
N LEU E 628 12.60 -70.15 20.52
CA LEU E 628 13.63 -69.95 19.52
C LEU E 628 13.98 -68.47 19.38
N ALA E 629 12.99 -67.67 18.91
CA ALA E 629 13.18 -66.25 18.75
C ALA E 629 14.16 -65.71 19.79
N LEU E 630 13.81 -65.87 21.08
CA LEU E 630 14.45 -65.13 22.16
C LEU E 630 15.58 -65.96 22.77
N PRO E 631 16.74 -65.39 23.17
CA PRO E 631 17.01 -63.95 23.13
C PRO E 631 17.57 -63.40 21.84
N ARG E 632 17.86 -64.27 20.85
CA ARG E 632 18.59 -63.83 19.69
C ARG E 632 17.95 -62.57 19.13
N LEU E 633 16.62 -62.49 19.24
CA LEU E 633 15.92 -61.23 18.98
C LEU E 633 16.85 -60.06 19.33
N ILE E 634 17.32 -60.02 20.59
CA ILE E 634 18.11 -58.88 21.04
C ILE E 634 19.32 -58.72 20.14
N CYS E 635 20.16 -59.77 20.03
CA CYS E 635 21.35 -59.75 19.20
C CYS E 635 21.09 -58.93 17.95
N VAL E 636 20.11 -59.36 17.14
CA VAL E 636 19.82 -58.73 15.88
C VAL E 636 19.39 -57.28 16.09
N ALA E 637 18.92 -56.97 17.30
CA ALA E 637 18.46 -55.63 17.68
C ALA E 637 19.64 -54.80 18.20
N GLU E 638 20.55 -55.45 18.94
CA GLU E 638 21.75 -54.79 19.42
C GLU E 638 22.57 -54.40 18.22
N ALA E 639 23.28 -55.37 17.63
CA ALA E 639 24.05 -55.13 16.41
C ALA E 639 23.38 -54.02 15.61
N GLY E 640 22.09 -54.19 15.35
CA GLY E 640 21.33 -53.12 14.70
C GLY E 640 21.73 -51.76 15.26
N TRP E 641 21.55 -51.60 16.58
CA TRP E 641 21.65 -50.31 17.25
C TRP E 641 23.07 -50.05 17.79
N THR E 642 23.80 -51.09 18.23
CA THR E 642 25.14 -50.93 18.73
C THR E 642 26.15 -50.91 17.59
N PRO E 643 27.13 -49.97 17.57
CA PRO E 643 27.97 -49.77 16.38
C PRO E 643 29.22 -50.61 16.43
N GLN E 644 29.48 -51.52 15.46
CA GLN E 644 30.49 -52.55 15.67
C GLN E 644 31.41 -52.17 16.85
N VAL E 645 32.00 -50.98 16.80
CA VAL E 645 33.14 -50.70 17.67
C VAL E 645 32.82 -51.19 19.09
N PHE E 646 31.62 -50.85 19.57
CA PHE E 646 31.26 -51.14 20.96
C PHE E 646 30.34 -52.36 21.02
N LYS E 647 30.63 -53.35 20.16
CA LYS E 647 29.97 -54.65 20.18
C LYS E 647 31.02 -55.67 20.61
N ASN E 648 31.03 -55.96 21.92
CA ASN E 648 31.85 -57.00 22.53
C ASN E 648 30.91 -57.95 23.26
N TRP E 649 31.17 -59.26 23.15
CA TRP E 649 30.19 -60.29 23.45
C TRP E 649 30.14 -60.60 24.94
N ASP E 650 31.31 -60.49 25.62
CA ASP E 650 31.46 -61.10 26.93
C ASP E 650 31.11 -60.11 28.05
N ASN E 651 30.68 -58.92 27.65
CA ASN E 651 29.97 -58.01 28.53
C ASN E 651 28.51 -57.99 28.12
N PHE E 652 28.19 -58.60 26.96
CA PHE E 652 26.81 -58.76 26.54
C PHE E 652 26.12 -59.83 27.37
N ARG E 653 26.66 -61.06 27.39
CA ARG E 653 25.99 -62.12 28.11
C ARG E 653 25.45 -61.52 29.39
N THR E 654 26.34 -61.14 30.32
CA THR E 654 25.90 -60.72 31.64
C THR E 654 24.65 -59.87 31.49
N ARG E 655 24.80 -58.70 30.87
CA ARG E 655 23.74 -57.71 30.78
C ARG E 655 22.38 -58.38 30.61
N LEU E 656 22.31 -59.43 29.79
CA LEU E 656 21.00 -60.04 29.52
C LEU E 656 20.63 -61.08 30.58
N ALA E 657 21.63 -61.68 31.24
CA ALA E 657 21.36 -62.66 32.26
C ALA E 657 21.11 -61.93 33.57
N ASN E 658 20.98 -60.59 33.50
CA ASN E 658 20.33 -59.79 34.52
C ASN E 658 18.84 -59.66 34.20
N GLN E 659 18.57 -59.23 32.96
CA GLN E 659 17.27 -58.67 32.60
C GLN E 659 16.19 -59.73 32.59
N THR E 660 16.54 -60.99 32.86
CA THR E 660 15.68 -62.16 32.63
C THR E 660 14.40 -62.08 33.47
N GLN E 661 14.54 -61.45 34.64
CA GLN E 661 13.42 -61.28 35.55
C GLN E 661 12.28 -60.60 34.82
N TRP E 662 12.52 -59.99 33.65
CA TRP E 662 11.46 -59.36 32.87
C TRP E 662 11.25 -60.04 31.53
N LEU E 663 11.62 -61.34 31.44
CA LEU E 663 11.08 -62.25 30.46
C LEU E 663 10.35 -63.38 31.21
N ASP E 664 10.92 -63.78 32.35
CA ASP E 664 10.15 -64.40 33.41
C ASP E 664 8.87 -63.60 33.59
N ASP E 665 8.96 -62.50 34.32
CA ASP E 665 7.79 -61.82 34.87
C ASP E 665 6.70 -61.73 33.80
N HIS E 666 7.03 -61.23 32.61
CA HIS E 666 5.98 -60.98 31.61
C HIS E 666 5.74 -62.22 30.76
N GLY E 667 5.87 -63.40 31.36
CA GLY E 667 5.50 -64.66 30.72
C GLY E 667 6.09 -64.82 29.32
N TYR E 668 7.35 -64.41 29.14
CA TYR E 668 8.09 -64.63 27.90
C TYR E 668 9.04 -65.80 28.07
N VAL E 669 8.86 -66.83 27.24
CA VAL E 669 9.81 -67.92 27.21
C VAL E 669 11.08 -67.36 26.58
N TYR E 670 12.23 -68.00 26.84
CA TYR E 670 13.49 -67.59 26.24
C TYR E 670 14.51 -68.72 26.42
N ALA E 671 15.42 -68.91 25.45
CA ALA E 671 16.26 -70.10 25.47
C ALA E 671 17.43 -69.89 26.40
N ARG E 672 17.73 -70.89 27.23
CA ARG E 672 18.47 -70.68 28.46
C ARG E 672 19.96 -70.87 28.25
N HIS E 673 20.40 -72.06 27.83
CA HIS E 673 21.81 -72.40 27.73
C HIS E 673 22.62 -71.25 28.32
N TRP E 674 22.81 -70.20 27.51
CA TRP E 674 23.44 -68.96 27.96
C TRP E 674 23.16 -68.75 29.43
N MET E 675 21.88 -68.59 29.74
CA MET E 675 21.39 -68.08 31.02
C MET E 675 21.64 -69.09 32.15
N PRO E 676 22.33 -68.70 33.25
CA PRO E 676 22.68 -69.65 34.32
C PRO E 676 21.54 -69.82 35.34
N ALA F 129 -33.86 22.30 -32.65
CA ALA F 129 -34.94 22.14 -31.64
C ALA F 129 -34.90 20.73 -31.04
N ASP F 130 -33.76 20.42 -30.42
CA ASP F 130 -33.63 19.37 -29.41
C ASP F 130 -34.75 19.53 -28.39
N GLU F 131 -35.24 18.38 -27.88
CA GLU F 131 -36.55 18.27 -27.26
C GLU F 131 -36.45 17.61 -25.87
N THR F 132 -37.07 18.30 -24.90
CA THR F 132 -36.78 18.24 -23.48
C THR F 132 -35.65 19.23 -23.27
N ARG F 133 -35.95 20.48 -23.63
CA ARG F 133 -34.92 21.47 -23.94
C ARG F 133 -33.64 21.14 -23.20
N SER F 134 -32.56 21.14 -23.96
CA SER F 134 -31.19 20.91 -23.54
C SER F 134 -30.86 21.48 -22.16
N PHE F 135 -29.61 21.89 -21.96
CA PHE F 135 -29.18 22.76 -20.88
C PHE F 135 -28.72 24.08 -21.52
N TRP F 136 -27.62 23.97 -22.29
CA TRP F 136 -26.94 25.10 -22.93
C TRP F 136 -26.72 24.75 -24.41
N ILE F 137 -26.86 25.74 -25.30
CA ILE F 137 -26.62 25.53 -26.73
C ILE F 137 -26.35 26.87 -27.41
N THR F 138 -25.59 26.85 -28.52
CA THR F 138 -25.13 28.05 -29.21
C THR F 138 -24.63 27.68 -30.61
N CYS F 139 -24.65 28.63 -31.56
CA CYS F 139 -24.65 28.31 -32.99
C CYS F 139 -23.34 28.68 -33.68
N GLN F 140 -23.15 28.08 -34.87
CA GLN F 140 -21.97 28.24 -35.69
C GLN F 140 -22.39 28.22 -37.16
N ALA F 141 -21.47 28.61 -38.04
CA ALA F 141 -21.83 29.04 -39.39
C ALA F 141 -21.76 27.90 -40.40
N GLY F 142 -22.90 27.55 -41.03
CA GLY F 142 -22.91 26.71 -42.20
C GLY F 142 -23.96 25.59 -42.17
N GLY F 143 -23.89 24.73 -43.19
CA GLY F 143 -24.43 23.37 -43.16
C GLY F 143 -23.31 22.32 -43.22
N THR F 144 -23.67 21.05 -42.94
CA THR F 144 -22.70 20.05 -42.50
C THR F 144 -22.88 18.76 -43.31
N LYS F 145 -22.05 17.77 -42.99
CA LYS F 145 -21.81 16.63 -43.86
C LYS F 145 -21.78 15.33 -43.04
N TYR F 146 -22.30 14.28 -43.68
CA TYR F 146 -22.09 12.90 -43.28
C TYR F 146 -21.33 12.18 -44.40
N LEU F 147 -21.78 12.40 -45.65
CA LEU F 147 -21.23 11.76 -46.84
C LEU F 147 -21.57 10.28 -46.82
N ASN F 148 -21.54 9.68 -48.02
CA ASN F 148 -21.67 8.24 -48.15
C ASN F 148 -20.29 7.68 -47.88
N SER F 167 -20.52 -2.59 -26.97
CA SER F 167 -21.99 -2.77 -27.09
C SER F 167 -22.65 -1.47 -26.66
N THR F 168 -22.67 -0.49 -27.58
CA THR F 168 -23.28 0.80 -27.34
C THR F 168 -23.33 1.61 -28.65
N PHE F 169 -22.18 2.04 -29.17
CA PHE F 169 -22.23 2.94 -30.30
C PHE F 169 -23.13 2.30 -31.37
N TYR F 170 -22.93 1.00 -31.63
CA TYR F 170 -23.50 0.36 -32.81
C TYR F 170 -25.02 0.36 -32.78
N ILE F 171 -25.66 0.74 -31.67
CA ILE F 171 -27.11 0.94 -31.70
C ILE F 171 -27.40 2.34 -32.21
N TYR F 172 -26.41 2.94 -32.88
CA TYR F 172 -26.59 4.13 -33.70
C TYR F 172 -26.09 3.88 -35.11
N LYS F 173 -25.64 2.64 -35.40
CA LYS F 173 -25.56 2.10 -36.73
C LYS F 173 -26.60 0.98 -36.86
N VAL F 174 -27.12 0.81 -38.08
CA VAL F 174 -28.44 0.26 -38.30
C VAL F 174 -29.43 1.23 -37.64
N SER F 175 -29.76 1.01 -36.36
CA SER F 175 -30.70 1.83 -35.60
C SER F 175 -31.32 2.92 -36.46
N GLU F 176 -30.58 4.03 -36.67
CA GLU F 176 -31.10 5.23 -37.32
C GLU F 176 -30.46 5.46 -38.69
N GLU F 177 -29.36 4.75 -38.95
CA GLU F 177 -28.39 5.21 -39.92
C GLU F 177 -28.73 4.64 -41.29
N GLN F 178 -29.06 3.36 -41.41
CA GLN F 178 -29.51 2.79 -42.67
C GLN F 178 -30.84 2.09 -42.52
N ILE F 179 -31.50 2.10 -41.35
CA ILE F 179 -32.92 1.76 -41.30
C ILE F 179 -33.76 2.97 -41.69
N ALA F 180 -33.08 4.07 -42.00
CA ALA F 180 -33.73 5.27 -42.50
C ALA F 180 -32.82 6.00 -43.49
N VAL F 181 -31.72 6.61 -43.00
CA VAL F 181 -31.19 7.81 -43.63
C VAL F 181 -31.45 7.76 -45.14
N PRO F 182 -30.98 6.73 -45.89
CA PRO F 182 -31.56 6.38 -47.18
C PRO F 182 -32.49 5.16 -47.10
N ARG F 192 -26.82 -0.68 -47.24
CA ARG F 192 -25.61 -1.37 -47.78
C ARG F 192 -24.42 -0.42 -47.82
N GLY F 193 -23.26 -0.89 -47.34
CA GLY F 193 -21.96 -0.46 -47.84
C GLY F 193 -20.98 -0.08 -46.75
N ALA F 194 -20.87 1.23 -46.55
CA ALA F 194 -20.27 1.77 -45.34
C ALA F 194 -21.23 2.83 -44.81
N GLU F 195 -21.79 2.55 -43.62
CA GLU F 195 -22.77 3.43 -43.02
C GLU F 195 -22.23 3.90 -41.66
N LEU F 196 -20.91 3.87 -41.50
CA LEU F 196 -20.18 4.57 -40.46
C LEU F 196 -18.98 3.74 -40.00
N ASN F 197 -18.00 3.64 -40.90
CA ASN F 197 -16.77 2.88 -40.69
C ASN F 197 -15.80 3.26 -41.81
N GLY F 198 -15.83 2.54 -42.92
CA GLY F 198 -14.83 2.64 -43.96
C GLY F 198 -13.53 3.29 -43.51
N GLU F 199 -13.53 4.62 -43.54
CA GLU F 199 -12.31 5.41 -43.44
C GLU F 199 -11.11 4.46 -43.46
N GLY F 200 -10.73 3.94 -42.28
CA GLY F 200 -9.51 3.17 -42.12
C GLY F 200 -9.03 3.20 -40.65
N ARG F 201 -8.33 4.28 -40.31
CA ARG F 201 -7.74 4.47 -38.98
C ARG F 201 -8.75 5.24 -38.13
N LEU F 202 -9.74 4.49 -37.65
CA LEU F 202 -10.97 5.05 -37.16
C LEU F 202 -10.63 5.95 -35.99
N ALA F 203 -9.48 5.75 -35.34
CA ALA F 203 -8.97 6.60 -34.27
C ALA F 203 -7.90 7.55 -34.80
N LEU F 204 -8.24 8.30 -35.85
CA LEU F 204 -7.41 9.42 -36.29
C LEU F 204 -8.23 10.67 -36.18
N SER F 205 -7.88 11.58 -35.25
CA SER F 205 -8.60 12.84 -35.11
C SER F 205 -8.27 13.79 -36.26
N ALA F 206 -7.77 13.23 -37.38
CA ALA F 206 -7.66 13.95 -38.64
C ALA F 206 -8.13 13.06 -39.78
N MET F 207 -8.76 11.91 -39.47
CA MET F 207 -9.62 11.23 -40.42
C MET F 207 -11.01 11.06 -39.82
N ASP F 208 -11.42 12.06 -39.03
CA ASP F 208 -12.61 12.02 -38.21
C ASP F 208 -13.71 12.86 -38.85
N ASN F 209 -14.89 12.70 -38.31
CA ASN F 209 -16.11 13.26 -38.87
C ASN F 209 -17.17 13.18 -37.79
N ILE F 210 -17.26 12.03 -37.12
CA ILE F 210 -18.27 11.74 -36.11
C ILE F 210 -17.59 10.87 -35.05
N SER F 211 -16.95 11.54 -34.09
CA SER F 211 -16.00 10.87 -33.21
C SER F 211 -16.58 10.79 -31.81
N PHE F 212 -16.16 9.73 -31.09
CA PHE F 212 -16.54 9.49 -29.72
C PHE F 212 -15.32 9.47 -28.80
N THR F 213 -15.56 9.90 -27.57
CA THR F 213 -14.52 10.22 -26.59
C THR F 213 -15.20 10.41 -25.23
N THR F 214 -14.41 10.27 -24.17
CA THR F 214 -14.85 10.42 -22.79
C THR F 214 -14.06 11.54 -22.12
N ASP F 215 -14.79 12.42 -21.43
CA ASP F 215 -14.17 13.39 -20.54
C ASP F 215 -14.75 13.16 -19.15
N PRO F 216 -14.26 12.16 -18.37
CA PRO F 216 -14.90 11.77 -17.11
C PRO F 216 -15.18 12.86 -16.07
N ALA F 217 -15.26 14.12 -16.52
CA ALA F 217 -15.46 15.28 -15.68
C ALA F 217 -16.88 15.83 -15.88
N LEU F 218 -17.48 15.52 -17.03
CA LEU F 218 -18.92 15.63 -17.22
C LEU F 218 -19.61 14.68 -16.25
N ALA F 219 -20.73 15.07 -15.64
CA ALA F 219 -21.43 14.19 -14.74
C ALA F 219 -21.89 12.94 -15.51
N GLU F 220 -22.44 11.94 -14.81
CA GLU F 220 -22.63 10.62 -15.38
C GLU F 220 -23.52 10.64 -16.62
N GLU F 221 -24.81 10.97 -16.44
CA GLU F 221 -25.73 11.05 -17.57
C GLU F 221 -25.50 12.29 -18.43
N ALA F 222 -24.35 12.94 -18.31
CA ALA F 222 -24.12 14.20 -18.98
C ALA F 222 -23.36 13.97 -20.29
N TYR F 223 -23.80 14.67 -21.35
CA TYR F 223 -23.22 14.51 -22.67
C TYR F 223 -22.82 15.88 -23.24
N VAL F 224 -22.03 15.87 -24.33
CA VAL F 224 -21.72 17.05 -25.11
C VAL F 224 -21.69 16.66 -26.60
N LEU F 225 -21.83 17.63 -27.50
CA LEU F 225 -22.10 17.42 -28.90
C LEU F 225 -21.74 18.70 -29.67
N ASN F 226 -20.49 18.77 -30.13
CA ASN F 226 -20.06 19.84 -31.02
C ASN F 226 -20.46 19.45 -32.45
N ILE F 227 -20.99 20.40 -33.21
CA ILE F 227 -21.39 20.16 -34.60
C ILE F 227 -20.79 21.24 -35.49
N THR F 228 -19.92 20.82 -36.41
CA THR F 228 -19.29 21.64 -37.42
C THR F 228 -19.09 20.76 -38.65
N ALA F 229 -18.85 21.36 -39.83
CA ALA F 229 -18.51 20.58 -41.01
C ALA F 229 -17.18 19.85 -40.80
N ASP F 230 -16.39 20.30 -39.81
CA ASP F 230 -15.13 19.66 -39.53
C ASP F 230 -15.37 18.30 -38.89
N GLY F 231 -16.34 18.24 -37.97
CA GLY F 231 -16.70 17.00 -37.30
C GLY F 231 -17.94 17.19 -36.41
N ILE F 232 -18.44 16.08 -35.89
CA ILE F 232 -19.45 16.06 -34.84
C ILE F 232 -18.91 15.31 -33.61
N SER F 233 -17.88 15.89 -32.99
CA SER F 233 -17.36 15.38 -31.75
C SER F 233 -18.53 15.28 -30.77
N VAL F 234 -18.66 14.09 -30.17
CA VAL F 234 -19.46 13.88 -28.98
C VAL F 234 -18.52 13.43 -27.86
N ALA F 235 -18.29 14.30 -26.87
CA ALA F 235 -17.61 13.89 -25.65
C ALA F 235 -18.69 13.52 -24.63
N SER F 236 -18.32 13.10 -23.41
CA SER F 236 -19.27 12.43 -22.53
C SER F 236 -18.66 12.07 -21.18
N SER F 237 -19.35 11.16 -20.48
CA SER F 237 -19.05 10.85 -19.10
C SER F 237 -19.40 9.41 -18.73
N THR F 238 -20.29 8.74 -19.47
CA THR F 238 -20.99 7.56 -18.95
C THR F 238 -21.97 7.07 -20.00
N GLU F 239 -21.91 5.80 -20.36
CA GLU F 239 -22.57 5.31 -21.58
C GLU F 239 -23.91 6.03 -21.70
N LYS F 240 -24.68 6.01 -20.60
CA LYS F 240 -25.91 6.77 -20.47
C LYS F 240 -25.71 8.15 -21.08
N GLY F 241 -24.69 8.87 -20.59
CA GLY F 241 -24.32 10.14 -21.19
C GLY F 241 -24.38 10.06 -22.71
N LYS F 242 -23.67 9.09 -23.27
CA LYS F 242 -23.42 9.04 -24.70
C LYS F 242 -24.66 8.60 -25.46
N PHE F 243 -25.52 7.80 -24.82
CA PHE F 243 -26.74 7.32 -25.47
C PHE F 243 -27.60 8.48 -25.94
N TYR F 244 -27.73 9.52 -25.10
CA TYR F 244 -28.64 10.63 -25.39
C TYR F 244 -28.02 11.55 -26.43
N ALA F 245 -26.68 11.61 -26.47
CA ALA F 245 -25.99 12.68 -27.19
C ALA F 245 -26.34 12.62 -28.67
N LEU F 246 -26.68 11.44 -29.16
CA LEU F 246 -27.06 11.24 -30.57
C LEU F 246 -28.58 11.21 -30.71
N GLN F 247 -29.30 11.49 -29.61
CA GLN F 247 -30.73 11.75 -29.64
C GLN F 247 -30.91 13.19 -30.08
N SER F 248 -30.50 14.16 -29.26
CA SER F 248 -30.35 15.52 -29.73
C SER F 248 -30.05 15.49 -31.22
N LEU F 249 -28.85 14.99 -31.56
CA LEU F 249 -28.36 14.99 -32.93
C LEU F 249 -29.49 14.51 -33.86
N ALA F 250 -30.00 13.31 -33.57
CA ALA F 250 -31.11 12.77 -34.35
C ALA F 250 -32.12 13.88 -34.60
N GLN F 251 -32.70 14.44 -33.54
CA GLN F 251 -33.75 15.46 -33.61
C GLN F 251 -33.26 16.72 -34.31
N LEU F 252 -31.94 16.96 -34.36
CA LEU F 252 -31.42 18.00 -35.26
C LEU F 252 -31.58 17.54 -36.72
N ALA F 253 -31.23 16.28 -36.97
CA ALA F 253 -31.19 15.71 -38.31
C ALA F 253 -32.56 15.14 -38.65
N GLU F 254 -33.53 16.03 -38.92
CA GLU F 254 -34.91 15.60 -38.98
C GLU F 254 -35.17 14.67 -37.79
N GLY F 255 -36.27 13.92 -37.86
CA GLY F 255 -36.46 12.76 -37.02
C GLY F 255 -36.17 11.47 -37.79
N ASN F 256 -36.25 11.51 -39.13
CA ASN F 256 -35.80 10.43 -40.01
C ASN F 256 -34.27 10.43 -39.99
N ALA F 257 -33.62 11.19 -40.90
CA ALA F 257 -32.35 11.89 -40.63
C ALA F 257 -31.70 12.26 -41.97
N GLU F 258 -31.21 13.52 -42.06
CA GLU F 258 -30.58 14.07 -43.24
C GLU F 258 -29.71 15.27 -42.81
N GLY F 259 -30.03 16.50 -43.25
CA GLY F 259 -29.03 17.55 -43.25
C GLY F 259 -29.29 18.73 -42.31
N LEU F 260 -28.36 18.93 -41.37
CA LEU F 260 -28.52 19.79 -40.21
C LEU F 260 -27.56 20.97 -40.35
N PRO F 261 -27.49 21.87 -39.33
CA PRO F 261 -26.62 23.05 -39.34
C PRO F 261 -25.31 22.76 -38.60
N LEU F 262 -24.73 23.77 -37.92
CA LEU F 262 -23.66 23.60 -36.96
C LEU F 262 -24.15 24.06 -35.59
N VAL F 263 -23.41 23.76 -34.50
CA VAL F 263 -23.71 24.24 -33.15
C VAL F 263 -22.79 23.54 -32.16
N ARG F 264 -22.84 23.98 -30.87
CA ARG F 264 -22.43 23.19 -29.73
C ARG F 264 -23.66 22.93 -28.84
N ILE F 265 -23.82 21.69 -28.37
CA ILE F 265 -24.96 21.31 -27.55
C ILE F 265 -24.41 20.69 -26.28
N ALA F 266 -24.13 21.55 -25.28
CA ALA F 266 -24.03 21.06 -23.92
C ALA F 266 -25.43 20.67 -23.44
N ASP F 267 -25.53 19.48 -22.84
CA ASP F 267 -26.75 19.08 -22.15
C ASP F 267 -26.37 18.10 -21.05
N LYS F 268 -27.23 18.06 -20.03
CA LYS F 268 -27.05 17.39 -18.76
C LYS F 268 -28.41 17.40 -18.09
N PRO F 269 -28.82 16.35 -17.33
CA PRO F 269 -30.14 16.34 -16.69
C PRO F 269 -30.17 16.90 -15.26
N ARG F 270 -31.09 17.84 -15.02
CA ARG F 270 -31.36 18.23 -13.65
C ARG F 270 -31.56 16.95 -12.83
N PHE F 271 -32.48 16.10 -13.29
CA PHE F 271 -33.01 15.00 -12.49
C PHE F 271 -32.57 13.65 -13.05
N GLY F 272 -32.13 12.75 -12.16
CA GLY F 272 -31.57 11.46 -12.54
C GLY F 272 -32.58 10.33 -12.31
N TYR F 273 -33.81 10.69 -11.91
CA TYR F 273 -34.89 9.72 -11.85
C TYR F 273 -36.09 10.29 -12.60
N ARG F 274 -36.13 10.01 -13.92
CA ARG F 274 -37.18 10.49 -14.79
C ARG F 274 -37.96 9.25 -15.22
N GLY F 275 -39.25 9.16 -14.89
CA GLY F 275 -39.91 7.87 -14.95
C GLY F 275 -41.35 7.93 -15.43
N PHE F 276 -41.83 6.72 -15.80
CA PHE F 276 -43.23 6.42 -16.04
C PHE F 276 -43.57 5.29 -15.06
N MET F 277 -44.63 4.52 -15.33
CA MET F 277 -45.00 3.36 -14.58
C MET F 277 -46.24 2.70 -15.19
N LEU F 278 -46.27 1.36 -15.19
CA LEU F 278 -47.33 0.64 -15.88
C LEU F 278 -48.19 -0.10 -14.86
N ASP F 279 -49.43 0.36 -14.68
CA ASP F 279 -50.39 -0.45 -13.94
C ASP F 279 -50.77 -1.64 -14.80
N VAL F 280 -50.04 -2.74 -14.62
CA VAL F 280 -50.19 -3.97 -15.37
C VAL F 280 -50.98 -4.99 -14.52
N SER F 281 -51.61 -4.51 -13.44
CA SER F 281 -52.29 -5.37 -12.49
C SER F 281 -53.80 -5.30 -12.70
N ARG F 282 -54.29 -4.06 -12.81
CA ARG F 282 -55.67 -3.80 -13.19
C ARG F 282 -55.95 -4.26 -14.63
N HIS F 283 -54.89 -4.59 -15.38
CA HIS F 283 -55.01 -5.12 -16.73
C HIS F 283 -53.64 -5.58 -17.23
N PHE F 284 -53.64 -6.34 -18.31
CA PHE F 284 -52.42 -6.66 -19.03
C PHE F 284 -52.34 -5.86 -20.33
N PHE F 285 -51.15 -5.86 -20.95
CA PHE F 285 -50.93 -5.21 -22.23
C PHE F 285 -49.72 -5.78 -22.96
N SER F 286 -49.43 -7.07 -22.76
CA SER F 286 -48.49 -7.76 -23.63
C SER F 286 -47.08 -7.24 -23.41
N VAL F 287 -46.11 -7.92 -24.03
CA VAL F 287 -44.71 -7.50 -24.00
C VAL F 287 -44.34 -6.90 -25.34
N ALA F 288 -45.24 -6.91 -26.32
CA ALA F 288 -45.04 -6.16 -27.55
C ALA F 288 -45.33 -4.70 -27.27
N GLU F 289 -46.24 -4.46 -26.30
CA GLU F 289 -46.60 -3.11 -25.94
C GLU F 289 -45.63 -2.60 -24.88
N VAL F 290 -45.62 -3.24 -23.69
CA VAL F 290 -44.69 -2.81 -22.64
C VAL F 290 -43.39 -2.38 -23.31
N LYS F 291 -42.88 -3.19 -24.22
CA LYS F 291 -41.74 -2.80 -25.05
C LYS F 291 -42.03 -1.46 -25.72
N LYS F 292 -43.18 -1.36 -26.40
CA LYS F 292 -43.69 -0.10 -26.96
C LYS F 292 -44.41 0.69 -25.85
N MET F 293 -43.81 0.70 -24.65
CA MET F 293 -44.01 1.77 -23.69
C MET F 293 -42.66 2.12 -23.05
N ILE F 294 -41.65 1.26 -23.23
CA ILE F 294 -40.26 1.64 -22.95
C ILE F 294 -39.81 2.63 -24.03
N ASP F 295 -40.19 2.34 -25.29
CA ASP F 295 -39.78 3.16 -26.40
C ASP F 295 -40.04 4.62 -26.10
N ILE F 296 -41.28 4.95 -25.73
CA ILE F 296 -41.78 6.32 -25.78
C ILE F 296 -41.04 7.15 -24.74
N MET F 297 -40.43 6.48 -23.77
CA MET F 297 -39.57 7.14 -22.80
C MET F 297 -38.20 7.34 -23.41
N ALA F 298 -37.73 6.33 -24.16
CA ALA F 298 -36.38 6.35 -24.72
C ALA F 298 -36.08 7.73 -25.32
N ARG F 299 -36.72 8.03 -26.46
CA ARG F 299 -36.48 9.28 -27.15
C ARG F 299 -36.28 10.37 -26.10
N TYR F 300 -37.25 10.60 -25.21
CA TYR F 300 -37.23 11.81 -24.37
C TYR F 300 -36.46 11.58 -23.07
N LYS F 301 -35.56 10.62 -23.07
CA LYS F 301 -34.50 10.55 -22.08
C LYS F 301 -35.03 10.23 -20.67
N MET F 302 -36.00 9.32 -20.57
CA MET F 302 -36.46 8.87 -19.26
C MET F 302 -35.85 7.51 -18.93
N ASN F 303 -35.74 7.18 -17.64
CA ASN F 303 -34.94 6.04 -17.22
C ASN F 303 -35.73 5.12 -16.31
N VAL F 304 -36.04 5.59 -15.10
CA VAL F 304 -36.58 4.71 -14.08
C VAL F 304 -37.94 4.21 -14.53
N PHE F 305 -37.95 3.08 -15.24
CA PHE F 305 -39.14 2.27 -15.38
C PHE F 305 -39.63 1.87 -13.99
N HIS F 306 -40.87 2.24 -13.70
CA HIS F 306 -41.54 1.75 -12.51
C HIS F 306 -42.59 0.75 -13.00
N TRP F 307 -42.81 -0.32 -12.22
CA TRP F 307 -43.58 -1.46 -12.70
C TRP F 307 -44.59 -1.92 -11.65
N HIS F 308 -45.87 -1.97 -12.03
CA HIS F 308 -46.93 -2.40 -11.16
C HIS F 308 -47.30 -3.83 -11.49
N LEU F 309 -46.85 -4.75 -10.63
CA LEU F 309 -46.89 -6.18 -10.92
C LEU F 309 -48.08 -6.88 -10.27
N THR F 310 -48.71 -6.19 -9.32
CA THR F 310 -49.66 -6.80 -8.44
C THR F 310 -50.49 -5.69 -7.81
N ASP F 311 -51.82 -5.85 -7.95
CA ASP F 311 -52.81 -5.08 -7.20
C ASP F 311 -53.92 -6.05 -6.86
N ASP F 312 -54.95 -5.57 -6.17
CA ASP F 312 -56.11 -6.40 -5.91
C ASP F 312 -56.36 -7.25 -7.16
N GLN F 313 -56.65 -6.56 -8.26
CA GLN F 313 -57.28 -7.18 -9.41
C GLN F 313 -56.38 -8.24 -10.02
N GLY F 314 -55.06 -8.06 -9.92
CA GLY F 314 -54.14 -8.87 -10.71
C GLY F 314 -52.92 -9.32 -9.91
N TRP F 315 -52.03 -9.93 -10.68
CA TRP F 315 -50.72 -10.38 -10.24
C TRP F 315 -50.04 -10.96 -11.47
N ARG F 316 -48.81 -10.53 -11.73
CA ARG F 316 -48.16 -10.75 -13.01
C ARG F 316 -46.73 -11.24 -12.80
N ALA F 317 -46.11 -10.98 -11.65
CA ALA F 317 -44.80 -11.50 -11.35
C ALA F 317 -44.90 -13.00 -11.14
N GLU F 318 -44.16 -13.78 -11.92
CA GLU F 318 -44.01 -15.18 -11.57
C GLU F 318 -43.07 -15.26 -10.37
N ILE F 319 -43.63 -15.74 -9.25
CA ILE F 319 -42.89 -16.14 -8.07
C ILE F 319 -42.93 -17.66 -8.02
N LYS F 320 -41.77 -18.29 -7.76
CA LYS F 320 -41.58 -19.72 -7.93
C LYS F 320 -41.69 -20.49 -6.61
N ARG F 321 -41.64 -19.78 -5.48
CA ARG F 321 -41.92 -20.41 -4.19
C ARG F 321 -43.42 -20.33 -3.91
N TYR F 322 -44.19 -19.95 -4.93
CA TYR F 322 -45.58 -19.59 -4.74
C TYR F 322 -46.29 -19.58 -6.08
N PRO F 323 -46.34 -20.72 -6.81
CA PRO F 323 -46.94 -20.77 -8.14
C PRO F 323 -48.42 -20.42 -8.22
N LYS F 324 -49.06 -20.15 -7.06
CA LYS F 324 -50.48 -19.80 -7.02
C LYS F 324 -50.75 -18.30 -7.16
N LEU F 325 -49.67 -17.54 -7.37
CA LEU F 325 -49.69 -16.09 -7.51
C LEU F 325 -49.39 -15.79 -8.98
N THR F 326 -49.93 -16.57 -9.87
CA THR F 326 -50.14 -16.24 -11.28
C THR F 326 -51.24 -17.15 -11.82
N THR F 327 -51.21 -18.43 -11.43
CA THR F 327 -52.33 -19.34 -11.56
C THR F 327 -53.60 -18.56 -11.19
N VAL F 328 -53.88 -18.46 -9.88
CA VAL F 328 -55.19 -17.96 -9.44
C VAL F 328 -55.17 -16.44 -9.47
N GLY F 329 -54.32 -15.82 -8.64
CA GLY F 329 -54.10 -14.38 -8.73
C GLY F 329 -54.46 -13.84 -10.11
N ALA F 330 -53.51 -14.00 -11.05
CA ALA F 330 -53.57 -13.34 -12.34
C ALA F 330 -55.00 -13.30 -12.90
N THR F 331 -55.67 -14.45 -12.93
CA THR F 331 -56.93 -14.60 -13.62
C THR F 331 -58.08 -14.09 -12.76
N ARG F 332 -59.11 -13.58 -13.46
CA ARG F 332 -60.44 -13.45 -12.90
C ARG F 332 -61.46 -13.49 -14.03
N SER F 333 -62.74 -13.62 -13.68
CA SER F 333 -63.83 -13.81 -14.63
C SER F 333 -64.45 -12.48 -15.01
N ASP F 334 -63.65 -11.55 -15.59
CA ASP F 334 -64.12 -10.25 -16.08
C ASP F 334 -63.03 -9.44 -16.76
N ASN F 335 -63.30 -8.90 -17.95
CA ASN F 335 -62.34 -8.11 -18.72
C ASN F 335 -61.58 -7.16 -17.79
N VAL F 349 -66.04 -5.37 -17.68
CA VAL F 349 -64.91 -4.45 -17.36
C VAL F 349 -64.81 -4.36 -15.84
N TYR F 350 -64.42 -3.19 -15.31
CA TYR F 350 -64.57 -2.87 -13.90
C TYR F 350 -65.93 -2.21 -13.63
N TRP F 351 -66.37 -2.20 -12.36
CA TRP F 351 -67.50 -1.35 -11.98
C TRP F 351 -67.01 0.09 -12.05
N THR F 352 -67.75 1.01 -11.41
CA THR F 352 -67.23 2.25 -10.86
C THR F 352 -68.40 3.20 -10.62
N GLY F 353 -69.16 2.91 -9.57
CA GLY F 353 -70.30 3.73 -9.20
C GLY F 353 -71.61 3.04 -9.57
N ASN F 354 -71.84 2.90 -10.87
CA ASN F 354 -72.95 2.09 -11.39
C ASN F 354 -72.38 1.07 -12.36
N GLY F 355 -71.66 1.57 -13.38
CA GLY F 355 -71.05 0.72 -14.40
C GLY F 355 -70.88 -0.69 -13.87
N ALA F 356 -71.20 -1.67 -14.73
CA ALA F 356 -71.34 -3.06 -14.33
C ALA F 356 -70.05 -3.83 -14.62
N LYS F 357 -70.11 -5.18 -14.57
CA LYS F 357 -69.06 -6.06 -15.09
C LYS F 357 -69.51 -6.60 -16.43
N THR F 358 -68.57 -7.17 -17.20
CA THR F 358 -68.85 -7.80 -18.49
C THR F 358 -68.57 -9.32 -18.44
N GLY F 359 -69.01 -9.98 -17.35
CA GLY F 359 -68.91 -11.41 -17.17
C GLY F 359 -68.27 -12.16 -18.34
N LYS F 360 -67.02 -11.79 -18.64
CA LYS F 360 -66.23 -12.41 -19.71
C LYS F 360 -64.82 -12.63 -19.18
N PRO F 361 -64.27 -13.86 -19.14
CA PRO F 361 -62.97 -14.10 -18.49
C PRO F 361 -61.85 -13.23 -19.03
N TYR F 362 -60.80 -13.04 -18.22
CA TYR F 362 -59.71 -12.12 -18.57
C TYR F 362 -58.67 -12.12 -17.46
N GLY F 363 -57.43 -11.90 -17.86
CA GLY F 363 -56.24 -12.32 -17.15
C GLY F 363 -55.01 -12.20 -18.05
N PRO F 364 -55.13 -12.59 -19.34
CA PRO F 364 -54.02 -12.53 -20.28
C PRO F 364 -52.88 -11.66 -19.77
N TYR F 365 -51.72 -12.24 -19.40
CA TYR F 365 -51.48 -13.68 -19.34
C TYR F 365 -50.25 -13.95 -18.47
N PHE F 366 -50.11 -13.19 -17.37
CA PHE F 366 -48.96 -13.16 -16.46
C PHE F 366 -47.60 -13.28 -17.18
N TYR F 367 -46.56 -12.86 -16.46
CA TYR F 367 -45.20 -12.83 -16.96
C TYR F 367 -44.42 -13.98 -16.33
N THR F 368 -44.30 -15.11 -17.05
CA THR F 368 -43.33 -16.14 -16.71
C THR F 368 -41.93 -15.52 -16.69
N GLN F 369 -41.08 -15.94 -15.74
CA GLN F 369 -39.90 -15.16 -15.41
C GLN F 369 -39.20 -14.65 -16.67
N ASP F 370 -38.89 -15.50 -17.67
CA ASP F 370 -38.22 -14.97 -18.86
C ASP F 370 -38.81 -13.62 -19.27
N GLU F 371 -40.14 -13.59 -19.34
CA GLU F 371 -40.86 -12.42 -19.84
C GLU F 371 -40.43 -11.20 -19.03
N MET F 372 -40.16 -11.44 -17.74
CA MET F 372 -39.79 -10.39 -16.80
C MET F 372 -38.38 -9.86 -17.06
N ARG F 373 -37.46 -10.78 -17.42
CA ARG F 373 -36.11 -10.37 -17.81
C ARG F 373 -36.11 -9.88 -19.26
N GLU F 374 -37.12 -10.28 -20.04
CA GLU F 374 -37.20 -9.92 -21.43
C GLU F 374 -37.39 -8.42 -21.59
N VAL F 375 -38.41 -7.86 -20.94
CA VAL F 375 -38.56 -6.42 -20.83
C VAL F 375 -37.25 -5.83 -20.31
N VAL F 376 -37.00 -6.02 -19.01
CA VAL F 376 -35.81 -5.53 -18.34
C VAL F 376 -34.60 -5.52 -19.28
N ALA F 377 -34.65 -6.30 -20.37
CA ALA F 377 -33.57 -6.36 -21.33
C ALA F 377 -33.68 -5.21 -22.32
N TYR F 378 -34.84 -5.04 -22.94
CA TYR F 378 -35.10 -3.88 -23.78
C TYR F 378 -34.33 -2.70 -23.19
N ALA F 379 -34.83 -2.32 -22.01
CA ALA F 379 -34.41 -1.10 -21.35
C ALA F 379 -32.91 -0.92 -21.47
N LYS F 380 -32.12 -1.96 -21.24
CA LYS F 380 -30.67 -1.82 -21.16
C LYS F 380 -30.05 -1.51 -22.52
N GLU F 381 -30.85 -1.43 -23.60
CA GLU F 381 -30.36 -0.87 -24.84
C GLU F 381 -30.77 0.59 -24.92
N ARG F 382 -31.86 0.90 -24.20
CA ARG F 382 -32.42 2.24 -24.08
C ARG F 382 -32.27 2.73 -22.64
N HIS F 383 -31.27 2.18 -21.93
CA HIS F 383 -30.84 2.60 -20.62
C HIS F 383 -32.03 3.07 -19.78
N ILE F 384 -33.01 2.18 -19.59
CA ILE F 384 -34.19 2.47 -18.77
C ILE F 384 -34.20 1.49 -17.58
N GLU F 385 -33.57 1.90 -16.47
CA GLU F 385 -33.49 1.10 -15.26
C GLU F 385 -34.92 0.77 -14.81
N VAL F 386 -35.07 -0.33 -14.08
CA VAL F 386 -36.36 -0.94 -13.81
C VAL F 386 -36.55 -1.21 -12.32
N LEU F 387 -37.26 -0.34 -11.61
CA LEU F 387 -37.71 -0.63 -10.26
C LEU F 387 -38.90 -1.58 -10.37
N PRO F 388 -38.96 -2.70 -9.59
CA PRO F 388 -40.16 -3.52 -9.48
C PRO F 388 -40.97 -3.41 -8.18
N GLU F 389 -42.30 -3.47 -8.27
CA GLU F 389 -43.16 -3.10 -7.15
C GLU F 389 -43.96 -4.31 -6.64
N VAL F 390 -43.63 -4.72 -5.41
CA VAL F 390 -44.36 -5.72 -4.67
C VAL F 390 -45.32 -5.00 -3.70
N ASP F 391 -46.37 -4.38 -4.25
CA ASP F 391 -47.12 -3.43 -3.46
C ASP F 391 -47.68 -4.18 -2.26
N MET F 392 -47.13 -3.88 -1.07
CA MET F 392 -47.39 -4.54 0.19
C MET F 392 -47.45 -3.45 1.25
N PRO F 393 -48.23 -3.60 2.37
CA PRO F 393 -49.16 -4.71 2.58
C PRO F 393 -50.59 -4.44 2.11
N GLY F 394 -50.83 -3.25 1.57
CA GLY F 394 -52.10 -2.90 0.93
C GLY F 394 -52.38 -3.72 -0.31
N HIS F 395 -53.35 -3.28 -1.11
CA HIS F 395 -53.61 -3.87 -2.43
C HIS F 395 -53.17 -5.32 -2.46
N PHE F 396 -53.96 -6.19 -1.82
CA PHE F 396 -53.63 -7.60 -1.76
C PHE F 396 -54.89 -8.41 -1.54
N VAL F 397 -55.52 -8.81 -2.65
CA VAL F 397 -56.58 -9.79 -2.60
C VAL F 397 -56.28 -10.92 -3.59
N ALA F 398 -55.85 -10.55 -4.81
CA ALA F 398 -55.44 -11.50 -5.83
C ALA F 398 -54.62 -12.63 -5.22
N ALA F 399 -53.60 -12.23 -4.46
CA ALA F 399 -52.56 -13.10 -3.93
C ALA F 399 -52.79 -13.41 -2.46
N MET F 400 -54.09 -13.49 -2.08
CA MET F 400 -54.56 -13.77 -0.73
C MET F 400 -55.63 -14.85 -0.79
N ALA F 401 -56.61 -14.62 -1.67
CA ALA F 401 -57.61 -15.62 -2.04
C ALA F 401 -56.92 -16.88 -2.53
N ALA F 402 -55.65 -16.76 -2.97
CA ALA F 402 -54.83 -17.86 -3.46
C ALA F 402 -54.12 -18.57 -2.31
N TYR F 403 -53.84 -17.84 -1.22
CA TYR F 403 -53.18 -18.42 -0.07
C TYR F 403 -53.62 -17.67 1.20
N PRO F 404 -54.91 -17.81 1.58
CA PRO F 404 -55.48 -17.03 2.67
C PRO F 404 -55.05 -17.48 4.08
N GLU F 405 -54.53 -18.69 4.21
CA GLU F 405 -54.15 -19.22 5.52
C GLU F 405 -53.32 -18.21 6.29
N TYR F 406 -52.62 -17.30 5.56
CA TYR F 406 -51.83 -16.26 6.19
C TYR F 406 -52.51 -14.89 6.04
N SER F 407 -53.83 -14.85 6.16
CA SER F 407 -54.64 -13.66 5.87
C SER F 407 -55.28 -13.14 7.16
N CYS F 408 -56.30 -12.29 7.02
CA CYS F 408 -56.87 -11.55 8.15
C CYS F 408 -58.01 -12.35 8.78
N ASN F 409 -58.85 -12.96 7.93
CA ASN F 409 -59.74 -14.03 8.36
C ASN F 409 -59.82 -15.09 7.28
N PRO F 410 -58.94 -16.12 7.26
CA PRO F 410 -58.89 -17.09 6.17
C PRO F 410 -59.89 -18.25 6.21
N SER F 411 -60.99 -18.14 6.97
CA SER F 411 -62.19 -18.90 6.60
C SER F 411 -63.40 -18.00 6.49
N ARG F 412 -63.16 -16.79 5.98
CA ARG F 412 -64.09 -16.07 5.12
C ARG F 412 -63.45 -15.97 3.74
N ALA F 413 -64.28 -15.87 2.72
CA ALA F 413 -63.83 -15.93 1.33
C ALA F 413 -63.31 -14.57 0.87
N PRO F 414 -61.96 -14.37 0.77
CA PRO F 414 -61.39 -13.40 -0.16
C PRO F 414 -61.61 -13.86 -1.60
N GLN F 415 -61.61 -12.90 -2.55
CA GLN F 415 -61.84 -13.23 -3.95
C GLN F 415 -61.12 -12.21 -4.83
N VAL F 416 -60.36 -12.72 -5.81
CA VAL F 416 -59.45 -11.90 -6.60
C VAL F 416 -60.23 -10.69 -7.08
N TRP F 417 -60.24 -9.62 -6.27
CA TRP F 417 -61.21 -8.53 -6.44
C TRP F 417 -61.40 -8.25 -7.94
N THR F 418 -62.61 -7.82 -8.28
CA THR F 418 -63.05 -7.71 -9.66
C THR F 418 -63.19 -6.26 -10.08
N GLY F 419 -63.66 -5.42 -9.15
CA GLY F 419 -63.97 -4.03 -9.46
C GLY F 419 -62.76 -3.14 -9.23
N GLY F 420 -63.06 -1.85 -8.90
CA GLY F 420 -62.08 -0.88 -8.48
C GLY F 420 -62.17 -0.59 -6.99
N GLY F 421 -61.21 0.17 -6.46
CA GLY F 421 -61.37 0.85 -5.18
C GLY F 421 -60.40 0.37 -4.11
N ILE F 422 -60.81 0.56 -2.83
CA ILE F 422 -59.95 0.36 -1.67
C ILE F 422 -60.38 -0.92 -0.97
N SER F 423 -59.39 -1.69 -0.49
CA SER F 423 -59.57 -3.05 0.00
C SER F 423 -59.08 -3.13 1.44
N SER F 424 -59.83 -3.84 2.29
CA SER F 424 -59.50 -3.99 3.69
C SER F 424 -59.03 -5.42 4.00
N ASP F 425 -59.03 -6.28 2.97
CA ASP F 425 -58.66 -7.68 3.11
C ASP F 425 -57.17 -7.81 2.84
N VAL F 426 -56.36 -7.07 3.60
CA VAL F 426 -54.94 -6.87 3.37
C VAL F 426 -54.15 -8.05 3.95
N LEU F 427 -52.81 -7.95 3.93
CA LEU F 427 -51.90 -9.04 4.23
C LEU F 427 -51.56 -9.14 5.73
N ASN F 428 -52.47 -9.70 6.51
CA ASN F 428 -52.29 -9.83 7.95
C ASN F 428 -50.81 -9.99 8.26
N VAL F 429 -50.20 -8.94 8.78
CA VAL F 429 -48.77 -8.88 9.04
C VAL F 429 -48.43 -9.53 10.37
N ALA F 430 -49.43 -9.95 11.17
CA ALA F 430 -49.16 -10.60 12.45
C ALA F 430 -49.08 -12.14 12.47
N ASN F 431 -48.60 -12.74 11.38
CA ASN F 431 -48.48 -14.18 11.27
C ASN F 431 -47.12 -14.53 10.66
N PRO F 432 -46.06 -14.66 11.48
CA PRO F 432 -44.69 -14.82 11.03
C PRO F 432 -44.34 -15.85 9.95
N GLN F 433 -45.27 -16.09 9.01
CA GLN F 433 -44.99 -16.74 7.74
C GLN F 433 -45.42 -15.79 6.60
N ALA F 434 -46.56 -15.11 6.82
CA ALA F 434 -46.99 -14.01 5.99
C ALA F 434 -45.78 -13.14 5.62
N VAL F 435 -44.91 -12.91 6.61
CA VAL F 435 -43.62 -12.26 6.35
C VAL F 435 -42.86 -13.08 5.28
N GLU F 436 -42.19 -14.17 5.71
CA GLU F 436 -41.40 -14.96 4.81
C GLU F 436 -41.97 -14.83 3.41
N PHE F 437 -43.27 -15.09 3.29
CA PHE F 437 -43.96 -14.88 2.02
C PHE F 437 -43.35 -13.67 1.33
N ALA F 438 -43.56 -12.48 1.92
CA ALA F 438 -42.98 -11.27 1.35
C ALA F 438 -41.50 -11.53 1.10
N LYS F 439 -40.76 -11.73 2.19
CA LYS F 439 -39.31 -11.75 2.12
C LYS F 439 -38.83 -12.73 1.06
N ASN F 440 -39.60 -13.80 0.77
CA ASN F 440 -39.20 -14.75 -0.24
C ASN F 440 -39.41 -14.16 -1.62
N ILE F 441 -40.36 -13.23 -1.72
CA ILE F 441 -40.57 -12.52 -2.98
C ILE F 441 -39.33 -11.66 -3.24
N LEU F 442 -38.94 -10.91 -2.20
CA LEU F 442 -37.82 -9.98 -2.26
C LEU F 442 -36.52 -10.69 -2.58
N ASP F 443 -36.57 -12.03 -2.73
CA ASP F 443 -35.48 -12.77 -3.35
C ASP F 443 -35.71 -12.84 -4.85
N GLU F 444 -36.95 -13.10 -5.23
CA GLU F 444 -37.30 -13.48 -6.59
C GLU F 444 -37.01 -12.29 -7.50
N LEU F 445 -37.57 -11.14 -7.13
CA LEU F 445 -37.19 -9.86 -7.72
C LEU F 445 -35.67 -9.89 -7.91
N CYS F 446 -34.91 -9.78 -6.80
CA CYS F 446 -33.49 -9.52 -6.89
C CYS F 446 -32.96 -10.14 -8.16
N ASP F 447 -33.24 -11.42 -8.34
CA ASP F 447 -32.70 -12.21 -9.43
C ASP F 447 -33.00 -11.54 -10.77
N ILE F 448 -34.28 -11.26 -11.02
CA ILE F 448 -34.73 -10.74 -12.30
C ILE F 448 -34.33 -9.28 -12.44
N PHE F 449 -34.40 -8.53 -11.33
CA PHE F 449 -34.16 -7.09 -11.35
C PHE F 449 -32.88 -6.80 -10.56
N PRO F 450 -31.76 -6.45 -11.22
CA PRO F 450 -30.51 -6.14 -10.51
C PRO F 450 -30.35 -4.71 -9.99
N TYR F 451 -31.45 -3.94 -10.03
CA TYR F 451 -31.42 -2.51 -9.80
C TYR F 451 -31.64 -2.18 -8.33
N PRO F 452 -30.85 -1.23 -7.75
CA PRO F 452 -30.72 -1.10 -6.30
C PRO F 452 -31.89 -0.50 -5.52
N TYR F 453 -33.11 -0.47 -6.10
CA TYR F 453 -34.29 -0.11 -5.35
C TYR F 453 -35.46 -1.05 -5.66
N ILE F 454 -36.28 -1.34 -4.64
CA ILE F 454 -37.47 -2.17 -4.74
C ILE F 454 -38.67 -1.36 -4.25
N HIS F 455 -39.75 -1.32 -5.02
CA HIS F 455 -40.86 -0.45 -4.67
C HIS F 455 -41.93 -1.19 -3.88
N VAL F 456 -42.10 -0.85 -2.59
CA VAL F 456 -42.82 -1.71 -1.65
C VAL F 456 -44.09 -1.02 -1.13
N GLY F 457 -44.62 -0.05 -1.89
CA GLY F 457 -46.03 0.30 -1.84
C GLY F 457 -46.43 1.08 -0.58
N GLY F 458 -46.97 0.37 0.42
CA GLY F 458 -47.36 1.02 1.66
C GLY F 458 -48.46 2.07 1.52
N ASP F 459 -49.27 1.98 0.46
CA ASP F 459 -50.27 3.01 0.16
C ASP F 459 -51.66 2.53 0.58
N GLU F 460 -52.52 3.49 0.93
CA GLU F 460 -53.93 3.24 1.16
C GLU F 460 -54.13 1.79 1.60
N CYS F 461 -53.78 1.53 2.86
CA CYS F 461 -54.01 0.23 3.47
C CYS F 461 -54.86 0.38 4.74
N PRO F 462 -56.18 0.12 4.67
CA PRO F 462 -57.04 0.05 5.86
C PRO F 462 -56.64 -0.98 6.92
N THR F 463 -56.92 -0.64 8.19
CA THR F 463 -56.61 -1.49 9.33
C THR F 463 -57.84 -2.27 9.80
N THR F 464 -58.97 -2.09 9.11
CA THR F 464 -60.30 -2.46 9.64
C THR F 464 -60.51 -3.97 9.71
N GLN F 465 -59.41 -4.72 9.85
CA GLN F 465 -59.42 -6.16 10.05
C GLN F 465 -58.30 -6.54 11.02
N TRP F 466 -57.31 -5.65 11.16
CA TRP F 466 -56.28 -5.78 12.16
C TRP F 466 -56.95 -5.72 13.54
N GLU F 467 -57.61 -4.58 13.85
CA GLU F 467 -58.47 -4.48 15.01
C GLU F 467 -58.95 -5.87 15.46
N HIS F 468 -59.54 -6.63 14.54
CA HIS F 468 -60.20 -7.91 14.79
C HIS F 468 -59.33 -9.08 14.33
N ASN F 469 -57.99 -8.89 14.20
CA ASN F 469 -57.13 -9.99 13.85
C ASN F 469 -56.32 -10.43 15.05
N ASP F 470 -56.42 -11.70 15.45
CA ASP F 470 -56.16 -12.14 16.81
C ASP F 470 -54.69 -12.29 17.16
N LEU F 471 -53.79 -12.29 16.15
CA LEU F 471 -52.38 -12.13 16.44
C LEU F 471 -52.04 -10.65 16.41
N CYS F 472 -52.76 -9.91 15.56
CA CYS F 472 -52.48 -8.49 15.40
C CYS F 472 -52.79 -7.76 16.70
N GLN F 473 -53.93 -8.12 17.31
CA GLN F 473 -54.35 -7.60 18.62
C GLN F 473 -53.26 -7.83 19.65
N GLN F 474 -52.42 -8.84 19.41
CA GLN F 474 -51.34 -9.19 20.33
C GLN F 474 -50.08 -8.42 19.95
N LYS F 475 -49.84 -8.24 18.64
CA LYS F 475 -48.66 -7.54 18.16
C LYS F 475 -48.53 -6.18 18.83
N TYR F 476 -49.59 -5.37 18.81
CA TYR F 476 -49.40 -3.94 19.12
C TYR F 476 -49.08 -3.68 20.59
N LYS F 477 -48.91 -4.74 21.36
CA LYS F 477 -48.42 -4.68 22.72
C LYS F 477 -47.01 -5.21 22.77
N GLU F 478 -46.53 -5.96 21.76
CA GLU F 478 -45.11 -6.18 21.51
C GLU F 478 -44.31 -4.93 21.82
N LEU F 479 -44.48 -3.90 20.96
CA LEU F 479 -43.58 -2.78 20.86
C LEU F 479 -44.11 -1.53 21.56
N GLY F 480 -45.44 -1.43 21.75
CA GLY F 480 -46.01 -0.65 22.86
C GLY F 480 -46.74 0.61 22.40
N LEU F 481 -47.32 0.60 21.18
CA LEU F 481 -47.70 1.86 20.52
C LEU F 481 -49.06 1.74 19.84
N THR F 482 -49.85 2.83 19.88
CA THR F 482 -51.30 2.75 19.86
C THR F 482 -51.91 3.40 18.61
N SER F 483 -51.24 3.22 17.47
CA SER F 483 -51.87 3.46 16.17
C SER F 483 -51.53 2.30 15.24
N TYR F 484 -52.55 1.76 14.56
CA TYR F 484 -52.49 0.42 13.98
C TYR F 484 -51.95 0.48 12.55
N ARG F 485 -51.61 1.67 12.08
CA ARG F 485 -50.76 1.82 10.92
C ARG F 485 -49.43 1.11 11.18
N GLN F 486 -48.98 1.14 12.44
CA GLN F 486 -47.55 1.08 12.76
C GLN F 486 -46.97 -0.32 12.58
N LEU F 487 -47.77 -1.36 12.26
CA LEU F 487 -47.14 -2.58 11.77
C LEU F 487 -46.66 -2.32 10.35
N GLN F 488 -47.53 -1.66 9.56
CA GLN F 488 -47.14 -1.35 8.19
C GLN F 488 -45.72 -0.78 8.21
N ALA F 489 -45.36 -0.05 9.26
CA ALA F 489 -43.98 0.36 9.45
C ALA F 489 -43.17 -0.87 9.86
N HIS F 490 -43.58 -1.52 10.95
CA HIS F 490 -42.80 -2.61 11.54
C HIS F 490 -42.83 -3.85 10.64
N PHE F 491 -43.61 -3.80 9.55
CA PHE F 491 -43.55 -4.78 8.49
C PHE F 491 -42.41 -4.46 7.52
N ILE F 492 -42.02 -3.17 7.49
CA ILE F 492 -41.02 -2.66 6.56
C ILE F 492 -39.66 -2.69 7.24
N LYS F 493 -39.61 -2.17 8.47
CA LYS F 493 -38.40 -2.30 9.26
C LYS F 493 -37.76 -3.65 8.91
N ASP F 494 -38.28 -4.72 9.47
CA ASP F 494 -37.72 -6.05 9.23
C ASP F 494 -36.91 -6.05 7.94
N LEU F 495 -37.56 -5.63 6.84
CA LEU F 495 -37.06 -5.87 5.49
C LEU F 495 -35.67 -5.28 5.32
N ALA F 496 -35.42 -4.14 6.00
CA ALA F 496 -34.14 -3.46 5.89
C ALA F 496 -33.00 -4.33 6.43
N ASP F 497 -33.32 -5.12 7.47
CA ASP F 497 -32.30 -5.78 8.28
C ASP F 497 -32.05 -7.21 7.79
N PHE F 498 -32.81 -7.63 6.77
CA PHE F 498 -32.46 -8.74 5.92
C PHE F 498 -32.07 -8.22 4.54
N VAL F 499 -32.32 -6.94 4.31
CA VAL F 499 -31.65 -6.16 3.28
C VAL F 499 -30.46 -5.43 3.92
N ALA F 500 -29.95 -5.97 5.04
CA ALA F 500 -28.69 -5.49 5.60
C ALA F 500 -27.65 -6.61 5.62
N THR F 501 -27.71 -7.45 4.58
CA THR F 501 -26.57 -8.26 4.11
C THR F 501 -26.49 -8.05 2.60
N LYS F 502 -27.60 -8.36 1.91
CA LYS F 502 -28.30 -7.46 1.00
C LYS F 502 -27.47 -6.97 -0.19
N ASN F 503 -28.15 -6.13 -0.98
CA ASN F 503 -27.58 -5.10 -1.85
C ASN F 503 -28.75 -4.47 -2.63
N LYS F 504 -29.67 -3.85 -1.88
CA LYS F 504 -30.85 -3.22 -2.43
C LYS F 504 -31.61 -2.46 -1.35
N HIS F 505 -32.44 -1.50 -1.81
CA HIS F 505 -33.01 -0.44 -0.99
C HIS F 505 -34.54 -0.49 -1.09
N LEU F 506 -35.22 0.46 -0.43
CA LEU F 506 -36.68 0.48 -0.36
C LEU F 506 -37.27 1.82 -0.74
N VAL F 507 -38.51 1.77 -1.28
CA VAL F 507 -39.16 2.94 -1.87
C VAL F 507 -40.61 2.94 -1.39
N CYS F 508 -41.31 4.09 -1.49
CA CYS F 508 -42.67 4.11 -0.99
C CYS F 508 -43.55 5.21 -1.60
N TRP F 509 -44.86 4.98 -1.54
CA TRP F 509 -45.89 6.01 -1.60
C TRP F 509 -45.87 6.78 -0.27
N ASN F 510 -46.82 7.69 -0.05
CA ASN F 510 -46.66 8.71 0.96
C ASN F 510 -47.70 8.58 2.05
N GLU F 511 -48.64 7.62 1.94
CA GLU F 511 -49.58 7.45 3.04
C GLU F 511 -48.87 6.62 4.11
N ALA F 512 -47.78 5.96 3.71
CA ALA F 512 -46.91 5.28 4.67
C ALA F 512 -46.01 6.31 5.33
N ILE F 513 -46.57 7.50 5.61
CA ILE F 513 -45.85 8.55 6.32
C ILE F 513 -46.86 9.36 7.12
N THR F 514 -47.67 8.65 7.91
CA THR F 514 -48.53 9.29 8.89
C THR F 514 -48.44 8.51 10.21
N ALA F 515 -47.25 7.94 10.50
CA ALA F 515 -47.19 6.75 11.32
C ALA F 515 -46.12 6.85 12.41
N GLY F 516 -45.89 5.69 13.02
CA GLY F 516 -44.72 5.45 13.84
C GLY F 516 -43.50 5.34 12.93
N GLY F 517 -43.04 6.51 12.44
CA GLY F 517 -42.23 6.58 11.24
C GLY F 517 -40.82 6.14 11.57
N ALA F 518 -40.29 6.75 12.63
CA ALA F 518 -38.93 6.55 13.11
C ALA F 518 -38.74 5.14 13.65
N ASP F 519 -39.55 4.18 13.17
CA ASP F 519 -39.30 2.77 13.37
C ASP F 519 -39.27 2.05 12.02
N LEU F 520 -39.00 2.81 10.95
CA LEU F 520 -39.07 2.30 9.59
C LEU F 520 -37.77 1.55 9.31
N GLN F 525 -36.57 4.38 9.60
CA GLN F 525 -35.76 5.61 9.86
C GLN F 525 -36.12 6.73 8.88
N THR F 526 -35.22 6.96 7.93
CA THR F 526 -35.47 7.80 6.78
C THR F 526 -34.58 7.31 5.63
N GLN F 527 -34.39 6.00 5.60
CA GLN F 527 -33.89 5.27 4.46
C GLN F 527 -35.06 4.47 3.89
N SER F 528 -35.83 5.19 3.08
CA SER F 528 -36.72 4.67 2.07
C SER F 528 -37.25 5.90 1.35
N THR F 529 -36.64 6.19 0.18
CA THR F 529 -37.12 7.27 -0.66
C THR F 529 -38.63 7.14 -0.86
N ILE F 530 -39.31 8.28 -0.88
CA ILE F 530 -40.74 8.43 -1.07
C ILE F 530 -41.09 8.68 -2.53
N MET F 531 -42.38 8.61 -2.88
CA MET F 531 -42.91 8.86 -4.22
C MET F 531 -44.30 9.49 -4.06
N SER F 532 -44.31 10.77 -3.72
CA SER F 532 -45.42 11.43 -3.06
C SER F 532 -46.41 11.98 -4.08
N TRP F 533 -47.43 11.15 -4.44
CA TRP F 533 -48.54 11.61 -5.26
C TRP F 533 -49.42 12.58 -4.48
N ASN F 534 -50.37 12.06 -3.69
CA ASN F 534 -51.22 12.88 -2.84
C ASN F 534 -50.29 13.86 -2.17
N PRO F 535 -50.74 14.86 -1.37
CA PRO F 535 -49.86 15.93 -0.95
C PRO F 535 -48.45 15.66 -1.51
N CYS F 536 -48.21 16.05 -2.77
CA CYS F 536 -46.84 16.21 -3.23
C CYS F 536 -46.09 17.18 -2.31
N GLN F 537 -46.17 18.48 -2.60
CA GLN F 537 -45.54 19.52 -1.78
C GLN F 537 -45.52 19.06 -0.32
N GLU F 538 -46.71 18.86 0.26
CA GLU F 538 -46.87 18.56 1.67
C GLU F 538 -46.30 17.19 2.01
N GLY F 539 -46.06 16.37 0.97
CA GLY F 539 -45.50 15.03 1.14
C GLY F 539 -44.02 15.01 0.80
N VAL F 540 -43.66 15.51 -0.38
CA VAL F 540 -42.25 15.74 -0.68
C VAL F 540 -41.61 16.36 0.56
N ALA F 541 -42.09 17.54 0.95
CA ALA F 541 -41.52 18.33 2.05
C ALA F 541 -41.58 17.57 3.38
N LYS F 542 -42.75 17.05 3.76
CA LYS F 542 -42.89 16.35 5.03
C LYS F 542 -42.60 14.87 4.85
N ALA F 543 -42.47 14.43 3.60
CA ALA F 543 -42.27 13.01 3.31
C ALA F 543 -41.03 12.81 2.43
N VAL F 544 -39.84 13.00 3.00
CA VAL F 544 -39.63 13.77 4.22
C VAL F 544 -38.28 14.47 4.10
N LYS F 545 -38.23 15.75 3.69
CA LYS F 545 -37.04 16.56 3.85
C LYS F 545 -36.83 16.94 5.32
N LYS F 546 -37.91 16.93 6.10
CA LYS F 546 -37.89 17.29 7.50
C LYS F 546 -37.48 16.10 8.38
N LEU F 547 -37.14 14.96 7.77
CA LEU F 547 -36.45 13.89 8.46
C LEU F 547 -35.07 13.72 7.82
N GLY F 548 -35.04 13.80 6.49
CA GLY F 548 -33.85 13.50 5.72
C GLY F 548 -34.10 12.51 4.58
N LEU F 549 -35.37 12.20 4.33
CA LEU F 549 -35.78 11.29 3.28
C LEU F 549 -35.72 12.01 1.92
N PRO F 550 -35.00 11.44 0.91
CA PRO F 550 -35.12 11.96 -0.44
C PRO F 550 -36.58 12.08 -0.85
N ALA F 551 -36.87 12.29 -2.14
CA ALA F 551 -38.21 12.16 -2.66
C ALA F 551 -38.19 12.08 -4.20
N ILE F 552 -39.21 11.44 -4.78
CA ILE F 552 -39.54 11.55 -6.20
C ILE F 552 -40.96 12.14 -6.29
N VAL F 553 -41.13 13.18 -7.11
CA VAL F 553 -42.12 14.22 -6.89
C VAL F 553 -43.40 14.10 -7.75
N LYS F 558 -45.56 13.01 -9.01
CA LYS F 558 -46.77 12.24 -9.41
C LYS F 558 -48.05 13.00 -9.05
N GLY F 559 -48.05 14.31 -9.24
CA GLY F 559 -49.09 15.13 -8.66
C GLY F 559 -50.45 14.85 -9.30
N ASP F 560 -51.22 13.90 -8.77
CA ASP F 560 -52.60 13.69 -9.18
C ASP F 560 -53.07 14.90 -9.99
N GLY F 561 -52.92 16.11 -9.39
CA GLY F 561 -53.24 17.36 -10.06
C GLY F 561 -52.17 17.95 -10.97
N GLY F 562 -51.29 17.11 -11.51
CA GLY F 562 -50.28 17.43 -12.48
C GLY F 562 -49.91 16.21 -13.35
N TYR F 563 -49.11 15.31 -12.76
CA TYR F 563 -48.34 14.31 -13.49
C TYR F 563 -49.04 12.95 -13.60
N TYR F 564 -50.28 12.75 -13.10
CA TYR F 564 -50.95 11.50 -13.45
C TYR F 564 -51.40 11.51 -14.92
N ILE F 565 -50.47 11.15 -15.82
CA ILE F 565 -50.81 11.05 -17.22
C ILE F 565 -51.48 9.70 -17.45
N CYS F 566 -52.63 9.51 -16.82
CA CYS F 566 -53.60 8.51 -17.26
C CYS F 566 -55.01 9.00 -17.02
N ARG F 567 -55.24 10.29 -17.29
CA ARG F 567 -56.40 11.04 -16.80
C ARG F 567 -56.76 12.04 -17.89
N LYS F 568 -58.06 12.36 -17.96
CA LYS F 568 -58.67 13.03 -19.10
C LYS F 568 -57.85 14.26 -19.43
N GLN F 569 -57.49 14.42 -20.72
CA GLN F 569 -56.59 15.48 -21.14
C GLN F 569 -57.35 16.59 -21.85
N SER F 570 -58.67 16.69 -21.65
CA SER F 570 -59.53 17.53 -22.48
C SER F 570 -61.00 17.13 -22.37
N ASN F 571 -61.87 18.13 -22.16
CA ASN F 571 -63.29 17.91 -21.91
C ASN F 571 -64.08 18.00 -23.21
N ASP F 572 -63.46 17.84 -24.39
CA ASP F 572 -64.23 17.51 -25.56
C ASP F 572 -64.89 16.16 -25.28
N TYR F 573 -66.04 15.91 -25.89
CA TYR F 573 -66.75 14.66 -25.68
C TYR F 573 -65.98 13.54 -26.37
N GLY F 574 -65.52 13.82 -27.60
CA GLY F 574 -64.72 12.88 -28.37
C GLY F 574 -63.65 12.15 -27.56
N GLU F 575 -63.18 12.72 -26.45
CA GLU F 575 -62.15 12.14 -25.61
C GLU F 575 -62.67 10.85 -24.97
N PRO F 576 -61.81 9.81 -24.89
CA PRO F 576 -62.10 8.61 -24.07
C PRO F 576 -62.72 8.90 -22.70
N SER F 577 -63.44 7.91 -22.16
CA SER F 577 -63.72 7.82 -20.74
C SER F 577 -62.40 7.76 -19.98
N GLY F 578 -62.49 7.69 -18.64
CA GLY F 578 -61.31 7.59 -17.80
C GLY F 578 -61.42 8.48 -16.56
N ALA F 579 -60.25 8.87 -16.01
CA ALA F 579 -60.20 9.50 -14.71
C ALA F 579 -60.35 11.01 -14.85
N GLY F 580 -60.74 11.65 -13.74
CA GLY F 580 -60.71 13.10 -13.58
C GLY F 580 -61.38 13.83 -14.74
N TYR F 581 -62.04 14.94 -14.39
CA TYR F 581 -62.96 15.60 -15.29
C TYR F 581 -62.17 15.91 -16.56
N GLY F 582 -61.23 16.86 -16.47
CA GLY F 582 -60.19 16.99 -17.49
C GLY F 582 -59.64 18.41 -17.53
N ASN F 583 -58.83 18.70 -16.52
CA ASN F 583 -57.98 19.89 -16.49
C ASN F 583 -56.60 19.59 -17.05
N ASP F 584 -56.23 18.29 -17.11
CA ASP F 584 -54.85 17.88 -17.22
C ASP F 584 -54.31 18.08 -18.63
N GLY F 585 -54.87 18.97 -19.46
CA GLY F 585 -54.26 19.14 -20.76
C GLY F 585 -52.78 18.79 -20.64
N VAL F 586 -51.96 19.45 -21.47
CA VAL F 586 -50.51 19.39 -21.29
C VAL F 586 -50.07 20.68 -20.58
N GLU F 587 -51.03 21.59 -20.36
CA GLU F 587 -50.80 22.85 -19.68
C GLU F 587 -50.43 22.53 -18.24
N GLY F 588 -51.43 22.62 -17.34
CA GLY F 588 -51.30 22.14 -15.97
C GLY F 588 -50.88 20.67 -15.86
N CYS F 589 -49.90 20.28 -16.67
CA CYS F 589 -49.19 19.03 -16.49
C CYS F 589 -47.74 19.08 -16.92
N TYR F 590 -47.29 20.20 -17.51
CA TYR F 590 -45.88 20.45 -17.70
C TYR F 590 -45.53 21.73 -16.96
N ASN F 591 -46.46 22.70 -16.98
CA ASN F 591 -46.26 23.93 -16.23
C ASN F 591 -46.18 23.61 -14.74
N TYR F 592 -46.86 22.55 -14.32
CA TYR F 592 -46.60 21.87 -13.05
C TYR F 592 -45.10 21.94 -12.71
N VAL F 593 -44.81 22.34 -11.46
CA VAL F 593 -43.52 22.85 -11.03
C VAL F 593 -43.10 22.05 -9.79
N PRO F 594 -42.20 21.04 -9.90
CA PRO F 594 -41.72 20.31 -8.73
C PRO F 594 -40.70 20.98 -7.80
N VAL F 595 -40.34 22.25 -8.08
CA VAL F 595 -39.21 22.92 -7.41
C VAL F 595 -39.69 23.98 -6.40
N GLN F 596 -40.57 24.87 -6.85
CA GLN F 596 -41.15 25.91 -6.01
C GLN F 596 -41.51 25.44 -4.61
N GLY F 597 -41.51 26.40 -3.71
CA GLY F 597 -41.62 26.23 -2.27
C GLY F 597 -40.24 26.01 -1.63
N MET F 598 -39.42 25.21 -2.33
CA MET F 598 -38.43 24.36 -1.70
C MET F 598 -37.06 25.03 -1.81
N TYR F 599 -36.52 25.47 -0.67
CA TYR F 599 -35.24 26.17 -0.67
C TYR F 599 -34.16 25.23 -1.17
N THR F 600 -32.91 25.72 -1.18
CA THR F 600 -31.76 24.94 -1.58
C THR F 600 -31.01 24.39 -0.35
N GLN F 601 -31.32 24.95 0.83
CA GLN F 601 -30.50 24.70 2.01
C GLN F 601 -30.70 23.25 2.43
N GLU F 602 -29.82 22.38 1.91
CA GLU F 602 -30.02 20.94 1.84
C GLU F 602 -31.12 20.68 0.81
N GLN F 603 -32.29 20.23 1.27
CA GLN F 603 -33.47 20.07 0.45
C GLN F 603 -33.14 19.69 -0.99
N MET F 604 -33.13 20.69 -1.88
CA MET F 604 -33.43 20.50 -3.29
C MET F 604 -32.36 19.67 -4.00
N ALA F 605 -31.42 19.11 -3.22
CA ALA F 605 -30.56 18.04 -3.68
C ALA F 605 -30.92 16.75 -2.93
N LEU F 606 -32.23 16.50 -2.83
CA LEU F 606 -32.79 15.27 -2.36
C LEU F 606 -34.04 14.89 -3.15
N VAL F 607 -34.62 15.84 -3.92
CA VAL F 607 -35.82 15.58 -4.70
C VAL F 607 -35.45 14.84 -5.98
N LYS F 608 -35.23 13.54 -5.86
CA LYS F 608 -34.51 12.81 -6.90
C LYS F 608 -35.08 13.15 -8.27
N GLY F 609 -36.41 13.14 -8.43
CA GLY F 609 -36.93 13.18 -9.79
C GLY F 609 -38.42 13.44 -9.88
N VAL F 610 -38.99 12.92 -10.97
CA VAL F 610 -40.35 13.17 -11.40
C VAL F 610 -40.85 11.90 -12.06
N GLN F 611 -42.16 11.75 -12.24
CA GLN F 611 -42.66 10.49 -12.77
C GLN F 611 -44.11 10.64 -13.20
N GLY F 612 -44.48 9.92 -14.27
CA GLY F 612 -45.77 10.15 -14.92
C GLY F 612 -46.69 8.93 -14.80
N THR F 613 -46.97 8.55 -13.55
CA THR F 613 -47.58 7.28 -13.17
C THR F 613 -48.89 7.07 -13.92
N PHE F 614 -49.30 5.79 -14.01
CA PHE F 614 -50.37 5.36 -14.89
C PHE F 614 -51.20 4.27 -14.23
N TRP F 615 -52.52 4.44 -14.27
CA TRP F 615 -53.45 3.56 -13.60
C TRP F 615 -54.49 3.08 -14.61
N THR F 616 -54.52 1.76 -14.84
CA THR F 616 -55.35 1.18 -15.89
C THR F 616 -56.66 0.68 -15.32
N GLU F 617 -57.23 1.41 -14.35
CA GLU F 617 -58.59 1.10 -13.94
C GLU F 617 -59.41 1.08 -15.22
N HIS F 618 -59.62 2.29 -15.79
CA HIS F 618 -60.65 2.51 -16.80
C HIS F 618 -60.02 2.49 -18.20
N VAL F 619 -59.03 1.60 -18.37
CA VAL F 619 -58.19 1.57 -19.56
C VAL F 619 -57.73 0.13 -19.73
N GLY F 620 -57.99 -0.47 -20.90
CA GLY F 620 -57.69 -1.89 -21.06
C GLY F 620 -57.32 -2.27 -22.49
N THR F 621 -56.61 -1.38 -23.19
CA THR F 621 -56.29 -1.58 -24.61
C THR F 621 -54.91 -1.02 -24.91
N ASN F 622 -54.47 -1.21 -26.17
CA ASN F 622 -53.37 -0.45 -26.72
C ASN F 622 -53.84 0.97 -27.05
N GLU F 623 -54.72 1.09 -28.04
CA GLU F 623 -55.23 2.39 -28.45
C GLU F 623 -54.95 3.41 -27.35
N TYR F 624 -55.70 3.28 -26.25
CA TYR F 624 -55.88 4.36 -25.29
C TYR F 624 -54.67 4.52 -24.36
N LEU F 625 -53.84 3.49 -24.19
CA LEU F 625 -52.63 3.66 -23.40
C LEU F 625 -51.65 4.55 -24.15
N GLU F 626 -51.60 4.40 -25.49
CA GLU F 626 -50.74 5.23 -26.31
C GLU F 626 -51.44 6.53 -26.70
N TYR F 627 -52.75 6.59 -26.41
CA TYR F 627 -53.47 7.85 -26.51
C TYR F 627 -53.24 8.64 -25.22
N LEU F 628 -54.14 8.43 -24.24
CA LEU F 628 -54.21 9.21 -23.02
C LEU F 628 -52.86 9.78 -22.66
N ALA F 629 -51.88 8.92 -22.36
CA ALA F 629 -50.59 9.46 -21.94
C ALA F 629 -50.22 10.65 -22.81
N LEU F 630 -50.18 10.44 -24.13
CA LEU F 630 -49.37 11.24 -25.04
C LEU F 630 -50.15 12.48 -25.48
N PRO F 631 -49.52 13.68 -25.50
CA PRO F 631 -48.09 13.87 -25.22
C PRO F 631 -47.70 14.11 -23.76
N ARG F 632 -48.66 14.15 -22.85
CA ARG F 632 -48.38 14.56 -21.47
C ARG F 632 -47.12 13.84 -20.96
N LEU F 633 -46.96 12.60 -21.40
CA LEU F 633 -45.72 11.87 -21.18
C LEU F 633 -44.53 12.81 -21.35
N ILE F 634 -44.39 13.47 -22.49
CA ILE F 634 -43.22 14.30 -22.75
C ILE F 634 -43.01 15.29 -21.61
N CYS F 635 -44.03 16.14 -21.37
CA CYS F 635 -44.00 17.13 -20.29
C CYS F 635 -43.21 16.61 -19.11
N VAL F 636 -43.72 15.52 -18.55
CA VAL F 636 -43.15 14.93 -17.34
C VAL F 636 -41.73 14.46 -17.61
N ALA F 637 -41.38 14.23 -18.87
CA ALA F 637 -40.07 13.78 -19.31
C ALA F 637 -39.15 14.97 -19.57
N GLU F 638 -39.72 16.06 -20.09
CA GLU F 638 -38.96 17.29 -20.25
C GLU F 638 -38.55 17.78 -18.86
N ALA F 639 -39.50 18.33 -18.09
CA ALA F 639 -39.28 18.65 -16.69
C ALA F 639 -38.15 17.79 -16.13
N GLY F 640 -38.33 16.49 -16.25
CA GLY F 640 -37.29 15.54 -15.87
C GLY F 640 -35.92 16.06 -16.30
N TRP F 641 -35.78 16.34 -17.60
CA TRP F 641 -34.50 16.60 -18.22
C TRP F 641 -34.19 18.09 -18.43
N THR F 642 -35.22 18.93 -18.55
CA THR F 642 -35.04 20.39 -18.65
C THR F 642 -35.06 21.04 -17.27
N PRO F 643 -34.15 21.98 -16.93
CA PRO F 643 -34.16 22.66 -15.64
C PRO F 643 -35.14 23.82 -15.56
N GLN F 644 -35.73 24.09 -14.39
CA GLN F 644 -36.88 24.99 -14.34
C GLN F 644 -36.62 26.19 -15.25
N VAL F 645 -35.51 26.91 -15.00
CA VAL F 645 -35.37 28.24 -15.58
C VAL F 645 -35.86 28.19 -17.03
N PHE F 646 -35.39 27.15 -17.73
CA PHE F 646 -35.49 27.01 -19.17
C PHE F 646 -36.62 26.06 -19.52
N LYS F 647 -37.72 26.13 -18.75
CA LYS F 647 -38.92 25.36 -19.01
C LYS F 647 -40.02 26.37 -19.35
N ASN F 648 -40.19 26.61 -20.66
CA ASN F 648 -41.19 27.53 -21.18
C ASN F 648 -42.23 26.74 -22.00
N TRP F 649 -43.49 27.16 -21.87
CA TRP F 649 -44.61 26.38 -22.39
C TRP F 649 -44.88 26.69 -23.85
N ASP F 650 -44.53 27.90 -24.29
CA ASP F 650 -44.92 28.45 -25.58
C ASP F 650 -43.83 28.25 -26.63
N ASN F 651 -42.60 28.01 -26.20
CA ASN F 651 -41.57 27.42 -27.04
C ASN F 651 -41.73 25.89 -27.00
N PHE F 652 -42.50 25.42 -26.00
CA PHE F 652 -42.80 24.01 -25.88
C PHE F 652 -43.87 23.63 -26.88
N ARG F 653 -45.06 24.23 -26.76
CA ARG F 653 -46.19 23.77 -27.56
C ARG F 653 -45.62 23.52 -28.96
N THR F 654 -45.27 24.60 -29.66
CA THR F 654 -44.83 24.51 -31.05
C THR F 654 -43.95 23.26 -31.20
N ARG F 655 -42.79 23.30 -30.54
CA ARG F 655 -41.77 22.26 -30.70
C ARG F 655 -42.42 20.88 -30.86
N LEU F 656 -43.47 20.61 -30.07
CA LEU F 656 -44.04 19.27 -30.09
C LEU F 656 -45.05 19.08 -31.22
N ALA F 657 -45.65 20.18 -31.69
CA ALA F 657 -46.63 20.07 -32.75
C ALA F 657 -45.91 20.01 -34.09
N ASN F 658 -44.59 19.76 -34.03
CA ASN F 658 -43.76 19.44 -35.17
C ASN F 658 -43.65 17.91 -35.27
N GLN F 659 -43.41 17.24 -34.14
CA GLN F 659 -42.77 15.94 -34.16
C GLN F 659 -43.68 14.84 -34.70
N THR F 660 -44.91 15.19 -35.11
CA THR F 660 -46.02 14.25 -35.16
C THR F 660 -45.79 13.15 -36.20
N GLN F 661 -45.07 13.55 -37.26
CA GLN F 661 -44.78 12.63 -38.35
C GLN F 661 -44.09 11.40 -37.78
N TRP F 662 -43.55 11.47 -36.55
CA TRP F 662 -42.92 10.30 -35.95
C TRP F 662 -43.63 9.84 -34.68
N LEU F 663 -44.94 10.16 -34.59
CA LEU F 663 -45.88 9.43 -33.74
C LEU F 663 -46.92 8.73 -34.63
N ASP F 664 -47.33 9.45 -35.69
CA ASP F 664 -47.84 8.79 -36.88
C ASP F 664 -46.89 7.63 -37.22
N ASP F 665 -45.77 7.94 -37.86
CA ASP F 665 -45.01 6.95 -38.59
C ASP F 665 -44.87 5.68 -37.77
N HIS F 666 -44.42 5.80 -36.51
CA HIS F 666 -44.10 4.61 -35.71
C HIS F 666 -45.36 4.05 -35.03
N GLY F 667 -46.50 4.18 -35.70
CA GLY F 667 -47.74 3.53 -35.29
C GLY F 667 -48.10 3.82 -33.84
N TYR F 668 -47.88 5.07 -33.41
CA TYR F 668 -48.26 5.53 -32.09
C TYR F 668 -49.50 6.41 -32.23
N VAL F 669 -50.57 6.05 -31.53
CA VAL F 669 -51.69 6.95 -31.31
C VAL F 669 -51.18 8.11 -30.45
N TYR F 670 -51.87 9.25 -30.46
CA TYR F 670 -51.36 10.50 -29.91
C TYR F 670 -52.48 11.55 -29.86
N ALA F 671 -52.55 12.32 -28.78
CA ALA F 671 -53.70 13.22 -28.62
C ALA F 671 -53.45 14.50 -29.41
N ARG F 672 -54.48 14.96 -30.13
CA ARG F 672 -54.31 15.88 -31.23
C ARG F 672 -54.41 17.33 -30.79
N HIS F 673 -55.58 17.76 -30.32
CA HIS F 673 -55.88 19.17 -30.11
C HIS F 673 -54.66 19.99 -30.51
N TRP F 674 -53.65 20.00 -29.63
CA TRP F 674 -52.37 20.63 -29.89
C TRP F 674 -52.04 20.49 -31.39
N MET F 675 -51.83 19.23 -31.77
CA MET F 675 -51.27 18.84 -33.06
C MET F 675 -52.29 19.08 -34.17
N PRO F 676 -51.93 19.78 -35.27
CA PRO F 676 -52.89 20.15 -36.31
C PRO F 676 -53.33 19.03 -37.27
N ALA G 129 -74.17 34.44 6.69
CA ALA G 129 -73.80 33.91 8.02
C ALA G 129 -72.46 34.48 8.46
N ASP G 130 -71.98 35.61 7.87
CA ASP G 130 -70.96 36.42 8.52
C ASP G 130 -71.47 36.79 9.91
N GLU G 131 -70.56 36.80 10.92
CA GLU G 131 -70.97 36.61 12.31
C GLU G 131 -70.28 37.63 13.21
N THR G 132 -71.04 38.44 13.92
CA THR G 132 -70.69 39.84 14.21
C THR G 132 -71.29 40.72 13.10
N ARG G 133 -72.58 40.51 12.84
CA ARG G 133 -73.21 40.86 11.59
C ARG G 133 -72.55 42.08 10.99
N SER G 134 -72.20 42.00 9.72
CA SER G 134 -71.81 43.15 8.90
C SER G 134 -72.81 44.32 9.00
N PHE G 135 -72.63 45.29 8.09
CA PHE G 135 -73.25 46.62 8.15
C PHE G 135 -73.94 46.84 6.81
N TRP G 136 -73.16 46.80 5.71
CA TRP G 136 -73.73 46.79 4.37
C TRP G 136 -73.39 45.51 3.62
N ILE G 137 -74.40 44.92 2.99
CA ILE G 137 -74.26 43.70 2.19
C ILE G 137 -75.49 43.58 1.27
N THR G 138 -75.33 42.87 0.15
CA THR G 138 -76.44 42.44 -0.68
C THR G 138 -75.95 41.33 -1.60
N CYS G 139 -76.79 40.29 -1.81
CA CYS G 139 -76.28 38.97 -2.16
C CYS G 139 -76.80 38.54 -3.54
N GLN G 140 -76.27 37.41 -4.07
CA GLN G 140 -76.22 37.18 -5.51
C GLN G 140 -76.29 35.68 -5.78
N ALA G 141 -76.52 35.32 -7.05
CA ALA G 141 -77.14 34.02 -7.39
C ALA G 141 -76.13 33.11 -8.05
N GLY G 142 -75.67 32.10 -7.29
CA GLY G 142 -74.74 31.11 -7.83
C GLY G 142 -73.55 30.83 -6.91
N GLY G 143 -72.39 30.52 -7.52
CA GLY G 143 -71.26 29.96 -6.81
C GLY G 143 -69.93 30.55 -7.26
N THR G 144 -68.91 30.37 -6.41
CA THR G 144 -67.55 30.84 -6.61
C THR G 144 -66.58 29.66 -6.46
N LYS G 145 -65.27 29.93 -6.52
CA LYS G 145 -64.31 28.89 -6.89
C LYS G 145 -63.11 28.79 -5.96
N TYR G 146 -62.76 27.54 -5.69
CA TYR G 146 -61.74 27.13 -4.74
C TYR G 146 -60.82 26.13 -5.43
N LEU G 147 -61.42 25.19 -6.20
CA LEU G 147 -60.71 24.19 -6.98
C LEU G 147 -59.97 23.22 -6.02
N ASN G 148 -59.21 22.25 -6.56
CA ASN G 148 -58.00 21.78 -5.89
C ASN G 148 -56.98 22.93 -5.75
N SER G 167 -45.54 40.77 3.96
CA SER G 167 -45.77 39.88 5.14
C SER G 167 -47.09 40.25 5.80
N THR G 168 -48.19 39.70 5.25
CA THR G 168 -49.47 39.68 5.95
C THR G 168 -50.41 38.72 5.22
N PHE G 169 -50.56 38.90 3.91
CA PHE G 169 -51.37 38.01 3.12
C PHE G 169 -51.24 36.56 3.60
N TYR G 170 -49.99 36.08 3.65
CA TYR G 170 -49.67 34.67 3.82
C TYR G 170 -50.26 34.07 5.10
N ILE G 171 -50.77 34.90 6.03
CA ILE G 171 -51.37 34.35 7.24
C ILE G 171 -52.80 33.94 6.95
N TYR G 172 -53.10 33.72 5.66
CA TYR G 172 -54.30 32.99 5.25
C TYR G 172 -53.97 31.80 4.37
N LYS G 173 -52.67 31.64 4.12
CA LYS G 173 -52.11 30.48 3.44
C LYS G 173 -51.18 29.80 4.45
N VAL G 174 -51.17 28.45 4.41
CA VAL G 174 -50.93 27.64 5.60
C VAL G 174 -52.03 27.97 6.61
N SER G 175 -51.78 28.99 7.46
CA SER G 175 -52.67 29.40 8.53
C SER G 175 -53.87 28.48 8.64
N GLU G 176 -54.89 28.70 7.78
CA GLU G 176 -56.18 28.04 7.93
C GLU G 176 -56.40 27.00 6.82
N GLU G 177 -55.67 27.19 5.72
CA GLU G 177 -56.13 26.69 4.43
C GLU G 177 -55.75 25.21 4.26
N GLN G 178 -54.50 24.85 4.56
CA GLN G 178 -54.03 23.49 4.39
C GLN G 178 -53.93 22.75 5.71
N ILE G 179 -54.53 23.31 6.78
CA ILE G 179 -54.70 22.61 8.04
C ILE G 179 -56.04 21.85 7.96
N ALA G 180 -56.38 21.45 6.72
CA ALA G 180 -57.58 20.68 6.46
C ALA G 180 -57.86 20.61 4.95
N VAL G 181 -58.25 21.74 4.35
CA VAL G 181 -59.19 21.73 3.22
C VAL G 181 -59.00 20.43 2.42
N PRO G 182 -57.80 20.12 1.87
CA PRO G 182 -57.45 18.74 1.50
C PRO G 182 -56.56 18.05 2.55
N ARG G 192 -51.28 20.30 -1.09
CA ARG G 192 -50.27 20.32 -2.18
C ARG G 192 -50.86 19.87 -3.50
N GLY G 193 -50.40 20.58 -4.55
CA GLY G 193 -50.89 20.48 -5.91
C GLY G 193 -50.88 21.93 -6.40
N ALA G 194 -51.38 22.76 -5.47
CA ALA G 194 -51.07 24.15 -5.23
C ALA G 194 -52.16 24.57 -4.24
N GLU G 195 -52.09 25.80 -3.72
CA GLU G 195 -53.21 26.35 -2.96
C GLU G 195 -53.71 27.59 -3.68
N LEU G 196 -53.63 28.77 -3.04
CA LEU G 196 -53.76 30.02 -3.78
C LEU G 196 -52.35 30.43 -4.18
N ASN G 197 -51.93 29.87 -5.30
CA ASN G 197 -50.75 30.29 -6.06
C ASN G 197 -50.86 29.58 -7.41
N GLY G 198 -49.90 28.73 -7.75
CA GLY G 198 -50.01 27.91 -8.95
C GLY G 198 -50.22 28.78 -10.20
N GLU G 199 -51.47 29.22 -10.41
CA GLU G 199 -51.82 30.05 -11.55
C GLU G 199 -50.64 30.10 -12.52
N GLY G 200 -49.72 31.03 -12.27
CA GLY G 200 -48.50 31.18 -13.04
C GLY G 200 -47.94 32.59 -12.82
N ARG G 201 -48.61 33.53 -13.49
CA ARG G 201 -48.47 34.97 -13.29
C ARG G 201 -49.49 35.39 -12.26
N LEU G 202 -49.25 35.05 -10.99
CA LEU G 202 -50.09 35.47 -9.86
C LEU G 202 -50.58 36.91 -10.06
N ALA G 203 -49.66 37.78 -10.49
CA ALA G 203 -49.84 39.22 -10.54
C ALA G 203 -50.17 39.66 -11.97
N LEU G 204 -51.21 39.04 -12.52
CA LEU G 204 -51.77 39.43 -13.80
C LEU G 204 -53.22 39.80 -13.56
N SER G 205 -53.59 41.06 -13.82
CA SER G 205 -55.00 41.47 -13.79
C SER G 205 -55.75 40.91 -15.00
N ALA G 206 -55.19 39.86 -15.64
CA ALA G 206 -55.93 39.03 -16.58
C ALA G 206 -56.04 37.59 -16.03
N MET G 207 -55.73 37.42 -14.75
CA MET G 207 -55.62 36.10 -14.17
C MET G 207 -55.65 36.29 -12.65
N ASP G 208 -56.71 36.99 -12.24
CA ASP G 208 -56.98 37.24 -10.83
C ASP G 208 -58.02 36.27 -10.29
N ASN G 209 -57.70 35.56 -9.20
CA ASN G 209 -58.54 34.49 -8.72
C ASN G 209 -59.06 34.82 -7.33
N ILE G 210 -58.14 35.30 -6.47
CA ILE G 210 -58.47 35.78 -5.14
C ILE G 210 -57.65 37.05 -4.93
N SER G 211 -58.10 38.18 -5.47
CA SER G 211 -57.17 39.26 -5.80
C SER G 211 -57.34 40.42 -4.83
N PHE G 212 -56.20 41.03 -4.49
CA PHE G 212 -56.10 42.06 -3.49
C PHE G 212 -55.66 43.39 -4.14
N THR G 213 -56.11 44.48 -3.51
CA THR G 213 -55.58 45.81 -3.75
C THR G 213 -55.99 46.70 -2.56
N THR G 214 -55.33 47.86 -2.46
CA THR G 214 -55.59 48.84 -1.42
C THR G 214 -56.09 50.15 -2.02
N ASP G 215 -57.17 50.66 -1.42
CA ASP G 215 -57.75 51.93 -1.81
C ASP G 215 -57.77 52.79 -0.55
N PRO G 216 -56.65 53.47 -0.21
CA PRO G 216 -56.53 54.28 1.01
C PRO G 216 -57.66 55.24 1.36
N ALA G 217 -58.90 54.85 1.03
CA ALA G 217 -60.06 55.72 1.22
C ALA G 217 -60.96 55.09 2.26
N LEU G 218 -61.08 53.76 2.20
CA LEU G 218 -61.78 52.99 3.23
C LEU G 218 -61.05 53.19 4.55
N ALA G 219 -61.81 53.31 5.65
CA ALA G 219 -61.21 53.61 6.94
C ALA G 219 -60.21 52.50 7.28
N GLU G 220 -59.55 52.66 8.44
CA GLU G 220 -58.56 51.72 8.93
C GLU G 220 -59.04 50.27 8.89
N GLU G 221 -59.93 49.89 9.81
CA GLU G 221 -60.34 48.49 9.94
C GLU G 221 -61.40 48.14 8.89
N ALA G 222 -61.53 48.95 7.84
CA ALA G 222 -62.63 48.75 6.90
C ALA G 222 -62.13 47.94 5.70
N TYR G 223 -62.95 46.95 5.33
CA TYR G 223 -62.66 46.01 4.28
C TYR G 223 -63.86 45.98 3.32
N VAL G 224 -63.68 45.38 2.14
CA VAL G 224 -64.75 45.12 1.19
C VAL G 224 -64.48 43.79 0.52
N LEU G 225 -65.52 43.16 -0.05
CA LEU G 225 -65.47 41.76 -0.43
C LEU G 225 -66.49 41.50 -1.53
N ASN G 226 -66.09 41.66 -2.81
CA ASN G 226 -66.91 41.19 -3.91
C ASN G 226 -66.69 39.69 -4.08
N ILE G 227 -67.80 38.96 -4.23
CA ILE G 227 -67.77 37.51 -4.39
C ILE G 227 -68.65 37.16 -5.58
N THR G 228 -68.05 36.50 -6.57
CA THR G 228 -68.69 36.02 -7.78
C THR G 228 -67.93 34.77 -8.22
N ALA G 229 -68.50 33.99 -9.15
CA ALA G 229 -67.79 32.89 -9.79
C ALA G 229 -66.53 33.40 -10.49
N ASP G 230 -66.52 34.70 -10.83
CA ASP G 230 -65.40 35.27 -11.53
C ASP G 230 -64.20 35.36 -10.60
N GLY G 231 -64.46 35.76 -9.35
CA GLY G 231 -63.40 35.92 -8.37
C GLY G 231 -63.84 36.76 -7.16
N ILE G 232 -62.86 36.99 -6.28
CA ILE G 232 -63.14 37.49 -4.93
C ILE G 232 -62.27 38.73 -4.68
N SER G 233 -62.56 39.82 -5.41
CA SER G 233 -61.87 41.06 -5.08
C SER G 233 -62.15 41.37 -3.61
N VAL G 234 -61.04 41.64 -2.87
CA VAL G 234 -61.09 42.30 -1.59
C VAL G 234 -60.36 43.63 -1.73
N ALA G 235 -61.11 44.75 -1.66
CA ALA G 235 -60.52 46.06 -1.56
C ALA G 235 -60.35 46.39 -0.08
N SER G 236 -59.68 47.51 0.23
CA SER G 236 -59.21 47.74 1.60
C SER G 236 -58.58 49.11 1.76
N SER G 237 -57.79 49.26 2.85
CA SER G 237 -57.07 50.50 3.07
C SER G 237 -56.00 50.36 4.14
N THR G 238 -56.20 49.46 5.10
CA THR G 238 -55.19 49.23 6.12
C THR G 238 -55.14 47.75 6.44
N GLU G 239 -53.90 47.26 6.53
CA GLU G 239 -53.62 45.89 6.96
C GLU G 239 -54.78 45.38 7.83
N LYS G 240 -55.05 46.15 8.90
CA LYS G 240 -56.18 45.90 9.79
C LYS G 240 -57.39 45.55 8.93
N GLY G 241 -57.73 46.43 8.00
CA GLY G 241 -58.80 46.14 7.08
C GLY G 241 -58.70 44.73 6.53
N LYS G 242 -57.51 44.33 6.04
CA LYS G 242 -57.36 43.14 5.23
C LYS G 242 -57.54 41.88 6.07
N PHE G 243 -57.17 41.96 7.37
CA PHE G 243 -57.23 40.78 8.21
C PHE G 243 -58.64 40.24 8.29
N TYR G 244 -59.62 41.14 8.41
CA TYR G 244 -61.00 40.76 8.63
C TYR G 244 -61.61 40.21 7.36
N ALA G 245 -61.17 40.73 6.20
CA ALA G 245 -61.94 40.53 4.98
C ALA G 245 -62.02 39.03 4.64
N LEU G 246 -61.04 38.24 5.09
CA LEU G 246 -61.05 36.81 4.89
C LEU G 246 -61.54 36.08 6.15
N GLN G 247 -62.06 36.84 7.11
CA GLN G 247 -62.76 36.28 8.25
C GLN G 247 -64.18 35.98 7.85
N SER G 248 -64.97 37.03 7.59
CA SER G 248 -66.24 36.84 6.86
C SER G 248 -66.11 35.57 6.01
N LEU G 249 -65.24 35.71 4.98
CA LEU G 249 -65.06 34.68 3.96
C LEU G 249 -64.94 33.34 4.67
N ALA G 250 -63.96 33.22 5.58
CA ALA G 250 -63.75 31.98 6.31
C ALA G 250 -65.11 31.45 6.73
N GLN G 251 -65.84 32.23 7.54
CA GLN G 251 -67.12 31.79 8.11
C GLN G 251 -68.16 31.52 7.02
N LEU G 252 -67.99 32.10 5.84
CA LEU G 252 -68.82 31.72 4.70
C LEU G 252 -68.40 30.33 4.20
N ALA G 253 -67.10 30.08 4.18
CA ALA G 253 -66.56 28.81 3.71
C ALA G 253 -66.54 27.82 4.87
N GLU G 254 -67.70 27.36 5.31
CA GLU G 254 -67.80 26.66 6.59
C GLU G 254 -66.93 27.43 7.59
N GLY G 255 -66.34 26.76 8.60
CA GLY G 255 -65.13 27.28 9.22
C GLY G 255 -63.88 26.82 8.47
N ASN G 256 -63.96 25.57 8.01
CA ASN G 256 -62.85 24.91 7.34
C ASN G 256 -62.79 25.45 5.91
N ALA G 257 -63.56 24.83 5.00
CA ALA G 257 -64.04 25.46 3.78
C ALA G 257 -64.77 24.42 2.93
N GLU G 258 -65.89 24.83 2.31
CA GLU G 258 -66.41 24.13 1.14
C GLU G 258 -67.08 25.13 0.18
N GLY G 259 -68.42 25.04 -0.02
CA GLY G 259 -69.00 25.39 -1.31
C GLY G 259 -69.90 26.62 -1.27
N LEU G 260 -69.40 27.76 -1.77
CA LEU G 260 -69.88 29.08 -1.40
C LEU G 260 -70.63 29.70 -2.57
N PRO G 261 -71.51 30.70 -2.30
CA PRO G 261 -72.26 31.41 -3.33
C PRO G 261 -71.57 32.72 -3.69
N LEU G 262 -72.34 33.77 -4.03
CA LEU G 262 -71.80 35.07 -4.40
C LEU G 262 -72.34 36.15 -3.46
N VAL G 263 -71.75 37.36 -3.48
CA VAL G 263 -72.16 38.47 -2.63
C VAL G 263 -71.29 39.69 -2.90
N ARG G 264 -71.75 40.86 -2.40
CA ARG G 264 -70.84 41.95 -2.00
C ARG G 264 -70.96 42.22 -0.50
N ILE G 265 -69.84 42.14 0.24
CA ILE G 265 -69.84 42.29 1.69
C ILE G 265 -68.83 43.37 2.08
N ALA G 266 -69.24 44.62 1.84
CA ALA G 266 -68.59 45.77 2.42
C ALA G 266 -68.92 45.76 3.91
N ASP G 267 -67.90 45.98 4.74
CA ASP G 267 -68.07 45.99 6.18
C ASP G 267 -67.00 46.87 6.81
N LYS G 268 -67.31 47.37 8.02
CA LYS G 268 -66.51 48.34 8.73
C LYS G 268 -66.94 48.30 10.19
N PRO G 269 -66.10 48.74 11.16
CA PRO G 269 -66.50 48.70 12.56
C PRO G 269 -67.26 49.92 13.07
N ARG G 270 -68.48 49.68 13.58
CA ARG G 270 -69.13 50.77 14.28
C ARG G 270 -68.14 51.30 15.31
N PHE G 271 -67.62 50.37 16.14
CA PHE G 271 -66.73 50.72 17.24
C PHE G 271 -65.32 50.15 16.99
N GLY G 272 -64.29 50.96 17.18
CA GLY G 272 -62.94 50.63 16.76
C GLY G 272 -62.04 50.18 17.91
N TYR G 273 -62.62 50.11 19.11
CA TYR G 273 -62.00 49.47 20.24
C TYR G 273 -62.92 48.38 20.80
N ARG G 274 -62.72 47.16 20.29
CA ARG G 274 -63.48 45.99 20.72
C ARG G 274 -62.52 45.09 21.46
N GLY G 275 -62.79 44.82 22.75
CA GLY G 275 -61.80 44.19 23.59
C GLY G 275 -62.35 43.11 24.50
N PHE G 276 -61.36 42.42 25.09
CA PHE G 276 -61.54 41.41 26.10
C PHE G 276 -60.73 41.88 27.32
N MET G 277 -60.46 40.98 28.28
CA MET G 277 -59.52 41.33 29.36
C MET G 277 -59.37 40.16 30.31
N LEU G 278 -58.13 39.94 30.74
CA LEU G 278 -57.84 38.75 31.53
C LEU G 278 -57.40 39.16 32.92
N ASP G 279 -58.24 38.90 33.93
CA ASP G 279 -57.79 39.00 35.29
C ASP G 279 -56.83 37.83 35.53
N VAL G 280 -55.53 38.13 35.32
CA VAL G 280 -54.45 37.18 35.47
C VAL G 280 -53.77 37.42 36.84
N SER G 281 -54.40 38.20 37.72
CA SER G 281 -53.81 38.59 38.99
C SER G 281 -54.40 37.75 40.11
N ARG G 282 -55.74 37.70 40.12
CA ARG G 282 -56.47 36.80 41.00
C ARG G 282 -56.18 35.35 40.65
N HIS G 283 -55.58 35.08 39.48
CA HIS G 283 -55.12 33.74 39.13
C HIS G 283 -54.37 33.78 37.80
N PHE G 284 -53.64 32.71 37.49
CA PHE G 284 -52.81 32.56 36.31
C PHE G 284 -53.53 31.70 35.27
N PHE G 285 -52.98 31.62 34.05
CA PHE G 285 -53.45 30.61 33.08
C PHE G 285 -52.41 30.25 32.02
N SER G 286 -51.13 30.56 32.23
CA SER G 286 -50.09 30.08 31.32
C SER G 286 -50.15 30.82 29.98
N VAL G 287 -49.13 30.62 29.14
CA VAL G 287 -49.05 31.25 27.84
C VAL G 287 -49.54 30.31 26.75
N ALA G 288 -49.44 29.00 27.03
CA ALA G 288 -49.98 28.03 26.08
C ALA G 288 -51.49 28.21 25.96
N GLU G 289 -52.08 28.77 27.03
CA GLU G 289 -53.42 29.31 26.99
C GLU G 289 -53.39 30.74 26.46
N VAL G 290 -52.73 31.66 27.19
CA VAL G 290 -52.86 33.08 26.89
C VAL G 290 -53.07 33.25 25.39
N LYS G 291 -52.21 32.60 24.59
CA LYS G 291 -52.38 32.45 23.15
C LYS G 291 -53.84 32.13 22.82
N LYS G 292 -54.39 31.09 23.48
CA LYS G 292 -55.76 30.62 23.29
C LYS G 292 -56.74 31.51 24.07
N MET G 293 -56.48 32.83 24.04
CA MET G 293 -57.48 33.83 24.34
C MET G 293 -57.35 34.99 23.33
N ILE G 294 -56.18 35.09 22.67
CA ILE G 294 -56.08 35.99 21.52
C ILE G 294 -56.81 35.37 20.34
N ASP G 295 -56.62 34.05 20.19
CA ASP G 295 -57.12 33.33 19.01
C ASP G 295 -58.59 33.69 18.79
N ILE G 296 -59.34 33.40 19.84
CA ILE G 296 -60.79 33.21 19.78
C ILE G 296 -61.43 34.55 19.45
N MET G 297 -60.68 35.63 19.75
CA MET G 297 -61.10 36.96 19.41
C MET G 297 -60.84 37.22 17.94
N ALA G 298 -59.72 36.71 17.41
CA ALA G 298 -59.39 36.91 16.01
C ALA G 298 -60.65 36.80 15.15
N ARG G 299 -61.18 35.58 15.04
CA ARG G 299 -62.41 35.35 14.31
C ARG G 299 -63.28 36.60 14.34
N TYR G 300 -63.74 36.98 15.54
CA TYR G 300 -64.85 37.92 15.71
C TYR G 300 -64.36 39.37 15.71
N LYS G 301 -63.14 39.59 15.25
CA LYS G 301 -62.71 40.92 14.84
C LYS G 301 -62.58 41.88 16.02
N MET G 302 -62.01 41.39 17.13
CA MET G 302 -61.71 42.24 18.28
C MET G 302 -60.23 42.59 18.27
N ASN G 303 -59.86 43.64 19.02
CA ASN G 303 -58.49 44.13 19.02
C ASN G 303 -57.98 44.20 20.46
N VAL G 304 -58.42 45.18 21.23
CA VAL G 304 -57.69 45.59 22.42
C VAL G 304 -57.67 44.44 23.42
N PHE G 305 -56.64 43.59 23.36
CA PHE G 305 -56.43 42.66 24.46
C PHE G 305 -56.08 43.46 25.72
N HIS G 306 -57.02 43.56 26.65
CA HIS G 306 -56.71 44.19 27.91
C HIS G 306 -56.11 43.11 28.82
N TRP G 307 -55.09 43.51 29.60
CA TRP G 307 -54.34 42.57 30.42
C TRP G 307 -54.22 43.07 31.86
N HIS G 308 -54.68 42.25 32.81
CA HIS G 308 -54.66 42.57 34.23
C HIS G 308 -53.48 41.84 34.87
N LEU G 309 -52.41 42.55 35.29
CA LEU G 309 -51.16 41.92 35.65
C LEU G 309 -50.92 41.95 37.16
N THR G 310 -51.73 42.75 37.87
CA THR G 310 -51.42 42.99 39.27
C THR G 310 -52.71 43.35 40.01
N ASP G 311 -53.00 42.58 41.06
CA ASP G 311 -54.04 42.93 42.04
C ASP G 311 -53.48 42.53 43.40
N ASP G 312 -54.24 42.76 44.47
CA ASP G 312 -53.84 42.26 45.77
C ASP G 312 -53.24 40.88 45.56
N GLN G 313 -54.04 39.96 45.03
CA GLN G 313 -53.73 38.54 45.13
C GLN G 313 -52.42 38.21 44.42
N GLY G 314 -52.14 38.92 43.32
CA GLY G 314 -51.08 38.50 42.43
C GLY G 314 -50.23 39.64 41.90
N TRP G 315 -49.27 39.22 41.09
CA TRP G 315 -48.42 40.10 40.30
C TRP G 315 -47.71 39.20 39.31
N ARG G 316 -47.73 39.61 38.03
CA ARG G 316 -47.34 38.69 36.97
C ARG G 316 -46.29 39.29 36.03
N ALA G 317 -46.30 40.63 35.92
CA ALA G 317 -45.32 41.33 35.11
C ALA G 317 -43.96 41.20 35.76
N GLU G 318 -42.99 40.62 35.03
CA GLU G 318 -41.63 40.66 35.51
C GLU G 318 -41.12 42.08 35.31
N ILE G 319 -40.82 42.74 36.44
CA ILE G 319 -40.11 44.00 36.48
C ILE G 319 -38.71 43.71 36.98
N LYS G 320 -37.68 44.26 36.32
CA LYS G 320 -36.28 43.94 36.55
C LYS G 320 -35.57 44.96 37.43
N ARG G 321 -36.19 46.11 37.66
CA ARG G 321 -35.68 47.13 38.56
C ARG G 321 -36.14 46.81 39.98
N TYR G 322 -36.76 45.63 40.15
CA TYR G 322 -37.52 45.32 41.34
C TYR G 322 -37.80 43.82 41.37
N PRO G 323 -36.73 42.98 41.43
CA PRO G 323 -36.87 41.54 41.21
C PRO G 323 -37.51 40.81 42.40
N LYS G 324 -38.28 41.53 43.22
CA LYS G 324 -39.07 40.93 44.31
C LYS G 324 -40.56 41.14 44.08
N LEU G 325 -40.96 41.63 42.90
CA LEU G 325 -42.37 41.80 42.60
C LEU G 325 -42.99 40.48 42.16
N THR G 326 -42.14 39.55 41.71
CA THR G 326 -42.53 38.24 41.20
C THR G 326 -42.04 37.14 42.14
N THR G 327 -40.80 37.26 42.61
CA THR G 327 -40.32 36.39 43.67
C THR G 327 -41.37 36.35 44.78
N VAL G 328 -41.48 37.41 45.61
CA VAL G 328 -42.43 37.40 46.71
C VAL G 328 -43.85 37.60 46.18
N GLY G 329 -44.12 38.81 45.67
CA GLY G 329 -45.42 39.13 45.11
C GLY G 329 -46.09 37.86 44.58
N ALA G 330 -45.67 37.46 43.37
CA ALA G 330 -46.40 36.49 42.56
C ALA G 330 -47.01 35.40 43.42
N THR G 331 -46.17 34.76 44.25
CA THR G 331 -46.55 33.52 44.91
C THR G 331 -47.39 33.79 46.15
N ARG G 332 -48.28 32.84 46.46
CA ARG G 332 -49.01 32.85 47.70
C ARG G 332 -49.37 31.41 48.05
N SER G 333 -49.67 31.17 49.32
CA SER G 333 -49.65 29.83 49.89
C SER G 333 -51.03 29.18 49.81
N ASP G 334 -51.61 29.09 48.60
CA ASP G 334 -52.98 28.62 48.41
C ASP G 334 -53.28 28.66 46.91
N ASN G 335 -54.28 27.90 46.49
CA ASN G 335 -54.62 27.75 45.09
C ASN G 335 -54.92 29.11 44.47
N VAL G 349 -58.08 27.69 47.43
CA VAL G 349 -58.72 28.62 46.45
C VAL G 349 -58.83 29.99 47.13
N TYR G 350 -59.88 30.75 46.79
CA TYR G 350 -60.28 31.92 47.55
C TYR G 350 -61.21 31.56 48.71
N TRP G 351 -61.23 32.43 49.72
CA TRP G 351 -62.37 32.55 50.61
C TRP G 351 -63.54 33.03 49.76
N THR G 352 -64.66 33.34 50.42
CA THR G 352 -65.67 34.26 49.92
C THR G 352 -66.83 34.27 50.90
N GLY G 353 -66.58 34.84 52.09
CA GLY G 353 -67.55 34.84 53.16
C GLY G 353 -67.21 33.81 54.21
N ASN G 354 -67.19 32.52 53.84
CA ASN G 354 -66.87 31.43 54.74
C ASN G 354 -65.76 30.61 54.09
N GLY G 355 -66.02 30.12 52.86
CA GLY G 355 -65.10 29.24 52.17
C GLY G 355 -63.67 29.52 52.62
N ALA G 356 -62.86 28.47 52.70
CA ALA G 356 -61.50 28.56 53.22
C ALA G 356 -60.49 28.67 52.08
N LYS G 357 -59.19 28.61 52.45
CA LYS G 357 -58.06 28.47 51.54
C LYS G 357 -57.50 27.06 51.70
N THR G 358 -56.52 26.68 50.86
CA THR G 358 -55.94 25.34 50.89
C THR G 358 -54.51 25.27 51.44
N GLY G 359 -54.00 26.31 52.14
CA GLY G 359 -52.60 26.35 52.54
C GLY G 359 -51.70 25.38 51.75
N LYS G 360 -51.78 25.45 50.42
CA LYS G 360 -50.97 24.66 49.51
C LYS G 360 -50.43 25.58 48.41
N PRO G 361 -49.10 25.78 48.29
CA PRO G 361 -48.55 26.88 47.50
C PRO G 361 -49.03 26.89 46.05
N TYR G 362 -48.92 28.07 45.43
CA TYR G 362 -49.41 28.32 44.09
C TYR G 362 -48.93 29.71 43.66
N GLY G 363 -48.81 29.86 42.35
CA GLY G 363 -47.93 30.84 41.74
C GLY G 363 -47.69 30.52 40.27
N PRO G 364 -47.53 29.22 39.89
CA PRO G 364 -47.24 28.85 38.50
C PRO G 364 -47.62 29.96 37.52
N TYR G 365 -46.64 30.64 36.90
CA TYR G 365 -45.20 30.49 37.18
C TYR G 365 -44.48 31.81 36.89
N PHE G 366 -45.07 32.93 37.33
CA PHE G 366 -44.90 34.30 36.86
C PHE G 366 -44.48 34.42 35.40
N TYR G 367 -44.64 35.65 34.86
CA TYR G 367 -44.31 35.92 33.47
C TYR G 367 -42.96 36.59 33.32
N THR G 368 -41.92 35.78 33.08
CA THR G 368 -40.63 36.28 32.68
C THR G 368 -40.81 37.00 31.35
N GLN G 369 -40.05 38.12 31.22
CA GLN G 369 -40.36 39.11 30.22
C GLN G 369 -40.70 38.46 28.90
N ASP G 370 -39.87 37.57 28.37
CA ASP G 370 -40.12 37.06 27.02
C ASP G 370 -41.60 36.74 26.84
N GLU G 371 -42.19 36.07 27.84
CA GLU G 371 -43.59 35.65 27.77
C GLU G 371 -44.47 36.84 27.43
N MET G 372 -44.06 38.01 27.95
CA MET G 372 -44.79 39.25 27.79
C MET G 372 -44.66 39.80 26.37
N ARG G 373 -43.48 39.64 25.75
CA ARG G 373 -43.29 40.01 24.36
C ARG G 373 -43.79 38.89 23.44
N GLU G 374 -43.93 37.67 23.99
CA GLU G 374 -44.34 36.52 23.21
C GLU G 374 -45.79 36.75 22.78
N VAL G 375 -46.67 36.91 23.76
CA VAL G 375 -48.08 37.18 23.55
C VAL G 375 -48.19 38.38 22.62
N VAL G 376 -47.91 39.57 23.16
CA VAL G 376 -47.97 40.84 22.42
C VAL G 376 -47.64 40.63 20.94
N ALA G 377 -46.87 39.56 20.65
CA ALA G 377 -46.43 39.29 19.30
C ALA G 377 -47.56 38.61 18.54
N TYR G 378 -48.07 37.49 19.06
CA TYR G 378 -49.25 36.85 18.51
C TYR G 378 -50.12 37.95 17.92
N ALA G 379 -50.66 38.79 18.80
CA ALA G 379 -51.73 39.70 18.45
C ALA G 379 -51.45 40.37 17.11
N LYS G 380 -50.22 40.80 16.82
CA LYS G 380 -49.93 41.45 15.55
C LYS G 380 -49.94 40.46 14.38
N GLU G 381 -50.24 39.18 14.61
CA GLU G 381 -50.59 38.26 13.53
C GLU G 381 -52.11 38.26 13.39
N ARG G 382 -52.77 38.51 14.54
CA ARG G 382 -54.20 38.51 14.71
C ARG G 382 -54.68 39.92 14.99
N HIS G 383 -53.87 40.93 14.60
CA HIS G 383 -54.24 42.34 14.75
C HIS G 383 -55.10 42.59 15.99
N ILE G 384 -54.55 42.20 17.16
CA ILE G 384 -55.18 42.40 18.43
C ILE G 384 -54.29 43.24 19.30
N GLU G 385 -54.38 44.58 19.18
CA GLU G 385 -53.47 45.45 19.93
C GLU G 385 -53.69 45.17 21.41
N VAL G 386 -52.70 45.46 22.27
CA VAL G 386 -52.70 44.93 23.63
C VAL G 386 -52.64 46.14 24.54
N LEU G 387 -53.41 46.13 25.62
CA LEU G 387 -53.29 47.14 26.65
C LEU G 387 -52.71 46.52 27.93
N PRO G 388 -51.58 47.01 28.49
CA PRO G 388 -51.08 46.52 29.77
C PRO G 388 -51.41 47.37 31.00
N GLU G 389 -51.77 46.70 32.09
CA GLU G 389 -52.34 47.35 33.25
C GLU G 389 -51.41 47.26 34.46
N VAL G 390 -50.91 48.43 34.88
CA VAL G 390 -50.20 48.58 36.16
C VAL G 390 -51.18 49.12 37.19
N ASP G 391 -52.20 48.35 37.57
CA ASP G 391 -53.30 48.94 38.31
C ASP G 391 -52.77 49.62 39.58
N MET G 392 -52.83 50.95 39.60
CA MET G 392 -52.22 51.82 40.59
C MET G 392 -53.20 52.94 40.93
N PRO G 393 -53.18 53.56 42.13
CA PRO G 393 -52.31 53.16 43.25
C PRO G 393 -52.94 52.18 44.24
N GLY G 394 -54.21 51.83 44.00
CA GLY G 394 -54.97 51.05 44.98
C GLY G 394 -54.51 49.60 45.02
N HIS G 395 -55.34 48.75 45.64
CA HIS G 395 -55.29 47.30 45.41
C HIS G 395 -53.87 46.87 45.09
N PHE G 396 -53.01 46.87 46.10
CA PHE G 396 -51.63 46.49 45.91
C PHE G 396 -51.00 45.94 47.18
N VAL G 397 -51.43 44.76 47.54
CA VAL G 397 -50.83 44.00 48.63
C VAL G 397 -49.67 43.18 48.06
N ALA G 398 -49.88 42.58 46.90
CA ALA G 398 -48.88 41.79 46.20
C ALA G 398 -47.54 42.53 46.17
N ALA G 399 -47.61 43.78 45.73
CA ALA G 399 -46.45 44.65 45.56
C ALA G 399 -46.46 45.71 46.65
N MET G 400 -46.83 45.24 47.86
CA MET G 400 -46.60 45.93 49.12
C MET G 400 -45.90 44.94 50.06
N ALA G 401 -46.51 43.75 50.22
CA ALA G 401 -45.84 42.73 51.01
C ALA G 401 -44.50 42.34 50.40
N ALA G 402 -44.28 42.73 49.14
CA ALA G 402 -43.04 42.50 48.42
C ALA G 402 -42.05 43.65 48.63
N TYR G 403 -42.57 44.85 48.91
CA TYR G 403 -41.73 46.02 49.13
C TYR G 403 -42.50 47.01 49.99
N PRO G 404 -42.75 46.69 51.28
CA PRO G 404 -43.63 47.50 52.14
C PRO G 404 -43.03 48.83 52.59
N GLU G 405 -41.70 48.93 52.56
CA GLU G 405 -41.04 50.12 53.07
C GLU G 405 -41.64 51.37 52.42
N TYR G 406 -42.20 51.20 51.22
CA TYR G 406 -42.84 52.27 50.47
C TYR G 406 -44.36 52.06 50.48
N SER G 407 -44.89 51.74 51.66
CA SER G 407 -46.30 51.45 51.85
C SER G 407 -46.98 52.61 52.58
N CYS G 408 -48.25 52.41 52.98
CA CYS G 408 -48.94 53.36 53.83
C CYS G 408 -48.15 53.56 55.12
N ASN G 409 -47.72 52.43 55.71
CA ASN G 409 -47.44 52.31 57.14
C ASN G 409 -46.32 51.31 57.30
N PRO G 410 -45.04 51.67 57.04
CA PRO G 410 -44.02 50.69 56.64
C PRO G 410 -43.37 49.83 57.72
N SER G 411 -43.95 49.81 58.94
CA SER G 411 -43.61 48.79 59.93
C SER G 411 -44.68 47.71 60.03
N ARG G 412 -45.81 47.83 59.28
CA ARG G 412 -46.98 47.02 59.51
C ARG G 412 -47.29 46.23 58.23
N ALA G 413 -48.02 45.13 58.46
CA ALA G 413 -48.11 44.02 57.54
C ALA G 413 -49.09 44.33 56.41
N PRO G 414 -48.58 44.58 55.18
CA PRO G 414 -49.20 43.95 54.00
C PRO G 414 -48.84 42.46 54.05
N GLN G 415 -49.67 41.60 53.42
CA GLN G 415 -49.32 40.21 53.23
C GLN G 415 -50.04 39.66 51.99
N VAL G 416 -49.28 38.97 51.13
CA VAL G 416 -49.70 38.78 49.74
C VAL G 416 -51.08 38.17 49.75
N TRP G 417 -52.10 39.03 49.79
CA TRP G 417 -53.47 38.61 50.05
C TRP G 417 -53.76 37.29 49.36
N THR G 418 -54.60 36.49 50.01
CA THR G 418 -55.11 35.22 49.50
C THR G 418 -56.59 35.32 49.17
N GLY G 419 -57.31 36.11 49.99
CA GLY G 419 -58.76 36.18 49.94
C GLY G 419 -59.29 37.15 48.89
N GLY G 420 -60.48 37.70 49.20
CA GLY G 420 -61.08 38.78 48.43
C GLY G 420 -61.39 39.97 49.33
N GLY G 421 -62.16 40.92 48.79
CA GLY G 421 -62.59 42.10 49.52
C GLY G 421 -62.09 43.41 48.87
N ILE G 422 -62.26 44.50 49.63
CA ILE G 422 -61.62 45.78 49.32
C ILE G 422 -60.42 45.94 50.24
N SER G 423 -59.30 46.40 49.66
CA SER G 423 -58.03 46.40 50.38
C SER G 423 -57.61 47.83 50.71
N SER G 424 -57.19 48.04 51.98
CA SER G 424 -56.92 49.36 52.49
C SER G 424 -55.41 49.59 52.67
N ASP G 425 -54.62 48.56 52.41
CA ASP G 425 -53.17 48.66 52.47
C ASP G 425 -52.67 49.07 51.08
N VAL G 426 -52.89 50.37 50.79
CA VAL G 426 -52.69 50.93 49.46
C VAL G 426 -51.30 51.56 49.34
N LEU G 427 -51.02 52.20 48.21
CA LEU G 427 -49.70 52.71 47.86
C LEU G 427 -49.59 54.17 48.23
N ASN G 428 -49.19 54.40 49.48
CA ASN G 428 -48.69 55.69 49.93
C ASN G 428 -48.20 56.48 48.73
N VAL G 429 -49.01 57.47 48.32
CA VAL G 429 -48.67 58.31 47.17
C VAL G 429 -47.75 59.45 47.60
N ALA G 430 -47.57 59.64 48.93
CA ALA G 430 -46.75 60.70 49.48
C ALA G 430 -45.45 60.15 50.04
N ASN G 431 -44.71 59.37 49.24
CA ASN G 431 -43.36 58.94 49.56
C ASN G 431 -42.53 58.93 48.30
N PRO G 432 -41.92 60.06 47.89
CA PRO G 432 -41.26 60.21 46.58
C PRO G 432 -40.24 59.15 46.12
N GLN G 433 -40.44 57.89 46.51
CA GLN G 433 -39.81 56.75 45.87
C GLN G 433 -40.89 55.76 45.49
N ALA G 434 -41.92 55.60 46.34
CA ALA G 434 -43.12 54.87 45.99
C ALA G 434 -43.55 55.26 44.58
N VAL G 435 -43.47 56.56 44.29
CA VAL G 435 -43.67 57.05 42.93
C VAL G 435 -42.64 56.39 42.02
N GLU G 436 -41.39 56.90 42.01
CA GLU G 436 -40.34 56.34 41.16
C GLU G 436 -40.72 54.90 40.82
N PHE G 437 -40.91 54.11 41.87
CA PHE G 437 -41.33 52.74 41.73
C PHE G 437 -42.31 52.68 40.57
N ALA G 438 -43.49 53.27 40.74
CA ALA G 438 -44.49 53.30 39.67
C ALA G 438 -43.80 53.77 38.41
N LYS G 439 -43.35 55.04 38.42
CA LYS G 439 -42.87 55.70 37.23
C LYS G 439 -41.86 54.84 36.50
N ASN G 440 -41.08 54.03 37.24
CA ASN G 440 -40.09 53.19 36.59
C ASN G 440 -40.78 52.01 35.90
N ILE G 441 -41.93 51.60 36.45
CA ILE G 441 -42.66 50.48 35.91
C ILE G 441 -43.21 50.89 34.55
N LEU G 442 -43.87 52.06 34.54
CA LEU G 442 -44.50 52.60 33.34
C LEU G 442 -43.48 52.81 32.20
N ASP G 443 -42.20 52.58 32.51
CA ASP G 443 -41.18 52.46 31.49
C ASP G 443 -41.12 51.03 31.00
N GLU G 444 -41.11 50.09 31.98
CA GLU G 444 -40.86 48.69 31.68
C GLU G 444 -41.87 48.23 30.64
N LEU G 445 -43.16 48.49 30.93
CA LEU G 445 -44.18 48.45 29.89
C LEU G 445 -43.60 48.98 28.58
N CYS G 446 -43.38 50.29 28.46
CA CYS G 446 -43.14 50.89 27.14
C CYS G 446 -42.40 49.85 26.29
N ASP G 447 -41.29 49.38 26.86
CA ASP G 447 -40.33 48.52 26.19
C ASP G 447 -41.04 47.30 25.63
N ILE G 448 -41.75 46.58 26.50
CA ILE G 448 -42.38 45.32 26.17
C ILE G 448 -43.59 45.55 25.28
N PHE G 449 -44.35 46.62 25.59
CA PHE G 449 -45.64 46.91 24.97
C PHE G 449 -45.51 48.17 24.13
N PRO G 450 -45.56 48.04 22.79
CA PRO G 450 -45.55 49.18 21.88
C PRO G 450 -46.84 49.98 21.71
N TYR G 451 -47.87 49.65 22.52
CA TYR G 451 -49.22 50.12 22.27
C TYR G 451 -49.51 51.40 23.06
N PRO G 452 -50.11 52.44 22.44
CA PRO G 452 -49.98 53.81 22.96
C PRO G 452 -50.88 54.19 24.13
N TYR G 453 -51.44 53.18 24.85
CA TYR G 453 -52.25 53.47 26.02
C TYR G 453 -51.93 52.46 27.11
N ILE G 454 -51.85 52.94 28.37
CA ILE G 454 -51.45 52.14 29.51
C ILE G 454 -52.59 52.18 30.52
N HIS G 455 -53.02 51.02 31.05
CA HIS G 455 -54.18 51.01 31.91
C HIS G 455 -53.79 51.05 33.39
N VAL G 456 -54.09 52.18 34.05
CA VAL G 456 -53.46 52.52 35.32
C VAL G 456 -54.51 52.67 36.42
N GLY G 457 -55.65 51.98 36.28
CA GLY G 457 -56.46 51.61 37.42
C GLY G 457 -57.26 52.76 38.05
N GLY G 458 -56.77 53.29 39.17
CA GLY G 458 -57.52 54.24 39.99
C GLY G 458 -58.88 53.72 40.48
N ASP G 459 -59.04 52.39 40.58
CA ASP G 459 -60.30 51.78 40.96
C ASP G 459 -60.34 51.46 42.45
N GLU G 460 -61.55 51.50 43.03
CA GLU G 460 -61.80 50.99 44.36
C GLU G 460 -60.53 51.11 45.19
N CYS G 461 -60.19 52.36 45.53
CA CYS G 461 -58.99 52.72 46.26
C CYS G 461 -59.42 53.49 47.50
N PRO G 462 -59.45 52.83 48.68
CA PRO G 462 -59.74 53.52 49.94
C PRO G 462 -58.67 54.47 50.46
N THR G 463 -59.11 55.48 51.21
CA THR G 463 -58.23 56.46 51.85
C THR G 463 -57.91 56.09 53.30
N THR G 464 -58.49 54.99 53.79
CA THR G 464 -58.48 54.67 55.21
C THR G 464 -57.10 54.30 55.75
N GLN G 465 -56.02 54.72 55.07
CA GLN G 465 -54.68 54.68 55.65
C GLN G 465 -53.91 55.96 55.27
N TRP G 466 -54.38 56.63 54.22
CA TRP G 466 -53.91 57.96 53.88
C TRP G 466 -54.17 58.91 55.05
N GLU G 467 -55.44 59.12 55.39
CA GLU G 467 -55.83 59.84 56.59
C GLU G 467 -54.72 59.80 57.64
N HIS G 468 -54.21 58.60 57.97
CA HIS G 468 -53.19 58.45 59.02
C HIS G 468 -51.74 58.51 58.51
N ASN G 469 -51.57 58.40 57.19
CA ASN G 469 -50.23 58.38 56.62
C ASN G 469 -49.73 59.82 56.51
N ASP G 470 -48.57 60.10 57.09
CA ASP G 470 -48.32 61.46 57.54
C ASP G 470 -48.41 62.31 56.29
N LEU G 471 -47.58 62.02 55.30
CA LEU G 471 -47.25 62.94 54.22
C LEU G 471 -48.44 63.20 53.30
N CYS G 472 -49.34 62.21 53.31
CA CYS G 472 -50.69 62.35 52.80
C CYS G 472 -51.50 63.37 53.60
N GLN G 473 -51.21 63.48 54.91
CA GLN G 473 -51.80 64.51 55.75
C GLN G 473 -51.19 65.86 55.41
N GLN G 474 -50.00 65.86 54.83
CA GLN G 474 -49.17 67.05 54.73
C GLN G 474 -49.48 67.73 53.40
N LYS G 475 -49.52 66.94 52.32
CA LYS G 475 -49.80 67.54 51.02
C LYS G 475 -51.13 68.29 51.06
N TYR G 476 -52.16 67.63 51.59
CA TYR G 476 -53.53 68.08 51.51
C TYR G 476 -53.80 69.38 52.26
N LYS G 477 -52.76 70.00 52.82
CA LYS G 477 -52.89 71.36 53.31
C LYS G 477 -52.24 72.31 52.31
N GLU G 478 -51.15 71.84 51.68
CA GLU G 478 -50.47 72.57 50.63
C GLU G 478 -51.48 73.20 49.67
N LEU G 479 -52.08 72.33 48.87
CA LEU G 479 -52.85 72.70 47.70
C LEU G 479 -54.09 73.47 48.16
N GLY G 480 -54.71 73.01 49.26
CA GLY G 480 -55.68 73.80 50.01
C GLY G 480 -57.09 73.27 49.90
N LEU G 481 -57.24 71.94 49.82
CA LEU G 481 -58.48 71.28 49.39
C LEU G 481 -58.71 70.01 50.22
N THR G 482 -59.98 69.62 50.45
CA THR G 482 -60.36 69.00 51.72
C THR G 482 -60.79 67.54 51.60
N SER G 483 -60.43 66.88 50.49
CA SER G 483 -60.95 65.57 50.16
C SER G 483 -59.78 64.72 49.67
N TYR G 484 -59.67 63.50 50.22
CA TYR G 484 -58.43 62.75 50.21
C TYR G 484 -58.38 61.85 48.98
N ARG G 485 -59.45 61.88 48.18
CA ARG G 485 -59.37 61.31 46.85
C ARG G 485 -58.34 62.07 46.05
N GLN G 486 -58.14 63.36 46.36
CA GLN G 486 -57.48 64.31 45.47
C GLN G 486 -55.98 64.03 45.27
N LEU G 487 -55.36 63.11 45.99
CA LEU G 487 -54.04 62.67 45.57
C LEU G 487 -54.25 61.68 44.44
N GLN G 488 -55.20 60.76 44.65
CA GLN G 488 -55.35 59.65 43.72
C GLN G 488 -55.23 60.18 42.30
N ALA G 489 -55.83 61.36 42.07
CA ALA G 489 -55.67 62.02 40.80
C ALA G 489 -54.28 62.63 40.76
N HIS G 490 -53.95 63.47 41.78
CA HIS G 490 -52.69 64.20 41.73
C HIS G 490 -51.48 63.27 41.84
N PHE G 491 -51.72 61.97 42.12
CA PHE G 491 -50.70 60.95 42.08
C PHE G 491 -50.50 60.43 40.66
N ILE G 492 -51.54 60.60 39.82
CA ILE G 492 -51.56 60.12 38.47
C ILE G 492 -51.06 61.24 37.55
N LYS G 493 -51.60 62.45 37.77
CA LYS G 493 -51.03 63.65 37.19
C LYS G 493 -49.54 63.40 37.09
N ASP G 494 -48.79 63.53 38.21
CA ASP G 494 -47.34 63.45 38.13
C ASP G 494 -46.94 62.68 36.85
N LEU G 495 -47.45 61.45 36.74
CA LEU G 495 -46.88 60.44 35.86
C LEU G 495 -47.00 60.87 34.41
N ALA G 496 -47.99 61.70 34.10
CA ALA G 496 -48.19 62.21 32.75
C ALA G 496 -47.06 63.17 32.38
N ASP G 497 -46.55 63.90 33.37
CA ASP G 497 -45.71 65.08 33.14
C ASP G 497 -44.23 64.71 33.22
N PHE G 498 -43.96 63.43 33.46
CA PHE G 498 -42.67 62.82 33.13
C PHE G 498 -42.84 61.89 31.93
N VAL G 499 -44.12 61.60 31.61
CA VAL G 499 -44.51 61.09 30.31
C VAL G 499 -44.98 62.28 29.46
N ALA G 500 -44.45 63.47 29.75
CA ALA G 500 -44.59 64.61 28.86
C ALA G 500 -43.26 64.98 28.20
N THR G 501 -42.34 63.99 28.15
CA THR G 501 -41.09 64.03 27.44
C THR G 501 -40.92 62.65 26.81
N LYS G 502 -41.86 62.27 25.94
CA LYS G 502 -42.63 61.03 26.10
C LYS G 502 -43.10 60.42 24.77
N ASN G 503 -44.00 59.42 24.89
CA ASN G 503 -44.94 58.96 23.87
C ASN G 503 -45.68 57.76 24.46
N LYS G 504 -46.89 58.02 25.02
CA LYS G 504 -47.88 57.07 25.49
C LYS G 504 -48.85 57.76 26.46
N HIS G 505 -50.06 57.15 26.60
CA HIS G 505 -51.21 57.76 27.23
C HIS G 505 -51.70 56.98 28.43
N LEU G 506 -52.77 57.51 29.06
CA LEU G 506 -53.25 56.98 30.33
C LEU G 506 -54.76 56.72 30.30
N VAL G 507 -55.19 55.72 31.07
CA VAL G 507 -56.55 55.20 31.08
C VAL G 507 -56.94 54.97 32.53
N CYS G 508 -58.22 54.71 32.82
CA CYS G 508 -58.64 54.47 34.19
C CYS G 508 -60.00 53.77 34.25
N TRP G 509 -60.26 53.19 35.44
CA TRP G 509 -61.61 52.88 35.89
C TRP G 509 -62.31 54.18 36.25
N ASN G 510 -63.52 54.09 36.77
CA ASN G 510 -64.45 55.21 36.81
C ASN G 510 -64.63 55.73 38.24
N GLU G 511 -63.87 55.21 39.21
CA GLU G 511 -63.80 55.87 40.50
C GLU G 511 -62.92 57.10 40.39
N ALA G 512 -62.11 57.18 39.32
CA ALA G 512 -61.40 58.40 38.97
C ALA G 512 -62.36 59.47 38.45
N ILE G 513 -63.62 59.44 38.92
CA ILE G 513 -64.65 60.38 38.53
C ILE G 513 -65.62 60.56 39.69
N THR G 514 -65.16 60.49 40.95
CA THR G 514 -65.92 61.00 42.07
C THR G 514 -65.00 61.83 42.97
N ALA G 515 -64.06 62.55 42.37
CA ALA G 515 -62.75 62.81 42.98
C ALA G 515 -62.32 64.25 42.78
N GLY G 516 -61.05 64.49 42.45
CA GLY G 516 -60.63 65.72 41.81
C GLY G 516 -60.26 65.41 40.36
N GLY G 517 -61.22 65.66 39.47
CA GLY G 517 -61.05 65.37 38.05
C GLY G 517 -60.08 66.36 37.40
N ALA G 518 -60.32 67.65 37.68
CA ALA G 518 -59.56 68.74 37.09
C ALA G 518 -58.08 68.72 37.52
N ASP G 519 -57.61 67.57 38.05
CA ASP G 519 -56.25 67.48 38.54
C ASP G 519 -55.57 66.25 37.96
N LEU G 520 -56.21 65.60 36.97
CA LEU G 520 -55.77 64.29 36.54
C LEU G 520 -54.54 64.38 35.63
N GLN G 525 -56.32 66.03 33.86
CA GLN G 525 -57.21 66.90 33.04
C GLN G 525 -58.54 66.16 32.85
N THR G 526 -59.05 66.25 31.63
CA THR G 526 -60.09 65.38 31.12
C THR G 526 -59.52 64.60 29.94
N GLN G 527 -58.20 64.38 29.95
CA GLN G 527 -57.49 63.66 28.92
C GLN G 527 -56.98 62.41 29.61
N SER G 528 -57.89 61.42 29.69
CA SER G 528 -57.63 60.16 30.36
C SER G 528 -58.85 59.28 30.12
N THR G 529 -58.74 58.41 29.11
CA THR G 529 -59.78 57.48 28.74
C THR G 529 -60.36 56.82 29.99
N ILE G 530 -61.70 56.74 30.07
CA ILE G 530 -62.42 56.04 31.12
C ILE G 530 -62.78 54.62 30.67
N MET G 531 -63.17 53.75 31.63
CA MET G 531 -63.65 52.42 31.29
C MET G 531 -64.83 52.05 32.19
N SER G 532 -66.00 52.61 31.95
CA SER G 532 -66.99 52.89 32.99
C SER G 532 -67.94 51.72 33.20
N TRP G 533 -67.53 50.81 34.13
CA TRP G 533 -68.29 49.58 34.36
C TRP G 533 -69.51 49.95 35.18
N ASN G 534 -69.37 50.04 36.51
CA ASN G 534 -70.44 50.52 37.39
C ASN G 534 -71.19 51.63 36.65
N PRO G 535 -72.40 52.05 37.08
CA PRO G 535 -73.26 52.81 36.19
C PRO G 535 -72.50 53.16 34.91
N CYS G 536 -72.56 52.24 33.93
CA CYS G 536 -72.21 52.55 32.56
C CYS G 536 -73.04 53.74 32.09
N GLN G 537 -74.30 53.50 31.66
CA GLN G 537 -75.13 54.53 31.10
C GLN G 537 -74.81 55.88 31.76
N GLU G 538 -75.07 55.95 33.07
CA GLU G 538 -74.94 57.20 33.81
C GLU G 538 -73.47 57.57 33.96
N GLY G 539 -72.56 56.59 33.79
CA GLY G 539 -71.13 56.82 33.96
C GLY G 539 -70.42 57.09 32.63
N VAL G 540 -70.68 56.28 31.60
CA VAL G 540 -70.36 56.71 30.25
C VAL G 540 -70.70 58.19 30.11
N ALA G 541 -71.98 58.51 30.29
CA ALA G 541 -72.52 59.86 30.20
C ALA G 541 -71.81 60.88 31.09
N LYS G 542 -71.74 60.62 32.40
CA LYS G 542 -71.11 61.53 33.35
C LYS G 542 -69.61 61.28 33.41
N ALA G 543 -69.18 60.13 32.88
CA ALA G 543 -67.84 59.63 33.10
C ALA G 543 -67.16 59.34 31.75
N VAL G 544 -66.75 60.42 31.06
CA VAL G 544 -67.23 61.77 31.30
C VAL G 544 -67.38 62.48 29.95
N LYS G 545 -68.56 62.27 29.39
CA LYS G 545 -68.86 62.58 28.00
C LYS G 545 -69.27 64.03 27.86
N LYS G 546 -69.87 64.57 28.93
CA LYS G 546 -70.27 65.98 29.01
C LYS G 546 -69.06 66.88 29.22
N LEU G 547 -67.93 66.30 29.64
CA LEU G 547 -66.74 67.02 30.04
C LEU G 547 -65.57 66.41 29.26
N GLY G 548 -65.84 65.91 28.05
CA GLY G 548 -64.83 65.78 27.02
C GLY G 548 -63.77 64.75 27.36
N LEU G 549 -64.16 63.79 28.20
CA LEU G 549 -63.29 62.65 28.50
C LEU G 549 -63.63 61.52 27.53
N PRO G 550 -62.70 61.01 26.70
CA PRO G 550 -63.02 59.80 25.94
C PRO G 550 -63.57 58.73 26.90
N ALA G 551 -63.95 57.58 26.32
CA ALA G 551 -64.60 56.55 27.10
C ALA G 551 -64.58 55.22 26.34
N ILE G 552 -64.53 54.12 27.08
CA ILE G 552 -64.91 52.78 26.60
C ILE G 552 -66.06 52.33 27.50
N VAL G 553 -67.17 51.90 26.88
CA VAL G 553 -68.23 51.20 27.58
C VAL G 553 -67.73 49.80 27.97
N LYS G 558 -68.45 46.68 29.54
CA LYS G 558 -68.28 46.14 30.91
C LYS G 558 -69.56 46.35 31.73
N GLY G 559 -70.73 46.27 31.10
CA GLY G 559 -71.97 46.44 31.84
C GLY G 559 -72.17 45.29 32.83
N ASP G 560 -71.69 45.47 34.08
CA ASP G 560 -71.90 44.48 35.12
C ASP G 560 -73.12 43.63 34.76
N GLY G 561 -74.24 44.29 34.43
CA GLY G 561 -75.43 43.60 33.93
C GLY G 561 -75.39 43.52 32.40
N GLY G 562 -74.33 42.87 31.90
CA GLY G 562 -74.23 42.55 30.49
C GLY G 562 -72.87 41.96 30.12
N TYR G 563 -71.90 42.85 29.94
CA TYR G 563 -70.66 42.52 29.24
C TYR G 563 -69.56 41.98 30.18
N TYR G 564 -69.85 41.85 31.48
CA TYR G 564 -69.04 41.04 32.35
C TYR G 564 -69.30 39.57 32.06
N ILE G 565 -68.57 39.05 31.06
CA ILE G 565 -68.71 37.67 30.67
C ILE G 565 -67.90 36.79 31.61
N CYS G 566 -68.17 36.90 32.91
CA CYS G 566 -67.67 35.94 33.89
C CYS G 566 -68.65 35.90 35.04
N ARG G 567 -69.94 35.86 34.71
CA ARG G 567 -71.02 35.83 35.69
C ARG G 567 -72.03 34.77 35.22
N LYS G 568 -72.58 34.03 36.20
CA LYS G 568 -73.30 32.79 35.94
C LYS G 568 -74.31 33.02 34.82
N GLN G 569 -74.31 32.12 33.82
CA GLN G 569 -75.01 32.39 32.58
C GLN G 569 -76.28 31.55 32.45
N SER G 570 -76.82 31.04 33.57
CA SER G 570 -78.08 30.32 33.50
C SER G 570 -78.39 29.62 34.82
N ASN G 571 -79.65 29.74 35.28
CA ASN G 571 -80.10 29.39 36.60
C ASN G 571 -80.17 27.89 36.86
N ASP G 572 -79.57 27.06 35.99
CA ASP G 572 -79.31 25.69 36.38
C ASP G 572 -78.30 25.78 37.51
N TYR G 573 -78.31 24.77 38.38
CA TYR G 573 -77.31 24.66 39.42
C TYR G 573 -75.99 24.28 38.74
N GLY G 574 -76.08 23.30 37.84
CA GLY G 574 -74.94 22.72 37.15
C GLY G 574 -73.84 23.73 36.80
N GLU G 575 -74.24 24.89 36.25
CA GLU G 575 -73.30 25.97 35.93
C GLU G 575 -72.37 26.26 37.11
N PRO G 576 -71.02 26.22 36.95
CA PRO G 576 -70.11 26.36 38.08
C PRO G 576 -70.42 27.55 38.99
N SER G 577 -69.62 27.66 40.05
CA SER G 577 -69.69 28.76 41.00
C SER G 577 -69.40 30.06 40.26
N GLY G 578 -69.43 31.17 41.02
CA GLY G 578 -69.11 32.50 40.49
C GLY G 578 -70.11 33.55 40.99
N ALA G 579 -70.15 34.69 40.28
CA ALA G 579 -70.88 35.86 40.73
C ALA G 579 -72.34 35.79 40.27
N GLY G 580 -73.20 36.59 40.92
CA GLY G 580 -74.48 37.04 40.42
C GLY G 580 -75.26 35.98 39.63
N TYR G 581 -76.54 35.76 39.91
CA TYR G 581 -77.08 34.40 40.03
C TYR G 581 -77.32 33.79 38.67
N GLY G 582 -77.88 34.54 37.72
CA GLY G 582 -77.89 34.13 36.32
C GLY G 582 -78.76 35.03 35.46
N ASN G 583 -78.29 36.28 35.30
CA ASN G 583 -78.93 37.27 34.43
C ASN G 583 -78.20 37.31 33.09
N ASP G 584 -76.88 37.21 33.14
CA ASP G 584 -76.06 37.25 31.94
C ASP G 584 -76.17 35.87 31.28
N GLY G 585 -77.35 35.53 30.79
CA GLY G 585 -77.42 34.51 29.75
C GLY G 585 -76.51 34.90 28.59
N VAL G 586 -76.94 34.59 27.37
CA VAL G 586 -76.42 35.31 26.22
C VAL G 586 -77.39 36.44 25.88
N GLU G 587 -78.64 36.29 26.35
CA GLU G 587 -79.72 37.20 26.07
C GLU G 587 -79.39 38.56 26.66
N GLY G 588 -79.83 38.83 27.90
CA GLY G 588 -79.52 40.09 28.59
C GLY G 588 -78.02 40.33 28.77
N CYS G 589 -77.19 39.78 27.89
CA CYS G 589 -75.81 40.20 27.69
C CYS G 589 -75.44 40.33 26.21
N TYR G 590 -76.43 40.26 25.32
CA TYR G 590 -76.27 40.64 23.93
C TYR G 590 -77.21 41.80 23.63
N ASN G 591 -78.41 41.72 24.23
CA ASN G 591 -79.40 42.79 24.24
C ASN G 591 -78.84 44.09 24.79
N TYR G 592 -77.76 44.04 25.59
CA TYR G 592 -77.34 45.26 26.29
C TYR G 592 -77.13 46.33 25.22
N VAL G 593 -77.72 47.52 25.46
CA VAL G 593 -77.81 48.55 24.42
C VAL G 593 -77.02 49.78 24.87
N PRO G 594 -75.74 49.94 24.41
CA PRO G 594 -74.94 51.11 24.78
C PRO G 594 -75.28 52.44 24.10
N VAL G 595 -76.32 52.47 23.23
CA VAL G 595 -76.62 53.64 22.41
C VAL G 595 -77.87 54.36 22.92
N GLN G 596 -79.01 53.66 22.98
CA GLN G 596 -80.30 54.28 23.22
C GLN G 596 -80.27 55.36 24.31
N GLY G 597 -81.11 56.39 24.13
CA GLY G 597 -81.20 57.54 25.00
C GLY G 597 -80.17 58.62 24.66
N MET G 598 -78.96 58.15 24.36
CA MET G 598 -77.71 58.88 24.55
C MET G 598 -77.30 59.53 23.24
N TYR G 599 -77.37 60.86 23.22
CA TYR G 599 -77.67 61.56 21.97
C TYR G 599 -76.49 61.39 21.03
N THR G 600 -76.56 62.03 19.86
CA THR G 600 -75.43 62.29 19.00
C THR G 600 -74.82 63.67 19.25
N GLN G 601 -75.55 64.51 20.00
CA GLN G 601 -75.15 65.85 20.39
C GLN G 601 -73.77 65.81 21.05
N GLU G 602 -72.74 65.86 20.18
CA GLU G 602 -71.35 65.60 20.55
C GLU G 602 -71.24 64.09 20.81
N GLN G 603 -71.03 63.73 22.08
CA GLN G 603 -71.17 62.37 22.55
C GLN G 603 -70.43 61.43 21.58
N MET G 604 -71.15 60.69 20.74
CA MET G 604 -70.78 59.27 20.48
C MET G 604 -69.49 59.16 19.66
N ALA G 605 -68.73 60.26 19.58
CA ALA G 605 -67.32 60.20 19.26
C ALA G 605 -66.50 60.55 20.49
N LEU G 606 -66.95 60.06 21.66
CA LEU G 606 -66.07 59.92 22.80
C LEU G 606 -66.14 58.51 23.41
N VAL G 607 -67.22 57.76 23.16
CA VAL G 607 -67.35 56.42 23.69
C VAL G 607 -66.64 55.40 22.80
N LYS G 608 -65.30 55.42 22.77
CA LYS G 608 -64.59 54.80 21.67
C LYS G 608 -65.07 53.37 21.45
N GLY G 609 -65.24 52.58 22.52
CA GLY G 609 -65.46 51.14 22.33
C GLY G 609 -66.30 50.43 23.41
N VAL G 610 -66.06 49.12 23.52
CA VAL G 610 -66.72 48.24 24.46
C VAL G 610 -65.75 47.11 24.79
N GLN G 611 -66.04 46.31 25.82
CA GLN G 611 -65.09 45.30 26.26
C GLN G 611 -65.78 44.27 27.13
N GLY G 612 -65.24 43.04 27.10
CA GLY G 612 -65.88 41.92 27.77
C GLY G 612 -65.04 41.34 28.90
N THR G 613 -64.73 42.22 29.87
CA THR G 613 -63.86 41.99 30.99
C THR G 613 -64.18 40.67 31.69
N PHE G 614 -63.17 40.10 32.37
CA PHE G 614 -63.29 38.83 33.09
C PHE G 614 -62.59 38.98 34.44
N TRP G 615 -63.30 38.51 35.49
CA TRP G 615 -62.78 38.58 36.83
C TRP G 615 -62.67 37.18 37.44
N THR G 616 -61.41 36.81 37.71
CA THR G 616 -61.07 35.45 38.07
C THR G 616 -61.01 35.32 39.58
N GLU G 617 -61.91 35.97 40.30
CA GLU G 617 -62.03 35.64 41.71
C GLU G 617 -62.24 34.14 41.79
N HIS G 618 -63.40 33.66 41.33
CA HIS G 618 -63.86 32.30 41.62
C HIS G 618 -63.51 31.34 40.48
N VAL G 619 -62.43 31.64 39.77
CA VAL G 619 -62.06 30.92 38.55
C VAL G 619 -60.56 31.05 38.41
N GLY G 620 -59.83 29.94 38.35
CA GLY G 620 -58.40 29.94 38.12
C GLY G 620 -57.95 28.67 37.41
N THR G 621 -58.71 28.32 36.37
CA THR G 621 -58.50 27.12 35.57
C THR G 621 -58.97 27.41 34.14
N ASN G 622 -58.65 26.46 33.25
CA ASN G 622 -58.90 26.66 31.82
C ASN G 622 -60.34 26.23 31.56
N GLU G 623 -60.68 24.94 31.71
CA GLU G 623 -62.07 24.51 31.55
C GLU G 623 -63.01 25.72 31.60
N TYR G 624 -63.14 26.29 32.80
CA TYR G 624 -64.21 27.21 33.15
C TYR G 624 -63.96 28.62 32.61
N LEU G 625 -62.72 28.98 32.32
CA LEU G 625 -62.43 30.25 31.66
C LEU G 625 -62.96 30.23 30.23
N GLU G 626 -62.83 29.07 29.56
CA GLU G 626 -63.30 28.91 28.20
C GLU G 626 -64.77 28.49 28.23
N TYR G 627 -65.28 28.16 29.41
CA TYR G 627 -66.70 27.95 29.61
C TYR G 627 -67.34 29.31 29.80
N LEU G 628 -67.42 29.79 31.06
CA LEU G 628 -68.08 31.04 31.39
C LEU G 628 -67.99 32.02 30.22
N ALA G 629 -66.77 32.36 29.80
CA ALA G 629 -66.59 33.21 28.63
C ALA G 629 -67.67 32.92 27.58
N LEU G 630 -67.67 31.71 27.02
CA LEU G 630 -68.21 31.46 25.68
C LEU G 630 -69.63 30.91 25.79
N PRO G 631 -70.60 31.28 24.91
CA PRO G 631 -70.38 32.02 23.66
C PRO G 631 -70.56 33.54 23.72
N ARG G 632 -70.50 34.08 24.92
CA ARG G 632 -70.79 35.48 25.19
C ARG G 632 -69.71 36.31 24.53
N LEU G 633 -68.45 35.81 24.53
CA LEU G 633 -67.38 36.46 23.80
C LEU G 633 -67.99 37.19 22.60
N ILE G 634 -68.67 36.41 21.75
CA ILE G 634 -69.16 36.94 20.49
C ILE G 634 -69.99 38.19 20.76
N CYS G 635 -71.08 38.05 21.54
CA CYS G 635 -71.97 39.15 21.88
C CYS G 635 -71.17 40.45 21.95
N VAL G 636 -70.24 40.50 22.89
CA VAL G 636 -69.48 41.72 23.16
C VAL G 636 -68.70 42.13 21.92
N ALA G 637 -68.39 41.13 21.07
CA ALA G 637 -67.60 41.32 19.86
C ALA G 637 -68.49 41.74 18.70
N GLU G 638 -69.71 41.21 18.65
CA GLU G 638 -70.68 41.64 17.66
C GLU G 638 -70.97 43.12 17.93
N ALA G 639 -71.81 43.38 18.94
CA ALA G 639 -72.13 44.74 19.35
C ALA G 639 -70.92 45.63 19.08
N GLY G 640 -69.75 45.19 19.57
CA GLY G 640 -68.51 45.87 19.24
C GLY G 640 -68.52 46.34 17.79
N TRP G 641 -68.72 45.40 16.86
CA TRP G 641 -68.54 45.68 15.43
C TRP G 641 -69.87 45.96 14.71
N THR G 642 -70.97 45.34 15.14
CA THR G 642 -72.25 45.46 14.46
C THR G 642 -72.98 46.72 14.94
N PRO G 643 -73.62 47.50 14.03
CA PRO G 643 -74.31 48.74 14.41
C PRO G 643 -75.72 48.51 14.94
N GLN G 644 -76.16 49.34 15.88
CA GLN G 644 -77.35 49.00 16.65
C GLN G 644 -78.43 48.44 15.72
N VAL G 645 -78.76 49.23 14.70
CA VAL G 645 -79.97 49.05 13.94
C VAL G 645 -80.02 47.69 13.30
N PHE G 646 -78.90 46.94 13.22
CA PHE G 646 -78.87 45.55 12.77
C PHE G 646 -78.18 44.69 13.83
N LYS G 647 -78.64 44.83 15.08
CA LYS G 647 -78.24 43.95 16.17
C LYS G 647 -79.44 43.10 16.60
N ASN G 648 -79.62 41.94 15.97
CA ASN G 648 -80.79 41.10 16.22
C ASN G 648 -80.35 39.81 16.91
N TRP G 649 -81.10 39.44 17.97
CA TRP G 649 -80.69 38.38 18.87
C TRP G 649 -81.08 37.02 18.31
N ASP G 650 -82.17 36.96 17.53
CA ASP G 650 -82.85 35.69 17.27
C ASP G 650 -82.29 35.02 16.02
N ASN G 651 -81.83 35.85 15.08
CA ASN G 651 -81.00 35.42 13.97
C ASN G 651 -79.53 35.48 14.39
N PHE G 652 -79.25 35.99 15.60
CA PHE G 652 -77.97 35.76 16.25
C PHE G 652 -77.94 34.35 16.80
N ARG G 653 -78.88 34.00 17.69
CA ARG G 653 -78.91 32.68 18.27
C ARG G 653 -78.47 31.70 17.19
N THR G 654 -79.32 31.45 16.20
CA THR G 654 -79.02 30.42 15.20
C THR G 654 -77.54 30.56 14.82
N ARG G 655 -77.21 31.67 14.22
CA ARG G 655 -75.87 31.97 13.74
C ARG G 655 -74.81 31.42 14.71
N LEU G 656 -75.02 31.55 16.01
CA LEU G 656 -74.14 30.99 17.05
C LEU G 656 -74.73 29.71 17.68
N ALA G 657 -75.24 28.83 16.85
CA ALA G 657 -75.44 27.43 17.18
C ALA G 657 -75.15 26.59 15.94
N ASN G 658 -74.54 27.24 14.93
CA ASN G 658 -73.93 26.56 13.79
C ASN G 658 -72.45 26.37 14.04
N GLN G 659 -71.80 27.42 14.52
CA GLN G 659 -70.37 27.59 14.50
C GLN G 659 -69.65 26.54 15.35
N THR G 660 -70.41 25.72 16.13
CA THR G 660 -69.89 25.16 17.36
C THR G 660 -68.86 24.07 17.06
N GLN G 661 -68.96 23.47 15.88
CA GLN G 661 -67.99 22.49 15.43
C GLN G 661 -66.59 23.09 15.46
N TRP G 662 -66.46 24.42 15.60
CA TRP G 662 -65.15 25.06 15.74
C TRP G 662 -65.03 25.76 17.09
N LEU G 663 -65.70 25.19 18.12
CA LEU G 663 -65.35 25.34 19.52
C LEU G 663 -65.09 23.95 20.06
N ASP G 664 -65.96 23.01 19.65
CA ASP G 664 -65.67 21.58 19.71
C ASP G 664 -64.25 21.43 19.16
N ASP G 665 -64.11 21.41 17.82
CA ASP G 665 -62.90 20.93 17.19
C ASP G 665 -61.67 21.49 17.90
N HIS G 666 -61.63 22.81 18.10
CA HIS G 666 -60.43 23.44 18.61
C HIS G 666 -60.34 23.36 20.14
N GLY G 667 -60.95 22.33 20.74
CA GLY G 667 -60.86 22.09 22.17
C GLY G 667 -61.16 23.35 22.99
N TYR G 668 -62.20 24.07 22.56
CA TYR G 668 -62.70 25.24 23.29
C TYR G 668 -63.98 24.81 24.00
N VAL G 669 -64.01 24.88 25.35
CA VAL G 669 -65.24 24.64 26.07
C VAL G 669 -66.20 25.79 25.72
N TYR G 670 -67.51 25.59 25.86
CA TYR G 670 -68.47 26.54 25.31
C TYR G 670 -69.88 26.31 25.84
N ALA G 671 -70.31 27.04 26.88
CA ALA G 671 -71.42 26.63 27.73
C ALA G 671 -72.66 26.29 26.92
N ARG G 672 -73.36 25.23 27.33
CA ARG G 672 -74.17 24.43 26.42
C ARG G 672 -75.62 24.91 26.40
N HIS G 673 -76.31 24.75 27.55
CA HIS G 673 -77.76 24.85 27.62
C HIS G 673 -78.29 25.11 26.22
N TRP G 674 -78.13 26.35 25.75
CA TRP G 674 -78.53 26.75 24.41
C TRP G 674 -78.36 25.54 23.49
N MET G 675 -77.10 25.11 23.33
CA MET G 675 -76.69 24.31 22.18
C MET G 675 -77.22 22.90 22.37
N PRO G 676 -78.04 22.34 21.44
CA PRO G 676 -78.73 21.07 21.68
C PRO G 676 -77.90 19.85 21.25
N GLY G 677 -78.12 19.43 19.99
CA GLY G 677 -77.11 18.73 19.23
C GLY G 677 -76.80 19.49 17.95
N ALA H 129 13.53 104.27 -4.85
CA ALA H 129 14.83 103.57 -4.73
C ALA H 129 14.60 102.08 -4.54
N ASP H 130 13.69 101.53 -5.34
CA ASP H 130 13.09 100.23 -5.04
C ASP H 130 14.16 99.17 -5.23
N GLU H 131 14.09 98.11 -4.38
CA GLU H 131 15.13 97.09 -4.31
C GLU H 131 14.55 95.68 -4.42
N THR H 132 15.06 94.89 -5.38
CA THR H 132 14.37 93.83 -6.08
C THR H 132 13.68 94.46 -7.30
N ARG H 133 14.43 95.26 -8.08
CA ARG H 133 13.86 96.30 -8.90
C ARG H 133 12.47 95.89 -9.35
N SER H 134 11.49 96.74 -9.06
CA SER H 134 10.14 96.69 -9.63
C SER H 134 10.13 96.29 -11.12
N PHE H 135 9.00 96.63 -11.75
CA PHE H 135 8.72 96.37 -13.14
C PHE H 135 8.60 97.72 -13.85
N TRP H 136 7.58 98.49 -13.44
CA TRP H 136 7.36 99.84 -13.97
C TRP H 136 7.32 100.84 -12.82
N ILE H 137 8.01 101.97 -13.01
CA ILE H 137 7.95 103.09 -12.08
C ILE H 137 8.35 104.36 -12.82
N THR H 138 7.81 105.50 -12.38
CA THR H 138 8.19 106.80 -12.91
C THR H 138 7.77 107.87 -11.90
N CYS H 139 8.49 109.00 -11.87
CA CYS H 139 8.54 109.91 -10.74
C CYS H 139 7.82 111.22 -11.05
N GLN H 140 7.79 112.12 -10.05
CA GLN H 140 7.04 113.36 -10.09
C GLN H 140 7.82 114.40 -9.30
N ALA H 141 7.34 115.65 -9.36
CA ALA H 141 7.85 116.74 -8.52
C ALA H 141 7.11 116.81 -7.19
N GLY H 142 7.84 116.61 -6.08
CA GLY H 142 7.39 117.06 -4.78
C GLY H 142 7.83 116.12 -3.66
N GLY H 143 7.81 116.67 -2.43
CA GLY H 143 7.78 115.87 -1.20
C GLY H 143 6.36 115.50 -0.80
N THR H 144 6.21 114.33 -0.16
CA THR H 144 4.92 113.77 0.21
C THR H 144 4.97 113.38 1.68
N LYS H 145 3.81 112.94 2.23
CA LYS H 145 3.58 113.02 3.67
C LYS H 145 3.01 111.75 4.28
N TYR H 146 3.33 111.58 5.57
CA TYR H 146 2.59 110.70 6.47
C TYR H 146 1.91 111.54 7.54
N LEU H 147 2.71 112.39 8.21
CA LEU H 147 2.25 113.28 9.27
C LEU H 147 1.80 112.46 10.47
N ASN H 148 1.59 113.20 11.56
CA ASN H 148 1.21 112.69 12.87
C ASN H 148 -0.19 112.08 12.81
N SER H 167 -7.90 92.08 8.41
CA SER H 167 -6.81 91.26 8.98
C SER H 167 -5.67 91.15 7.98
N THR H 168 -4.96 92.27 7.81
CA THR H 168 -3.83 92.39 6.90
C THR H 168 -3.36 93.85 6.93
N PHE H 169 -4.24 94.82 6.73
CA PHE H 169 -3.81 96.21 6.87
C PHE H 169 -2.98 96.32 8.16
N TYR H 170 -3.60 95.93 9.29
CA TYR H 170 -3.10 96.38 10.60
C TYR H 170 -1.73 95.79 10.88
N ILE H 171 -1.24 94.85 10.05
CA ILE H 171 0.13 94.40 10.20
C ILE H 171 1.05 95.37 9.48
N TYR H 172 0.53 96.58 9.21
CA TYR H 172 1.33 97.72 8.82
C TYR H 172 1.11 98.90 9.76
N LYS H 173 0.29 98.68 10.80
CA LYS H 173 0.21 99.54 11.96
C LYS H 173 0.71 98.72 13.16
N VAL H 174 1.35 99.39 14.11
CA VAL H 174 2.38 98.78 14.94
C VAL H 174 3.49 98.35 14.00
N SER H 175 3.42 97.10 13.49
CA SER H 175 4.53 96.43 12.82
C SER H 175 5.78 97.29 12.82
N GLU H 176 5.86 98.23 11.86
CA GLU H 176 7.05 99.03 11.59
C GLU H 176 6.80 100.50 11.90
N GLU H 177 5.52 100.86 12.02
CA GLU H 177 5.04 102.21 11.72
C GLU H 177 5.23 103.12 12.92
N GLN H 178 4.87 102.65 14.14
CA GLN H 178 5.13 103.44 15.34
C GLN H 178 6.21 102.78 16.20
N ILE H 179 7.10 102.02 15.54
CA ILE H 179 8.37 101.62 16.14
C ILE H 179 9.42 102.64 15.67
N ALA H 180 9.00 103.71 14.99
CA ALA H 180 9.98 104.58 14.32
C ALA H 180 9.45 105.98 14.03
N VAL H 181 8.52 106.05 13.07
CA VAL H 181 8.17 107.33 12.46
C VAL H 181 8.24 108.43 13.52
N PRO H 182 7.55 108.33 14.68
CA PRO H 182 7.93 109.07 15.89
C PRO H 182 8.69 108.17 16.90
N ARG H 192 2.00 108.59 21.72
CA ARG H 192 0.58 108.93 22.00
C ARG H 192 -0.07 109.33 20.68
N GLY H 193 -1.38 109.04 20.54
CA GLY H 193 -2.24 109.72 19.58
C GLY H 193 -2.81 108.80 18.51
N ALA H 194 -3.07 109.39 17.34
CA ALA H 194 -3.25 108.58 16.14
C ALA H 194 -1.91 108.21 15.53
N GLU H 195 -2.02 107.41 14.48
CA GLU H 195 -1.13 107.40 13.33
C GLU H 195 -2.08 107.52 12.14
N LEU H 196 -2.14 106.54 11.23
CA LEU H 196 -3.30 106.35 10.39
C LEU H 196 -4.40 105.67 11.23
N ASN H 197 -5.21 106.51 11.88
CA ASN H 197 -6.57 106.14 12.26
C ASN H 197 -7.33 107.44 12.47
N GLY H 198 -7.80 107.71 13.70
CA GLY H 198 -8.46 108.98 13.99
C GLY H 198 -9.24 109.52 12.79
N GLU H 199 -8.56 110.25 11.91
CA GLU H 199 -9.20 111.09 10.91
C GLU H 199 -10.68 111.20 11.29
N GLY H 200 -11.52 110.28 10.79
CA GLY H 200 -12.94 110.30 11.09
C GLY H 200 -13.68 109.19 10.35
N ARG H 201 -14.02 109.50 9.10
CA ARG H 201 -14.99 108.76 8.31
C ARG H 201 -14.23 107.75 7.45
N LEU H 202 -13.83 106.65 8.09
CA LEU H 202 -12.83 105.74 7.53
C LEU H 202 -13.08 105.47 6.05
N ALA H 203 -14.35 105.29 5.67
CA ALA H 203 -14.75 104.95 4.31
C ALA H 203 -15.27 106.18 3.57
N LEU H 204 -14.52 107.29 3.61
CA LEU H 204 -14.79 108.44 2.76
C LEU H 204 -13.60 108.60 1.81
N SER H 205 -13.89 108.53 0.50
CA SER H 205 -12.92 108.85 -0.54
C SER H 205 -12.61 110.35 -0.59
N ALA H 206 -12.84 111.04 0.52
CA ALA H 206 -12.38 112.40 0.76
C ALA H 206 -11.49 112.43 2.00
N MET H 207 -11.61 111.40 2.84
CA MET H 207 -10.86 111.32 4.08
C MET H 207 -9.75 110.28 3.92
N ASP H 208 -9.20 110.22 2.71
CA ASP H 208 -8.12 109.31 2.36
C ASP H 208 -6.80 110.05 2.32
N ASN H 209 -5.76 109.52 2.99
CA ASN H 209 -4.37 109.90 2.76
C ASN H 209 -3.59 108.72 2.16
N ILE H 210 -3.87 107.53 2.69
CA ILE H 210 -3.35 106.26 2.22
C ILE H 210 -4.57 105.35 2.05
N SER H 211 -4.99 105.18 0.79
CA SER H 211 -6.18 104.43 0.47
C SER H 211 -5.86 103.00 0.06
N PHE H 212 -6.73 102.09 0.52
CA PHE H 212 -6.61 100.68 0.17
C PHE H 212 -7.89 100.23 -0.48
N THR H 213 -7.76 99.48 -1.59
CA THR H 213 -8.88 99.06 -2.41
C THR H 213 -8.40 97.92 -3.31
N THR H 214 -9.36 97.19 -3.89
CA THR H 214 -9.09 96.06 -4.76
C THR H 214 -9.66 96.32 -6.15
N ASP H 215 -8.85 95.99 -7.17
CA ASP H 215 -9.32 95.90 -8.52
C ASP H 215 -9.05 94.46 -8.98
N PRO H 216 -9.90 93.47 -8.66
CA PRO H 216 -9.69 92.08 -9.05
C PRO H 216 -9.36 91.77 -10.53
N ALA H 217 -8.72 92.73 -11.20
CA ALA H 217 -8.28 92.61 -12.58
C ALA H 217 -6.76 92.49 -12.60
N LEU H 218 -6.11 93.13 -11.62
CA LEU H 218 -4.68 92.99 -11.41
C LEU H 218 -4.39 91.53 -11.04
N ALA H 219 -3.28 90.97 -11.57
CA ALA H 219 -2.89 89.62 -11.22
C ALA H 219 -2.66 89.53 -9.71
N GLU H 220 -2.44 88.31 -9.23
CA GLU H 220 -2.47 87.98 -7.82
C GLU H 220 -1.46 88.83 -7.05
N GLU H 221 -0.16 88.55 -7.24
CA GLU H 221 0.89 89.16 -6.43
C GLU H 221 1.18 90.59 -6.89
N ALA H 222 0.25 91.20 -7.64
CA ALA H 222 0.54 92.43 -8.33
C ALA H 222 -0.17 93.58 -7.62
N TYR H 223 0.58 94.66 -7.48
CA TYR H 223 0.18 95.83 -6.72
C TYR H 223 0.55 97.06 -7.56
N VAL H 224 -0.11 98.18 -7.25
CA VAL H 224 0.16 99.48 -7.84
C VAL H 224 0.01 100.52 -6.73
N LEU H 225 0.74 101.63 -6.89
CA LEU H 225 1.10 102.44 -5.72
C LEU H 225 1.35 103.87 -6.19
N ASN H 226 0.27 104.67 -6.21
CA ASN H 226 0.38 106.07 -6.55
C ASN H 226 0.77 106.82 -5.28
N ILE H 227 1.78 107.71 -5.41
CA ILE H 227 2.24 108.54 -4.32
C ILE H 227 2.27 109.98 -4.82
N THR H 228 1.40 110.79 -4.19
CA THR H 228 1.38 112.23 -4.27
C THR H 228 1.13 112.77 -2.87
N ALA H 229 1.33 114.08 -2.65
CA ALA H 229 0.95 114.71 -1.39
C ALA H 229 -0.55 114.60 -1.16
N ASP H 230 -1.32 114.35 -2.23
CA ASP H 230 -2.76 114.21 -2.10
C ASP H 230 -3.08 112.91 -1.37
N GLY H 231 -2.38 111.84 -1.77
CA GLY H 231 -2.70 110.52 -1.29
C GLY H 231 -1.67 109.47 -1.72
N ILE H 232 -1.76 108.28 -1.09
CA ILE H 232 -0.99 107.13 -1.48
C ILE H 232 -1.92 105.96 -1.83
N SER H 233 -2.75 106.13 -2.87
CA SER H 233 -3.62 105.04 -3.26
C SER H 233 -2.73 103.85 -3.61
N VAL H 234 -3.07 102.70 -3.01
CA VAL H 234 -2.58 101.40 -3.42
C VAL H 234 -3.78 100.58 -3.88
N ALA H 235 -3.86 100.30 -5.19
CA ALA H 235 -4.78 99.30 -5.69
C ALA H 235 -4.12 97.92 -5.63
N SER H 236 -4.83 96.88 -6.05
CA SER H 236 -4.42 95.51 -5.77
C SER H 236 -5.41 94.51 -6.37
N SER H 237 -5.24 93.26 -5.97
CA SER H 237 -6.14 92.18 -6.39
C SER H 237 -5.89 90.89 -5.62
N THR H 238 -5.01 90.88 -4.61
CA THR H 238 -4.88 89.70 -3.76
C THR H 238 -3.97 90.04 -2.60
N GLU H 239 -4.37 89.68 -1.37
CA GLU H 239 -3.64 90.06 -0.18
C GLU H 239 -2.15 90.13 -0.50
N LYS H 240 -1.64 89.05 -1.08
CA LYS H 240 -0.27 88.99 -1.55
C LYS H 240 0.05 90.26 -2.31
N GLY H 241 -0.78 90.62 -3.28
CA GLY H 241 -0.63 91.91 -3.96
C GLY H 241 -0.31 93.01 -2.94
N LYS H 242 -1.20 93.13 -1.97
CA LYS H 242 -1.27 94.30 -1.11
C LYS H 242 -0.13 94.29 -0.09
N PHE H 243 0.31 93.09 0.31
CA PHE H 243 1.33 93.00 1.33
C PHE H 243 2.61 93.70 0.86
N TYR H 244 2.95 93.47 -0.42
CA TYR H 244 4.20 93.96 -0.96
C TYR H 244 4.14 95.47 -1.17
N ALA H 245 2.94 96.00 -1.42
CA ALA H 245 2.80 97.37 -1.88
C ALA H 245 3.38 98.34 -0.85
N LEU H 246 3.39 97.95 0.44
CA LEU H 246 3.99 98.77 1.48
C LEU H 246 5.39 98.28 1.83
N GLN H 247 5.93 97.35 1.03
CA GLN H 247 7.34 97.00 1.07
C GLN H 247 8.10 98.04 0.26
N SER H 248 7.90 98.08 -1.07
CA SER H 248 8.29 99.24 -1.85
C SER H 248 8.26 100.46 -0.94
N LEU H 249 7.06 100.84 -0.54
CA LEU H 249 6.82 102.05 0.23
C LEU H 249 7.84 102.14 1.36
N ALA H 250 7.91 101.10 2.19
CA ALA H 250 8.89 101.04 3.26
C ALA H 250 10.23 101.54 2.72
N GLN H 251 10.77 100.83 1.71
CA GLN H 251 12.09 101.11 1.14
C GLN H 251 12.14 102.51 0.51
N LEU H 252 10.99 103.09 0.13
CA LEU H 252 10.94 104.49 -0.24
C LEU H 252 11.17 105.36 0.99
N ALA H 253 10.52 104.99 2.10
CA ALA H 253 10.55 105.74 3.33
C ALA H 253 11.74 105.27 4.16
N GLU H 254 12.94 105.64 3.71
CA GLU H 254 14.15 105.05 4.24
C GLU H 254 13.93 103.54 4.27
N GLY H 255 14.76 102.84 5.06
CA GLY H 255 14.44 101.48 5.54
C GLY H 255 13.58 101.54 6.81
N ASN H 256 13.79 102.58 7.61
CA ASN H 256 13.03 102.92 8.79
C ASN H 256 11.66 103.41 8.36
N ALA H 257 11.53 104.74 8.30
CA ALA H 257 10.44 105.45 7.64
C ALA H 257 10.51 106.92 8.05
N GLU H 258 10.44 107.80 7.04
CA GLU H 258 10.40 109.23 7.23
C GLU H 258 9.67 109.82 6.01
N GLY H 259 10.42 110.43 5.11
CA GLY H 259 9.84 111.22 4.04
C GLY H 259 10.15 110.65 2.66
N LEU H 260 9.11 110.68 1.82
CA LEU H 260 9.08 110.06 0.50
C LEU H 260 9.04 111.20 -0.52
N PRO H 261 9.17 110.90 -1.83
CA PRO H 261 8.87 111.87 -2.90
C PRO H 261 7.41 111.71 -3.36
N LEU H 262 7.14 111.90 -4.66
CA LEU H 262 5.94 111.36 -5.29
C LEU H 262 6.39 110.35 -6.35
N VAL H 263 5.52 109.38 -6.65
CA VAL H 263 5.82 108.35 -7.64
C VAL H 263 4.59 107.50 -7.92
N ARG H 264 4.66 106.76 -9.04
CA ARG H 264 3.75 105.64 -9.29
C ARG H 264 4.58 104.36 -9.43
N ILE H 265 4.22 103.29 -8.69
CA ILE H 265 5.07 102.11 -8.62
C ILE H 265 4.26 100.86 -8.95
N ALA H 266 3.99 100.69 -10.25
CA ALA H 266 3.41 99.47 -10.75
C ALA H 266 4.48 98.38 -10.68
N ASP H 267 4.11 97.22 -10.14
CA ASP H 267 5.03 96.16 -9.80
C ASP H 267 4.24 94.86 -9.72
N LYS H 268 4.95 93.77 -9.97
CA LYS H 268 4.50 92.43 -10.30
C LYS H 268 5.79 91.61 -10.42
N PRO H 269 5.80 90.34 -9.97
CA PRO H 269 6.98 89.47 -10.06
C PRO H 269 7.07 88.62 -11.32
N ARG H 270 8.23 88.60 -11.98
CA ARG H 270 8.46 87.57 -12.98
C ARG H 270 7.98 86.24 -12.42
N PHE H 271 8.56 85.84 -11.28
CA PHE H 271 8.43 84.49 -10.78
C PHE H 271 7.64 84.46 -9.47
N GLY H 272 6.70 83.52 -9.41
CA GLY H 272 5.77 83.38 -8.30
C GLY H 272 6.16 82.23 -7.40
N TYR H 273 7.36 81.70 -7.55
CA TYR H 273 8.01 80.89 -6.54
C TYR H 273 9.44 81.42 -6.41
N ARG H 274 9.69 82.30 -5.44
CA ARG H 274 11.02 82.78 -5.10
C ARG H 274 11.43 82.16 -3.76
N GLY H 275 12.56 81.43 -3.69
CA GLY H 275 12.80 80.58 -2.52
C GLY H 275 14.16 80.72 -1.83
N PHE H 276 14.21 80.31 -0.55
CA PHE H 276 15.42 79.98 0.18
C PHE H 276 15.29 78.51 0.60
N MET H 277 16.12 78.07 1.56
CA MET H 277 15.99 76.72 2.12
C MET H 277 17.06 76.47 3.18
N LEU H 278 16.68 75.81 4.28
CA LEU H 278 17.57 75.66 5.41
C LEU H 278 17.90 74.17 5.57
N ASP H 279 19.18 73.84 5.36
CA ASP H 279 19.69 72.57 5.85
C ASP H 279 19.73 72.61 7.37
N VAL H 280 18.66 72.12 7.98
CA VAL H 280 18.49 72.00 9.43
C VAL H 280 18.83 70.57 9.87
N SER H 281 19.39 69.77 8.96
CA SER H 281 19.56 68.34 9.17
C SER H 281 21.01 68.04 9.53
N ARG H 282 21.90 68.60 8.72
CA ARG H 282 23.32 68.59 9.03
C ARG H 282 23.64 69.67 10.06
N HIS H 283 22.65 70.15 10.82
CA HIS H 283 22.80 70.90 12.07
C HIS H 283 21.54 71.71 12.34
N PHE H 284 21.35 72.20 13.57
CA PHE H 284 20.13 72.88 13.99
C PHE H 284 20.35 74.39 14.00
N PHE H 285 19.24 75.14 14.07
CA PHE H 285 19.29 76.59 14.18
C PHE H 285 17.97 77.18 14.73
N SER H 286 17.32 76.45 15.63
CA SER H 286 16.41 77.06 16.58
C SER H 286 15.11 77.48 15.91
N VAL H 287 14.16 77.95 16.73
CA VAL H 287 12.86 78.39 16.31
C VAL H 287 12.83 79.91 16.17
N ALA H 288 13.89 80.60 16.64
CA ALA H 288 13.89 82.05 16.76
C ALA H 288 14.78 82.65 15.68
N GLU H 289 15.70 81.84 15.15
CA GLU H 289 16.40 82.12 13.89
C GLU H 289 15.46 81.82 12.72
N VAL H 290 15.07 80.55 12.55
CA VAL H 290 14.13 80.17 11.50
C VAL H 290 13.19 81.35 11.26
N LYS H 291 12.59 81.84 12.35
CA LYS H 291 11.75 83.02 12.27
C LYS H 291 12.55 84.16 11.66
N LYS H 292 13.76 84.42 12.17
CA LYS H 292 14.70 85.37 11.59
C LYS H 292 15.47 84.69 10.44
N MET H 293 14.76 83.88 9.66
CA MET H 293 15.13 83.62 8.27
C MET H 293 13.88 83.71 7.40
N ILE H 294 12.68 83.70 8.00
CA ILE H 294 11.46 84.15 7.34
C ILE H 294 11.55 85.67 7.18
N ASP H 295 12.01 86.35 8.25
CA ASP H 295 12.08 87.80 8.26
C ASP H 295 12.82 88.25 7.02
N ILE H 296 14.03 87.72 6.82
CA ILE H 296 15.02 88.24 5.89
C ILE H 296 14.46 88.22 4.47
N MET H 297 13.53 87.28 4.27
CA MET H 297 12.88 87.06 3.01
C MET H 297 11.73 88.06 2.88
N ALA H 298 11.06 88.35 4.01
CA ALA H 298 9.94 89.28 4.02
C ALA H 298 10.26 90.49 3.16
N ARG H 299 11.17 91.34 3.64
CA ARG H 299 11.49 92.57 2.93
C ARG H 299 11.41 92.29 1.42
N TYR H 300 12.23 91.32 0.93
CA TYR H 300 12.53 91.22 -0.47
C TYR H 300 11.49 90.42 -1.22
N LYS H 301 10.33 90.20 -0.58
CA LYS H 301 9.17 89.65 -1.26
C LYS H 301 9.45 88.22 -1.72
N MET H 302 10.13 87.42 -0.89
CA MET H 302 10.32 86.02 -1.18
C MET H 302 9.19 85.23 -0.53
N ASN H 303 8.92 84.02 -1.05
CA ASN H 303 7.78 83.28 -0.54
C ASN H 303 8.22 81.89 -0.07
N VAL H 304 8.50 81.01 -1.02
CA VAL H 304 8.53 79.58 -0.72
C VAL H 304 9.67 79.31 0.25
N PHE H 305 9.39 79.37 1.56
CA PHE H 305 10.30 78.78 2.54
C PHE H 305 10.41 77.29 2.26
N HIS H 306 11.64 76.82 2.01
CA HIS H 306 11.90 75.39 1.90
C HIS H 306 12.67 74.96 3.15
N TRP H 307 12.37 73.76 3.65
CA TRP H 307 12.86 73.31 4.96
C TRP H 307 13.40 71.89 4.84
N HIS H 308 14.64 71.69 5.28
CA HIS H 308 15.35 70.43 5.20
C HIS H 308 15.35 69.81 6.58
N LEU H 309 14.38 68.91 6.82
CA LEU H 309 14.06 68.44 8.16
C LEU H 309 14.88 67.20 8.50
N THR H 310 15.50 66.57 7.51
CA THR H 310 16.05 65.24 7.68
C THR H 310 17.11 64.99 6.63
N ASP H 311 18.29 64.56 7.09
CA ASP H 311 19.33 63.94 6.27
C ASP H 311 19.94 62.83 7.10
N ASP H 312 20.92 62.11 6.53
CA ASP H 312 21.69 61.18 7.33
C ASP H 312 21.89 61.79 8.71
N GLN H 313 22.54 62.94 8.76
CA GLN H 313 23.13 63.43 9.99
C GLN H 313 22.07 63.64 11.08
N GLY H 314 20.86 64.07 10.67
CA GLY H 314 19.87 64.52 11.64
C GLY H 314 18.45 64.06 11.31
N TRP H 315 17.50 64.64 12.03
CA TRP H 315 16.07 64.56 11.80
C TRP H 315 15.44 65.51 12.81
N ARG H 316 14.51 66.36 12.35
CA ARG H 316 14.05 67.50 13.12
C ARG H 316 12.53 67.58 13.16
N ALA H 317 11.86 67.02 12.13
CA ALA H 317 10.41 67.02 12.13
C ALA H 317 9.92 65.99 13.13
N GLU H 318 9.25 66.37 14.21
CA GLU H 318 8.71 65.38 15.11
C GLU H 318 7.50 64.76 14.44
N ILE H 319 7.58 63.42 14.25
CA ILE H 319 6.46 62.58 13.91
C ILE H 319 6.05 61.78 15.16
N LYS H 320 4.74 61.60 15.36
CA LYS H 320 4.19 61.11 16.61
C LYS H 320 3.81 59.61 16.55
N ARG H 321 3.78 59.04 15.33
CA ARG H 321 3.45 57.64 15.16
C ARG H 321 4.72 56.80 15.28
N TYR H 322 5.78 57.41 15.79
CA TYR H 322 7.15 56.93 15.60
C TYR H 322 8.05 57.80 16.47
N PRO H 323 7.91 57.73 17.81
CA PRO H 323 8.59 58.63 18.74
C PRO H 323 10.10 58.63 18.70
N LYS H 324 10.70 57.75 17.85
CA LYS H 324 12.14 57.62 17.74
C LYS H 324 12.73 58.46 16.60
N LEU H 325 11.90 59.36 16.03
CA LEU H 325 12.34 60.17 14.92
C LEU H 325 13.04 61.43 15.41
N THR H 326 12.93 61.76 16.72
CA THR H 326 13.68 62.84 17.32
C THR H 326 14.57 62.29 18.43
N THR H 327 14.02 61.37 19.23
CA THR H 327 14.80 60.67 20.24
C THR H 327 16.15 60.26 19.62
N VAL H 328 16.17 59.20 18.81
CA VAL H 328 17.43 58.67 18.29
C VAL H 328 17.90 59.53 17.13
N GLY H 329 17.19 59.44 16.01
CA GLY H 329 17.46 60.26 14.83
C GLY H 329 18.12 61.58 15.26
N ALA H 330 17.31 62.53 15.78
CA ALA H 330 17.77 63.91 15.95
C ALA H 330 19.22 63.99 16.42
N THR H 331 19.49 63.23 17.51
CA THR H 331 20.71 63.39 18.25
C THR H 331 21.81 62.59 17.59
N ARG H 332 23.06 63.10 17.75
CA ARG H 332 24.24 62.27 17.53
C ARG H 332 25.36 62.80 18.43
N SER H 333 26.38 61.97 18.65
CA SER H 333 27.38 62.21 19.67
C SER H 333 28.56 63.00 19.13
N ASP H 334 28.30 64.19 18.52
CA ASP H 334 29.37 64.99 17.92
C ASP H 334 28.84 66.31 17.36
N ASN H 335 29.53 67.42 17.71
CA ASN H 335 29.27 68.77 17.25
C ASN H 335 28.56 68.78 15.89
N VAL H 349 32.94 68.74 15.09
CA VAL H 349 32.08 69.18 13.94
C VAL H 349 31.90 67.98 13.02
N TYR H 350 31.94 68.14 11.69
CA TYR H 350 31.90 67.04 10.77
C TYR H 350 33.30 66.57 10.39
N TRP H 351 33.43 65.28 10.02
CA TRP H 351 34.62 64.82 9.31
C TRP H 351 34.65 65.53 7.96
N THR H 352 35.69 65.18 7.19
CA THR H 352 35.80 65.45 5.78
C THR H 352 37.22 65.09 5.35
N GLY H 353 37.49 63.79 5.33
CA GLY H 353 38.73 63.24 4.81
C GLY H 353 39.63 62.80 5.96
N ASN H 354 40.16 63.80 6.69
CA ASN H 354 40.79 63.57 7.98
C ASN H 354 40.03 64.32 9.07
N GLY H 355 39.82 65.63 8.90
CA GLY H 355 39.05 66.42 9.84
C GLY H 355 38.14 65.55 10.70
N ALA H 356 38.14 65.79 12.03
CA ALA H 356 37.56 64.85 12.98
C ALA H 356 36.18 65.32 13.42
N LYS H 357 35.54 64.53 14.29
CA LYS H 357 34.43 64.99 15.14
C LYS H 357 34.97 64.99 16.57
N THR H 358 34.30 65.76 17.46
CA THR H 358 34.84 66.05 18.78
C THR H 358 33.92 65.50 19.87
N GLY H 359 33.75 64.18 19.91
CA GLY H 359 33.06 63.47 20.99
C GLY H 359 32.43 64.40 22.04
N LYS H 360 31.57 65.29 21.54
CA LYS H 360 30.77 66.21 22.34
C LYS H 360 29.35 66.17 21.77
N PRO H 361 28.32 65.74 22.54
CA PRO H 361 26.99 65.50 21.98
C PRO H 361 26.43 66.76 21.32
N TYR H 362 25.41 66.56 20.47
CA TYR H 362 24.81 67.62 19.70
C TYR H 362 23.59 67.09 18.98
N GLY H 363 22.66 67.99 18.65
CA GLY H 363 21.30 67.61 18.30
C GLY H 363 20.28 68.65 18.78
N PRO H 364 20.46 69.25 19.97
CA PRO H 364 19.77 70.48 20.35
C PRO H 364 19.11 71.15 19.14
N TYR H 365 17.76 71.12 19.07
CA TYR H 365 16.88 70.53 20.06
C TYR H 365 15.52 70.23 19.44
N PHE H 366 15.52 69.95 18.12
CA PHE H 366 14.43 69.41 17.31
C PHE H 366 13.08 70.08 17.57
N TYR H 367 12.17 69.91 16.60
CA TYR H 367 10.99 70.73 16.44
C TYR H 367 9.75 69.91 16.78
N THR H 368 9.30 70.01 18.05
CA THR H 368 8.02 69.43 18.46
C THR H 368 6.91 70.07 17.64
N GLN H 369 5.89 69.31 17.23
CA GLN H 369 4.96 69.75 16.20
C GLN H 369 4.63 71.24 16.38
N ASP H 370 4.15 71.66 17.55
CA ASP H 370 3.73 73.06 17.69
C ASP H 370 4.80 73.99 17.13
N GLU H 371 6.07 73.72 17.45
CA GLU H 371 7.17 74.56 16.99
C GLU H 371 7.12 74.70 15.47
N MET H 372 6.69 73.60 14.83
CA MET H 372 6.62 73.51 13.39
C MET H 372 5.46 74.33 12.85
N ARG H 373 4.34 74.36 13.59
CA ARG H 373 3.17 75.15 13.24
C ARG H 373 3.37 76.58 13.72
N GLU H 374 4.35 76.81 14.61
CA GLU H 374 4.68 78.14 15.08
C GLU H 374 5.21 78.94 13.88
N VAL H 375 6.31 78.46 13.29
CA VAL H 375 6.87 79.04 12.08
C VAL H 375 5.77 79.11 11.02
N VAL H 376 5.42 77.97 10.46
CA VAL H 376 4.38 77.81 9.44
C VAL H 376 3.21 78.75 9.71
N ALA H 377 3.14 79.41 10.87
CA ALA H 377 2.15 80.45 11.11
C ALA H 377 2.68 81.77 10.57
N TYR H 378 3.83 82.17 11.16
CA TYR H 378 4.48 83.42 10.87
C TYR H 378 4.24 83.70 9.41
N ALA H 379 4.83 82.87 8.57
CA ALA H 379 4.91 83.09 7.14
C ALA H 379 3.62 83.73 6.61
N LYS H 380 2.46 83.23 7.02
CA LYS H 380 1.21 83.73 6.46
C LYS H 380 0.87 85.13 7.00
N GLU H 381 1.73 85.73 7.82
CA GLU H 381 1.65 87.15 8.12
C GLU H 381 2.56 87.89 7.13
N ARG H 382 3.61 87.17 6.71
CA ARG H 382 4.64 87.65 5.80
C ARG H 382 4.56 86.87 4.49
N HIS H 383 3.37 86.32 4.21
CA HIS H 383 3.07 85.63 2.96
C HIS H 383 4.28 84.85 2.43
N ILE H 384 4.81 83.95 3.26
CA ILE H 384 5.95 83.10 2.91
C ILE H 384 5.51 81.63 2.93
N GLU H 385 5.05 81.17 1.76
CA GLU H 385 4.48 79.85 1.60
C GLU H 385 5.57 78.83 1.89
N VAL H 386 5.20 77.65 2.43
CA VAL H 386 6.17 76.82 3.14
C VAL H 386 6.13 75.39 2.61
N LEU H 387 7.12 75.04 1.75
CA LEU H 387 7.30 73.65 1.38
C LEU H 387 7.95 72.92 2.55
N PRO H 388 7.45 71.72 2.93
CA PRO H 388 8.21 70.80 3.79
C PRO H 388 8.84 69.61 3.06
N GLU H 389 10.08 69.27 3.45
CA GLU H 389 10.81 68.23 2.76
C GLU H 389 11.05 67.01 3.66
N VAL H 390 10.38 65.89 3.33
CA VAL H 390 10.62 64.61 3.97
C VAL H 390 11.53 63.79 3.06
N ASP H 391 12.80 64.20 2.94
CA ASP H 391 13.59 63.69 1.84
C ASP H 391 13.63 62.17 1.93
N MET H 392 12.91 61.53 0.98
CA MET H 392 12.69 60.09 0.92
C MET H 392 12.88 59.66 -0.54
N PRO H 393 13.34 58.42 -0.84
CA PRO H 393 13.74 57.42 0.14
C PRO H 393 15.20 57.44 0.57
N GLY H 394 16.00 58.31 -0.07
CA GLY H 394 17.44 58.29 0.14
C GLY H 394 17.80 58.86 1.51
N HIS H 395 19.07 59.23 1.65
CA HIS H 395 19.48 60.14 2.71
C HIS H 395 18.75 59.77 3.98
N PHE H 396 18.98 58.57 4.50
CA PHE H 396 18.25 58.14 5.69
C PHE H 396 18.99 57.06 6.44
N VAL H 397 20.03 57.52 7.15
CA VAL H 397 20.68 56.72 8.16
C VAL H 397 20.09 57.11 9.52
N ALA H 398 20.02 58.41 9.80
CA ALA H 398 19.45 58.90 11.05
C ALA H 398 18.11 58.23 11.31
N ALA H 399 17.29 58.18 10.26
CA ALA H 399 15.90 57.82 10.28
C ALA H 399 15.70 56.39 9.80
N MET H 400 16.68 55.54 10.16
CA MET H 400 16.75 54.14 9.81
C MET H 400 17.63 53.45 10.85
N ALA H 401 18.75 54.05 11.24
CA ALA H 401 19.53 53.55 12.37
C ALA H 401 18.67 53.50 13.64
N ALA H 402 17.54 54.23 13.64
CA ALA H 402 16.60 54.28 14.76
C ALA H 402 15.39 53.37 14.53
N TYR H 403 15.19 52.94 13.27
CA TYR H 403 14.17 51.94 12.96
C TYR H 403 14.60 51.14 11.72
N PRO H 404 15.75 50.40 11.80
CA PRO H 404 16.38 49.84 10.60
C PRO H 404 15.73 48.58 10.07
N GLU H 405 14.88 47.95 10.88
CA GLU H 405 14.30 46.66 10.55
C GLU H 405 13.80 46.65 9.11
N TYR H 406 13.44 47.83 8.59
CA TYR H 406 12.95 47.99 7.22
C TYR H 406 14.02 48.62 6.33
N SER H 407 15.28 48.19 6.49
CA SER H 407 16.44 48.81 5.85
C SER H 407 17.00 47.93 4.75
N CYS H 408 18.11 48.37 4.13
CA CYS H 408 18.68 47.63 3.02
C CYS H 408 19.11 46.23 3.46
N ASN H 409 19.78 46.22 4.62
CA ASN H 409 20.19 45.04 5.35
C ASN H 409 20.11 45.37 6.83
N PRO H 410 19.05 44.94 7.55
CA PRO H 410 18.85 45.28 8.95
C PRO H 410 19.47 44.37 10.01
N SER H 411 20.30 43.35 9.66
CA SER H 411 21.28 42.84 10.61
C SER H 411 22.70 43.23 10.18
N ARG H 412 22.82 44.43 9.63
CA ARG H 412 24.05 45.21 9.64
C ARG H 412 23.80 46.49 10.44
N ALA H 413 24.88 47.02 11.00
CA ALA H 413 24.85 48.17 11.90
C ALA H 413 24.70 49.47 11.12
N PRO H 414 23.50 50.10 11.06
CA PRO H 414 23.38 51.51 10.71
C PRO H 414 23.66 52.33 11.96
N GLN H 415 24.10 53.59 11.79
CA GLN H 415 24.28 54.49 12.92
C GLN H 415 24.08 55.93 12.47
N VAL H 416 23.40 56.71 13.33
CA VAL H 416 23.20 58.14 13.17
C VAL H 416 24.45 58.77 12.55
N TRP H 417 24.54 58.72 11.23
CA TRP H 417 25.75 59.13 10.55
C TRP H 417 26.20 60.47 11.11
N THR H 418 27.53 60.68 11.13
CA THR H 418 28.14 61.77 11.84
C THR H 418 28.83 62.72 10.87
N GLY H 419 29.40 62.15 9.80
CA GLY H 419 30.25 62.89 8.88
C GLY H 419 29.44 63.56 7.78
N GLY H 420 30.14 63.83 6.66
CA GLY H 420 29.52 64.12 5.38
C GLY H 420 29.80 62.99 4.39
N GLY H 421 29.34 63.21 3.16
CA GLY H 421 29.36 62.25 2.07
C GLY H 421 27.93 61.86 1.63
N ILE H 422 27.85 61.07 0.56
CA ILE H 422 26.65 60.34 0.19
C ILE H 422 26.56 59.10 1.06
N SER H 423 25.32 58.71 1.43
CA SER H 423 25.07 57.47 2.17
C SER H 423 24.46 56.42 1.24
N SER H 424 24.91 55.17 1.43
CA SER H 424 24.43 54.05 0.63
C SER H 424 23.49 53.15 1.43
N ASP H 425 23.28 53.48 2.71
CA ASP H 425 22.46 52.67 3.60
C ASP H 425 21.05 53.26 3.55
N VAL H 426 20.44 53.16 2.36
CA VAL H 426 19.22 53.89 2.02
C VAL H 426 18.00 53.12 2.50
N LEU H 427 16.80 53.62 2.16
CA LEU H 427 15.54 53.08 2.63
C LEU H 427 15.00 52.02 1.67
N ASN H 428 15.42 50.78 1.93
CA ASN H 428 14.76 49.61 1.35
C ASN H 428 13.34 49.98 0.98
N VAL H 429 13.10 50.19 -0.33
CA VAL H 429 11.77 50.56 -0.82
C VAL H 429 10.88 49.33 -0.96
N ALA H 430 11.52 48.14 -0.94
CA ALA H 430 10.84 46.85 -1.00
C ALA H 430 10.84 46.24 0.40
N ASN H 431 10.21 46.94 1.35
CA ASN H 431 9.70 46.34 2.57
C ASN H 431 8.40 47.03 2.92
N PRO H 432 7.26 46.62 2.33
CA PRO H 432 5.99 47.35 2.44
C PRO H 432 5.45 47.71 3.84
N GLN H 433 6.35 47.99 4.80
CA GLN H 433 6.01 48.77 5.97
C GLN H 433 6.92 49.98 6.08
N ALA H 434 8.17 49.85 5.64
CA ALA H 434 9.04 51.01 5.35
C ALA H 434 8.24 52.06 4.61
N VAL H 435 7.44 51.61 3.65
CA VAL H 435 6.45 52.45 3.00
C VAL H 435 5.53 53.07 4.07
N GLU H 436 4.53 52.32 4.52
CA GLU H 436 3.57 52.82 5.51
C GLU H 436 4.25 53.92 6.31
N PHE H 437 5.41 53.59 6.87
CA PHE H 437 6.22 54.56 7.58
C PHE H 437 6.09 55.89 6.85
N ALA H 438 6.64 55.96 5.63
CA ALA H 438 6.54 57.17 4.83
C ALA H 438 5.09 57.61 4.84
N LYS H 439 4.21 56.80 4.23
CA LYS H 439 2.84 57.21 3.98
C LYS H 439 2.19 57.76 5.25
N ASN H 440 2.60 57.27 6.42
CA ASN H 440 2.03 57.74 7.68
C ASN H 440 2.59 59.13 8.01
N ILE H 441 3.81 59.41 7.52
CA ILE H 441 4.42 60.69 7.77
C ILE H 441 3.62 61.73 6.99
N LEU H 442 3.37 61.45 5.70
CA LEU H 442 2.66 62.34 4.80
C LEU H 442 1.26 62.67 5.33
N ASP H 443 0.89 62.09 6.48
CA ASP H 443 -0.28 62.52 7.23
C ASP H 443 0.15 63.67 8.17
N GLU H 444 1.29 63.48 8.83
CA GLU H 444 1.72 64.38 9.89
C GLU H 444 1.93 65.75 9.28
N LEU H 445 2.75 65.81 8.23
CA LEU H 445 2.83 67.02 7.41
C LEU H 445 1.45 67.62 7.29
N CYS H 446 0.53 67.00 6.52
CA CYS H 446 -0.73 67.61 6.18
C CYS H 446 -1.11 68.59 7.28
N ASP H 447 -1.17 68.05 8.50
CA ASP H 447 -1.66 68.76 9.68
C ASP H 447 -0.89 70.08 9.86
N ILE H 448 0.44 69.99 9.90
CA ILE H 448 1.28 71.15 10.18
C ILE H 448 1.31 72.08 8.97
N PHE H 449 1.38 71.47 7.78
CA PHE H 449 1.64 72.16 6.52
C PHE H 449 0.39 72.08 5.65
N PRO H 450 -0.31 73.23 5.45
CA PRO H 450 -1.46 73.29 4.55
C PRO H 450 -1.17 73.40 3.06
N TYR H 451 0.12 73.34 2.65
CA TYR H 451 0.50 73.83 1.34
C TYR H 451 0.49 72.73 0.30
N PRO H 452 -0.04 72.99 -0.93
CA PRO H 452 -0.34 71.92 -1.88
C PRO H 452 0.83 71.30 -2.62
N TYR H 453 2.05 71.42 -2.08
CA TYR H 453 3.23 70.77 -2.64
C TYR H 453 4.11 70.27 -1.50
N ILE H 454 4.65 69.05 -1.65
CA ILE H 454 5.46 68.39 -0.62
C ILE H 454 6.79 67.98 -1.23
N HIS H 455 7.94 68.36 -0.65
CA HIS H 455 9.20 68.14 -1.33
C HIS H 455 9.84 66.82 -0.86
N VAL H 456 9.91 65.86 -1.79
CA VAL H 456 10.12 64.45 -1.47
C VAL H 456 11.39 63.94 -2.15
N GLY H 457 12.31 64.83 -2.55
CA GLY H 457 13.70 64.46 -2.72
C GLY H 457 13.99 63.65 -3.98
N GLY H 458 14.19 62.35 -3.81
CA GLY H 458 14.70 61.50 -4.89
C GLY H 458 16.08 61.92 -5.44
N ASP H 459 16.89 62.56 -4.58
CA ASP H 459 18.25 62.95 -4.89
C ASP H 459 19.27 61.91 -4.45
N GLU H 460 20.44 61.86 -5.13
CA GLU H 460 21.61 61.20 -4.59
C GLU H 460 21.17 60.07 -3.66
N CYS H 461 20.66 59.00 -4.28
CA CYS H 461 20.23 57.79 -3.59
C CYS H 461 20.91 56.63 -4.32
N PRO H 462 22.13 56.21 -3.90
CA PRO H 462 22.82 55.08 -4.50
C PRO H 462 22.09 53.74 -4.43
N THR H 463 22.37 52.89 -5.42
CA THR H 463 21.81 51.56 -5.53
C THR H 463 22.76 50.51 -4.97
N THR H 464 23.93 50.94 -4.45
CA THR H 464 24.99 50.00 -4.09
C THR H 464 24.68 49.11 -2.91
N GLN H 465 23.39 48.94 -2.58
CA GLN H 465 22.92 48.00 -1.57
C GLN H 465 21.57 47.44 -2.02
N TRP H 466 20.92 48.09 -2.97
CA TRP H 466 19.77 47.53 -3.67
C TRP H 466 20.23 46.27 -4.40
N GLU H 467 21.16 46.41 -5.35
CA GLU H 467 21.86 45.29 -5.95
C GLU H 467 21.83 44.07 -5.01
N HIS H 468 22.29 44.25 -3.77
CA HIS H 468 22.42 43.20 -2.77
C HIS H 468 21.24 43.13 -1.80
N ASN H 469 20.13 43.84 -2.05
CA ASN H 469 18.98 43.83 -1.15
C ASN H 469 17.84 43.10 -1.89
N ASP H 470 17.36 42.04 -1.22
CA ASP H 470 16.77 40.90 -1.90
C ASP H 470 15.33 41.14 -2.31
N LEU H 471 14.67 42.15 -1.74
CA LEU H 471 13.28 42.39 -2.07
C LEU H 471 13.19 43.37 -3.24
N CYS H 472 14.20 44.23 -3.32
CA CYS H 472 14.48 45.02 -4.51
C CYS H 472 14.89 44.13 -5.69
N GLN H 473 15.52 42.99 -5.38
CA GLN H 473 15.82 41.94 -6.36
C GLN H 473 14.53 41.23 -6.78
N GLN H 474 13.50 41.29 -5.94
CA GLN H 474 12.29 40.52 -6.13
C GLN H 474 11.27 41.35 -6.90
N LYS H 475 11.18 42.65 -6.59
CA LYS H 475 10.29 43.53 -7.34
C LYS H 475 10.65 43.48 -8.82
N TYR H 476 11.93 43.62 -9.14
CA TYR H 476 12.34 43.82 -10.54
C TYR H 476 12.29 42.49 -11.29
N LYS H 477 11.40 41.59 -10.90
CA LYS H 477 10.82 40.60 -11.80
C LYS H 477 9.43 41.11 -12.23
N GLU H 478 8.71 41.63 -11.23
CA GLU H 478 7.43 42.29 -11.44
C GLU H 478 7.57 43.31 -12.56
N LEU H 479 8.21 44.44 -12.22
CA LEU H 479 8.27 45.57 -13.13
C LEU H 479 8.64 45.05 -14.51
N GLY H 480 9.74 44.28 -14.51
CA GLY H 480 10.21 43.55 -15.68
C GLY H 480 11.44 44.19 -16.36
N LEU H 481 12.30 44.85 -15.57
CA LEU H 481 13.20 45.90 -16.07
C LEU H 481 14.53 45.82 -15.34
N THR H 482 15.59 46.31 -16.01
CA THR H 482 16.97 45.91 -15.68
C THR H 482 17.77 47.04 -15.05
N SER H 483 17.12 48.04 -14.47
CA SER H 483 17.84 49.13 -13.82
C SER H 483 17.09 49.54 -12.56
N TYR H 484 17.80 49.56 -11.44
CA TYR H 484 17.24 49.43 -10.11
C TYR H 484 16.92 50.80 -9.55
N ARG H 485 17.24 51.86 -10.31
CA ARG H 485 16.73 53.18 -10.01
C ARG H 485 15.21 53.13 -10.02
N GLN H 486 14.64 52.25 -10.88
CA GLN H 486 13.29 52.42 -11.36
C GLN H 486 12.23 52.15 -10.29
N LEU H 487 12.59 51.63 -9.11
CA LEU H 487 11.65 51.60 -8.01
C LEU H 487 11.63 52.99 -7.41
N GLN H 488 12.84 53.57 -7.21
CA GLN H 488 12.91 54.87 -6.58
C GLN H 488 11.80 55.74 -7.17
N ALA H 489 11.58 55.61 -8.48
CA ALA H 489 10.46 56.30 -9.11
C ALA H 489 9.18 55.59 -8.68
N HIS H 490 9.11 54.29 -8.94
CA HIS H 490 7.87 53.53 -8.73
C HIS H 490 7.53 53.40 -7.26
N PHE H 491 8.44 53.85 -6.38
CA PHE H 491 8.16 53.97 -4.95
C PHE H 491 7.54 55.33 -4.64
N ILE H 492 7.71 56.28 -5.57
CA ILE H 492 7.17 57.63 -5.46
C ILE H 492 5.81 57.66 -6.15
N LYS H 493 5.73 57.10 -7.36
CA LYS H 493 4.44 56.79 -7.97
C LYS H 493 3.48 56.46 -6.82
N ASP H 494 3.58 55.26 -6.29
CA ASP H 494 2.72 54.79 -5.21
C ASP H 494 2.14 56.01 -4.49
N LEU H 495 3.00 56.92 -4.01
CA LEU H 495 2.65 57.95 -3.04
C LEU H 495 1.53 58.84 -3.61
N ALA H 496 1.48 58.99 -4.92
CA ALA H 496 0.47 59.80 -5.59
C ALA H 496 -0.91 59.16 -5.43
N ASP H 497 -0.95 57.82 -5.44
CA ASP H 497 -2.18 57.08 -5.67
C ASP H 497 -2.82 56.68 -4.35
N PHE H 498 -2.17 57.03 -3.24
CA PHE H 498 -2.83 57.10 -1.94
C PHE H 498 -2.95 58.58 -1.53
N VAL H 499 -2.25 59.45 -2.28
CA VAL H 499 -2.57 60.87 -2.35
C VAL H 499 -3.46 61.12 -3.57
N ALA H 500 -4.22 60.08 -3.95
CA ALA H 500 -5.31 60.23 -4.91
C ALA H 500 -6.65 59.98 -4.24
N THR H 501 -6.84 60.59 -3.07
CA THR H 501 -8.15 61.07 -2.61
C THR H 501 -7.95 62.50 -2.09
N LYS H 502 -7.00 62.62 -1.15
CA LYS H 502 -5.88 63.54 -1.22
C LYS H 502 -6.26 65.02 -1.25
N ASN H 503 -5.23 65.87 -1.44
CA ASN H 503 -5.30 67.27 -1.76
C ASN H 503 -3.90 67.89 -1.61
N LYS H 504 -2.95 67.43 -2.44
CA LYS H 504 -1.55 67.85 -2.41
C LYS H 504 -0.75 67.14 -3.52
N HIS H 505 0.42 67.69 -3.83
CA HIS H 505 1.25 67.33 -4.97
C HIS H 505 2.64 66.94 -4.47
N LEU H 506 3.54 66.60 -5.42
CA LEU H 506 4.90 66.21 -5.10
C LEU H 506 5.91 67.03 -5.92
N VAL H 507 7.11 67.21 -5.35
CA VAL H 507 8.20 67.98 -5.93
C VAL H 507 9.48 67.15 -5.77
N CYS H 508 10.57 67.49 -6.47
CA CYS H 508 11.76 66.64 -6.40
C CYS H 508 13.05 67.35 -6.79
N TRP H 509 14.17 66.78 -6.36
CA TRP H 509 15.47 67.01 -6.97
C TRP H 509 15.50 66.25 -8.30
N ASN H 510 16.56 66.46 -9.09
CA ASN H 510 16.46 66.23 -10.53
C ASN H 510 17.23 64.98 -10.98
N GLU H 511 17.77 64.23 -10.03
CA GLU H 511 18.26 62.90 -10.29
C GLU H 511 17.07 61.96 -10.48
N ALA H 512 15.88 62.37 -10.01
CA ALA H 512 14.59 61.79 -10.33
C ALA H 512 14.24 61.94 -11.81
N ILE H 513 15.24 62.04 -12.67
CA ILE H 513 15.09 62.14 -14.11
C ILE H 513 16.37 61.57 -14.73
N THR H 514 16.74 60.35 -14.30
CA THR H 514 17.74 59.58 -15.04
C THR H 514 17.26 58.15 -15.25
N ALA H 515 15.94 57.93 -15.28
CA ALA H 515 15.39 56.65 -14.83
C ALA H 515 14.14 56.33 -15.63
N GLY H 516 13.16 55.68 -14.99
CA GLY H 516 11.79 55.71 -15.46
C GLY H 516 11.09 56.94 -14.89
N GLY H 517 11.17 58.05 -15.63
CA GLY H 517 10.46 59.26 -15.26
C GLY H 517 8.96 59.13 -15.50
N ALA H 518 8.62 58.63 -16.69
CA ALA H 518 7.23 58.53 -17.12
C ALA H 518 6.54 57.37 -16.39
N ASP H 519 7.03 57.03 -15.19
CA ASP H 519 6.33 56.07 -14.34
C ASP H 519 6.10 56.67 -12.94
N LEU H 520 6.21 57.99 -12.88
CA LEU H 520 6.10 58.78 -11.67
C LEU H 520 4.64 58.91 -11.26
N GLN H 525 4.29 60.22 -13.98
CA GLN H 525 3.99 60.85 -15.29
C GLN H 525 5.00 61.97 -15.49
N THR H 526 4.53 63.17 -15.18
CA THR H 526 5.21 64.44 -15.27
C THR H 526 4.38 65.44 -14.46
N GLN H 527 3.79 64.93 -13.37
CA GLN H 527 2.96 65.73 -12.48
C GLN H 527 3.69 65.84 -11.15
N SER H 528 4.83 66.55 -11.19
CA SER H 528 5.86 66.51 -10.17
C SER H 528 6.96 67.45 -10.59
N THR H 529 6.77 68.71 -10.17
CA THR H 529 7.76 69.77 -10.25
C THR H 529 9.13 69.22 -9.92
N ILE H 530 10.10 69.64 -10.74
CA ILE H 530 11.53 69.39 -10.53
C ILE H 530 12.15 70.61 -9.87
N MET H 531 13.33 70.40 -9.26
CA MET H 531 14.10 71.48 -8.65
C MET H 531 15.58 71.23 -8.94
N SER H 532 15.97 71.61 -10.17
CA SER H 532 17.16 71.12 -10.84
C SER H 532 18.34 71.99 -10.49
N TRP H 533 19.07 71.63 -9.41
CA TRP H 533 20.38 72.16 -9.09
C TRP H 533 21.41 71.77 -10.13
N ASN H 534 22.05 70.59 -9.99
CA ASN H 534 22.80 69.89 -11.00
C ASN H 534 22.21 70.28 -12.34
N PRO H 535 22.90 70.03 -13.49
CA PRO H 535 22.44 70.63 -14.73
C PRO H 535 21.14 71.38 -14.48
N CYS H 536 21.22 72.65 -14.07
CA CYS H 536 20.06 73.53 -14.16
C CYS H 536 19.58 73.55 -15.61
N GLN H 537 20.09 74.47 -16.43
CA GLN H 537 19.69 74.56 -17.82
C GLN H 537 19.41 73.17 -18.38
N GLU H 538 20.39 72.28 -18.34
CA GLU H 538 20.29 70.93 -18.89
C GLU H 538 19.21 70.11 -18.16
N GLY H 539 18.82 70.56 -16.97
CA GLY H 539 17.82 69.89 -16.15
C GLY H 539 16.48 70.62 -16.22
N VAL H 540 16.50 71.93 -15.95
CA VAL H 540 15.31 72.75 -16.20
C VAL H 540 14.74 72.33 -17.54
N ALA H 541 15.54 72.51 -18.60
CA ALA H 541 15.07 72.34 -19.96
C ALA H 541 14.83 70.88 -20.30
N LYS H 542 15.58 69.92 -19.75
CA LYS H 542 15.25 68.51 -19.98
C LYS H 542 14.39 67.95 -18.85
N ALA H 543 14.35 68.68 -17.73
CA ALA H 543 13.77 68.19 -16.49
C ALA H 543 12.72 69.17 -15.96
N VAL H 544 11.55 69.22 -16.62
CA VAL H 544 11.36 68.77 -18.00
C VAL H 544 10.38 69.77 -18.59
N LYS H 545 10.84 70.60 -19.56
CA LYS H 545 9.90 71.31 -20.41
C LYS H 545 9.50 70.45 -21.59
N LYS H 546 10.31 69.46 -21.93
CA LYS H 546 10.14 68.63 -23.10
C LYS H 546 9.24 67.43 -22.80
N LEU H 547 8.83 67.26 -21.54
CA LEU H 547 7.85 66.23 -21.19
C LEU H 547 6.59 66.91 -20.68
N GLY H 548 6.73 68.18 -20.25
CA GLY H 548 5.62 68.99 -19.79
C GLY H 548 5.80 69.50 -18.36
N LEU H 549 6.86 69.01 -17.66
CA LEU H 549 6.99 69.14 -16.24
C LEU H 549 7.32 70.60 -15.89
N PRO H 550 6.57 71.23 -14.94
CA PRO H 550 7.03 72.47 -14.34
C PRO H 550 8.51 72.35 -13.97
N ALA H 551 9.09 73.43 -13.43
CA ALA H 551 10.40 73.35 -12.83
C ALA H 551 10.68 74.62 -12.03
N ILE H 552 11.52 74.47 -11.00
CA ILE H 552 12.09 75.53 -10.20
C ILE H 552 13.62 75.43 -10.29
N VAL H 553 14.30 76.57 -10.45
CA VAL H 553 15.66 76.62 -10.95
C VAL H 553 16.61 77.07 -9.83
N LYS H 558 19.08 77.53 -8.10
CA LYS H 558 19.96 76.55 -7.40
C LYS H 558 21.12 76.08 -8.28
N GLY H 559 21.52 76.85 -9.29
CA GLY H 559 22.50 76.32 -10.22
C GLY H 559 23.87 76.23 -9.55
N ASP H 560 24.19 75.05 -8.99
CA ASP H 560 25.37 74.89 -8.15
C ASP H 560 26.31 76.07 -8.35
N GLY H 561 26.67 76.34 -9.61
CA GLY H 561 27.42 77.53 -10.02
C GLY H 561 26.46 78.70 -10.32
N GLY H 562 25.78 79.13 -9.26
CA GLY H 562 25.06 80.40 -9.23
C GLY H 562 24.36 80.60 -7.90
N TYR H 563 23.26 79.86 -7.66
CA TYR H 563 22.34 80.12 -6.56
C TYR H 563 22.65 79.33 -5.28
N TYR H 564 23.70 78.52 -5.23
CA TYR H 564 24.04 77.90 -3.96
C TYR H 564 24.73 78.91 -3.05
N ILE H 565 23.94 79.75 -2.38
CA ILE H 565 24.49 80.79 -1.54
C ILE H 565 24.85 80.18 -0.19
N CYS H 566 25.77 79.22 -0.21
CA CYS H 566 26.41 78.71 0.98
C CYS H 566 27.80 78.22 0.60
N ARG H 567 28.49 79.05 -0.21
CA ARG H 567 29.83 78.77 -0.69
C ARG H 567 30.65 80.07 -0.62
N LYS H 568 31.95 79.96 -0.30
CA LYS H 568 32.80 81.11 -0.01
C LYS H 568 32.59 82.17 -1.09
N GLN H 569 32.38 83.43 -0.69
CA GLN H 569 31.92 84.47 -1.58
C GLN H 569 33.03 85.46 -1.92
N SER H 570 34.30 85.05 -1.76
CA SER H 570 35.45 85.84 -2.19
C SER H 570 36.71 85.38 -1.44
N ASN H 571 37.81 85.17 -2.17
CA ASN H 571 38.94 84.37 -1.72
C ASN H 571 39.88 85.15 -0.79
N ASP H 572 39.31 85.98 0.07
CA ASP H 572 40.05 86.39 1.26
C ASP H 572 40.25 85.12 2.07
N TYR H 573 41.36 85.02 2.81
CA TYR H 573 41.53 83.91 3.73
C TYR H 573 40.63 84.19 4.93
N GLY H 574 40.71 85.43 5.41
CA GLY H 574 39.91 85.88 6.55
C GLY H 574 38.46 85.38 6.48
N GLU H 575 37.89 85.32 5.27
CA GLU H 575 36.57 84.75 5.04
C GLU H 575 36.48 83.36 5.64
N PRO H 576 35.47 83.08 6.51
CA PRO H 576 35.27 81.78 7.14
C PRO H 576 35.64 80.54 6.33
N SER H 577 35.61 79.38 6.97
CA SER H 577 35.60 78.10 6.29
C SER H 577 34.34 78.01 5.44
N GLY H 578 34.17 76.88 4.73
CA GLY H 578 33.00 76.69 3.88
C GLY H 578 33.34 76.04 2.54
N ALA H 579 32.40 76.08 1.60
CA ALA H 579 32.54 75.38 0.34
C ALA H 579 33.20 76.28 -0.69
N GLY H 580 33.70 75.66 -1.78
CA GLY H 580 34.06 76.34 -3.01
C GLY H 580 34.99 77.53 -2.78
N TYR H 581 36.00 77.67 -3.64
CA TYR H 581 37.09 78.59 -3.36
C TYR H 581 36.48 79.97 -3.10
N GLY H 582 35.98 80.58 -4.18
CA GLY H 582 35.35 81.90 -4.08
C GLY H 582 34.83 82.34 -5.45
N ASN H 583 33.73 81.71 -5.86
CA ASN H 583 33.06 82.05 -7.10
C ASN H 583 31.84 82.92 -6.76
N ASP H 584 31.02 82.38 -5.86
CA ASP H 584 29.69 82.94 -5.60
C ASP H 584 29.80 84.23 -4.79
N GLY H 585 30.41 85.24 -5.39
CA GLY H 585 30.31 86.58 -4.80
C GLY H 585 28.84 86.97 -4.70
N VAL H 586 28.59 88.25 -4.96
CA VAL H 586 27.26 88.71 -5.32
C VAL H 586 27.18 88.78 -6.84
N GLU H 587 28.34 88.78 -7.48
CA GLU H 587 28.52 88.98 -8.90
C GLU H 587 27.89 87.79 -9.61
N GLY H 588 28.73 86.79 -9.97
CA GLY H 588 28.28 85.58 -10.64
C GLY H 588 27.25 84.79 -9.82
N CYS H 589 26.37 85.50 -9.16
CA CYS H 589 25.13 84.97 -8.62
C CYS H 589 24.10 86.09 -8.43
N TYR H 590 24.32 87.26 -9.02
CA TYR H 590 23.24 88.17 -9.37
C TYR H 590 23.12 88.21 -10.89
N ASN H 591 24.28 88.20 -11.57
CA ASN H 591 24.32 88.11 -13.01
C ASN H 591 23.94 86.72 -13.51
N TYR H 592 23.46 85.83 -12.64
CA TYR H 592 23.09 84.50 -13.04
C TYR H 592 21.90 84.60 -13.99
N VAL H 593 21.97 83.90 -15.14
CA VAL H 593 20.97 84.03 -16.18
C VAL H 593 20.15 82.76 -16.34
N PRO H 594 18.98 82.64 -15.69
CA PRO H 594 18.08 81.50 -15.90
C PRO H 594 17.29 81.47 -17.22
N VAL H 595 17.48 82.48 -18.10
CA VAL H 595 16.49 82.78 -19.15
C VAL H 595 17.08 82.41 -20.52
N GLN H 596 18.19 83.05 -20.89
CA GLN H 596 18.72 82.95 -22.25
C GLN H 596 18.94 81.48 -22.60
N GLY H 597 18.87 81.18 -23.92
CA GLY H 597 19.05 79.82 -24.42
C GLY H 597 17.76 79.01 -24.42
N MET H 598 16.86 79.38 -23.52
CA MET H 598 15.58 78.73 -23.31
C MET H 598 14.52 79.43 -24.15
N TYR H 599 13.99 78.70 -25.15
CA TYR H 599 12.98 79.24 -26.03
C TYR H 599 11.78 79.71 -25.23
N THR H 600 10.79 80.24 -25.96
CA THR H 600 9.46 80.51 -25.44
C THR H 600 8.50 79.36 -25.79
N GLN H 601 8.94 78.50 -26.71
CA GLN H 601 8.07 77.54 -27.38
C GLN H 601 7.52 76.57 -26.35
N GLU H 602 6.35 76.92 -25.82
CA GLU H 602 5.79 76.31 -24.61
C GLU H 602 6.62 76.83 -23.43
N GLN H 603 7.43 75.97 -22.82
CA GLN H 603 8.46 76.38 -21.90
C GLN H 603 7.95 77.47 -20.94
N MET H 604 8.30 78.73 -21.21
CA MET H 604 8.58 79.70 -20.14
C MET H 604 7.29 80.13 -19.43
N ALA H 605 6.24 79.32 -19.55
CA ALA H 605 5.19 79.27 -18.54
C ALA H 605 5.21 77.88 -17.89
N LEU H 606 6.42 77.40 -17.56
CA LEU H 606 6.56 76.25 -16.70
C LEU H 606 7.70 76.42 -15.69
N VAL H 607 8.57 77.43 -15.90
CA VAL H 607 9.79 77.55 -15.10
C VAL H 607 9.47 78.29 -13.81
N LYS H 608 8.77 77.64 -12.88
CA LYS H 608 8.01 78.37 -11.88
C LYS H 608 8.88 79.48 -11.27
N GLY H 609 10.12 79.17 -10.89
CA GLY H 609 10.82 80.13 -10.02
C GLY H 609 12.30 79.83 -9.79
N VAL H 610 12.75 80.28 -8.62
CA VAL H 610 14.15 80.21 -8.23
C VAL H 610 14.19 79.97 -6.74
N GLN H 611 15.40 79.66 -6.25
CA GLN H 611 15.63 79.44 -4.84
C GLN H 611 17.14 79.51 -4.57
N GLY H 612 17.52 79.75 -3.32
CA GLY H 612 18.91 79.98 -2.96
C GLY H 612 19.40 78.99 -1.91
N THR H 613 19.34 77.70 -2.29
CA THR H 613 19.43 76.57 -1.37
C THR H 613 20.72 76.63 -0.55
N PHE H 614 20.72 75.93 0.59
CA PHE H 614 21.72 76.15 1.63
C PHE H 614 22.06 74.86 2.35
N TRP H 615 23.37 74.57 2.45
CA TRP H 615 23.84 73.27 2.90
C TRP H 615 24.81 73.40 4.07
N THR H 616 24.35 73.03 5.26
CA THR H 616 25.05 73.31 6.50
C THR H 616 25.91 72.12 6.92
N GLU H 617 26.68 71.63 5.95
CA GLU H 617 27.78 70.76 6.28
C GLU H 617 28.64 71.61 7.21
N HIS H 618 29.15 72.70 6.62
CA HIS H 618 30.26 73.49 7.13
C HIS H 618 29.76 74.66 7.95
N VAL H 619 28.53 74.59 8.49
CA VAL H 619 27.85 75.76 9.03
C VAL H 619 26.90 75.26 10.09
N GLY H 620 27.06 75.75 11.33
CA GLY H 620 26.17 75.36 12.42
C GLY H 620 25.98 76.49 13.43
N THR H 621 25.85 77.74 12.92
CA THR H 621 25.71 78.90 13.78
C THR H 621 24.73 79.90 13.18
N ASN H 622 24.37 80.90 13.99
CA ASN H 622 23.69 82.09 13.52
C ASN H 622 24.70 82.99 12.80
N GLU H 623 25.72 83.49 13.48
CA GLU H 623 26.71 84.34 12.83
C GLU H 623 26.69 84.07 11.33
N TYR H 624 27.19 82.88 10.95
CA TYR H 624 27.55 82.58 9.58
C TYR H 624 26.35 82.28 8.69
N LEU H 625 25.20 81.93 9.28
CA LEU H 625 23.96 81.76 8.54
C LEU H 625 23.52 83.11 7.98
N GLU H 626 23.70 84.19 8.76
CA GLU H 626 23.33 85.52 8.35
C GLU H 626 24.54 86.22 7.72
N TYR H 627 25.69 85.57 7.77
CA TYR H 627 26.85 85.99 7.00
C TYR H 627 26.68 85.41 5.60
N LEU H 628 27.20 84.20 5.37
CA LEU H 628 27.17 83.56 4.06
C LEU H 628 25.92 83.97 3.31
N ALA H 629 24.74 83.68 3.87
CA ALA H 629 23.51 84.07 3.20
C ALA H 629 23.68 85.43 2.50
N LEU H 630 24.01 86.46 3.27
CA LEU H 630 23.75 87.85 2.90
C LEU H 630 24.99 88.47 2.27
N PRO H 631 24.92 89.34 1.23
CA PRO H 631 23.66 89.81 0.64
C PRO H 631 23.09 88.97 -0.48
N ARG H 632 23.77 87.86 -0.83
CA ARG H 632 23.39 87.07 -1.98
C ARG H 632 21.90 86.78 -1.88
N LEU H 633 21.44 86.56 -0.66
CA LEU H 633 20.01 86.50 -0.35
C LEU H 633 19.27 87.33 -1.39
N ILE H 634 19.61 88.62 -1.43
CA ILE H 634 18.80 89.54 -2.20
C ILE H 634 18.84 89.14 -3.65
N CYS H 635 20.05 89.08 -4.24
CA CYS H 635 20.26 88.64 -5.63
C CYS H 635 19.20 87.61 -5.99
N VAL H 636 19.20 86.48 -5.28
CA VAL H 636 18.34 85.37 -5.62
C VAL H 636 16.88 85.78 -5.48
N ALA H 637 16.62 86.81 -4.66
CA ALA H 637 15.28 87.32 -4.40
C ALA H 637 14.89 88.35 -5.45
N GLU H 638 15.86 89.17 -5.88
CA GLU H 638 15.62 90.13 -6.94
C GLU H 638 15.34 89.34 -8.22
N ALA H 639 16.37 88.79 -8.86
CA ALA H 639 16.18 87.95 -10.03
C ALA H 639 14.84 87.25 -9.96
N GLY H 640 14.59 86.60 -8.82
CA GLY H 640 13.28 86.02 -8.57
C GLY H 640 12.16 86.95 -9.02
N TRP H 641 12.20 88.20 -8.55
CA TRP H 641 11.12 89.16 -8.68
C TRP H 641 11.36 90.17 -9.80
N THR H 642 12.61 90.46 -10.19
CA THR H 642 12.93 91.43 -11.22
C THR H 642 13.10 90.71 -12.57
N PRO H 643 12.56 91.27 -13.69
CA PRO H 643 12.66 90.65 -15.02
C PRO H 643 13.98 90.89 -15.71
N GLN H 644 14.46 89.96 -16.52
CA GLN H 644 15.88 90.01 -16.88
C GLN H 644 16.18 91.43 -17.39
N VAL H 645 15.37 91.89 -18.33
CA VAL H 645 15.65 93.13 -19.05
C VAL H 645 16.19 94.15 -18.06
N PHE H 646 15.47 94.33 -16.94
CA PHE H 646 15.79 95.36 -15.97
C PHE H 646 16.48 94.73 -14.76
N LYS H 647 17.48 93.90 -15.06
CA LYS H 647 18.44 93.42 -14.08
C LYS H 647 19.79 94.06 -14.43
N ASN H 648 20.12 95.14 -13.72
CA ASN H 648 21.42 95.79 -13.89
C ASN H 648 22.23 95.73 -12.61
N TRP H 649 23.53 95.40 -12.71
CA TRP H 649 24.38 95.11 -11.57
C TRP H 649 24.87 96.38 -10.89
N ASP H 650 24.91 97.51 -11.61
CA ASP H 650 25.71 98.65 -11.21
C ASP H 650 24.88 99.70 -10.49
N ASN H 651 23.57 99.73 -10.78
CA ASN H 651 22.61 100.38 -9.89
C ASN H 651 22.07 99.32 -8.94
N PHE H 652 22.47 98.05 -9.09
CA PHE H 652 22.23 97.05 -8.06
C PHE H 652 23.20 97.26 -6.90
N ARG H 653 24.51 97.17 -7.20
CA ARG H 653 25.51 97.34 -6.16
C ARG H 653 24.97 98.39 -5.21
N THR H 654 24.96 99.66 -5.70
CA THR H 654 24.68 100.79 -4.84
C THR H 654 23.54 100.39 -3.92
N ARG H 655 22.35 100.17 -4.50
CA ARG H 655 21.13 99.99 -3.74
C ARG H 655 21.38 99.20 -2.48
N LEU H 656 22.25 98.16 -2.54
CA LEU H 656 22.41 97.32 -1.37
C LEU H 656 23.43 97.89 -0.39
N ALA H 657 24.36 98.71 -0.87
CA ALA H 657 25.33 99.33 0.00
C ALA H 657 24.73 100.59 0.60
N ASN H 658 23.41 100.77 0.43
CA ASN H 658 22.63 101.61 1.33
C ASN H 658 22.14 100.78 2.51
N GLN H 659 21.41 99.70 2.20
CA GLN H 659 20.38 99.17 3.08
C GLN H 659 20.93 98.63 4.39
N THR H 660 22.27 98.64 4.52
CA THR H 660 23.01 97.97 5.56
C THR H 660 22.66 98.53 6.93
N GLN H 661 22.29 99.81 6.99
CA GLN H 661 21.94 100.39 8.28
C GLN H 661 20.81 99.58 8.93
N TRP H 662 20.12 98.74 8.14
CA TRP H 662 19.07 97.87 8.65
C TRP H 662 19.42 96.40 8.47
N LEU H 663 20.72 96.11 8.47
CA LEU H 663 21.26 94.79 8.73
C LEU H 663 22.15 94.92 9.96
N ASP H 664 22.94 96.00 10.01
CA ASP H 664 23.47 96.50 11.25
C ASP H 664 22.35 96.49 12.28
N ASP H 665 21.50 97.51 12.23
CA ASP H 665 20.56 97.79 13.29
C ASP H 665 19.92 96.49 13.81
N HIS H 666 19.37 95.67 12.91
CA HIS H 666 18.63 94.48 13.32
C HIS H 666 19.54 93.28 13.59
N GLY H 667 20.78 93.55 14.01
CA GLY H 667 21.71 92.49 14.37
C GLY H 667 21.83 91.40 13.30
N TYR H 668 21.81 91.78 12.02
CA TYR H 668 22.07 90.88 10.91
C TYR H 668 23.49 91.03 10.40
N VAL H 669 24.26 89.96 10.44
CA VAL H 669 25.59 89.97 9.84
C VAL H 669 25.40 90.06 8.33
N TYR H 670 26.44 90.49 7.60
CA TYR H 670 26.32 90.81 6.18
C TYR H 670 27.72 90.94 5.54
N ALA H 671 27.93 90.15 4.47
CA ALA H 671 29.28 89.88 3.98
C ALA H 671 29.89 91.15 3.39
N ARG H 672 31.17 91.41 3.65
CA ARG H 672 31.65 92.77 3.66
C ARG H 672 32.23 93.18 2.31
N HIS H 673 33.37 92.60 1.94
CA HIS H 673 34.18 93.12 0.83
C HIS H 673 33.46 94.33 0.21
N TRP H 674 32.39 94.06 -0.53
CA TRP H 674 31.54 95.08 -1.11
C TRP H 674 31.50 96.29 -0.16
N MET H 675 30.97 96.04 1.06
CA MET H 675 30.50 97.04 1.98
C MET H 675 31.62 97.98 2.44
N PRO H 676 31.43 99.32 2.37
CA PRO H 676 32.34 100.28 3.02
C PRO H 676 32.14 100.41 4.54
#